data_6JQM
#
_entry.id   6JQM
#
_cell.length_a   1.0
_cell.length_b   1.0
_cell.length_c   1.0
_cell.angle_alpha   90.00
_cell.angle_beta   90.00
_cell.angle_gamma   90.00
#
_symmetry.space_group_name_H-M   'P 1'
#
loop_
_entity.id
_entity.type
_entity.pdbx_description
1 polymer 'Bifunctional protein PaaZ'
2 non-polymer 'NADPH DIHYDRO-NICOTINAMIDE-ADENINE-DINUCLEOTIDE PHOSPHATE'
#
_entity_poly.entity_id   1
_entity_poly.type   'polypeptide(L)'
_entity_poly.pdbx_seq_one_letter_code
;MGHHHHHHQQLASFLSGTWQSGRGRSRLIHHAISGEALWEVTSEGLDMAAARQFAIEKGAPALRAMTFIERAAMLKAVAK
HLLSEKERFYALSAQTGATRADSWVDIEGGIGTLFTYASLGSRELPDDTLWPEDELIPLSKEGGFAARHLLTSKSGVAVH
INAFNFPCWGMLEKLAPTWLGGMPAIIKPATATAQLTQAMVKSIVDSGLVPEGAISLICGSAGDLLDHLDSQDVVTFTGS
AATGQMLRVQPNIVAKSIPFTMEADSLNCCVLGEDVTPDQPEFALFIREVVREMTTKAGQKCTAIRRIIVPQALVNAVSD
ALVARLQKVVVGDPAQEGVKMGALVNAEQRADVQEKVNILLAAGCEIRLGGQADLSAAGAFFPPTLLYCPQPDETPAVHA
TEAFGPVATLMPAQNQRHALQLACAGGGSLAGTLVTADPQIARQFIADAARTHGRIQILNEESAKESTGHGSPLPQLVHG
GPGRAGGGEELGGLRAVKHYMQRTAVQGSPTMLAAISKQWVRGAKVEEDRIHPFRKYFEELQPGDSLLTPRRTMTEADIV
NFACLSGDHFYAHMDKIAAAESIFGERVVHGYFVLSAAAGLFVDAGVGPVIANYGLESLRFIEPVKPGDTIQVRLTCKRK
TLKKQRSAEEKPTGVVEWAVEVFNQHQTPVALYSILTLVARQHGDFVD
;
_entity_poly.pdbx_strand_id   A,B,C,D,E,F
#
# COMPACT_ATOMS: atom_id res chain seq x y z
N GLN A 9 76.66 19.35 -33.96
CA GLN A 9 75.83 19.61 -32.78
C GLN A 9 75.28 18.30 -32.23
N GLN A 10 75.65 17.99 -30.98
CA GLN A 10 75.32 16.72 -30.37
C GLN A 10 73.82 16.61 -30.05
N LEU A 11 73.34 15.38 -29.97
CA LEU A 11 71.99 15.07 -29.51
C LEU A 11 72.15 14.20 -28.28
N ALA A 12 71.89 14.77 -27.10
CA ALA A 12 72.28 14.13 -25.85
C ALA A 12 71.32 13.00 -25.50
N SER A 13 71.87 11.80 -25.34
CA SER A 13 71.08 10.64 -24.93
C SER A 13 70.95 10.61 -23.41
N PHE A 14 69.75 10.30 -22.94
CA PHE A 14 69.45 10.29 -21.51
C PHE A 14 69.59 8.87 -20.99
N LEU A 15 70.78 8.56 -20.44
CA LEU A 15 71.07 7.25 -19.90
C LEU A 15 71.62 7.37 -18.50
N SER A 16 71.12 6.50 -17.60
CA SER A 16 71.53 6.40 -16.19
C SER A 16 71.35 7.72 -15.44
N GLY A 17 70.32 8.49 -15.81
CA GLY A 17 70.03 9.74 -15.17
C GLY A 17 70.77 10.94 -15.71
N THR A 18 71.74 10.74 -16.59
CA THR A 18 72.61 11.81 -17.08
C THR A 18 72.51 11.91 -18.60
N TRP A 19 72.45 13.14 -19.10
CA TRP A 19 72.34 13.39 -20.54
C TRP A 19 73.70 13.18 -21.19
N GLN A 20 74.03 11.91 -21.44
CA GLN A 20 75.32 11.56 -22.02
C GLN A 20 75.28 11.72 -23.54
N SER A 21 76.40 11.45 -24.19
CA SER A 21 76.49 11.50 -25.64
C SER A 21 77.60 10.57 -26.10
N GLY A 22 77.54 10.20 -27.38
CA GLY A 22 78.48 9.24 -27.92
C GLY A 22 79.80 9.85 -28.32
N ARG A 23 80.77 8.97 -28.59
CA ARG A 23 82.12 9.35 -28.99
C ARG A 23 82.56 8.37 -30.08
N GLY A 24 82.40 8.75 -31.33
CA GLY A 24 82.90 7.93 -32.41
C GLY A 24 82.13 8.22 -33.70
N ARG A 25 81.84 7.14 -34.44
CA ARG A 25 81.16 7.25 -35.71
C ARG A 25 79.72 7.71 -35.51
N SER A 26 79.28 8.65 -36.33
CA SER A 26 78.03 9.35 -36.10
C SER A 26 77.20 9.46 -37.38
N ARG A 27 75.89 9.50 -37.20
CA ARG A 27 74.96 9.91 -38.24
C ARG A 27 74.48 11.32 -37.94
N LEU A 28 73.59 11.84 -38.78
CA LEU A 28 73.17 13.22 -38.63
C LEU A 28 71.75 13.42 -39.15
N ILE A 29 71.13 14.50 -38.69
CA ILE A 29 69.72 14.79 -38.95
C ILE A 29 69.65 15.97 -39.91
N HIS A 30 69.16 15.72 -41.12
CA HIS A 30 68.96 16.79 -42.08
C HIS A 30 67.67 17.55 -41.77
N HIS A 31 67.69 18.85 -42.01
CA HIS A 31 66.45 19.63 -42.00
C HIS A 31 65.66 19.28 -43.25
N ALA A 32 64.43 18.81 -43.07
CA ALA A 32 63.74 18.12 -44.16
C ALA A 32 63.24 19.08 -45.23
N ILE A 33 62.93 20.33 -44.87
CA ILE A 33 62.34 21.24 -45.84
C ILE A 33 63.41 22.10 -46.53
N SER A 34 64.61 22.19 -45.97
CA SER A 34 65.68 23.00 -46.55
C SER A 34 66.85 22.15 -47.02
N GLY A 35 67.45 21.34 -46.15
CA GLY A 35 68.49 20.44 -46.60
C GLY A 35 69.73 20.35 -45.73
N GLU A 36 69.95 21.34 -44.86
CA GLU A 36 71.15 21.34 -44.05
C GLU A 36 70.98 20.41 -42.85
N ALA A 37 72.11 20.05 -42.25
CA ALA A 37 72.14 19.18 -41.09
C ALA A 37 72.33 20.03 -39.84
N LEU A 38 71.31 20.06 -38.97
CA LEU A 38 71.36 20.86 -37.75
C LEU A 38 71.35 20.01 -36.50
N TRP A 39 71.52 18.70 -36.62
CA TRP A 39 71.89 17.83 -35.51
C TRP A 39 72.82 16.76 -36.03
N GLU A 40 73.48 16.06 -35.12
CA GLU A 40 74.21 14.86 -35.48
C GLU A 40 74.18 13.89 -34.31
N VAL A 41 73.91 12.62 -34.61
CA VAL A 41 73.54 11.64 -33.61
C VAL A 41 74.62 10.57 -33.53
N THR A 42 74.88 10.12 -32.31
CA THR A 42 75.84 9.04 -32.05
C THR A 42 75.56 8.47 -30.67
N SER A 43 75.84 7.17 -30.54
CA SER A 43 75.69 6.51 -29.25
C SER A 43 76.81 5.50 -28.99
N GLU A 44 77.90 5.57 -29.75
CA GLU A 44 79.02 4.68 -29.54
C GLU A 44 79.77 5.04 -28.27
N GLY A 45 80.28 4.03 -27.58
CA GLY A 45 80.98 4.23 -26.34
C GLY A 45 80.08 4.32 -25.11
N LEU A 46 78.78 4.44 -25.29
CA LEU A 46 77.86 4.48 -24.16
C LEU A 46 77.68 3.09 -23.57
N ASP A 47 77.77 3.00 -22.25
CA ASP A 47 77.60 1.72 -21.56
C ASP A 47 76.13 1.34 -21.59
N MET A 48 75.78 0.36 -22.43
CA MET A 48 74.39 -0.02 -22.60
C MET A 48 73.90 -0.92 -21.47
N ALA A 49 74.80 -1.70 -20.87
CA ALA A 49 74.40 -2.55 -19.75
C ALA A 49 74.13 -1.73 -18.50
N ALA A 50 74.84 -0.61 -18.33
CA ALA A 50 74.61 0.23 -17.16
C ALA A 50 73.28 0.94 -17.22
N ALA A 51 72.77 1.20 -18.44
CA ALA A 51 71.46 1.82 -18.59
C ALA A 51 70.35 0.89 -18.11
N ARG A 52 70.38 -0.36 -18.58
CA ARG A 52 69.41 -1.37 -18.15
C ARG A 52 69.56 -1.66 -16.66
N GLN A 53 70.81 -1.68 -16.17
CA GLN A 53 71.05 -1.93 -14.75
C GLN A 53 70.49 -0.83 -13.87
N PHE A 54 70.71 0.43 -14.26
CA PHE A 54 70.17 1.56 -13.51
C PHE A 54 68.65 1.58 -13.58
N ALA A 55 68.08 1.23 -14.74
CA ALA A 55 66.62 1.22 -14.86
C ALA A 55 66.00 0.15 -13.98
N ILE A 56 66.54 -1.08 -14.03
CA ILE A 56 65.98 -2.20 -13.26
C ILE A 56 66.14 -1.99 -11.76
N GLU A 57 67.30 -1.49 -11.31
CA GLU A 57 67.49 -1.31 -9.87
C GLU A 57 67.17 0.09 -9.37
N LYS A 58 66.67 0.99 -10.21
CA LYS A 58 66.25 2.29 -9.72
C LYS A 58 64.79 2.60 -9.99
N GLY A 59 64.33 2.49 -11.25
CA GLY A 59 63.02 2.99 -11.60
C GLY A 59 61.96 1.91 -11.60
N ALA A 60 62.36 0.67 -11.80
CA ALA A 60 61.41 -0.44 -11.73
C ALA A 60 60.87 -0.67 -10.31
N PRO A 61 61.66 -0.65 -9.21
CA PRO A 61 61.00 -0.72 -7.89
C PRO A 61 60.24 0.53 -7.53
N ALA A 62 60.59 1.68 -8.09
CA ALA A 62 59.85 2.91 -7.78
C ALA A 62 58.51 2.93 -8.50
N LEU A 63 58.41 2.31 -9.68
CA LEU A 63 57.12 2.19 -10.34
C LEU A 63 56.30 1.05 -9.77
N ARG A 64 56.93 -0.09 -9.48
CA ARG A 64 56.20 -1.23 -8.94
C ARG A 64 55.79 -1.05 -7.48
N ALA A 65 56.25 0.00 -6.81
CA ALA A 65 55.76 0.30 -5.48
C ALA A 65 54.47 1.12 -5.53
N MET A 66 54.26 1.86 -6.62
CA MET A 66 53.04 2.64 -6.78
C MET A 66 51.86 1.72 -7.06
N THR A 67 50.67 2.21 -6.74
CA THR A 67 49.45 1.55 -7.16
C THR A 67 49.13 1.95 -8.59
N PHE A 68 48.15 1.27 -9.19
CA PHE A 68 47.73 1.60 -10.55
C PHE A 68 47.04 2.96 -10.61
N ILE A 69 46.36 3.36 -9.54
CA ILE A 69 45.70 4.66 -9.49
C ILE A 69 46.74 5.78 -9.47
N GLU A 70 47.82 5.58 -8.71
CA GLU A 70 48.90 6.56 -8.69
C GLU A 70 49.66 6.58 -10.01
N ARG A 71 49.80 5.43 -10.68
CA ARG A 71 50.46 5.42 -11.97
C ARG A 71 49.57 5.96 -13.08
N ALA A 72 48.25 6.03 -12.86
CA ALA A 72 47.39 6.74 -13.79
C ALA A 72 47.41 8.25 -13.55
N ALA A 73 47.47 8.64 -12.27
CA ALA A 73 47.60 10.06 -11.95
C ALA A 73 48.93 10.63 -12.39
N MET A 74 49.99 9.80 -12.40
CA MET A 74 51.27 10.23 -12.94
C MET A 74 51.19 10.47 -14.44
N LEU A 75 50.45 9.64 -15.17
CA LEU A 75 50.27 9.85 -16.60
C LEU A 75 49.45 11.09 -16.87
N LYS A 76 48.42 11.35 -16.05
CA LYS A 76 47.65 12.58 -16.21
C LYS A 76 48.49 13.81 -15.89
N ALA A 77 49.40 13.71 -14.92
CA ALA A 77 50.26 14.84 -14.59
C ALA A 77 51.29 15.10 -15.69
N VAL A 78 51.85 14.04 -16.28
CA VAL A 78 52.77 14.20 -17.41
C VAL A 78 52.03 14.77 -18.62
N ALA A 79 50.78 14.38 -18.81
CA ALA A 79 49.97 14.92 -19.90
C ALA A 79 49.68 16.41 -19.71
N LYS A 80 49.34 16.82 -18.49
CA LYS A 80 49.09 18.24 -18.25
C LYS A 80 50.38 19.05 -18.26
N HIS A 81 51.52 18.44 -17.92
CA HIS A 81 52.79 19.15 -17.99
C HIS A 81 53.27 19.30 -19.42
N LEU A 82 53.00 18.33 -20.28
CA LEU A 82 53.43 18.36 -21.67
C LEU A 82 52.44 19.04 -22.59
N LEU A 83 51.20 19.20 -22.17
CA LEU A 83 50.24 19.97 -22.97
C LEU A 83 50.46 21.46 -22.82
N SER A 84 51.03 21.90 -21.69
CA SER A 84 51.25 23.32 -21.46
C SER A 84 52.37 23.84 -22.35
N GLU A 85 53.52 23.19 -22.32
CA GLU A 85 54.64 23.58 -23.19
C GLU A 85 54.63 22.81 -24.51
N LYS A 86 53.48 22.82 -25.19
CA LYS A 86 53.37 22.13 -26.46
C LYS A 86 53.97 22.92 -27.62
N GLU A 87 54.17 24.24 -27.45
CA GLU A 87 54.61 25.07 -28.55
C GLU A 87 56.10 24.95 -28.82
N ARG A 88 56.88 24.43 -27.88
CA ARG A 88 58.28 24.13 -28.15
C ARG A 88 58.47 22.80 -28.86
N PHE A 89 57.38 22.10 -29.16
CA PHE A 89 57.42 20.85 -29.92
C PHE A 89 57.08 21.05 -31.38
N TYR A 90 56.23 22.03 -31.71
CA TYR A 90 55.94 22.35 -33.09
C TYR A 90 57.15 22.92 -33.81
N ALA A 91 58.02 23.64 -33.09
CA ALA A 91 59.23 24.18 -33.69
C ALA A 91 60.21 23.07 -34.05
N LEU A 92 60.22 21.99 -33.27
CA LEU A 92 61.07 20.85 -33.62
C LEU A 92 60.41 19.94 -34.65
N SER A 93 59.08 19.92 -34.69
CA SER A 93 58.37 19.08 -35.64
C SER A 93 58.25 19.72 -37.01
N ALA A 94 58.42 21.03 -37.12
CA ALA A 94 58.52 21.67 -38.42
C ALA A 94 59.82 21.33 -39.13
N GLN A 95 60.82 20.86 -38.39
CA GLN A 95 62.06 20.37 -38.98
C GLN A 95 61.87 19.05 -39.70
N THR A 96 60.79 18.34 -39.42
CA THR A 96 60.47 17.07 -40.08
C THR A 96 59.78 17.25 -41.42
N GLY A 97 59.52 18.50 -41.83
CA GLY A 97 58.79 18.73 -43.06
C GLY A 97 57.29 18.56 -42.96
N ALA A 98 56.76 18.43 -41.75
CA ALA A 98 55.33 18.25 -41.56
C ALA A 98 54.65 19.60 -41.37
N THR A 99 53.37 19.66 -41.73
CA THR A 99 52.61 20.90 -41.62
C THR A 99 52.12 21.10 -40.19
N ARG A 100 51.38 22.19 -39.99
CA ARG A 100 50.81 22.45 -38.66
C ARG A 100 49.65 21.49 -38.39
N ALA A 101 48.87 21.14 -39.42
CA ALA A 101 47.78 20.20 -39.24
C ALA A 101 48.27 18.77 -39.06
N ASP A 102 49.49 18.46 -39.50
CA ASP A 102 50.05 17.13 -39.31
C ASP A 102 50.79 17.01 -37.99
N SER A 103 51.56 18.05 -37.63
CA SER A 103 52.18 18.09 -36.32
C SER A 103 51.16 18.24 -35.20
N TRP A 104 49.99 18.81 -35.49
CA TRP A 104 48.91 18.83 -34.51
C TRP A 104 48.45 17.43 -34.18
N VAL A 105 48.32 16.57 -35.21
CA VAL A 105 48.02 15.17 -34.98
C VAL A 105 49.13 14.50 -34.19
N ASP A 106 50.39 14.74 -34.61
CA ASP A 106 51.55 14.09 -33.99
C ASP A 106 51.71 14.45 -32.51
N ILE A 107 51.41 15.69 -32.13
CA ILE A 107 51.56 16.10 -30.74
C ILE A 107 50.30 15.80 -29.94
N GLU A 108 49.13 16.24 -30.42
CA GLU A 108 47.93 16.15 -29.63
C GLU A 108 47.37 14.74 -29.56
N GLY A 109 47.59 13.89 -30.56
CA GLY A 109 47.23 12.49 -30.40
C GLY A 109 48.14 11.77 -29.42
N GLY A 110 49.43 12.14 -29.41
CA GLY A 110 50.35 11.57 -28.44
C GLY A 110 50.06 12.00 -27.01
N ILE A 111 49.52 13.19 -26.83
CA ILE A 111 49.14 13.62 -25.49
C ILE A 111 47.73 13.14 -25.12
N GLY A 112 46.83 13.02 -26.10
CA GLY A 112 45.53 12.44 -25.85
C GLY A 112 45.59 10.96 -25.54
N THR A 113 46.64 10.27 -26.03
CA THR A 113 46.92 8.91 -25.58
C THR A 113 47.23 8.87 -24.09
N LEU A 114 47.98 9.86 -23.60
CA LEU A 114 48.27 9.95 -22.17
C LEU A 114 47.02 10.23 -21.36
N PHE A 115 46.18 11.16 -21.82
CA PHE A 115 44.91 11.43 -21.14
C PHE A 115 43.96 10.25 -21.19
N THR A 116 43.97 9.49 -22.28
CA THR A 116 43.09 8.33 -22.41
C THR A 116 43.54 7.21 -21.50
N TYR A 117 44.84 6.93 -21.43
CA TYR A 117 45.31 5.90 -20.51
C TYR A 117 45.19 6.34 -19.06
N ALA A 118 45.23 7.64 -18.79
CA ALA A 118 44.92 8.11 -17.43
C ALA A 118 43.46 7.88 -17.08
N SER A 119 42.54 8.18 -18.00
CA SER A 119 41.12 7.96 -17.74
C SER A 119 40.73 6.49 -17.78
N LEU A 120 41.57 5.63 -18.36
CA LEU A 120 41.34 4.19 -18.26
C LEU A 120 41.92 3.61 -16.97
N GLY A 121 43.09 4.07 -16.56
CA GLY A 121 43.68 3.58 -15.33
C GLY A 121 42.99 4.10 -14.08
N SER A 122 42.29 5.22 -14.18
CA SER A 122 41.55 5.75 -13.04
C SER A 122 40.11 5.29 -12.99
N ARG A 123 39.70 4.36 -13.84
CA ARG A 123 38.32 3.90 -13.83
C ARG A 123 38.20 2.38 -13.77
N GLU A 124 39.15 1.65 -14.36
CA GLU A 124 39.04 0.21 -14.49
C GLU A 124 40.21 -0.55 -13.89
N LEU A 125 41.04 0.11 -13.08
CA LEU A 125 42.22 -0.47 -12.46
C LEU A 125 42.15 -0.28 -10.96
N PRO A 126 42.64 -1.24 -10.16
CA PRO A 126 42.46 -1.17 -8.71
C PRO A 126 43.50 -0.30 -8.04
N ASP A 127 43.20 0.04 -6.78
CA ASP A 127 44.15 0.73 -5.91
C ASP A 127 45.06 -0.33 -5.26
N ASP A 128 45.95 -0.87 -6.08
CA ASP A 128 46.71 -2.06 -5.70
C ASP A 128 47.87 -2.16 -6.68
N THR A 129 48.78 -3.09 -6.41
CA THR A 129 49.87 -3.41 -7.32
C THR A 129 49.55 -4.64 -8.17
N LEU A 130 48.77 -5.57 -7.62
CA LEU A 130 48.34 -6.77 -8.32
C LEU A 130 46.94 -6.56 -8.84
N TRP A 131 46.73 -6.87 -10.12
CA TRP A 131 45.44 -6.65 -10.75
C TRP A 131 44.77 -7.95 -11.15
N PRO A 132 43.77 -8.42 -10.38
CA PRO A 132 43.02 -9.62 -10.76
C PRO A 132 42.03 -9.29 -11.86
N GLU A 133 42.28 -9.84 -13.05
CA GLU A 133 41.40 -9.51 -14.16
C GLU A 133 40.14 -10.35 -14.21
N ASP A 134 40.13 -11.54 -13.63
CA ASP A 134 38.93 -12.36 -13.62
C ASP A 134 38.05 -11.98 -12.43
N GLU A 135 36.87 -12.59 -12.38
CA GLU A 135 36.07 -12.52 -11.16
C GLU A 135 36.55 -13.58 -10.18
N LEU A 136 36.32 -14.86 -10.54
CA LEU A 136 36.71 -16.03 -9.76
C LEU A 136 36.41 -17.28 -10.58
N ILE A 137 37.23 -18.31 -10.43
CA ILE A 137 37.03 -19.60 -11.07
C ILE A 137 36.96 -20.66 -9.98
N PRO A 138 35.76 -21.12 -9.62
CA PRO A 138 35.65 -22.14 -8.57
C PRO A 138 36.02 -23.52 -9.11
N LEU A 139 36.93 -24.20 -8.42
CA LEU A 139 37.47 -25.47 -8.88
C LEU A 139 37.07 -26.64 -8.00
N SER A 140 36.23 -26.42 -6.99
CA SER A 140 35.86 -27.46 -6.06
C SER A 140 34.35 -27.46 -5.85
N LYS A 141 33.81 -28.61 -5.46
CA LYS A 141 32.39 -28.72 -5.20
C LYS A 141 32.04 -28.20 -3.81
N GLU A 142 32.90 -28.46 -2.83
CA GLU A 142 32.63 -28.00 -1.47
C GLU A 142 32.86 -26.50 -1.32
N GLY A 143 33.83 -25.94 -2.03
CA GLY A 143 34.08 -24.51 -1.97
C GLY A 143 35.28 -24.14 -1.14
N GLY A 144 36.35 -24.93 -1.26
CA GLY A 144 37.57 -24.65 -0.53
C GLY A 144 38.80 -24.66 -1.41
N PHE A 145 38.59 -24.70 -2.72
CA PHE A 145 39.71 -24.67 -3.67
C PHE A 145 39.21 -23.93 -4.90
N ALA A 146 39.51 -22.64 -4.97
CA ALA A 146 39.22 -21.81 -6.13
C ALA A 146 40.53 -21.28 -6.70
N ALA A 147 40.43 -20.53 -7.78
CA ALA A 147 41.61 -19.91 -8.37
C ALA A 147 41.18 -18.69 -9.15
N ARG A 148 42.10 -17.73 -9.27
CA ARG A 148 41.85 -16.54 -10.06
C ARG A 148 43.16 -16.06 -10.65
N HIS A 149 43.05 -15.27 -11.71
CA HIS A 149 44.22 -14.85 -12.47
C HIS A 149 44.72 -13.50 -11.99
N LEU A 150 45.93 -13.47 -11.48
CA LEU A 150 46.59 -12.24 -11.07
C LEU A 150 47.47 -11.73 -12.21
N LEU A 151 47.47 -10.43 -12.42
CA LEU A 151 48.36 -9.77 -13.37
C LEU A 151 49.36 -8.93 -12.59
N THR A 152 50.57 -9.46 -12.42
CA THR A 152 51.65 -8.74 -11.76
C THR A 152 52.53 -8.10 -12.82
N SER A 153 52.97 -6.87 -12.54
CA SER A 153 53.82 -6.15 -13.47
C SER A 153 55.20 -6.77 -13.54
N LYS A 154 55.78 -6.82 -14.73
CA LYS A 154 57.10 -7.40 -14.90
C LYS A 154 58.18 -6.53 -14.26
N SER A 155 59.32 -7.15 -13.98
CA SER A 155 60.40 -6.55 -13.23
C SER A 155 61.62 -6.32 -14.10
N GLY A 156 61.41 -5.82 -15.31
CA GLY A 156 62.50 -5.54 -16.20
C GLY A 156 62.30 -4.24 -16.96
N VAL A 157 62.88 -4.12 -18.14
CA VAL A 157 62.77 -2.90 -18.94
C VAL A 157 61.98 -3.21 -20.21
N ALA A 158 61.43 -2.17 -20.80
CA ALA A 158 60.67 -2.27 -22.05
C ALA A 158 61.41 -1.47 -23.10
N VAL A 159 62.21 -2.16 -23.91
CA VAL A 159 62.99 -1.51 -24.95
C VAL A 159 62.07 -1.23 -26.13
N HIS A 160 61.80 0.05 -26.38
CA HIS A 160 60.96 0.47 -27.48
C HIS A 160 61.82 1.00 -28.62
N ILE A 161 61.63 0.45 -29.81
CA ILE A 161 62.35 0.88 -31.00
C ILE A 161 61.32 1.43 -31.96
N ASN A 162 61.31 2.75 -32.13
CA ASN A 162 60.31 3.46 -32.90
C ASN A 162 60.79 3.70 -34.32
N ALA A 163 60.05 4.53 -35.05
CA ALA A 163 60.39 4.87 -36.42
C ALA A 163 60.27 6.37 -36.59
N PHE A 164 60.35 6.84 -37.83
CA PHE A 164 60.43 8.26 -38.11
C PHE A 164 59.08 8.92 -38.35
N ASN A 165 57.98 8.17 -38.28
CA ASN A 165 56.67 8.77 -38.56
C ASN A 165 56.25 9.67 -37.42
N PHE A 166 56.08 9.09 -36.24
CA PHE A 166 55.53 9.78 -35.07
C PHE A 166 56.57 9.73 -33.96
N PRO A 167 57.43 10.74 -33.84
CA PRO A 167 58.35 10.78 -32.70
C PRO A 167 57.64 11.06 -31.40
N CYS A 168 56.62 11.91 -31.42
CA CYS A 168 55.85 12.20 -30.22
C CYS A 168 54.82 11.11 -29.94
N TRP A 169 53.97 10.81 -30.93
CA TRP A 169 52.89 9.86 -30.73
C TRP A 169 53.41 8.44 -30.57
N GLY A 170 54.27 8.00 -31.48
CA GLY A 170 54.78 6.64 -31.50
C GLY A 170 55.62 6.27 -30.30
N MET A 171 56.17 7.26 -29.59
CA MET A 171 56.75 6.99 -28.29
C MET A 171 55.66 6.90 -27.22
N LEU A 172 54.78 7.89 -27.17
CA LEU A 172 53.79 7.98 -26.11
C LEU A 172 52.65 6.99 -26.24
N GLU A 173 52.47 6.35 -27.40
CA GLU A 173 51.54 5.24 -27.49
C GLU A 173 52.17 3.93 -27.05
N LYS A 174 53.47 3.96 -26.74
CA LYS A 174 54.17 2.82 -26.15
C LYS A 174 54.63 3.10 -24.74
N LEU A 175 54.67 4.37 -24.33
CA LEU A 175 55.19 4.77 -23.03
C LEU A 175 54.11 4.86 -21.96
N ALA A 176 52.89 5.21 -22.34
CA ALA A 176 51.79 5.22 -21.40
C ALA A 176 51.32 3.81 -21.00
N PRO A 177 51.21 2.81 -21.89
CA PRO A 177 50.94 1.45 -21.37
C PRO A 177 52.10 0.87 -20.59
N THR A 178 53.33 1.26 -20.90
CA THR A 178 54.48 0.75 -20.17
C THR A 178 54.51 1.29 -18.74
N TRP A 179 54.30 2.60 -18.59
CA TRP A 179 54.24 3.19 -17.26
C TRP A 179 52.99 2.78 -16.49
N LEU A 180 51.86 2.60 -17.20
CA LEU A 180 50.65 2.15 -16.52
C LEU A 180 50.75 0.68 -16.13
N GLY A 181 51.58 -0.09 -16.83
CA GLY A 181 51.80 -1.48 -16.49
C GLY A 181 53.08 -1.70 -15.71
N GLY A 182 53.62 -0.62 -15.13
CA GLY A 182 54.70 -0.73 -14.15
C GLY A 182 56.05 -1.19 -14.63
N MET A 183 56.56 -0.63 -15.73
CA MET A 183 57.89 -0.94 -16.21
C MET A 183 58.59 0.34 -16.65
N PRO A 184 59.90 0.41 -16.49
CA PRO A 184 60.65 1.52 -17.09
C PRO A 184 60.99 1.23 -18.55
N ALA A 185 61.01 2.28 -19.35
CA ALA A 185 61.21 2.16 -20.78
C ALA A 185 62.56 2.71 -21.20
N ILE A 186 63.09 2.16 -22.29
CA ILE A 186 64.32 2.66 -22.92
C ILE A 186 63.95 2.91 -24.37
N ILE A 187 63.55 4.13 -24.67
CA ILE A 187 63.01 4.46 -25.99
C ILE A 187 64.16 4.67 -26.96
N LYS A 188 64.15 3.92 -28.06
CA LYS A 188 65.12 4.13 -29.13
C LYS A 188 64.38 4.74 -30.32
N PRO A 189 64.43 6.06 -30.49
CA PRO A 189 63.78 6.66 -31.66
C PRO A 189 64.65 6.49 -32.90
N ALA A 190 64.02 6.70 -34.05
CA ALA A 190 64.75 6.67 -35.30
C ALA A 190 65.65 7.91 -35.39
N THR A 191 66.84 7.73 -35.96
CA THR A 191 67.80 8.82 -36.06
C THR A 191 67.46 9.82 -37.16
N ALA A 192 66.36 9.61 -37.89
CA ALA A 192 65.92 10.61 -38.85
C ALA A 192 65.30 11.81 -38.16
N THR A 193 64.53 11.58 -37.09
CA THR A 193 63.85 12.64 -36.38
C THR A 193 63.85 12.39 -34.86
N ALA A 194 65.03 12.05 -34.32
CA ALA A 194 65.14 11.81 -32.89
C ALA A 194 65.12 13.07 -32.04
N GLN A 195 65.21 14.26 -32.66
CA GLN A 195 65.29 15.49 -31.86
C GLN A 195 63.96 15.84 -31.20
N LEU A 196 62.84 15.50 -31.85
CA LEU A 196 61.54 15.70 -31.23
C LEU A 196 61.34 14.74 -30.07
N THR A 197 61.84 13.51 -30.21
CA THR A 197 61.79 12.55 -29.11
C THR A 197 62.66 13.01 -27.94
N GLN A 198 63.80 13.63 -28.22
CA GLN A 198 64.62 14.15 -27.11
C GLN A 198 63.93 15.34 -26.45
N ALA A 199 63.21 16.15 -27.22
CA ALA A 199 62.43 17.24 -26.63
C ALA A 199 61.34 16.69 -25.71
N MET A 200 60.68 15.61 -26.13
CA MET A 200 59.65 14.98 -25.31
C MET A 200 60.24 14.42 -24.01
N VAL A 201 61.35 13.69 -24.13
CA VAL A 201 61.99 13.08 -22.96
C VAL A 201 62.55 14.14 -22.02
N LYS A 202 63.07 15.24 -22.56
CA LYS A 202 63.56 16.33 -21.70
C LYS A 202 62.41 17.02 -20.98
N SER A 203 61.28 17.22 -21.66
CA SER A 203 60.12 17.81 -21.00
C SER A 203 59.52 16.88 -19.96
N ILE A 204 59.67 15.57 -20.14
CA ILE A 204 59.19 14.63 -19.13
C ILE A 204 60.12 14.63 -17.92
N VAL A 205 61.43 14.56 -18.16
CA VAL A 205 62.40 14.41 -17.08
C VAL A 205 62.49 15.69 -16.25
N ASP A 206 62.45 16.86 -16.90
CA ASP A 206 62.53 18.11 -16.14
C ASP A 206 61.17 18.53 -15.59
N SER A 207 60.49 17.63 -14.89
CA SER A 207 59.23 17.96 -14.22
C SER A 207 59.11 17.38 -12.82
N GLY A 208 59.94 16.42 -12.42
CA GLY A 208 59.82 15.79 -11.13
C GLY A 208 58.63 14.89 -10.95
N LEU A 209 57.94 14.52 -12.03
CA LEU A 209 56.74 13.71 -11.95
C LEU A 209 57.05 12.22 -11.99
N VAL A 210 57.88 11.79 -12.94
CA VAL A 210 58.26 10.39 -13.04
C VAL A 210 59.44 10.14 -12.11
N PRO A 211 59.62 8.91 -11.62
CA PRO A 211 60.83 8.60 -10.86
C PRO A 211 62.05 8.55 -11.76
N GLU A 212 63.22 8.65 -11.14
CA GLU A 212 64.45 8.54 -11.90
C GLU A 212 64.66 7.08 -12.32
N GLY A 213 65.15 6.90 -13.56
CA GLY A 213 65.28 5.58 -14.13
C GLY A 213 64.02 5.03 -14.76
N ALA A 214 62.88 5.68 -14.60
CA ALA A 214 61.63 5.23 -15.18
C ALA A 214 61.47 5.60 -16.65
N ILE A 215 62.47 6.27 -17.23
CA ILE A 215 62.50 6.55 -18.66
C ILE A 215 63.96 6.71 -19.06
N SER A 216 64.31 6.19 -20.23
CA SER A 216 65.64 6.34 -20.79
C SER A 216 65.50 6.68 -22.27
N LEU A 217 66.63 6.92 -22.92
CA LEU A 217 66.62 7.38 -24.30
C LEU A 217 68.00 7.11 -24.91
N ILE A 218 68.02 6.47 -26.06
CA ILE A 218 69.27 6.20 -26.78
C ILE A 218 69.16 6.83 -28.16
N CYS A 219 69.63 8.06 -28.26
CA CYS A 219 69.67 8.78 -29.54
C CYS A 219 70.88 8.28 -30.31
N GLY A 220 70.64 7.34 -31.23
CA GLY A 220 71.67 6.67 -31.99
C GLY A 220 71.39 5.19 -32.03
N SER A 221 72.42 4.42 -32.37
CA SER A 221 72.26 2.98 -32.46
C SER A 221 72.28 2.35 -31.07
N ALA A 222 71.52 1.27 -30.93
CA ALA A 222 71.52 0.53 -29.66
C ALA A 222 72.81 -0.25 -29.50
N GLY A 223 73.15 -1.08 -30.48
CA GLY A 223 74.42 -1.77 -30.48
C GLY A 223 74.51 -2.96 -29.56
N ASP A 224 74.45 -2.71 -28.25
CA ASP A 224 74.66 -3.76 -27.25
C ASP A 224 73.56 -3.73 -26.19
N LEU A 225 72.33 -3.42 -26.60
CA LEU A 225 71.22 -3.42 -25.66
C LEU A 225 70.40 -4.70 -25.75
N LEU A 226 70.16 -5.19 -26.97
CA LEU A 226 69.41 -6.42 -27.14
C LEU A 226 70.22 -7.65 -26.76
N ASP A 227 71.53 -7.53 -26.60
CA ASP A 227 72.38 -8.62 -26.15
C ASP A 227 72.49 -8.70 -24.64
N HIS A 228 71.78 -7.85 -23.91
CA HIS A 228 71.89 -7.80 -22.45
C HIS A 228 70.55 -8.00 -21.75
N LEU A 229 69.48 -8.25 -22.48
CA LEU A 229 68.15 -8.25 -21.90
C LEU A 229 67.87 -9.54 -21.14
N ASP A 230 67.31 -9.39 -19.94
CA ASP A 230 66.87 -10.52 -19.14
C ASP A 230 65.51 -11.02 -19.66
N SER A 231 65.08 -12.16 -19.14
CA SER A 231 63.84 -12.78 -19.60
C SER A 231 62.59 -12.00 -19.20
N GLN A 232 62.69 -11.12 -18.20
CA GLN A 232 61.58 -10.29 -17.77
C GLN A 232 61.50 -8.97 -18.53
N ASP A 233 62.11 -8.90 -19.71
CA ASP A 233 62.08 -7.71 -20.55
C ASP A 233 61.14 -7.95 -21.73
N VAL A 234 60.65 -6.87 -22.30
CA VAL A 234 59.87 -6.92 -23.53
C VAL A 234 60.49 -5.95 -24.53
N VAL A 235 60.32 -6.27 -25.82
CA VAL A 235 60.79 -5.42 -26.90
C VAL A 235 59.60 -5.12 -27.81
N THR A 236 59.40 -3.84 -28.11
CA THR A 236 58.37 -3.41 -29.04
C THR A 236 59.05 -2.69 -30.20
N PHE A 237 58.71 -3.09 -31.42
CA PHE A 237 59.34 -2.57 -32.62
C PHE A 237 58.31 -1.91 -33.52
N THR A 238 58.76 -0.88 -34.24
CA THR A 238 57.93 -0.24 -35.26
C THR A 238 58.86 0.26 -36.35
N GLY A 239 58.66 -0.20 -37.58
CA GLY A 239 59.53 0.19 -38.67
C GLY A 239 59.34 -0.69 -39.87
N SER A 240 60.42 -0.91 -40.60
CA SER A 240 60.36 -1.76 -41.77
C SER A 240 60.26 -3.22 -41.36
N ALA A 241 59.73 -4.04 -42.27
CA ALA A 241 59.64 -5.46 -41.99
C ALA A 241 61.00 -6.14 -42.08
N ALA A 242 61.87 -5.65 -42.96
CA ALA A 242 63.16 -6.30 -43.19
C ALA A 242 64.09 -6.15 -41.99
N THR A 243 64.01 -5.04 -41.28
CA THR A 243 64.79 -4.87 -40.06
C THR A 243 64.19 -5.67 -38.90
N GLY A 244 62.87 -5.62 -38.77
CA GLY A 244 62.21 -6.30 -37.67
C GLY A 244 62.28 -7.81 -37.74
N GLN A 245 62.42 -8.35 -38.96
CA GLN A 245 62.71 -9.78 -39.07
C GLN A 245 64.14 -10.12 -38.74
N MET A 246 65.07 -9.16 -38.89
CA MET A 246 66.43 -9.38 -38.42
C MET A 246 66.54 -9.25 -36.91
N LEU A 247 65.64 -8.48 -36.28
CA LEU A 247 65.62 -8.37 -34.84
C LEU A 247 64.88 -9.51 -34.17
N ARG A 248 63.98 -10.19 -34.87
CA ARG A 248 63.28 -11.32 -34.27
C ARG A 248 64.19 -12.54 -34.20
N VAL A 249 65.14 -12.66 -35.11
CA VAL A 249 66.06 -13.80 -35.14
C VAL A 249 67.33 -13.47 -34.38
N GLN A 250 67.29 -12.42 -33.57
CA GLN A 250 68.44 -12.01 -32.77
C GLN A 250 68.69 -13.05 -31.70
N PRO A 251 69.93 -13.53 -31.53
CA PRO A 251 70.16 -14.76 -30.75
C PRO A 251 70.05 -14.63 -29.24
N ASN A 252 69.61 -13.48 -28.72
CA ASN A 252 69.27 -13.35 -27.31
C ASN A 252 67.78 -13.24 -27.08
N ILE A 253 67.06 -12.60 -27.98
CA ILE A 253 65.60 -12.51 -27.89
C ILE A 253 64.97 -13.89 -28.02
N VAL A 254 65.56 -14.77 -28.83
CA VAL A 254 65.09 -16.14 -28.89
C VAL A 254 65.68 -17.02 -27.80
N ALA A 255 66.82 -16.63 -27.21
CA ALA A 255 67.41 -17.45 -26.16
C ALA A 255 66.68 -17.26 -24.85
N LYS A 256 66.44 -16.01 -24.46
CA LYS A 256 65.74 -15.73 -23.21
C LYS A 256 64.22 -15.75 -23.35
N SER A 257 63.72 -15.87 -24.59
CA SER A 257 62.30 -15.94 -24.92
C SER A 257 61.53 -14.71 -24.39
N ILE A 258 62.00 -13.54 -24.80
CA ILE A 258 61.38 -12.29 -24.37
C ILE A 258 60.35 -11.89 -25.41
N PRO A 259 59.25 -11.24 -25.02
CA PRO A 259 58.20 -10.88 -25.98
C PRO A 259 58.61 -9.80 -26.96
N PHE A 260 58.77 -10.17 -28.23
CA PHE A 260 59.07 -9.23 -29.29
C PHE A 260 57.79 -8.89 -30.04
N THR A 261 57.36 -7.64 -29.93
CA THR A 261 56.16 -7.14 -30.61
C THR A 261 56.60 -6.27 -31.78
N MET A 262 56.11 -6.59 -32.97
CA MET A 262 56.55 -5.93 -34.19
C MET A 262 55.36 -5.32 -34.92
N GLU A 263 55.53 -4.08 -35.37
CA GLU A 263 54.61 -3.42 -36.29
C GLU A 263 55.40 -3.05 -37.55
N ALA A 264 54.91 -3.47 -38.70
CA ALA A 264 55.64 -3.29 -39.94
C ALA A 264 54.78 -2.52 -40.95
N ASP A 265 55.27 -2.44 -42.18
CA ASP A 265 54.55 -1.79 -43.26
C ASP A 265 53.36 -2.65 -43.70
N SER A 266 52.46 -2.05 -44.45
CA SER A 266 51.25 -2.74 -44.88
C SER A 266 50.76 -2.16 -46.19
N LEU A 267 49.73 -2.81 -46.74
CA LEU A 267 49.04 -2.38 -47.95
C LEU A 267 47.56 -2.28 -47.60
N ASN A 268 47.17 -1.11 -47.13
CA ASN A 268 45.84 -0.90 -46.59
C ASN A 268 44.83 -0.72 -47.71
N CYS A 269 43.78 -1.53 -47.71
CA CYS A 269 42.78 -1.43 -48.75
C CYS A 269 41.83 -0.28 -48.46
N CYS A 270 41.07 0.12 -49.49
CA CYS A 270 39.93 1.02 -49.32
C CYS A 270 38.92 0.64 -50.39
N VAL A 271 38.00 -0.23 -50.02
CA VAL A 271 37.08 -0.88 -50.96
C VAL A 271 35.85 -0.02 -51.14
N LEU A 272 35.43 0.17 -52.38
CA LEU A 272 34.18 0.84 -52.70
C LEU A 272 33.15 -0.22 -53.09
N GLY A 273 31.93 -0.09 -52.56
CA GLY A 273 30.92 -1.09 -52.76
C GLY A 273 30.11 -0.89 -54.03
N GLU A 274 29.34 -1.92 -54.39
CA GLU A 274 28.49 -1.85 -55.57
C GLU A 274 27.30 -0.91 -55.37
N ASP A 275 26.89 -0.71 -54.11
CA ASP A 275 25.75 0.17 -53.84
C ASP A 275 26.08 1.65 -54.01
N VAL A 276 27.36 2.01 -54.07
CA VAL A 276 27.76 3.40 -54.19
C VAL A 276 27.79 3.77 -55.67
N THR A 277 26.97 4.76 -56.03
CA THR A 277 26.90 5.36 -57.35
C THR A 277 27.36 6.81 -57.24
N PRO A 278 27.85 7.43 -58.33
CA PRO A 278 28.39 8.80 -58.22
C PRO A 278 27.36 9.88 -57.88
N ASP A 279 26.06 9.59 -57.92
CA ASP A 279 25.09 10.58 -57.47
C ASP A 279 24.89 10.57 -55.96
N GLN A 280 25.29 9.48 -55.29
CA GLN A 280 25.14 9.37 -53.85
C GLN A 280 26.16 10.24 -53.13
N PRO A 281 25.89 10.63 -51.88
CA PRO A 281 26.90 11.34 -51.09
C PRO A 281 28.05 10.45 -50.64
N GLU A 282 27.96 9.14 -50.81
CA GLU A 282 29.03 8.23 -50.43
C GLU A 282 30.27 8.42 -51.28
N PHE A 283 30.08 8.81 -52.55
CA PHE A 283 31.19 8.92 -53.48
C PHE A 283 32.11 10.07 -53.12
N ALA A 284 31.53 11.22 -52.75
CA ALA A 284 32.33 12.40 -52.42
C ALA A 284 33.11 12.19 -51.13
N LEU A 285 32.50 11.54 -50.13
CA LEU A 285 33.23 11.25 -48.90
C LEU A 285 34.27 10.16 -49.11
N PHE A 286 34.04 9.25 -50.06
CA PHE A 286 35.05 8.27 -50.45
C PHE A 286 36.28 8.96 -51.03
N ILE A 287 36.08 9.88 -51.99
CA ILE A 287 37.19 10.59 -52.60
C ILE A 287 37.89 11.48 -51.60
N ARG A 288 37.12 12.14 -50.73
CA ARG A 288 37.70 13.00 -49.69
C ARG A 288 38.52 12.19 -48.69
N GLU A 289 38.04 11.00 -48.32
CA GLU A 289 38.78 10.18 -47.37
C GLU A 289 40.06 9.64 -47.97
N VAL A 290 40.01 9.19 -49.24
CA VAL A 290 41.20 8.68 -49.91
C VAL A 290 42.25 9.78 -50.07
N VAL A 291 41.82 10.99 -50.47
CA VAL A 291 42.77 12.08 -50.69
C VAL A 291 43.36 12.58 -49.38
N ARG A 292 42.51 12.78 -48.35
CA ARG A 292 43.01 13.26 -47.07
C ARG A 292 43.92 12.22 -46.40
N GLU A 293 43.60 10.94 -46.57
CA GLU A 293 44.45 9.90 -46.01
C GLU A 293 45.78 9.79 -46.74
N MET A 294 45.77 9.96 -48.06
CA MET A 294 46.99 9.85 -48.83
C MET A 294 47.88 11.09 -48.67
N THR A 295 47.31 12.25 -48.32
CA THR A 295 48.08 13.47 -48.20
C THR A 295 48.38 13.89 -46.76
N THR A 296 47.78 13.26 -45.76
CA THR A 296 48.12 13.60 -44.38
C THR A 296 49.47 13.01 -44.01
N LYS A 297 50.35 13.85 -43.43
CA LYS A 297 51.75 13.53 -43.08
C LYS A 297 52.52 13.07 -44.33
N ALA A 298 52.15 13.67 -45.47
CA ALA A 298 52.76 13.40 -46.80
C ALA A 298 52.73 11.91 -47.17
N GLY A 299 51.72 11.19 -46.68
CA GLY A 299 51.66 9.76 -46.91
C GLY A 299 52.65 8.94 -46.12
N GLN A 300 53.29 9.52 -45.11
CA GLN A 300 54.26 8.82 -44.27
C GLN A 300 53.66 8.34 -42.97
N LYS A 301 52.42 7.87 -42.98
CA LYS A 301 51.88 7.17 -41.82
C LYS A 301 51.64 5.71 -42.18
N CYS A 302 51.77 4.86 -41.17
CA CYS A 302 51.70 3.41 -41.38
C CYS A 302 50.31 2.94 -41.76
N THR A 303 49.27 3.68 -41.38
CA THR A 303 47.89 3.33 -41.71
C THR A 303 47.35 4.12 -42.89
N ALA A 304 48.19 4.39 -43.89
CA ALA A 304 47.77 5.16 -45.06
C ALA A 304 47.16 4.24 -46.10
N ILE A 305 46.17 4.76 -46.83
CA ILE A 305 45.52 4.00 -47.90
C ILE A 305 46.48 3.91 -49.09
N ARG A 306 46.84 2.67 -49.45
CA ARG A 306 47.79 2.45 -50.53
C ARG A 306 47.25 1.51 -51.60
N ARG A 307 46.02 1.00 -51.45
CA ARG A 307 45.35 0.22 -52.49
C ARG A 307 43.89 0.65 -52.50
N ILE A 308 43.47 1.34 -53.54
CA ILE A 308 42.08 1.75 -53.69
C ILE A 308 41.40 0.75 -54.61
N ILE A 309 40.48 -0.04 -54.06
CA ILE A 309 39.76 -1.06 -54.80
C ILE A 309 38.38 -0.52 -55.14
N VAL A 310 38.10 -0.37 -56.42
CA VAL A 310 36.84 0.18 -56.90
C VAL A 310 36.20 -0.85 -57.82
N PRO A 311 34.88 -0.81 -58.01
CA PRO A 311 34.26 -1.66 -59.02
C PRO A 311 34.66 -1.25 -60.43
N GLN A 312 34.53 -2.21 -61.35
CA GLN A 312 35.00 -2.03 -62.72
C GLN A 312 34.22 -0.95 -63.47
N ALA A 313 32.93 -0.80 -63.16
CA ALA A 313 32.08 0.19 -63.82
C ALA A 313 32.21 1.58 -63.22
N LEU A 314 33.15 1.81 -62.30
CA LEU A 314 33.33 3.10 -61.67
C LEU A 314 34.77 3.60 -61.69
N VAL A 315 35.65 2.92 -62.43
CA VAL A 315 37.08 3.24 -62.38
C VAL A 315 37.35 4.61 -62.97
N ASN A 316 36.69 4.93 -64.09
CA ASN A 316 36.87 6.23 -64.73
C ASN A 316 36.33 7.36 -63.86
N ALA A 317 35.19 7.12 -63.20
CA ALA A 317 34.62 8.15 -62.33
C ALA A 317 35.47 8.39 -61.09
N VAL A 318 35.98 7.31 -60.48
CA VAL A 318 36.84 7.43 -59.31
C VAL A 318 38.16 8.11 -59.68
N SER A 319 38.72 7.76 -60.85
CA SER A 319 39.98 8.36 -61.25
C SER A 319 39.81 9.83 -61.62
N ASP A 320 38.73 10.18 -62.32
CA ASP A 320 38.49 11.58 -62.67
C ASP A 320 38.07 12.41 -61.47
N ALA A 321 37.58 11.78 -60.40
CA ALA A 321 37.35 12.54 -59.17
C ALA A 321 38.62 12.70 -58.35
N LEU A 322 39.44 11.64 -58.27
CA LEU A 322 40.67 11.70 -57.48
C LEU A 322 41.70 12.62 -58.11
N VAL A 323 41.80 12.65 -59.44
CA VAL A 323 42.76 13.56 -60.08
C VAL A 323 42.30 15.01 -59.92
N ALA A 324 41.01 15.27 -60.08
CA ALA A 324 40.49 16.62 -59.91
C ALA A 324 40.52 17.09 -58.47
N ARG A 325 40.53 16.18 -57.49
CA ARG A 325 40.71 16.56 -56.10
C ARG A 325 42.18 16.70 -55.71
N LEU A 326 43.07 15.93 -56.36
CA LEU A 326 44.48 15.92 -56.01
C LEU A 326 45.31 16.95 -56.74
N GLN A 327 44.80 17.55 -57.83
CA GLN A 327 45.53 18.64 -58.46
C GLN A 327 45.48 19.91 -57.63
N LYS A 328 44.53 20.03 -56.71
CA LYS A 328 44.47 21.15 -55.78
C LYS A 328 45.44 20.99 -54.62
N VAL A 329 46.06 19.83 -54.47
CA VAL A 329 46.99 19.60 -53.37
C VAL A 329 48.30 20.33 -53.66
N VAL A 330 48.67 21.26 -52.79
CA VAL A 330 49.84 22.10 -52.98
C VAL A 330 50.99 21.52 -52.18
N VAL A 331 52.09 21.21 -52.85
CA VAL A 331 53.30 20.67 -52.23
C VAL A 331 54.31 21.80 -52.09
N GLY A 332 54.78 22.05 -50.88
CA GLY A 332 55.75 23.10 -50.68
C GLY A 332 56.14 23.22 -49.23
N ASP A 333 56.62 24.41 -48.87
CA ASP A 333 56.98 24.69 -47.49
C ASP A 333 55.72 24.81 -46.64
N PRO A 334 55.71 24.22 -45.43
CA PRO A 334 54.50 24.27 -44.61
C PRO A 334 54.23 25.61 -43.97
N ALA A 335 55.25 26.47 -43.77
CA ALA A 335 55.02 27.71 -43.06
C ALA A 335 54.33 28.76 -43.92
N GLN A 336 54.55 28.73 -45.23
CA GLN A 336 53.88 29.68 -46.11
C GLN A 336 52.43 29.25 -46.32
N GLU A 337 51.60 30.23 -46.68
CA GLU A 337 50.17 30.00 -46.76
C GLU A 337 49.80 29.30 -48.07
N GLY A 338 48.68 28.58 -48.01
CA GLY A 338 48.16 27.90 -49.18
C GLY A 338 48.79 26.57 -49.50
N VAL A 339 49.60 26.02 -48.60
CA VAL A 339 50.27 24.74 -48.81
C VAL A 339 49.65 23.70 -47.90
N LYS A 340 49.18 22.60 -48.49
CA LYS A 340 48.47 21.55 -47.74
C LYS A 340 49.39 20.38 -47.40
N MET A 341 50.00 19.75 -48.41
CA MET A 341 50.93 18.67 -48.17
C MET A 341 52.29 19.21 -47.75
N GLY A 342 52.88 18.62 -46.72
CA GLY A 342 54.25 18.91 -46.36
C GLY A 342 55.25 18.20 -47.25
N ALA A 343 56.31 17.68 -46.65
CA ALA A 343 57.37 17.02 -47.41
C ALA A 343 57.80 15.76 -46.69
N LEU A 344 58.58 14.94 -47.39
CA LEU A 344 59.16 13.76 -46.77
C LEU A 344 60.29 14.18 -45.82
N VAL A 345 60.77 13.24 -45.01
CA VAL A 345 61.72 13.59 -43.98
C VAL A 345 63.17 13.59 -44.43
N ASN A 346 63.51 12.84 -45.49
CA ASN A 346 64.90 12.74 -45.93
C ASN A 346 64.95 12.59 -47.43
N ALA A 347 66.11 12.93 -48.00
CA ALA A 347 66.36 12.60 -49.40
C ALA A 347 66.56 11.10 -49.58
N GLU A 348 67.09 10.43 -48.56
CA GLU A 348 67.18 8.98 -48.57
C GLU A 348 65.81 8.34 -48.59
N GLN A 349 64.87 8.91 -47.84
CA GLN A 349 63.48 8.43 -47.91
C GLN A 349 62.85 8.75 -49.25
N ARG A 350 63.24 9.86 -49.89
CA ARG A 350 62.74 10.17 -51.23
C ARG A 350 63.21 9.14 -52.25
N ALA A 351 64.49 8.77 -52.17
CA ALA A 351 65.02 7.73 -53.05
C ALA A 351 64.40 6.37 -52.75
N ASP A 352 64.14 6.09 -51.47
CA ASP A 352 63.53 4.82 -51.10
C ASP A 352 62.07 4.74 -51.52
N VAL A 353 61.37 5.88 -51.59
CA VAL A 353 60.01 5.88 -52.13
C VAL A 353 60.05 5.67 -53.63
N GLN A 354 60.91 6.42 -54.34
CA GLN A 354 60.89 6.36 -55.80
C GLN A 354 61.43 5.04 -56.33
N GLU A 355 62.30 4.36 -55.58
CA GLU A 355 62.73 3.03 -56.01
C GLU A 355 61.64 1.99 -55.83
N LYS A 356 60.65 2.24 -54.96
CA LYS A 356 59.48 1.37 -54.90
C LYS A 356 58.46 1.75 -55.97
N VAL A 357 58.40 3.05 -56.31
CA VAL A 357 57.53 3.51 -57.38
C VAL A 357 57.96 2.91 -58.71
N ASN A 358 59.28 2.80 -58.94
CA ASN A 358 59.77 2.19 -60.16
C ASN A 358 59.46 0.69 -60.23
N ILE A 359 59.42 0.03 -59.08
CA ILE A 359 59.03 -1.38 -59.05
C ILE A 359 57.54 -1.53 -59.36
N LEU A 360 56.71 -0.61 -58.83
CA LEU A 360 55.30 -0.64 -59.17
C LEU A 360 55.05 -0.25 -60.63
N LEU A 361 55.92 0.59 -61.20
CA LEU A 361 55.84 0.95 -62.61
C LEU A 361 56.40 -0.13 -63.52
N ALA A 362 57.16 -1.08 -62.99
CA ALA A 362 57.66 -2.19 -63.80
C ALA A 362 56.55 -3.13 -64.26
N ALA A 363 55.39 -3.12 -63.59
CA ALA A 363 54.27 -3.94 -64.01
C ALA A 363 52.92 -3.22 -64.00
N GLY A 364 52.81 -2.03 -63.44
CA GLY A 364 51.54 -1.34 -63.36
C GLY A 364 51.29 -0.35 -64.48
N CYS A 365 50.77 0.82 -64.14
CA CYS A 365 50.44 1.85 -65.13
C CYS A 365 50.65 3.21 -64.46
N GLU A 366 50.09 4.26 -65.05
CA GLU A 366 50.31 5.60 -64.53
C GLU A 366 49.10 6.47 -64.85
N ILE A 367 48.69 7.31 -63.89
CA ILE A 367 47.58 8.24 -64.09
C ILE A 367 48.07 9.67 -63.89
N ARG A 368 49.08 9.86 -63.03
CA ARG A 368 49.48 11.19 -62.61
C ARG A 368 51.00 11.29 -62.60
N LEU A 369 51.51 12.30 -61.89
CA LEU A 369 52.95 12.51 -61.74
C LEU A 369 53.49 11.45 -60.77
N GLY A 370 54.12 10.43 -61.33
CA GLY A 370 54.64 9.33 -60.53
C GLY A 370 56.13 9.41 -60.30
N GLY A 371 56.89 8.68 -61.13
CA GLY A 371 58.34 8.67 -61.04
C GLY A 371 59.00 10.00 -61.36
N GLN A 372 58.26 10.94 -61.94
CA GLN A 372 58.75 12.29 -62.13
C GLN A 372 58.81 12.96 -60.77
N ALA A 373 60.01 12.98 -60.19
CA ALA A 373 60.25 13.65 -58.91
C ALA A 373 61.70 14.11 -58.91
N ASP A 374 61.93 15.38 -58.58
CA ASP A 374 63.26 15.96 -58.67
C ASP A 374 64.14 15.44 -57.54
N LEU A 375 65.15 14.64 -57.90
CA LEU A 375 66.10 14.10 -56.94
C LEU A 375 67.28 15.03 -56.69
N SER A 376 67.12 16.32 -56.96
CA SER A 376 68.19 17.29 -56.77
C SER A 376 67.73 18.55 -56.05
N ALA A 377 66.48 18.60 -55.61
CA ALA A 377 65.96 19.80 -54.94
C ALA A 377 66.48 19.88 -53.51
N ALA A 378 66.66 21.11 -53.03
CA ALA A 378 67.01 21.37 -51.64
C ALA A 378 65.73 21.25 -50.81
N GLY A 379 65.35 20.01 -50.52
CA GLY A 379 64.10 19.72 -49.86
C GLY A 379 63.55 18.38 -50.29
N ALA A 380 63.06 17.60 -49.33
CA ALA A 380 62.63 16.22 -49.61
C ALA A 380 61.16 16.20 -50.00
N PHE A 381 60.90 16.74 -51.18
CA PHE A 381 59.54 16.83 -51.70
C PHE A 381 59.23 15.61 -52.56
N PHE A 382 57.95 15.26 -52.62
CA PHE A 382 57.53 14.20 -53.50
C PHE A 382 56.10 14.50 -53.90
N PRO A 383 55.76 14.44 -55.17
CA PRO A 383 54.41 14.81 -55.61
C PRO A 383 53.40 13.73 -55.27
N PRO A 384 52.12 14.09 -55.13
CA PRO A 384 51.09 13.07 -54.89
C PRO A 384 50.92 12.19 -56.12
N THR A 385 50.93 10.88 -55.90
CA THR A 385 50.96 9.90 -56.97
C THR A 385 49.74 8.99 -56.86
N LEU A 386 49.02 8.83 -57.96
CA LEU A 386 47.91 7.89 -58.07
C LEU A 386 48.23 6.94 -59.23
N LEU A 387 48.51 5.68 -58.91
CA LEU A 387 48.90 4.71 -59.92
C LEU A 387 47.66 4.02 -60.49
N TYR A 388 47.89 2.96 -61.27
CA TYR A 388 46.81 2.18 -61.85
C TYR A 388 47.33 0.79 -62.14
N CYS A 389 46.46 -0.20 -61.96
CA CYS A 389 46.80 -1.58 -62.29
C CYS A 389 45.61 -2.25 -62.96
N PRO A 390 45.65 -2.46 -64.28
CA PRO A 390 44.48 -3.01 -64.98
C PRO A 390 44.23 -4.48 -64.69
N GLN A 391 45.28 -5.26 -64.39
CA GLN A 391 45.15 -6.67 -64.05
C GLN A 391 45.60 -6.83 -62.59
N PRO A 392 44.68 -6.70 -61.64
CA PRO A 392 45.11 -6.71 -60.23
C PRO A 392 45.48 -8.08 -59.70
N ASP A 393 44.76 -9.13 -60.10
CA ASP A 393 45.05 -10.47 -59.59
C ASP A 393 46.18 -11.17 -60.33
N GLU A 394 46.56 -10.67 -61.50
CA GLU A 394 47.67 -11.24 -62.26
C GLU A 394 48.99 -10.54 -61.99
N THR A 395 48.99 -9.45 -61.22
CA THR A 395 50.20 -8.71 -60.91
C THR A 395 50.50 -8.86 -59.42
N PRO A 396 51.42 -9.73 -59.02
CA PRO A 396 51.71 -9.91 -57.59
C PRO A 396 52.58 -8.81 -57.00
N ALA A 397 53.15 -7.92 -57.82
CA ALA A 397 54.00 -6.86 -57.30
C ALA A 397 53.20 -5.73 -56.66
N VAL A 398 51.91 -5.62 -56.98
CA VAL A 398 51.07 -4.61 -56.34
C VAL A 398 50.77 -5.01 -54.90
N HIS A 399 50.46 -6.28 -54.68
CA HIS A 399 50.14 -6.80 -53.36
C HIS A 399 51.37 -7.22 -52.57
N ALA A 400 52.57 -6.79 -52.97
CA ALA A 400 53.77 -7.12 -52.22
C ALA A 400 54.74 -5.96 -52.03
N THR A 401 54.59 -4.86 -52.77
CA THR A 401 55.54 -3.75 -52.71
C THR A 401 54.77 -2.48 -52.36
N GLU A 402 55.17 -1.84 -51.27
CA GLU A 402 54.57 -0.59 -50.84
C GLU A 402 55.56 0.56 -51.03
N ALA A 403 55.05 1.69 -51.51
CA ALA A 403 55.82 2.92 -51.63
C ALA A 403 55.40 3.83 -50.50
N PHE A 404 56.33 4.10 -49.58
CA PHE A 404 55.97 4.68 -48.29
C PHE A 404 55.98 6.21 -48.39
N GLY A 405 55.02 6.71 -49.18
CA GLY A 405 54.85 8.13 -49.37
C GLY A 405 53.45 8.46 -49.83
N PRO A 406 53.31 9.44 -50.73
CA PRO A 406 51.98 9.80 -51.23
C PRO A 406 51.46 8.89 -52.33
N VAL A 407 52.03 7.70 -52.47
CA VAL A 407 51.74 6.81 -53.58
C VAL A 407 50.65 5.84 -53.16
N ALA A 408 49.63 5.70 -54.01
CA ALA A 408 48.55 4.76 -53.75
C ALA A 408 47.98 4.27 -55.06
N THR A 409 48.09 2.98 -55.32
CA THR A 409 47.59 2.42 -56.57
C THR A 409 46.07 2.33 -56.56
N LEU A 410 45.51 2.19 -57.76
CA LEU A 410 44.08 2.01 -57.96
C LEU A 410 43.89 0.81 -58.87
N MET A 411 42.90 -0.03 -58.55
CA MET A 411 42.72 -1.25 -59.32
C MET A 411 41.26 -1.68 -59.28
N PRO A 412 40.73 -2.23 -60.37
CA PRO A 412 39.29 -2.54 -60.42
C PRO A 412 38.96 -3.85 -59.74
N ALA A 413 37.67 -3.98 -59.42
CA ALA A 413 37.12 -5.18 -58.81
C ALA A 413 35.95 -5.69 -59.64
N GLN A 414 35.44 -6.89 -59.28
CA GLN A 414 34.35 -7.54 -60.00
C GLN A 414 33.27 -8.01 -59.01
N ASN A 415 32.37 -7.08 -58.66
CA ASN A 415 31.08 -7.36 -58.02
C ASN A 415 31.23 -8.04 -56.65
N GLN A 416 31.96 -7.38 -55.76
CA GLN A 416 32.05 -7.65 -54.32
C GLN A 416 32.54 -9.05 -53.96
N ARG A 417 33.07 -9.81 -54.90
CA ARG A 417 33.75 -11.05 -54.58
C ARG A 417 35.20 -11.03 -55.03
N HIS A 418 35.51 -10.30 -56.10
CA HIS A 418 36.89 -10.01 -56.42
C HIS A 418 37.44 -8.90 -55.52
N ALA A 419 36.55 -8.02 -55.03
CA ALA A 419 36.98 -6.96 -54.12
C ALA A 419 37.44 -7.52 -52.78
N LEU A 420 36.74 -8.55 -52.28
CA LEU A 420 37.16 -9.21 -51.05
C LEU A 420 38.49 -9.92 -51.23
N GLN A 421 38.70 -10.55 -52.39
CA GLN A 421 39.97 -11.23 -52.64
C GLN A 421 41.11 -10.23 -52.79
N LEU A 422 40.86 -9.08 -53.41
CA LEU A 422 41.91 -8.08 -53.54
C LEU A 422 42.18 -7.36 -52.22
N ALA A 423 41.18 -7.29 -51.33
CA ALA A 423 41.43 -6.74 -50.01
C ALA A 423 42.18 -7.72 -49.12
N CYS A 424 41.93 -9.02 -49.28
CA CYS A 424 42.63 -10.03 -48.48
C CYS A 424 43.96 -10.46 -49.08
N ALA A 425 44.25 -10.08 -50.32
CA ALA A 425 45.50 -10.49 -50.96
C ALA A 425 46.70 -9.64 -50.57
N GLY A 426 46.55 -8.71 -49.63
CA GLY A 426 47.66 -7.90 -49.19
C GLY A 426 48.64 -8.60 -48.28
N GLY A 427 48.43 -9.87 -47.96
CA GLY A 427 49.31 -10.58 -47.04
C GLY A 427 49.15 -10.16 -45.61
N GLY A 428 47.98 -9.64 -45.24
CA GLY A 428 47.80 -9.06 -43.92
C GLY A 428 48.04 -7.58 -43.95
N SER A 429 47.05 -6.80 -43.56
CA SER A 429 47.11 -5.34 -43.61
C SER A 429 47.05 -4.78 -42.20
N LEU A 430 47.06 -3.46 -42.12
CA LEU A 430 47.06 -2.76 -40.84
C LEU A 430 45.78 -1.99 -40.59
N ALA A 431 45.09 -1.57 -41.65
CA ALA A 431 43.80 -0.91 -41.57
C ALA A 431 43.08 -1.09 -42.89
N GLY A 432 41.80 -0.76 -42.90
CA GLY A 432 41.00 -0.89 -44.10
C GLY A 432 39.79 0.02 -44.06
N THR A 433 39.06 0.07 -45.17
CA THR A 433 37.86 0.87 -45.27
C THR A 433 36.95 0.29 -46.34
N LEU A 434 35.70 0.04 -45.96
CA LEU A 434 34.62 -0.21 -46.91
C LEU A 434 33.68 0.97 -46.86
N VAL A 435 33.44 1.60 -48.02
CA VAL A 435 32.48 2.70 -48.12
C VAL A 435 31.24 2.15 -48.79
N THR A 436 30.20 1.90 -48.00
CA THR A 436 28.91 1.43 -48.49
C THR A 436 27.80 2.13 -47.72
N ALA A 437 26.57 1.88 -48.15
CA ALA A 437 25.38 2.17 -47.37
C ALA A 437 24.56 0.94 -47.06
N ASP A 438 24.72 -0.14 -47.81
CA ASP A 438 24.04 -1.40 -47.54
C ASP A 438 24.81 -2.14 -46.44
N PRO A 439 24.20 -2.41 -45.29
CA PRO A 439 24.95 -3.08 -44.21
C PRO A 439 25.19 -4.56 -44.43
N GLN A 440 24.43 -5.22 -45.31
CA GLN A 440 24.70 -6.62 -45.62
C GLN A 440 25.90 -6.79 -46.54
N ILE A 441 26.38 -5.71 -47.15
CA ILE A 441 27.70 -5.74 -47.80
C ILE A 441 28.80 -5.68 -46.75
N ALA A 442 28.62 -4.84 -45.73
CA ALA A 442 29.60 -4.72 -44.67
C ALA A 442 29.68 -5.98 -43.81
N ARG A 443 28.57 -6.70 -43.68
CA ARG A 443 28.59 -7.98 -42.96
C ARG A 443 29.49 -8.99 -43.65
N GLN A 444 29.38 -9.08 -44.98
CA GLN A 444 30.24 -9.98 -45.73
C GLN A 444 31.69 -9.51 -45.72
N PHE A 445 31.92 -8.20 -45.78
CA PHE A 445 33.27 -7.68 -45.81
C PHE A 445 33.99 -7.89 -44.48
N ILE A 446 33.27 -7.76 -43.35
CA ILE A 446 33.90 -8.04 -42.07
C ILE A 446 34.05 -9.54 -41.86
N ALA A 447 33.07 -10.33 -42.35
CA ALA A 447 33.13 -11.77 -42.18
C ALA A 447 34.28 -12.40 -42.96
N ASP A 448 34.66 -11.81 -44.09
CA ASP A 448 35.69 -12.41 -44.92
C ASP A 448 37.00 -11.63 -44.95
N ALA A 449 37.04 -10.39 -44.46
CA ALA A 449 38.23 -9.57 -44.59
C ALA A 449 38.68 -8.93 -43.29
N ALA A 450 38.18 -9.37 -42.14
CA ALA A 450 38.77 -8.98 -40.87
C ALA A 450 39.80 -10.00 -40.39
N ARG A 451 40.04 -11.05 -41.18
CA ARG A 451 41.09 -12.01 -40.86
C ARG A 451 42.46 -11.43 -41.15
N THR A 452 42.53 -10.48 -42.08
CA THR A 452 43.79 -9.92 -42.54
C THR A 452 44.02 -8.49 -42.11
N HIS A 453 42.98 -7.76 -41.72
CA HIS A 453 43.12 -6.39 -41.28
C HIS A 453 43.14 -6.33 -39.77
N GLY A 454 43.41 -5.13 -39.25
CA GLY A 454 43.49 -4.94 -37.82
C GLY A 454 42.52 -3.91 -37.30
N ARG A 455 42.09 -3.00 -38.18
CA ARG A 455 41.16 -1.94 -37.77
C ARG A 455 40.43 -1.48 -39.04
N ILE A 456 39.20 -1.95 -39.19
CA ILE A 456 38.40 -1.66 -40.38
C ILE A 456 37.41 -0.55 -40.05
N GLN A 457 37.29 0.42 -40.94
CA GLN A 457 36.36 1.54 -40.78
C GLN A 457 35.31 1.46 -41.87
N ILE A 458 34.10 1.04 -41.52
CA ILE A 458 33.00 1.02 -42.47
C ILE A 458 32.41 2.42 -42.50
N LEU A 459 32.65 3.15 -43.59
CA LEU A 459 32.39 4.57 -43.66
C LEU A 459 31.13 4.83 -44.47
N ASN A 460 30.22 5.62 -43.90
CA ASN A 460 29.02 6.05 -44.61
C ASN A 460 28.74 7.51 -44.25
N GLU A 461 27.53 7.98 -44.55
CA GLU A 461 27.20 9.39 -44.35
C GLU A 461 27.09 9.74 -42.88
N GLU A 462 26.57 8.84 -42.06
CA GLU A 462 26.49 9.10 -40.62
C GLU A 462 27.85 9.00 -39.95
N SER A 463 28.74 8.12 -40.44
CA SER A 463 30.05 7.97 -39.83
C SER A 463 30.95 9.15 -40.15
N ALA A 464 30.89 9.65 -41.38
CA ALA A 464 31.85 10.64 -41.85
C ALA A 464 31.62 12.04 -41.27
N LYS A 465 30.53 12.26 -40.54
CA LYS A 465 30.32 13.56 -39.91
C LYS A 465 31.27 13.77 -38.74
N GLU A 466 31.50 12.74 -37.95
CA GLU A 466 32.37 12.84 -36.77
C GLU A 466 33.41 11.72 -36.74
N SER A 467 33.85 11.28 -37.92
CA SER A 467 34.88 10.26 -38.00
C SER A 467 36.23 10.84 -37.62
N THR A 468 37.02 10.06 -36.88
CA THR A 468 38.39 10.45 -36.57
C THR A 468 39.30 10.22 -37.76
N GLY A 469 38.91 9.33 -38.67
CA GLY A 469 39.65 9.10 -39.89
C GLY A 469 40.21 7.70 -39.98
N HIS A 470 40.76 7.39 -41.16
CA HIS A 470 41.41 6.11 -41.39
C HIS A 470 42.83 6.08 -40.86
N GLY A 471 43.49 7.23 -40.79
CA GLY A 471 44.86 7.28 -40.31
C GLY A 471 44.99 7.87 -38.92
N SER A 472 43.96 7.68 -38.10
CA SER A 472 43.98 8.10 -36.70
C SER A 472 43.86 6.84 -35.86
N PRO A 473 44.98 6.24 -35.45
CA PRO A 473 44.91 5.10 -34.52
C PRO A 473 44.45 5.54 -33.15
N LEU A 474 43.26 5.10 -32.75
CA LEU A 474 42.70 5.50 -31.47
C LEU A 474 43.47 4.85 -30.32
N PRO A 475 43.60 5.53 -29.19
CA PRO A 475 44.31 4.96 -28.04
C PRO A 475 43.52 3.91 -27.26
N GLN A 476 42.34 3.51 -27.76
CA GLN A 476 41.54 2.46 -27.14
C GLN A 476 40.99 1.50 -28.19
N LEU A 477 41.70 1.38 -29.31
CA LEU A 477 41.41 0.39 -30.35
C LEU A 477 42.71 -0.31 -30.73
N VAL A 478 42.59 -1.58 -31.11
CA VAL A 478 43.77 -2.40 -31.40
C VAL A 478 44.45 -1.91 -32.67
N HIS A 479 45.71 -1.51 -32.53
CA HIS A 479 46.53 -1.00 -33.61
C HIS A 479 47.57 -2.07 -33.95
N GLY A 480 47.34 -2.78 -35.04
CA GLY A 480 48.23 -3.86 -35.44
C GLY A 480 47.48 -4.97 -36.12
N GLY A 481 47.97 -5.40 -37.28
CA GLY A 481 47.35 -6.44 -38.04
C GLY A 481 48.25 -7.64 -38.20
N PRO A 482 47.73 -8.72 -38.76
CA PRO A 482 48.51 -9.96 -38.87
C PRO A 482 49.40 -9.98 -40.10
N GLY A 483 50.27 -10.98 -40.15
CA GLY A 483 51.06 -11.25 -41.33
C GLY A 483 52.11 -10.22 -41.65
N ARG A 484 51.90 -9.50 -42.76
CA ARG A 484 52.85 -8.48 -43.21
C ARG A 484 52.87 -7.28 -42.27
N ALA A 485 51.79 -7.05 -41.53
CA ALA A 485 51.71 -5.95 -40.59
C ALA A 485 52.30 -6.29 -39.22
N GLY A 486 53.18 -7.28 -39.14
CA GLY A 486 53.85 -7.60 -37.90
C GLY A 486 53.20 -8.69 -37.07
N GLY A 487 51.97 -8.46 -36.64
CA GLY A 487 51.28 -9.44 -35.82
C GLY A 487 50.99 -8.93 -34.43
N GLY A 488 51.90 -8.12 -33.90
CA GLY A 488 51.76 -7.64 -32.53
C GLY A 488 50.73 -6.54 -32.43
N GLU A 489 49.98 -6.55 -31.33
CA GLU A 489 48.87 -5.64 -31.11
C GLU A 489 49.25 -4.58 -30.10
N GLU A 490 48.84 -3.34 -30.38
CA GLU A 490 49.08 -2.21 -29.50
C GLU A 490 47.77 -1.47 -29.28
N LEU A 491 47.76 -0.63 -28.25
CA LEU A 491 46.71 0.37 -27.98
C LEU A 491 45.33 -0.24 -27.76
N GLY A 492 45.22 -1.49 -27.37
CA GLY A 492 43.92 -2.14 -27.33
C GLY A 492 43.05 -1.81 -26.13
N GLY A 493 43.17 -0.62 -25.60
CA GLY A 493 42.51 -0.27 -24.35
C GLY A 493 43.37 -0.68 -23.16
N LEU A 494 42.88 -1.63 -22.38
CA LEU A 494 43.70 -2.27 -21.37
C LEU A 494 44.38 -3.52 -21.88
N ARG A 495 44.21 -3.83 -23.17
CA ARG A 495 44.93 -4.92 -23.80
C ARG A 495 46.38 -4.57 -24.07
N ALA A 496 46.75 -3.30 -23.94
CA ALA A 496 48.14 -2.88 -24.14
C ALA A 496 48.97 -3.00 -22.87
N VAL A 497 48.37 -2.75 -21.70
CA VAL A 497 49.12 -2.87 -20.45
C VAL A 497 49.29 -4.32 -20.02
N LYS A 498 48.65 -5.26 -20.69
CA LYS A 498 48.80 -6.67 -20.39
C LYS A 498 49.97 -7.31 -21.12
N HIS A 499 50.55 -6.62 -22.10
CA HIS A 499 51.81 -7.08 -22.69
C HIS A 499 52.98 -6.85 -21.74
N TYR A 500 52.80 -5.99 -20.75
CA TYR A 500 53.86 -5.64 -19.81
C TYR A 500 53.66 -6.31 -18.46
N MET A 501 52.76 -7.27 -18.37
CA MET A 501 52.45 -7.97 -17.13
C MET A 501 52.52 -9.47 -17.37
N GLN A 502 52.73 -10.19 -16.29
CA GLN A 502 52.73 -11.65 -16.31
C GLN A 502 51.43 -12.16 -15.69
N ARG A 503 50.69 -12.96 -16.44
CA ARG A 503 49.39 -13.46 -16.00
C ARG A 503 49.60 -14.74 -15.20
N THR A 504 49.40 -14.66 -13.89
CA THR A 504 49.67 -15.76 -12.98
C THR A 504 48.36 -16.30 -12.44
N ALA A 505 48.03 -17.53 -12.79
CA ALA A 505 46.82 -18.18 -12.26
C ALA A 505 47.12 -18.66 -10.86
N VAL A 506 46.70 -17.90 -9.86
CA VAL A 506 47.00 -18.19 -8.47
C VAL A 506 45.88 -19.06 -7.91
N GLN A 507 46.23 -20.21 -7.34
CA GLN A 507 45.28 -21.13 -6.75
C GLN A 507 45.25 -20.97 -5.24
N GLY A 508 44.52 -21.86 -4.57
CA GLY A 508 44.49 -21.89 -3.12
C GLY A 508 43.09 -21.74 -2.59
N SER A 509 43.00 -21.72 -1.26
CA SER A 509 41.73 -21.50 -0.59
C SER A 509 41.22 -20.08 -0.86
N PRO A 510 39.90 -19.87 -0.85
CA PRO A 510 39.38 -18.52 -1.10
C PRO A 510 39.75 -17.51 -0.03
N THR A 511 39.93 -17.96 1.22
CA THR A 511 40.39 -17.07 2.27
C THR A 511 41.85 -16.69 2.13
N MET A 512 42.59 -17.38 1.25
CA MET A 512 43.95 -17.01 0.92
C MET A 512 43.99 -16.07 -0.27
N LEU A 513 43.13 -16.33 -1.27
CA LEU A 513 43.00 -15.46 -2.42
C LEU A 513 42.37 -14.12 -2.05
N ALA A 514 41.67 -14.04 -0.92
CA ALA A 514 41.19 -12.75 -0.45
C ALA A 514 42.33 -11.89 0.05
N ALA A 515 43.33 -12.50 0.67
CA ALA A 515 44.46 -11.73 1.17
C ALA A 515 45.52 -11.48 0.11
N ILE A 516 45.63 -12.35 -0.89
CA ILE A 516 46.56 -12.12 -1.99
C ILE A 516 46.09 -10.97 -2.85
N SER A 517 44.82 -11.00 -3.25
CA SER A 517 44.30 -9.99 -4.16
C SER A 517 43.86 -8.71 -3.45
N LYS A 518 43.91 -8.68 -2.11
CA LYS A 518 43.36 -7.60 -1.27
C LYS A 518 41.89 -7.33 -1.60
N GLN A 519 41.13 -8.40 -1.82
CA GLN A 519 39.72 -8.31 -2.13
C GLN A 519 38.99 -9.36 -1.31
N TRP A 520 37.74 -9.62 -1.67
CA TRP A 520 36.98 -10.72 -1.09
C TRP A 520 36.61 -11.67 -2.21
N VAL A 521 36.50 -12.97 -1.91
CA VAL A 521 36.41 -13.90 -3.02
C VAL A 521 35.04 -14.57 -3.11
N ARG A 522 34.76 -15.58 -2.28
CA ARG A 522 33.40 -16.09 -2.16
C ARG A 522 33.13 -16.64 -0.77
N GLY A 523 34.18 -17.17 -0.15
CA GLY A 523 34.03 -17.92 1.08
C GLY A 523 35.16 -17.63 2.04
N ALA A 524 35.68 -16.41 1.96
CA ALA A 524 36.80 -16.01 2.78
C ALA A 524 36.35 -15.83 4.23
N LYS A 525 37.33 -15.70 5.12
CA LYS A 525 37.03 -15.31 6.48
C LYS A 525 36.60 -13.86 6.50
N VAL A 526 35.66 -13.55 7.39
CA VAL A 526 35.00 -12.26 7.42
C VAL A 526 35.35 -11.57 8.73
N GLU A 527 35.16 -10.25 8.75
CA GLU A 527 35.46 -9.44 9.92
C GLU A 527 34.16 -8.75 10.33
N GLU A 528 33.36 -9.44 11.14
CA GLU A 528 32.14 -8.87 11.68
C GLU A 528 32.48 -8.22 13.02
N ASP A 529 32.28 -6.92 13.12
CA ASP A 529 32.79 -6.15 14.26
C ASP A 529 31.73 -5.23 14.85
N ARG A 530 30.51 -5.75 15.00
CA ARG A 530 29.49 -5.26 15.95
C ARG A 530 28.87 -3.93 15.54
N ILE A 531 29.42 -3.25 14.53
CA ILE A 531 28.83 -2.03 14.02
C ILE A 531 28.55 -2.23 12.53
N HIS A 532 28.08 -1.20 11.88
CA HIS A 532 27.57 -1.34 10.53
C HIS A 532 28.65 -0.93 9.54
N PRO A 533 28.92 -1.74 8.49
CA PRO A 533 29.90 -1.30 7.47
C PRO A 533 29.52 -0.05 6.70
N PHE A 534 28.24 0.30 6.60
CA PHE A 534 27.89 1.57 5.98
C PHE A 534 28.17 2.76 6.89
N ARG A 535 28.47 2.54 8.17
CA ARG A 535 28.87 3.62 9.05
C ARG A 535 30.35 3.92 8.98
N LYS A 536 31.17 2.97 8.54
CA LYS A 536 32.60 3.19 8.45
C LYS A 536 32.94 4.12 7.29
N TYR A 537 33.99 4.91 7.48
CA TYR A 537 34.53 5.72 6.40
C TYR A 537 35.35 4.85 5.46
N PHE A 538 35.95 5.49 4.46
CA PHE A 538 36.71 4.75 3.46
C PHE A 538 38.01 4.19 4.05
N GLU A 539 38.68 4.97 4.87
CA GLU A 539 40.00 4.58 5.38
C GLU A 539 39.94 3.50 6.46
N GLU A 540 38.75 3.15 6.95
CA GLU A 540 38.63 2.07 7.93
C GLU A 540 37.79 0.92 7.43
N LEU A 541 37.49 0.86 6.13
CA LEU A 541 36.94 -0.34 5.53
C LEU A 541 38.05 -1.26 5.06
N GLN A 542 37.89 -2.54 5.30
CA GLN A 542 38.77 -3.55 4.76
C GLN A 542 37.96 -4.54 3.95
N PRO A 543 38.50 -5.08 2.86
CA PRO A 543 37.75 -6.06 2.08
C PRO A 543 37.59 -7.37 2.83
N GLY A 544 36.38 -7.60 3.33
CA GLY A 544 36.12 -8.69 4.24
C GLY A 544 35.23 -8.25 5.39
N ASP A 545 35.02 -6.95 5.52
CA ASP A 545 34.16 -6.39 6.56
C ASP A 545 32.71 -6.74 6.22
N SER A 546 32.18 -7.74 6.90
CA SER A 546 30.89 -8.30 6.51
C SER A 546 29.76 -7.76 7.36
N LEU A 547 28.57 -8.28 7.12
CA LEU A 547 27.35 -7.89 7.82
C LEU A 547 26.30 -8.96 7.57
N LEU A 548 25.73 -9.50 8.64
CA LEU A 548 24.67 -10.49 8.53
C LEU A 548 23.37 -9.80 8.95
N THR A 549 22.53 -9.50 7.96
CA THR A 549 21.33 -8.72 8.16
C THR A 549 20.22 -9.54 8.80
N PRO A 550 19.23 -8.91 9.42
CA PRO A 550 18.06 -9.65 9.89
C PRO A 550 17.24 -10.22 8.74
N ARG A 551 16.30 -11.10 9.10
CA ARG A 551 15.55 -11.81 8.09
C ARG A 551 14.28 -11.07 7.72
N ARG A 552 13.67 -11.51 6.63
CA ARG A 552 12.38 -11.00 6.20
C ARG A 552 11.63 -12.13 5.50
N THR A 553 10.48 -12.50 6.05
CA THR A 553 9.70 -13.60 5.50
C THR A 553 8.96 -13.13 4.26
N MET A 554 9.32 -13.70 3.11
CA MET A 554 8.64 -13.40 1.86
C MET A 554 7.27 -14.06 1.88
N THR A 555 6.24 -13.26 2.13
CA THR A 555 4.89 -13.77 2.24
C THR A 555 4.17 -13.62 0.89
N GLU A 556 2.92 -14.06 0.86
CA GLU A 556 2.12 -13.93 -0.35
C GLU A 556 1.70 -12.49 -0.59
N ALA A 557 1.63 -11.68 0.47
CA ALA A 557 1.26 -10.28 0.33
C ALA A 557 2.39 -9.45 -0.26
N ASP A 558 3.64 -9.88 -0.07
CA ASP A 558 4.79 -9.16 -0.60
C ASP A 558 4.81 -9.17 -2.13
N ILE A 559 4.53 -10.34 -2.72
CA ILE A 559 4.44 -10.47 -4.17
C ILE A 559 3.37 -9.55 -4.74
N VAL A 560 2.23 -9.49 -4.05
CA VAL A 560 1.10 -8.71 -4.54
C VAL A 560 1.37 -7.22 -4.42
N ASN A 561 1.95 -6.78 -3.29
CA ASN A 561 2.26 -5.37 -3.12
C ASN A 561 3.36 -4.92 -4.08
N PHE A 562 4.34 -5.78 -4.37
CA PHE A 562 5.38 -5.36 -5.30
C PHE A 562 4.88 -5.38 -6.74
N ALA A 563 4.03 -6.35 -7.09
CA ALA A 563 3.48 -6.39 -8.44
C ALA A 563 2.50 -5.27 -8.68
N CYS A 564 1.81 -4.82 -7.63
CA CYS A 564 0.99 -3.63 -7.75
C CYS A 564 1.85 -2.37 -7.89
N LEU A 565 2.87 -2.24 -7.05
CA LEU A 565 3.66 -1.01 -7.01
C LEU A 565 4.48 -0.81 -8.27
N SER A 566 5.20 -1.85 -8.72
CA SER A 566 5.95 -1.71 -9.95
C SER A 566 5.04 -1.73 -11.17
N GLY A 567 4.07 -2.63 -11.18
CA GLY A 567 3.27 -2.89 -12.36
C GLY A 567 3.60 -4.19 -13.06
N ASP A 568 4.60 -4.91 -12.57
CA ASP A 568 5.05 -6.17 -13.15
C ASP A 568 4.04 -7.24 -12.76
N HIS A 569 3.04 -7.44 -13.61
CA HIS A 569 1.99 -8.44 -13.37
C HIS A 569 2.27 -9.74 -14.13
N PHE A 570 3.55 -10.12 -14.18
CA PHE A 570 4.01 -11.31 -14.89
C PHE A 570 3.36 -12.57 -14.33
N TYR A 571 3.15 -13.56 -15.21
CA TYR A 571 2.27 -14.67 -14.88
C TYR A 571 2.87 -15.61 -13.84
N ALA A 572 4.18 -15.64 -13.69
CA ALA A 572 4.80 -16.47 -12.68
C ALA A 572 4.69 -15.87 -11.28
N HIS A 573 4.11 -14.69 -11.14
CA HIS A 573 4.01 -14.02 -9.84
C HIS A 573 2.57 -13.73 -9.45
N MET A 574 1.72 -13.37 -10.41
CA MET A 574 0.35 -12.98 -10.10
C MET A 574 -0.70 -14.00 -10.53
N ASP A 575 -0.34 -14.98 -11.35
CA ASP A 575 -1.28 -15.99 -11.80
C ASP A 575 -0.99 -17.31 -11.11
N LYS A 576 -2.04 -17.95 -10.61
CA LYS A 576 -1.93 -19.24 -9.94
C LYS A 576 -2.06 -20.41 -10.89
N ILE A 577 -2.83 -20.27 -11.96
CA ILE A 577 -3.00 -21.37 -12.92
C ILE A 577 -1.75 -21.54 -13.76
N ALA A 578 -1.27 -20.44 -14.37
CA ALA A 578 -0.14 -20.50 -15.28
C ALA A 578 1.17 -20.79 -14.57
N ALA A 579 1.32 -20.37 -13.32
CA ALA A 579 2.53 -20.71 -12.58
C ALA A 579 2.55 -22.17 -12.15
N ALA A 580 1.38 -22.82 -12.06
CA ALA A 580 1.34 -24.25 -11.84
C ALA A 580 1.78 -25.03 -13.07
N GLU A 581 1.70 -24.42 -14.25
CA GLU A 581 2.13 -25.04 -15.50
C GLU A 581 3.53 -24.64 -15.90
N SER A 582 4.15 -23.68 -15.22
CA SER A 582 5.46 -23.16 -15.59
C SER A 582 6.54 -24.04 -14.99
N ILE A 583 7.80 -23.57 -15.07
CA ILE A 583 8.92 -24.39 -14.65
C ILE A 583 9.13 -24.33 -13.14
N PHE A 584 8.54 -23.35 -12.45
CA PHE A 584 8.77 -23.21 -11.02
C PHE A 584 7.87 -24.15 -10.21
N GLY A 585 6.61 -24.28 -10.61
CA GLY A 585 5.68 -25.12 -9.89
C GLY A 585 4.54 -24.34 -9.26
N GLU A 586 4.84 -23.14 -8.76
CA GLU A 586 3.86 -22.28 -8.17
C GLU A 586 4.30 -20.83 -8.37
N ARG A 587 3.56 -19.91 -7.77
CA ARG A 587 3.94 -18.50 -7.81
C ARG A 587 5.22 -18.29 -7.01
N VAL A 588 6.08 -17.41 -7.51
CA VAL A 588 7.35 -17.10 -6.86
C VAL A 588 7.37 -15.61 -6.52
N VAL A 589 8.31 -15.24 -5.67
CA VAL A 589 8.56 -13.84 -5.38
C VAL A 589 9.29 -13.25 -6.58
N HIS A 590 8.98 -11.98 -6.90
CA HIS A 590 9.72 -11.24 -7.92
C HIS A 590 11.20 -11.21 -7.61
N GLY A 591 12.01 -11.30 -8.66
CA GLY A 591 13.44 -11.18 -8.48
C GLY A 591 13.85 -9.78 -8.09
N TYR A 592 13.20 -8.78 -8.68
CA TYR A 592 13.48 -7.40 -8.31
C TYR A 592 12.99 -7.08 -6.92
N PHE A 593 12.00 -7.80 -6.40
CA PHE A 593 11.62 -7.57 -5.02
C PHE A 593 12.60 -8.18 -4.04
N VAL A 594 13.23 -9.31 -4.39
CA VAL A 594 14.33 -9.81 -3.58
C VAL A 594 15.51 -8.85 -3.63
N LEU A 595 15.78 -8.30 -4.81
CA LEU A 595 16.83 -7.29 -4.98
C LEU A 595 16.53 -6.02 -4.18
N SER A 596 15.27 -5.66 -4.04
CA SER A 596 14.89 -4.45 -3.32
C SER A 596 14.80 -4.67 -1.81
N ALA A 597 14.31 -5.84 -1.38
CA ALA A 597 14.24 -6.13 0.03
C ALA A 597 15.61 -6.42 0.62
N ALA A 598 16.55 -6.88 -0.21
CA ALA A 598 17.94 -6.98 0.23
C ALA A 598 18.48 -5.61 0.64
N ALA A 599 18.37 -4.62 -0.25
CA ALA A 599 18.76 -3.26 0.06
C ALA A 599 17.91 -2.64 1.15
N GLY A 600 16.69 -3.14 1.35
CA GLY A 600 15.95 -2.77 2.55
C GLY A 600 16.60 -3.30 3.81
N LEU A 601 17.24 -4.47 3.72
CA LEU A 601 17.87 -5.06 4.90
C LEU A 601 19.22 -4.43 5.23
N PHE A 602 20.11 -4.25 4.24
CA PHE A 602 21.46 -3.86 4.64
C PHE A 602 21.74 -2.36 4.66
N VAL A 603 20.90 -1.53 4.06
CA VAL A 603 21.22 -0.11 3.95
C VAL A 603 20.86 0.60 5.26
N ASP A 604 21.82 1.35 5.79
CA ASP A 604 21.56 2.20 6.96
C ASP A 604 20.67 3.37 6.55
N ALA A 605 19.65 3.63 7.36
CA ALA A 605 18.77 4.76 7.11
C ALA A 605 19.38 6.10 7.51
N GLY A 606 20.48 6.09 8.25
CA GLY A 606 21.08 7.31 8.74
C GLY A 606 21.93 8.02 7.69
N VAL A 607 22.47 9.15 8.11
CA VAL A 607 23.41 9.92 7.29
C VAL A 607 24.81 9.44 7.64
N GLY A 608 25.48 8.80 6.68
CA GLY A 608 26.78 8.26 6.92
C GLY A 608 27.78 8.61 5.83
N PRO A 609 28.87 7.86 5.77
CA PRO A 609 29.85 8.08 4.70
C PRO A 609 29.36 7.67 3.33
N VAL A 610 28.39 6.76 3.24
CA VAL A 610 27.86 6.31 1.96
C VAL A 610 27.08 7.44 1.31
N ILE A 611 27.47 7.81 0.10
CA ILE A 611 26.88 8.95 -0.60
C ILE A 611 25.83 8.49 -1.59
N ALA A 612 26.23 7.63 -2.53
CA ALA A 612 25.34 7.22 -3.61
C ALA A 612 25.62 5.77 -3.97
N ASN A 613 24.63 5.14 -4.61
CA ASN A 613 24.71 3.75 -5.03
C ASN A 613 25.14 3.63 -6.49
N TYR A 614 24.31 4.14 -7.40
CA TYR A 614 24.53 4.30 -8.85
C TYR A 614 24.94 3.06 -9.63
N GLY A 615 24.92 1.86 -9.03
CA GLY A 615 25.46 0.73 -9.77
C GLY A 615 25.02 -0.60 -9.23
N LEU A 616 25.22 -1.62 -10.07
CA LEU A 616 24.94 -3.01 -9.73
C LEU A 616 25.70 -3.85 -10.74
N GLU A 617 26.64 -4.67 -10.26
CA GLU A 617 27.64 -5.23 -11.15
C GLU A 617 27.12 -6.42 -11.95
N SER A 618 26.70 -7.49 -11.29
CA SER A 618 26.36 -8.72 -12.00
C SER A 618 25.34 -9.51 -11.19
N LEU A 619 24.08 -9.41 -11.56
CA LEU A 619 22.99 -10.07 -10.86
C LEU A 619 22.58 -11.35 -11.57
N ARG A 620 22.49 -12.44 -10.82
CA ARG A 620 22.01 -13.71 -11.33
C ARG A 620 21.08 -14.31 -10.29
N PHE A 621 19.86 -14.65 -10.70
CA PHE A 621 18.90 -15.28 -9.80
C PHE A 621 19.05 -16.79 -9.93
N ILE A 622 19.56 -17.44 -8.89
CA ILE A 622 19.89 -18.86 -8.96
C ILE A 622 18.67 -19.72 -8.72
N GLU A 623 18.10 -19.62 -7.53
CA GLU A 623 16.92 -20.38 -7.17
C GLU A 623 15.74 -19.44 -6.92
N PRO A 624 14.51 -19.87 -7.19
CA PRO A 624 13.37 -18.98 -6.96
C PRO A 624 13.01 -18.87 -5.49
N VAL A 625 12.63 -17.66 -5.09
CA VAL A 625 12.12 -17.42 -3.75
C VAL A 625 10.61 -17.55 -3.78
N LYS A 626 10.06 -18.36 -2.89
CA LYS A 626 8.66 -18.72 -2.85
C LYS A 626 7.96 -17.95 -1.73
N PRO A 627 6.63 -17.99 -1.67
CA PRO A 627 5.95 -17.49 -0.46
C PRO A 627 6.24 -18.38 0.74
N GLY A 628 6.34 -17.73 1.91
CA GLY A 628 6.70 -18.42 3.13
C GLY A 628 8.12 -18.94 3.08
N ASP A 629 9.06 -18.06 2.73
CA ASP A 629 10.45 -18.44 2.51
C ASP A 629 11.28 -17.24 2.89
N THR A 630 12.00 -17.33 4.00
CA THR A 630 12.70 -16.18 4.56
C THR A 630 13.92 -15.81 3.70
N ILE A 631 14.44 -14.61 3.94
CA ILE A 631 15.52 -14.03 3.15
C ILE A 631 16.50 -13.36 4.10
N GLN A 632 17.77 -13.73 4.01
CA GLN A 632 18.82 -13.18 4.85
C GLN A 632 19.99 -12.79 3.96
N VAL A 633 20.48 -11.57 4.14
CA VAL A 633 21.37 -10.93 3.17
C VAL A 633 22.73 -10.74 3.83
N ARG A 634 23.79 -11.08 3.09
CA ARG A 634 25.16 -11.05 3.61
C ARG A 634 25.93 -9.97 2.87
N LEU A 635 25.89 -8.75 3.40
CA LEU A 635 26.63 -7.63 2.86
C LEU A 635 28.09 -7.74 3.29
N THR A 636 29.01 -7.76 2.34
CA THR A 636 30.43 -7.77 2.66
C THR A 636 31.23 -7.02 1.60
N CYS A 637 32.27 -6.32 2.05
CA CYS A 637 33.05 -5.46 1.18
C CYS A 637 33.94 -6.28 0.25
N LYS A 638 34.14 -5.77 -0.96
CA LYS A 638 34.99 -6.49 -1.92
C LYS A 638 36.16 -5.65 -2.40
N ARG A 639 35.92 -4.42 -2.87
CA ARG A 639 36.98 -3.57 -3.42
C ARG A 639 36.89 -2.18 -2.81
N LYS A 640 37.99 -1.43 -2.84
CA LYS A 640 37.99 -0.08 -2.30
C LYS A 640 38.27 1.00 -3.35
N THR A 641 39.42 0.95 -4.03
CA THR A 641 39.74 1.61 -5.31
C THR A 641 39.37 3.11 -5.34
N LEU A 642 40.10 3.90 -4.55
CA LEU A 642 39.75 5.30 -4.33
C LEU A 642 39.89 6.15 -5.59
N LYS A 643 39.36 7.37 -5.50
CA LYS A 643 39.44 8.38 -6.54
C LYS A 643 40.40 9.48 -6.11
N LYS A 644 40.92 10.23 -7.07
CA LYS A 644 42.08 11.08 -6.85
C LYS A 644 41.75 12.54 -6.58
N GLN A 645 40.47 12.89 -6.43
CA GLN A 645 40.02 14.24 -6.04
C GLN A 645 40.50 15.30 -7.04
N ARG A 646 39.88 15.25 -8.23
CA ARG A 646 40.33 16.01 -9.40
C ARG A 646 40.36 17.52 -9.20
N SER A 647 39.65 18.05 -8.21
CA SER A 647 39.71 19.46 -7.87
C SER A 647 40.18 19.61 -6.41
N ALA A 648 40.18 20.84 -5.92
CA ALA A 648 40.49 21.10 -4.52
C ALA A 648 39.24 21.28 -3.67
N GLU A 649 38.09 21.53 -4.30
CA GLU A 649 36.84 21.76 -3.59
C GLU A 649 36.06 20.46 -3.37
N GLU A 650 36.26 19.46 -4.23
CA GLU A 650 35.43 18.28 -4.23
C GLU A 650 35.68 17.39 -3.01
N LYS A 651 34.67 16.62 -2.65
CA LYS A 651 34.76 15.75 -1.49
C LYS A 651 35.62 14.54 -1.81
N PRO A 652 36.53 14.16 -0.92
CA PRO A 652 37.31 12.93 -1.15
C PRO A 652 36.45 11.69 -0.94
N THR A 653 36.57 10.76 -1.89
CA THR A 653 35.68 9.60 -1.93
C THR A 653 36.36 8.46 -2.67
N GLY A 654 35.72 7.30 -2.63
CA GLY A 654 36.24 6.12 -3.31
C GLY A 654 35.15 5.13 -3.59
N VAL A 655 35.24 4.47 -4.74
CA VAL A 655 34.17 3.57 -5.21
C VAL A 655 34.39 2.22 -4.51
N VAL A 656 33.73 2.07 -3.37
CA VAL A 656 33.72 0.80 -2.67
C VAL A 656 32.69 -0.11 -3.31
N GLU A 657 33.10 -1.31 -3.66
CA GLU A 657 32.21 -2.31 -4.24
C GLU A 657 31.89 -3.35 -3.18
N TRP A 658 30.62 -3.44 -2.80
CA TRP A 658 30.17 -4.49 -1.91
C TRP A 658 29.77 -5.74 -2.70
N ALA A 659 29.85 -6.88 -2.02
CA ALA A 659 29.48 -8.17 -2.60
C ALA A 659 28.30 -8.70 -1.80
N VAL A 660 27.11 -8.56 -2.36
CA VAL A 660 25.87 -8.87 -1.67
C VAL A 660 25.49 -10.32 -1.98
N GLU A 661 25.08 -11.06 -0.96
CA GLU A 661 24.77 -12.48 -1.12
C GLU A 661 23.53 -12.81 -0.30
N VAL A 662 22.39 -12.83 -0.96
CA VAL A 662 21.12 -13.19 -0.35
C VAL A 662 21.09 -14.71 -0.16
N PHE A 663 20.47 -15.17 0.93
CA PHE A 663 20.15 -16.59 1.07
C PHE A 663 18.91 -16.76 1.94
N ASN A 664 18.46 -18.00 2.05
CA ASN A 664 17.22 -18.36 2.70
C ASN A 664 17.50 -19.30 3.89
N GLN A 665 16.44 -19.88 4.45
CA GLN A 665 16.58 -20.74 5.62
C GLN A 665 17.33 -22.04 5.34
N HIS A 666 17.39 -22.48 4.08
CA HIS A 666 18.22 -23.63 3.75
C HIS A 666 19.67 -23.25 3.48
N GLN A 667 19.99 -21.96 3.62
CA GLN A 667 21.32 -21.37 3.34
C GLN A 667 21.80 -21.66 1.93
N THR A 668 20.89 -21.75 0.98
CA THR A 668 21.40 -21.83 -0.38
C THR A 668 21.39 -20.44 -1.02
N PRO A 669 22.39 -20.10 -1.84
CA PRO A 669 22.46 -18.74 -2.37
C PRO A 669 21.42 -18.47 -3.45
N VAL A 670 20.42 -17.66 -3.13
CA VAL A 670 19.55 -17.05 -4.12
C VAL A 670 20.07 -15.64 -4.36
N ALA A 671 20.12 -15.22 -5.63
CA ALA A 671 20.29 -13.82 -6.03
C ALA A 671 21.58 -13.18 -5.49
N LEU A 672 22.72 -13.73 -5.88
CA LEU A 672 23.99 -13.15 -5.48
C LEU A 672 24.46 -12.16 -6.54
N TYR A 673 24.87 -10.98 -6.10
CA TYR A 673 25.21 -9.89 -7.00
C TYR A 673 26.29 -9.03 -6.33
N SER A 674 26.46 -7.82 -6.82
CA SER A 674 27.53 -6.94 -6.35
C SER A 674 27.16 -5.51 -6.69
N ILE A 675 27.18 -4.62 -5.70
CA ILE A 675 26.82 -3.22 -5.92
C ILE A 675 28.06 -2.34 -5.78
N LEU A 676 28.09 -1.29 -6.59
CA LEU A 676 29.08 -0.23 -6.46
C LEU A 676 28.53 0.83 -5.51
N THR A 677 29.42 1.58 -4.87
CA THR A 677 29.01 2.58 -3.87
C THR A 677 30.11 3.62 -3.76
N LEU A 678 29.72 4.90 -3.75
CA LEU A 678 30.69 6.00 -3.69
C LEU A 678 30.84 6.45 -2.23
N VAL A 679 31.65 5.71 -1.49
CA VAL A 679 31.85 5.98 -0.06
C VAL A 679 32.85 7.12 0.09
N ALA A 680 32.52 8.09 0.95
CA ALA A 680 33.39 9.24 1.17
C ALA A 680 34.62 8.85 1.99
N ARG A 681 35.68 9.64 1.83
CA ARG A 681 36.92 9.43 2.54
C ARG A 681 37.02 10.37 3.74
N GLN A 682 37.86 9.98 4.71
CA GLN A 682 38.08 10.82 5.87
C GLN A 682 39.10 11.91 5.59
N HIS A 683 40.15 11.59 4.83
CA HIS A 683 41.23 12.53 4.55
C HIS A 683 41.49 12.59 3.06
N GLY A 684 41.48 13.81 2.51
CA GLY A 684 41.81 14.02 1.12
C GLY A 684 43.31 14.05 0.87
N ASP A 685 43.66 14.26 -0.39
CA ASP A 685 45.07 14.30 -0.77
C ASP A 685 45.46 15.54 -1.55
N PHE A 686 44.58 16.07 -2.39
CA PHE A 686 44.91 17.24 -3.20
C PHE A 686 44.13 18.46 -2.73
N GLN B 9 56.11 -52.86 -38.10
CA GLN B 9 54.69 -52.52 -38.06
C GLN B 9 54.50 -51.02 -38.24
N GLN B 10 53.86 -50.63 -39.35
CA GLN B 10 53.69 -49.23 -39.68
C GLN B 10 52.70 -48.55 -38.75
N LEU B 11 52.98 -47.28 -38.45
CA LEU B 11 52.07 -46.41 -37.72
C LEU B 11 51.74 -45.25 -38.65
N ALA B 12 50.47 -45.14 -39.02
CA ALA B 12 50.07 -44.36 -40.19
C ALA B 12 50.03 -42.86 -39.87
N SER B 13 49.61 -42.09 -40.87
CA SER B 13 49.56 -40.63 -40.76
C SER B 13 48.32 -40.16 -41.51
N PHE B 14 47.37 -39.57 -40.78
CA PHE B 14 46.10 -39.16 -41.36
C PHE B 14 46.29 -37.82 -42.05
N LEU B 15 46.63 -37.87 -43.34
CA LEU B 15 46.81 -36.69 -44.17
C LEU B 15 45.87 -36.73 -45.36
N SER B 16 45.26 -35.58 -45.64
CA SER B 16 44.33 -35.38 -46.76
C SER B 16 43.16 -36.36 -46.74
N GLY B 17 42.69 -36.70 -45.54
CA GLY B 17 41.58 -37.61 -45.37
C GLY B 17 41.92 -39.08 -45.47
N THR B 18 43.16 -39.44 -45.80
CA THR B 18 43.55 -40.82 -46.02
C THR B 18 44.68 -41.20 -45.07
N TRP B 19 44.59 -42.40 -44.50
CA TRP B 19 45.60 -42.89 -43.56
C TRP B 19 46.85 -43.32 -44.33
N GLN B 20 47.69 -42.34 -44.62
CA GLN B 20 48.88 -42.57 -45.40
C GLN B 20 50.03 -43.02 -44.51
N SER B 21 51.17 -43.35 -45.13
CA SER B 21 52.37 -43.72 -44.41
C SER B 21 53.58 -43.40 -45.26
N GLY B 22 54.73 -43.30 -44.61
CA GLY B 22 55.95 -42.89 -45.29
C GLY B 22 56.74 -44.04 -45.87
N ARG B 23 57.67 -43.70 -46.76
CA ARG B 23 58.53 -44.67 -47.45
C ARG B 23 59.96 -44.16 -47.37
N GLY B 24 60.69 -44.56 -46.33
CA GLY B 24 62.07 -44.14 -46.20
C GLY B 24 62.70 -44.47 -44.88
N ARG B 25 63.54 -43.56 -44.37
CA ARG B 25 64.20 -43.78 -43.09
C ARG B 25 63.18 -43.63 -41.96
N SER B 26 63.17 -44.61 -41.06
CA SER B 26 62.11 -44.74 -40.07
C SER B 26 62.68 -44.82 -38.67
N ARG B 27 62.16 -43.99 -37.78
CA ARG B 27 62.36 -44.21 -36.36
C ARG B 27 61.38 -45.27 -35.87
N LEU B 28 61.62 -45.76 -34.65
CA LEU B 28 60.83 -46.86 -34.14
C LEU B 28 60.52 -46.65 -32.66
N ILE B 29 59.35 -47.13 -32.24
CA ILE B 29 58.81 -46.90 -30.92
C ILE B 29 59.11 -48.12 -30.06
N HIS B 30 59.89 -47.92 -29.00
CA HIS B 30 60.18 -48.99 -28.06
C HIS B 30 59.04 -49.13 -27.05
N HIS B 31 58.84 -50.36 -26.61
CA HIS B 31 57.97 -50.59 -25.46
C HIS B 31 58.72 -50.19 -24.20
N ALA B 32 58.03 -49.50 -23.31
CA ALA B 32 58.72 -48.86 -22.19
C ALA B 32 59.09 -49.86 -21.10
N ILE B 33 58.14 -50.72 -20.71
CA ILE B 33 58.35 -51.55 -19.53
C ILE B 33 59.09 -52.84 -19.86
N SER B 34 59.18 -53.23 -21.14
CA SER B 34 59.86 -54.44 -21.53
C SER B 34 61.05 -54.19 -22.44
N GLY B 35 60.87 -53.46 -23.54
CA GLY B 35 62.01 -53.04 -24.33
C GLY B 35 61.99 -53.36 -25.81
N GLU B 36 60.93 -54.00 -26.30
CA GLU B 36 60.87 -54.35 -27.71
C GLU B 36 60.25 -53.21 -28.53
N ALA B 37 60.48 -53.26 -29.83
CA ALA B 37 59.91 -52.29 -30.76
C ALA B 37 58.64 -52.88 -31.34
N LEU B 38 57.50 -52.26 -31.03
CA LEU B 38 56.20 -52.75 -31.49
C LEU B 38 55.46 -51.75 -32.37
N TRP B 39 55.99 -50.55 -32.58
CA TRP B 39 55.59 -49.69 -33.69
C TRP B 39 56.84 -49.10 -34.29
N GLU B 40 56.71 -48.58 -35.51
CA GLU B 40 57.79 -47.83 -36.14
C GLU B 40 57.20 -46.78 -37.06
N VAL B 41 57.72 -45.57 -36.96
CA VAL B 41 57.10 -44.40 -37.58
C VAL B 41 58.00 -43.86 -38.69
N THR B 42 57.36 -43.33 -39.73
CA THR B 42 58.03 -42.66 -40.82
C THR B 42 57.04 -41.74 -41.51
N SER B 43 57.56 -40.67 -42.09
CA SER B 43 56.72 -39.75 -42.85
C SER B 43 57.43 -39.24 -44.10
N GLU B 44 58.40 -39.98 -44.61
CA GLU B 44 59.13 -39.54 -45.80
C GLU B 44 58.29 -39.78 -47.05
N GLY B 45 58.18 -38.76 -47.89
CA GLY B 45 57.42 -38.85 -49.11
C GLY B 45 56.00 -38.32 -49.01
N LEU B 46 55.51 -38.03 -47.81
CA LEU B 46 54.16 -37.51 -47.65
C LEU B 46 54.12 -36.04 -48.06
N ASP B 47 53.17 -35.71 -48.94
CA ASP B 47 53.07 -34.35 -49.46
C ASP B 47 52.43 -33.47 -48.39
N MET B 48 53.24 -32.62 -47.77
CA MET B 48 52.76 -31.78 -46.67
C MET B 48 52.03 -30.56 -47.17
N ALA B 49 52.46 -30.01 -48.32
CA ALA B 49 51.77 -28.86 -48.90
C ALA B 49 50.36 -29.24 -49.35
N ALA B 50 50.18 -30.45 -49.88
CA ALA B 50 48.85 -30.91 -50.23
C ALA B 50 48.00 -31.18 -49.00
N ALA B 51 48.63 -31.57 -47.89
CA ALA B 51 47.91 -31.78 -46.63
C ALA B 51 47.38 -30.45 -46.09
N ARG B 52 48.24 -29.42 -46.06
CA ARG B 52 47.79 -28.09 -45.65
C ARG B 52 46.76 -27.51 -46.63
N GLN B 53 46.91 -27.82 -47.92
CA GLN B 53 45.96 -27.36 -48.92
C GLN B 53 44.58 -27.98 -48.71
N PHE B 54 44.55 -29.28 -48.39
CA PHE B 54 43.28 -29.94 -48.10
C PHE B 54 42.67 -29.42 -46.82
N ALA B 55 43.50 -29.17 -45.80
CA ALA B 55 42.96 -28.68 -44.54
C ALA B 55 42.46 -27.25 -44.63
N ILE B 56 43.04 -26.44 -45.52
CA ILE B 56 42.59 -25.06 -45.65
C ILE B 56 41.38 -24.96 -46.57
N GLU B 57 41.41 -25.60 -47.73
CA GLU B 57 40.29 -25.48 -48.65
C GLU B 57 39.27 -26.60 -48.53
N LYS B 58 39.34 -27.41 -47.48
CA LYS B 58 38.23 -28.34 -47.25
C LYS B 58 37.72 -28.29 -45.82
N GLY B 59 38.59 -28.13 -44.84
CA GLY B 59 38.19 -28.20 -43.45
C GLY B 59 37.92 -26.86 -42.82
N ALA B 60 38.62 -25.83 -43.27
CA ALA B 60 38.44 -24.49 -42.72
C ALA B 60 37.10 -23.83 -43.11
N PRO B 61 36.60 -23.90 -44.36
CA PRO B 61 35.24 -23.37 -44.58
C PRO B 61 34.15 -24.23 -43.99
N ALA B 62 34.44 -25.45 -43.60
CA ALA B 62 33.46 -26.29 -42.91
C ALA B 62 33.40 -26.02 -41.42
N LEU B 63 34.48 -25.52 -40.83
CA LEU B 63 34.50 -25.11 -39.44
C LEU B 63 34.08 -23.65 -39.26
N ARG B 64 34.54 -22.77 -40.14
CA ARG B 64 34.20 -21.36 -40.05
C ARG B 64 32.76 -21.07 -40.44
N ALA B 65 32.08 -21.99 -41.12
CA ALA B 65 30.66 -21.80 -41.38
C ALA B 65 29.79 -22.17 -40.19
N MET B 66 30.30 -23.00 -39.29
CA MET B 66 29.58 -23.31 -38.06
C MET B 66 29.57 -22.10 -37.13
N THR B 67 28.53 -22.00 -36.32
CA THR B 67 28.53 -21.03 -35.25
C THR B 67 29.35 -21.54 -34.07
N PHE B 68 29.58 -20.67 -33.09
CA PHE B 68 30.35 -21.09 -31.92
C PHE B 68 29.59 -22.10 -31.06
N ILE B 69 28.26 -22.00 -31.03
CA ILE B 69 27.46 -22.94 -30.26
C ILE B 69 27.50 -24.33 -30.88
N GLU B 70 27.48 -24.39 -32.22
CA GLU B 70 27.63 -25.68 -32.89
C GLU B 70 29.04 -26.22 -32.77
N ARG B 71 30.05 -25.34 -32.75
CA ARG B 71 31.42 -25.80 -32.55
C ARG B 71 31.70 -26.21 -31.12
N ALA B 72 30.87 -25.79 -30.16
CA ALA B 72 30.96 -26.32 -28.81
C ALA B 72 30.19 -27.62 -28.65
N ALA B 73 29.05 -27.74 -29.34
CA ALA B 73 28.32 -29.01 -29.35
C ALA B 73 29.12 -30.11 -30.04
N MET B 74 29.93 -29.75 -31.04
CA MET B 74 30.82 -30.73 -31.67
C MET B 74 31.88 -31.21 -30.69
N LEU B 75 32.44 -30.31 -29.88
CA LEU B 75 33.42 -30.72 -28.89
C LEU B 75 32.79 -31.58 -27.81
N LYS B 76 31.54 -31.29 -27.43
CA LYS B 76 30.85 -32.13 -26.45
C LYS B 76 30.56 -33.52 -27.01
N ALA B 77 30.18 -33.59 -28.29
CA ALA B 77 29.91 -34.88 -28.92
C ALA B 77 31.19 -35.71 -29.07
N VAL B 78 32.30 -35.08 -29.43
CA VAL B 78 33.57 -35.79 -29.52
C VAL B 78 34.04 -36.20 -28.14
N ALA B 79 33.76 -35.40 -27.11
CA ALA B 79 34.12 -35.76 -25.74
C ALA B 79 33.34 -36.99 -25.27
N LYS B 80 32.06 -37.06 -25.59
CA LYS B 80 31.27 -38.24 -25.21
C LYS B 80 31.70 -39.47 -26.01
N HIS B 81 31.97 -39.30 -27.31
CA HIS B 81 32.37 -40.43 -28.14
C HIS B 81 33.76 -40.94 -27.78
N LEU B 82 34.62 -40.08 -27.23
CA LEU B 82 35.94 -40.49 -26.79
C LEU B 82 35.97 -40.93 -25.34
N LEU B 83 34.97 -40.55 -24.56
CA LEU B 83 34.82 -41.08 -23.21
C LEU B 83 34.19 -42.46 -23.21
N SER B 84 33.38 -42.77 -24.24
CA SER B 84 32.75 -44.08 -24.34
C SER B 84 33.79 -45.18 -24.58
N GLU B 85 34.61 -45.03 -25.62
CA GLU B 85 35.64 -46.01 -25.93
C GLU B 85 36.99 -45.60 -25.34
N LYS B 86 37.00 -45.40 -24.03
CA LYS B 86 38.22 -45.00 -23.35
C LYS B 86 39.09 -46.18 -22.95
N GLU B 87 38.55 -47.39 -22.91
CA GLU B 87 39.32 -48.54 -22.46
C GLU B 87 40.26 -49.09 -23.52
N ARG B 88 40.10 -48.71 -24.78
CA ARG B 88 41.09 -49.00 -25.80
C ARG B 88 42.24 -48.01 -25.80
N PHE B 89 42.22 -47.04 -24.91
CA PHE B 89 43.28 -46.05 -24.77
C PHE B 89 44.22 -46.35 -23.62
N TYR B 90 43.72 -46.98 -22.56
CA TYR B 90 44.59 -47.37 -21.45
C TYR B 90 45.55 -48.48 -21.84
N ALA B 91 45.14 -49.37 -22.76
CA ALA B 91 46.03 -50.42 -23.22
C ALA B 91 47.15 -49.86 -24.08
N LEU B 92 46.86 -48.81 -24.85
CA LEU B 92 47.91 -48.14 -25.61
C LEU B 92 48.79 -47.28 -24.71
N SER B 93 48.21 -46.71 -23.65
CA SER B 93 48.97 -45.85 -22.75
C SER B 93 49.82 -46.62 -21.77
N ALA B 94 49.49 -47.89 -21.51
CA ALA B 94 50.35 -48.73 -20.67
C ALA B 94 51.64 -49.12 -21.38
N GLN B 95 51.70 -48.95 -22.69
CA GLN B 95 52.94 -49.15 -23.44
C GLN B 95 53.94 -48.04 -23.16
N THR B 96 53.50 -46.92 -22.61
CA THR B 96 54.37 -45.77 -22.30
C THR B 96 54.97 -45.85 -20.91
N GLY B 97 54.77 -46.96 -20.20
CA GLY B 97 55.31 -47.11 -18.87
C GLY B 97 54.52 -46.46 -17.77
N ALA B 98 53.43 -45.76 -18.10
CA ALA B 98 52.60 -45.13 -17.10
C ALA B 98 51.75 -46.15 -16.35
N THR B 99 51.32 -45.78 -15.16
CA THR B 99 50.48 -46.65 -14.36
C THR B 99 49.01 -46.42 -14.72
N ARG B 100 48.10 -47.01 -13.95
CA ARG B 100 46.68 -46.74 -14.19
C ARG B 100 46.29 -45.37 -13.65
N ALA B 101 46.80 -45.00 -12.48
CA ALA B 101 46.51 -43.68 -11.92
C ALA B 101 47.29 -42.57 -12.61
N ASP B 102 48.34 -42.91 -13.36
CA ASP B 102 49.07 -41.91 -14.13
C ASP B 102 48.57 -41.78 -15.56
N SER B 103 47.95 -42.81 -16.11
CA SER B 103 47.25 -42.69 -17.38
C SER B 103 45.83 -42.19 -17.22
N TRP B 104 45.27 -42.30 -16.02
CA TRP B 104 43.96 -41.72 -15.76
C TRP B 104 43.99 -40.21 -15.91
N VAL B 105 45.09 -39.58 -15.45
CA VAL B 105 45.29 -38.15 -15.65
C VAL B 105 45.37 -37.84 -17.14
N ASP B 106 46.16 -38.62 -17.88
CA ASP B 106 46.41 -38.37 -19.30
C ASP B 106 45.15 -38.51 -20.14
N ILE B 107 44.29 -39.48 -19.81
CA ILE B 107 43.07 -39.66 -20.59
C ILE B 107 41.98 -38.71 -20.13
N GLU B 108 41.64 -38.75 -18.83
CA GLU B 108 40.49 -38.02 -18.35
C GLU B 108 40.74 -36.52 -18.23
N GLY B 109 41.99 -36.06 -18.13
CA GLY B 109 42.23 -34.64 -18.16
C GLY B 109 42.00 -34.05 -19.54
N GLY B 110 42.39 -34.79 -20.59
CA GLY B 110 42.10 -34.34 -21.93
C GLY B 110 40.61 -34.39 -22.26
N ILE B 111 39.93 -35.45 -21.82
CA ILE B 111 38.50 -35.53 -22.11
C ILE B 111 37.72 -34.53 -21.25
N GLY B 112 38.17 -34.27 -20.02
CA GLY B 112 37.57 -33.23 -19.21
C GLY B 112 37.86 -31.84 -19.72
N THR B 113 39.02 -31.66 -20.39
CA THR B 113 39.29 -30.41 -21.08
C THR B 113 38.32 -30.21 -22.24
N LEU B 114 38.01 -31.29 -22.96
CA LEU B 114 37.00 -31.22 -24.00
C LEU B 114 35.61 -30.86 -23.46
N PHE B 115 35.20 -31.49 -22.36
CA PHE B 115 33.92 -31.13 -21.73
C PHE B 115 33.94 -29.71 -21.17
N THR B 116 35.08 -29.26 -20.66
CA THR B 116 35.18 -27.91 -20.10
C THR B 116 35.07 -26.86 -21.20
N TYR B 117 35.75 -27.07 -22.32
CA TYR B 117 35.62 -26.13 -23.43
C TYR B 117 34.26 -26.21 -24.09
N ALA B 118 33.60 -27.37 -24.04
CA ALA B 118 32.22 -27.45 -24.49
C ALA B 118 31.31 -26.60 -23.60
N SER B 119 31.51 -26.66 -22.29
CA SER B 119 30.68 -25.86 -21.38
C SER B 119 30.97 -24.37 -21.53
N LEU B 120 32.23 -23.99 -21.70
CA LEU B 120 32.58 -22.59 -21.89
C LEU B 120 32.06 -22.05 -23.21
N GLY B 121 32.16 -22.83 -24.28
CA GLY B 121 31.60 -22.42 -25.56
C GLY B 121 30.09 -22.39 -25.59
N SER B 122 29.43 -23.19 -24.75
CA SER B 122 27.98 -23.11 -24.67
C SER B 122 27.51 -21.97 -23.79
N ARG B 123 28.29 -21.60 -22.77
CA ARG B 123 27.83 -20.56 -21.85
C ARG B 123 28.21 -19.15 -22.28
N GLU B 124 29.44 -18.93 -22.77
CA GLU B 124 29.96 -17.58 -22.91
C GLU B 124 30.32 -17.21 -24.34
N LEU B 125 29.78 -17.92 -25.33
CA LEU B 125 30.06 -17.65 -26.73
C LEU B 125 28.75 -17.46 -27.48
N PRO B 126 28.72 -16.62 -28.52
CA PRO B 126 27.45 -16.29 -29.17
C PRO B 126 27.11 -17.25 -30.31
N ASP B 127 25.83 -17.22 -30.70
CA ASP B 127 25.33 -17.97 -31.85
C ASP B 127 25.65 -17.16 -33.10
N ASP B 128 26.91 -17.20 -33.51
CA ASP B 128 27.39 -16.34 -34.57
C ASP B 128 28.70 -16.93 -35.08
N THR B 129 29.16 -16.41 -36.22
CA THR B 129 30.50 -16.71 -36.73
C THR B 129 31.54 -15.76 -36.15
N LEU B 130 31.18 -14.49 -36.01
CA LEU B 130 32.02 -13.48 -35.38
C LEU B 130 31.79 -13.49 -33.87
N TRP B 131 32.67 -12.83 -33.13
CA TRP B 131 32.58 -12.78 -31.67
C TRP B 131 32.98 -11.41 -31.14
N PRO B 132 32.01 -10.54 -30.87
CA PRO B 132 32.29 -9.22 -30.28
C PRO B 132 32.62 -9.37 -28.80
N GLU B 133 33.87 -9.12 -28.44
CA GLU B 133 34.26 -9.29 -27.05
C GLU B 133 34.00 -8.06 -26.20
N ASP B 134 33.97 -6.88 -26.78
CA ASP B 134 33.71 -5.69 -26.00
C ASP B 134 32.21 -5.44 -25.87
N GLU B 135 31.86 -4.46 -25.05
CA GLU B 135 30.48 -3.98 -25.04
C GLU B 135 30.27 -2.99 -26.17
N LEU B 136 30.94 -1.83 -26.08
CA LEU B 136 31.01 -0.80 -27.12
C LEU B 136 32.02 0.25 -26.68
N ILE B 137 32.71 0.86 -27.64
CA ILE B 137 33.62 1.96 -27.37
C ILE B 137 33.14 3.16 -28.16
N PRO B 138 32.46 4.12 -27.52
CA PRO B 138 31.98 5.30 -28.24
C PRO B 138 33.13 6.26 -28.53
N LEU B 139 33.22 6.71 -29.78
CA LEU B 139 34.31 7.58 -30.22
C LEU B 139 33.81 8.94 -30.69
N SER B 140 32.62 9.35 -30.28
CA SER B 140 32.05 10.60 -30.74
C SER B 140 31.18 11.20 -29.65
N LYS B 141 30.98 12.51 -29.72
CA LYS B 141 30.17 13.22 -28.75
C LYS B 141 28.69 13.13 -29.08
N GLU B 142 28.33 13.20 -30.36
CA GLU B 142 26.93 13.09 -30.75
C GLU B 142 26.45 11.65 -30.64
N GLY B 143 27.20 10.71 -31.21
CA GLY B 143 26.83 9.32 -31.14
C GLY B 143 26.67 8.67 -32.50
N GLY B 144 27.28 9.27 -33.52
CA GLY B 144 27.23 8.75 -34.87
C GLY B 144 28.47 8.01 -35.31
N PHE B 145 29.44 7.78 -34.43
CA PHE B 145 30.66 7.08 -34.77
C PHE B 145 31.13 6.32 -33.54
N ALA B 146 31.23 5.01 -33.66
CA ALA B 146 31.66 4.15 -32.56
C ALA B 146 32.56 3.07 -33.13
N ALA B 147 33.01 2.17 -32.26
CA ALA B 147 33.85 1.06 -32.66
C ALA B 147 33.77 -0.02 -31.61
N ARG B 148 33.92 -1.26 -32.06
CA ARG B 148 33.97 -2.38 -31.14
C ARG B 148 34.91 -3.43 -31.70
N HIS B 149 35.45 -4.26 -30.82
CA HIS B 149 36.46 -5.23 -31.22
C HIS B 149 35.79 -6.54 -31.60
N LEU B 150 36.04 -6.99 -32.81
CA LEU B 150 35.57 -8.28 -33.28
C LEU B 150 36.68 -9.30 -33.19
N LEU B 151 36.30 -10.57 -33.27
CA LEU B 151 37.24 -11.69 -33.24
C LEU B 151 36.82 -12.69 -34.30
N THR B 152 37.34 -12.51 -35.51
CA THR B 152 37.10 -13.43 -36.60
C THR B 152 38.16 -14.52 -36.59
N SER B 153 37.72 -15.76 -36.77
CA SER B 153 38.62 -16.89 -36.74
C SER B 153 39.51 -16.91 -37.97
N LYS B 154 40.78 -17.27 -37.78
CA LYS B 154 41.76 -17.28 -38.86
C LYS B 154 41.44 -18.35 -39.90
N SER B 155 42.03 -18.18 -41.08
CA SER B 155 41.73 -19.01 -42.24
C SER B 155 42.91 -19.87 -42.65
N GLY B 156 43.60 -20.45 -41.68
CA GLY B 156 44.74 -21.29 -41.95
C GLY B 156 44.65 -22.59 -41.18
N VAL B 157 45.82 -23.13 -40.84
CA VAL B 157 45.91 -24.34 -40.04
C VAL B 157 46.67 -24.02 -38.76
N ALA B 158 46.48 -24.89 -37.77
CA ALA B 158 47.21 -24.82 -36.51
C ALA B 158 48.15 -26.01 -36.45
N VAL B 159 49.44 -25.75 -36.47
CA VAL B 159 50.44 -26.81 -36.44
C VAL B 159 50.83 -27.00 -34.98
N HIS B 160 50.29 -28.05 -34.36
CA HIS B 160 50.57 -28.36 -32.97
C HIS B 160 51.68 -29.41 -32.93
N ILE B 161 52.80 -29.08 -32.30
CA ILE B 161 53.92 -29.99 -32.15
C ILE B 161 53.99 -30.35 -30.68
N ASN B 162 53.50 -31.53 -30.34
CA ASN B 162 53.34 -31.96 -28.96
C ASN B 162 54.62 -32.63 -28.47
N ALA B 163 54.53 -33.30 -27.33
CA ALA B 163 55.67 -33.98 -26.75
C ALA B 163 55.30 -35.38 -26.30
N PHE B 164 56.23 -36.07 -25.62
CA PHE B 164 56.00 -37.45 -25.25
C PHE B 164 55.35 -37.62 -23.88
N ASN B 165 55.08 -36.53 -23.16
CA ASN B 165 54.49 -36.66 -21.83
C ASN B 165 53.03 -37.07 -21.92
N PHE B 166 52.23 -36.22 -22.57
CA PHE B 166 50.79 -36.39 -22.65
C PHE B 166 50.39 -36.49 -24.11
N PRO B 167 50.25 -37.71 -24.64
CA PRO B 167 49.71 -37.84 -26.01
C PRO B 167 48.23 -37.52 -26.07
N CYS B 168 47.46 -38.02 -25.12
CA CYS B 168 46.03 -37.76 -25.10
C CYS B 168 45.71 -36.36 -24.61
N TRP B 169 46.27 -35.96 -23.45
CA TRP B 169 45.96 -34.65 -22.90
C TRP B 169 46.58 -33.54 -23.74
N GLY B 170 47.88 -33.65 -24.04
CA GLY B 170 48.63 -32.60 -24.70
C GLY B 170 48.15 -32.28 -26.11
N MET B 171 47.46 -33.22 -26.75
CA MET B 171 46.81 -32.89 -28.02
C MET B 171 45.46 -32.24 -27.76
N LEU B 172 44.64 -32.84 -26.89
CA LEU B 172 43.30 -32.37 -26.60
C LEU B 172 43.25 -31.08 -25.80
N GLU B 173 44.35 -30.66 -25.16
CA GLU B 173 44.39 -29.34 -24.57
C GLU B 173 44.79 -28.26 -25.57
N LYS B 174 45.15 -28.65 -26.78
CA LYS B 174 45.42 -27.73 -27.88
C LYS B 174 44.40 -27.84 -28.99
N LEU B 175 43.60 -28.89 -29.00
CA LEU B 175 42.68 -29.20 -30.09
C LEU B 175 41.30 -28.59 -29.88
N ALA B 176 40.80 -28.60 -28.64
CA ALA B 176 39.54 -27.95 -28.33
C ALA B 176 39.59 -26.42 -28.42
N PRO B 177 40.65 -25.71 -28.01
CA PRO B 177 40.69 -24.28 -28.36
C PRO B 177 40.88 -24.01 -29.84
N THR B 178 41.49 -24.94 -30.57
CA THR B 178 41.66 -24.76 -32.00
C THR B 178 40.32 -24.92 -32.72
N TRP B 179 39.59 -25.98 -32.40
CA TRP B 179 38.31 -26.23 -33.03
C TRP B 179 37.24 -25.27 -32.56
N LEU B 180 37.28 -24.84 -31.30
CA LEU B 180 36.34 -23.83 -30.84
C LEU B 180 36.66 -22.47 -31.43
N GLY B 181 37.90 -22.24 -31.85
CA GLY B 181 38.27 -21.01 -32.50
C GLY B 181 38.35 -21.13 -34.01
N GLY B 182 37.61 -22.10 -34.56
CA GLY B 182 37.35 -22.17 -35.99
C GLY B 182 38.53 -22.42 -36.91
N MET B 183 39.43 -23.32 -36.54
CA MET B 183 40.58 -23.64 -37.37
C MET B 183 40.82 -25.14 -37.41
N PRO B 184 41.25 -25.69 -38.54
CA PRO B 184 41.69 -27.08 -38.58
C PRO B 184 43.10 -27.21 -38.02
N ALA B 185 43.36 -28.35 -37.39
CA ALA B 185 44.63 -28.60 -36.74
C ALA B 185 45.41 -29.67 -37.49
N ILE B 186 46.73 -29.58 -37.43
CA ILE B 186 47.64 -30.58 -37.98
C ILE B 186 48.56 -30.96 -36.82
N ILE B 187 48.22 -32.03 -36.12
CA ILE B 187 48.95 -32.40 -34.91
C ILE B 187 50.15 -33.24 -35.30
N LYS B 188 51.34 -32.78 -34.92
CA LYS B 188 52.56 -33.57 -35.04
C LYS B 188 52.91 -34.09 -33.66
N PRO B 189 52.64 -35.35 -33.35
CA PRO B 189 52.97 -35.88 -32.02
C PRO B 189 54.44 -36.26 -31.96
N ALA B 190 54.88 -36.58 -30.75
CA ALA B 190 56.22 -37.10 -30.57
C ALA B 190 56.32 -38.51 -31.13
N THR B 191 57.47 -38.84 -31.72
CA THR B 191 57.69 -40.17 -32.27
C THR B 191 58.05 -41.20 -31.22
N ALA B 192 57.98 -40.85 -29.93
CA ALA B 192 58.18 -41.82 -28.87
C ALA B 192 56.89 -42.48 -28.43
N THR B 193 55.77 -41.77 -28.50
CA THR B 193 54.47 -42.32 -28.10
C THR B 193 53.36 -41.84 -29.03
N ALA B 194 53.61 -41.90 -30.33
CA ALA B 194 52.59 -41.49 -31.31
C ALA B 194 51.42 -42.45 -31.43
N GLN B 195 51.51 -43.65 -30.82
CA GLN B 195 50.46 -44.65 -31.01
C GLN B 195 49.18 -44.28 -30.26
N LEU B 196 49.31 -43.69 -29.08
CA LEU B 196 48.13 -43.24 -28.36
C LEU B 196 47.50 -42.03 -29.04
N THR B 197 48.33 -41.17 -29.63
CA THR B 197 47.82 -40.03 -30.39
C THR B 197 47.06 -40.49 -31.63
N GLN B 198 47.57 -41.51 -32.33
CA GLN B 198 46.83 -42.03 -33.48
C GLN B 198 45.56 -42.77 -33.04
N ALA B 199 45.57 -43.39 -31.86
CA ALA B 199 44.32 -43.95 -31.32
C ALA B 199 43.27 -42.87 -31.08
N MET B 200 43.70 -41.72 -30.52
CA MET B 200 42.79 -40.60 -30.30
C MET B 200 42.27 -40.04 -31.62
N VAL B 201 43.18 -39.83 -32.59
CA VAL B 201 42.80 -39.25 -33.87
C VAL B 201 41.89 -40.18 -34.66
N LYS B 202 42.14 -41.49 -34.59
CA LYS B 202 41.30 -42.46 -35.27
C LYS B 202 39.92 -42.54 -34.63
N SER B 203 39.84 -42.43 -33.30
CA SER B 203 38.55 -42.41 -32.64
C SER B 203 37.79 -41.12 -32.93
N ILE B 204 38.49 -40.03 -33.19
CA ILE B 204 37.82 -38.79 -33.60
C ILE B 204 37.31 -38.91 -35.03
N VAL B 205 38.16 -39.38 -35.94
CA VAL B 205 37.82 -39.40 -37.37
C VAL B 205 36.71 -40.41 -37.66
N ASP B 206 36.81 -41.61 -37.09
CA ASP B 206 35.81 -42.63 -37.37
C ASP B 206 34.55 -42.46 -36.52
N SER B 207 33.97 -41.27 -36.50
CA SER B 207 32.69 -41.02 -35.85
C SER B 207 31.76 -40.13 -36.66
N GLY B 208 32.24 -39.43 -37.68
CA GLY B 208 31.41 -38.52 -38.45
C GLY B 208 31.02 -37.25 -37.74
N LEU B 209 31.63 -36.95 -36.59
CA LEU B 209 31.27 -35.77 -35.81
C LEU B 209 32.00 -34.53 -36.27
N VAL B 210 33.27 -34.64 -36.61
CA VAL B 210 34.05 -33.51 -37.08
C VAL B 210 34.00 -33.49 -38.61
N PRO B 211 34.13 -32.33 -39.25
CA PRO B 211 34.21 -32.31 -40.72
C PRO B 211 35.52 -32.90 -41.22
N GLU B 212 35.53 -33.22 -42.51
CA GLU B 212 36.75 -33.73 -43.11
C GLU B 212 37.77 -32.61 -43.27
N GLY B 213 39.04 -32.94 -43.04
CA GLY B 213 40.09 -31.95 -43.08
C GLY B 213 40.22 -31.09 -41.84
N ALA B 214 39.34 -31.26 -40.86
CA ALA B 214 39.41 -30.49 -39.62
C ALA B 214 40.46 -31.00 -38.66
N ILE B 215 41.10 -32.12 -38.95
CA ILE B 215 42.20 -32.64 -38.14
C ILE B 215 43.13 -33.43 -39.06
N SER B 216 44.42 -33.34 -38.80
CA SER B 216 45.43 -34.11 -39.50
C SER B 216 46.40 -34.68 -38.48
N LEU B 217 47.32 -35.52 -38.95
CA LEU B 217 48.22 -36.22 -38.04
C LEU B 217 49.44 -36.67 -38.82
N ILE B 218 50.62 -36.28 -38.37
CA ILE B 218 51.88 -36.73 -38.96
C ILE B 218 52.68 -37.45 -37.89
N CYS B 219 52.51 -38.76 -37.83
CA CYS B 219 53.34 -39.61 -36.96
C CYS B 219 54.69 -39.75 -37.63
N GLY B 220 55.62 -38.86 -37.28
CA GLY B 220 56.91 -38.82 -37.92
C GLY B 220 57.42 -37.40 -38.06
N SER B 221 58.59 -37.24 -38.67
CA SER B 221 59.17 -35.91 -38.82
C SER B 221 58.42 -35.11 -39.88
N ALA B 222 58.11 -33.85 -39.56
CA ALA B 222 57.40 -32.99 -40.50
C ALA B 222 58.29 -32.61 -41.67
N GLY B 223 59.39 -31.92 -41.38
CA GLY B 223 60.39 -31.62 -42.40
C GLY B 223 60.02 -30.51 -43.36
N ASP B 224 58.91 -30.68 -44.10
CA ASP B 224 58.54 -29.78 -45.17
C ASP B 224 57.28 -28.99 -44.84
N LEU B 225 56.75 -29.13 -43.62
CA LEU B 225 55.51 -28.45 -43.27
C LEU B 225 55.75 -27.01 -42.85
N LEU B 226 56.76 -26.77 -42.01
CA LEU B 226 57.02 -25.43 -41.51
C LEU B 226 57.56 -24.50 -42.58
N ASP B 227 58.10 -25.04 -43.67
CA ASP B 227 58.56 -24.23 -44.79
C ASP B 227 57.43 -23.82 -45.73
N HIS B 228 56.21 -24.31 -45.52
CA HIS B 228 55.09 -24.08 -46.42
C HIS B 228 53.88 -23.48 -45.69
N LEU B 229 54.11 -22.54 -44.77
CA LEU B 229 53.03 -22.01 -43.95
C LEU B 229 52.68 -20.59 -44.36
N ASP B 230 51.38 -20.33 -44.49
CA ASP B 230 50.84 -19.01 -44.80
C ASP B 230 50.84 -18.15 -43.53
N SER B 231 50.60 -16.85 -43.70
CA SER B 231 50.63 -15.91 -42.58
C SER B 231 49.44 -16.05 -41.64
N GLN B 232 48.37 -16.73 -42.07
CA GLN B 232 47.22 -16.97 -41.22
C GLN B 232 47.37 -18.24 -40.37
N ASP B 233 48.51 -18.91 -40.47
CA ASP B 233 48.75 -20.13 -39.71
C ASP B 233 49.29 -19.79 -38.33
N VAL B 234 48.99 -20.65 -37.37
CA VAL B 234 49.59 -20.56 -36.04
C VAL B 234 50.34 -21.85 -35.77
N VAL B 235 51.41 -21.75 -34.99
CA VAL B 235 52.23 -22.91 -34.62
C VAL B 235 52.35 -22.92 -33.11
N THR B 236 52.04 -24.06 -32.50
CA THR B 236 52.16 -24.24 -31.06
C THR B 236 53.15 -25.35 -30.79
N PHE B 237 54.15 -25.07 -29.97
CA PHE B 237 55.21 -26.02 -29.66
C PHE B 237 55.15 -26.39 -28.19
N THR B 238 55.53 -27.65 -27.90
CA THR B 238 55.67 -28.11 -26.52
C THR B 238 56.76 -29.16 -26.50
N GLY B 239 57.87 -28.86 -25.85
CA GLY B 239 58.99 -29.78 -25.79
C GLY B 239 60.19 -29.21 -25.10
N SER B 240 61.38 -29.54 -25.61
CA SER B 240 62.61 -28.99 -25.05
C SER B 240 62.76 -27.52 -25.43
N ALA B 241 63.61 -26.83 -24.68
CA ALA B 241 63.90 -25.45 -25.02
C ALA B 241 64.80 -25.36 -26.25
N ALA B 242 65.75 -26.29 -26.37
CA ALA B 242 66.76 -26.19 -27.43
C ALA B 242 66.17 -26.46 -28.81
N THR B 243 65.10 -27.26 -28.89
CA THR B 243 64.45 -27.48 -30.17
C THR B 243 63.55 -26.30 -30.53
N GLY B 244 62.75 -25.84 -29.57
CA GLY B 244 61.84 -24.73 -29.80
C GLY B 244 62.53 -23.42 -30.05
N GLN B 245 63.77 -23.26 -29.60
CA GLN B 245 64.56 -22.10 -29.97
C GLN B 245 65.21 -22.25 -31.35
N MET B 246 65.21 -23.45 -31.92
CA MET B 246 65.58 -23.62 -33.32
C MET B 246 64.37 -23.49 -34.24
N LEU B 247 63.18 -23.78 -33.75
CA LEU B 247 61.97 -23.59 -34.54
C LEU B 247 61.49 -22.14 -34.54
N ARG B 248 61.90 -21.33 -33.57
CA ARG B 248 61.52 -19.93 -33.59
C ARG B 248 62.33 -19.14 -34.60
N VAL B 249 63.58 -19.55 -34.85
CA VAL B 249 64.44 -18.87 -35.81
C VAL B 249 64.31 -19.50 -37.19
N GLN B 250 63.29 -20.34 -37.36
CA GLN B 250 63.02 -20.95 -38.66
C GLN B 250 62.55 -19.85 -39.61
N PRO B 251 63.09 -19.78 -40.83
CA PRO B 251 62.95 -18.54 -41.63
C PRO B 251 61.55 -18.26 -42.13
N ASN B 252 60.70 -19.27 -42.32
CA ASN B 252 59.34 -18.99 -42.75
C ASN B 252 58.49 -18.43 -41.63
N ILE B 253 58.71 -18.90 -40.40
CA ILE B 253 57.94 -18.43 -39.25
C ILE B 253 58.25 -16.97 -38.94
N VAL B 254 59.49 -16.53 -39.18
CA VAL B 254 59.80 -15.11 -39.02
C VAL B 254 59.55 -14.32 -40.29
N ALA B 255 59.47 -14.96 -41.46
CA ALA B 255 59.25 -14.22 -42.69
C ALA B 255 57.78 -13.89 -42.87
N LYS B 256 56.90 -14.86 -42.65
CA LYS B 256 55.47 -14.61 -42.73
C LYS B 256 54.89 -14.05 -41.44
N SER B 257 55.70 -14.00 -40.38
CA SER B 257 55.34 -13.47 -39.06
C SER B 257 54.11 -14.18 -38.49
N ILE B 258 54.24 -15.50 -38.36
CA ILE B 258 53.14 -16.33 -37.87
C ILE B 258 53.34 -16.49 -36.36
N PRO B 259 52.26 -16.65 -35.58
CA PRO B 259 52.42 -16.77 -34.13
C PRO B 259 53.01 -18.11 -33.74
N PHE B 260 54.10 -18.07 -32.98
CA PHE B 260 54.79 -19.27 -32.51
C PHE B 260 54.68 -19.30 -30.99
N THR B 261 53.81 -20.17 -30.48
CA THR B 261 53.62 -20.33 -29.05
C THR B 261 54.44 -21.51 -28.55
N MET B 262 55.40 -21.24 -27.67
CA MET B 262 56.33 -22.25 -27.20
C MET B 262 56.11 -22.51 -25.72
N GLU B 263 56.08 -23.79 -25.35
CA GLU B 263 56.09 -24.22 -23.96
C GLU B 263 57.29 -25.13 -23.76
N ALA B 264 58.24 -24.70 -22.95
CA ALA B 264 59.42 -25.49 -22.65
C ALA B 264 59.36 -25.99 -21.21
N ASP B 265 60.42 -26.64 -20.78
CA ASP B 265 60.51 -27.16 -19.42
C ASP B 265 61.21 -26.17 -18.51
N SER B 266 60.91 -26.26 -17.21
CA SER B 266 61.38 -25.28 -16.26
C SER B 266 61.70 -25.97 -14.95
N LEU B 267 62.15 -25.17 -13.98
CA LEU B 267 62.51 -25.62 -12.64
C LEU B 267 61.45 -25.10 -11.68
N ASN B 268 60.41 -25.90 -11.48
CA ASN B 268 59.28 -25.50 -10.68
C ASN B 268 59.63 -25.57 -9.20
N CYS B 269 59.37 -24.50 -8.48
CA CYS B 269 59.73 -24.44 -7.08
C CYS B 269 58.60 -24.95 -6.20
N CYS B 270 58.92 -25.21 -4.92
CA CYS B 270 57.91 -25.52 -3.91
C CYS B 270 58.45 -24.98 -2.59
N VAL B 271 58.08 -23.74 -2.27
CA VAL B 271 58.67 -23.01 -1.15
C VAL B 271 57.91 -23.35 0.11
N LEU B 272 58.64 -23.70 1.17
CA LEU B 272 58.07 -23.88 2.49
C LEU B 272 58.32 -22.63 3.32
N GLY B 273 57.30 -22.19 4.05
CA GLY B 273 57.39 -20.97 4.81
C GLY B 273 58.00 -21.15 6.19
N GLU B 274 58.35 -20.01 6.81
CA GLU B 274 58.91 -20.04 8.16
C GLU B 274 57.86 -20.39 9.20
N ASP B 275 56.60 -20.07 8.92
CA ASP B 275 55.52 -20.31 9.89
C ASP B 275 55.21 -21.79 10.06
N VAL B 276 55.57 -22.62 9.08
CA VAL B 276 55.28 -24.05 9.16
C VAL B 276 56.31 -24.72 10.06
N THR B 277 55.82 -25.44 11.06
CA THR B 277 56.60 -26.22 12.00
C THR B 277 56.21 -27.70 11.83
N PRO B 278 57.09 -28.64 12.19
CA PRO B 278 56.79 -30.07 11.94
C PRO B 278 55.64 -30.64 12.77
N ASP B 279 55.12 -29.92 13.76
CA ASP B 279 53.95 -30.41 14.49
C ASP B 279 52.64 -30.11 13.79
N GLN B 280 52.64 -29.18 12.84
CA GLN B 280 51.48 -28.74 12.06
C GLN B 280 51.17 -29.73 10.95
N PRO B 281 49.90 -29.81 10.51
CA PRO B 281 49.58 -30.62 9.33
C PRO B 281 50.12 -30.04 8.03
N GLU B 282 50.55 -28.77 8.04
CA GLU B 282 51.13 -28.14 6.85
C GLU B 282 52.39 -28.86 6.40
N PHE B 283 53.20 -29.31 7.36
CA PHE B 283 54.40 -30.08 7.06
C PHE B 283 54.05 -31.42 6.39
N ALA B 284 53.01 -32.08 6.90
CA ALA B 284 52.61 -33.37 6.36
C ALA B 284 52.06 -33.24 4.95
N LEU B 285 51.21 -32.25 4.70
CA LEU B 285 50.71 -32.06 3.34
C LEU B 285 51.77 -31.52 2.40
N PHE B 286 52.78 -30.81 2.92
CA PHE B 286 53.94 -30.41 2.12
C PHE B 286 54.71 -31.62 1.62
N ILE B 287 55.04 -32.54 2.53
CA ILE B 287 55.79 -33.74 2.16
C ILE B 287 54.96 -34.62 1.22
N ARG B 288 53.66 -34.75 1.50
CA ARG B 288 52.77 -35.53 0.64
C ARG B 288 52.66 -34.93 -0.76
N GLU B 289 52.58 -33.60 -0.85
CA GLU B 289 52.45 -32.94 -2.14
C GLU B 289 53.74 -33.05 -2.95
N VAL B 290 54.89 -32.89 -2.31
CA VAL B 290 56.18 -33.01 -3.01
C VAL B 290 56.38 -34.43 -3.52
N VAL B 291 56.07 -35.43 -2.68
CA VAL B 291 56.29 -36.82 -3.08
C VAL B 291 55.30 -37.25 -4.17
N ARG B 292 54.01 -36.89 -4.02
CA ARG B 292 53.02 -37.25 -5.02
C ARG B 292 53.29 -36.55 -6.35
N GLU B 293 53.74 -35.29 -6.30
CA GLU B 293 54.07 -34.55 -7.52
C GLU B 293 55.29 -35.13 -8.21
N MET B 294 56.30 -35.52 -7.45
CA MET B 294 57.53 -36.01 -8.05
C MET B 294 57.40 -37.46 -8.52
N THR B 295 56.47 -38.22 -7.95
CA THR B 295 56.29 -39.60 -8.35
C THR B 295 55.14 -39.82 -9.32
N THR B 296 54.28 -38.83 -9.54
CA THR B 296 53.22 -38.97 -10.52
C THR B 296 53.79 -38.85 -11.93
N LYS B 297 53.45 -39.83 -12.78
CA LYS B 297 53.89 -39.93 -14.19
C LYS B 297 55.42 -40.00 -14.27
N ALA B 298 56.01 -40.66 -13.26
CA ALA B 298 57.47 -40.85 -13.11
C ALA B 298 58.24 -39.54 -13.12
N GLY B 299 57.62 -38.46 -12.64
CA GLY B 299 58.24 -37.15 -12.69
C GLY B 299 58.39 -36.55 -14.07
N GLN B 300 57.71 -37.10 -15.08
CA GLN B 300 57.84 -36.63 -16.45
C GLN B 300 56.82 -35.57 -16.83
N LYS B 301 55.95 -35.14 -15.92
CA LYS B 301 55.07 -34.05 -16.30
C LYS B 301 55.83 -32.73 -16.21
N CYS B 302 55.46 -31.80 -17.10
CA CYS B 302 56.16 -30.54 -17.24
C CYS B 302 55.99 -29.62 -16.03
N THR B 303 54.95 -29.83 -15.23
CA THR B 303 54.70 -29.04 -14.04
C THR B 303 55.12 -29.75 -12.75
N ALA B 304 56.20 -30.52 -12.80
CA ALA B 304 56.65 -31.28 -11.64
C ALA B 304 57.59 -30.44 -10.78
N ILE B 305 57.53 -30.68 -9.47
CA ILE B 305 58.35 -29.94 -8.52
C ILE B 305 59.80 -30.40 -8.62
N ARG B 306 60.70 -29.47 -8.93
CA ARG B 306 62.11 -29.79 -9.10
C ARG B 306 63.05 -28.97 -8.24
N ARG B 307 62.53 -28.03 -7.43
CA ARG B 307 63.34 -27.27 -6.49
C ARG B 307 62.54 -27.11 -5.20
N ILE B 308 62.89 -27.87 -4.17
CA ILE B 308 62.24 -27.75 -2.87
C ILE B 308 63.04 -26.76 -2.04
N ILE B 309 62.45 -25.60 -1.76
CA ILE B 309 63.08 -24.57 -0.94
C ILE B 309 62.51 -24.64 0.46
N VAL B 310 63.37 -24.88 1.44
CA VAL B 310 62.95 -25.07 2.82
C VAL B 310 63.64 -24.01 3.68
N PRO B 311 63.13 -23.76 4.88
CA PRO B 311 63.90 -22.97 5.84
C PRO B 311 65.18 -23.68 6.27
N GLN B 312 66.12 -22.90 6.79
CA GLN B 312 67.43 -23.44 7.16
C GLN B 312 67.32 -24.36 8.37
N ALA B 313 66.43 -24.05 9.30
CA ALA B 313 66.25 -24.86 10.51
C ALA B 313 65.33 -26.05 10.29
N LEU B 314 64.84 -26.28 9.08
CA LEU B 314 63.95 -27.39 8.79
C LEU B 314 64.48 -28.29 7.67
N VAL B 315 65.78 -28.22 7.38
CA VAL B 315 66.34 -29.05 6.33
C VAL B 315 66.36 -30.52 6.75
N ASN B 316 66.71 -30.79 8.00
CA ASN B 316 66.81 -32.17 8.48
C ASN B 316 65.44 -32.82 8.60
N ALA B 317 64.44 -32.07 9.05
CA ALA B 317 63.09 -32.63 9.21
C ALA B 317 62.45 -32.94 7.86
N VAL B 318 62.56 -31.99 6.91
CA VAL B 318 62.04 -32.21 5.55
C VAL B 318 62.80 -33.35 4.88
N SER B 319 64.12 -33.41 5.07
CA SER B 319 64.92 -34.47 4.44
C SER B 319 64.58 -35.84 4.99
N ASP B 320 64.43 -35.96 6.32
CA ASP B 320 64.06 -37.23 6.93
C ASP B 320 62.64 -37.65 6.54
N ALA B 321 61.73 -36.67 6.43
CA ALA B 321 60.36 -37.01 6.03
C ALA B 321 60.30 -37.46 4.57
N LEU B 322 61.07 -36.81 3.70
CA LEU B 322 61.10 -37.22 2.31
C LEU B 322 61.80 -38.56 2.12
N VAL B 323 62.82 -38.86 2.93
CA VAL B 323 63.42 -40.19 2.88
C VAL B 323 62.44 -41.25 3.37
N ALA B 324 61.74 -40.98 4.49
CA ALA B 324 60.79 -41.95 5.03
C ALA B 324 59.54 -42.10 4.19
N ARG B 325 59.22 -41.13 3.32
CA ARG B 325 58.06 -41.27 2.46
C ARG B 325 58.41 -41.83 1.09
N LEU B 326 59.58 -41.48 0.55
CA LEU B 326 59.95 -41.92 -0.79
C LEU B 326 60.45 -43.36 -0.86
N GLN B 327 60.92 -43.93 0.25
CA GLN B 327 61.37 -45.31 0.21
C GLN B 327 60.22 -46.31 0.14
N LYS B 328 58.99 -45.87 0.36
CA LYS B 328 57.82 -46.70 0.15
C LYS B 328 57.40 -46.74 -1.32
N VAL B 329 57.97 -45.89 -2.16
CA VAL B 329 57.61 -45.84 -3.57
C VAL B 329 58.33 -46.96 -4.31
N VAL B 330 57.58 -47.79 -5.02
CA VAL B 330 58.11 -48.98 -5.68
C VAL B 330 58.18 -48.71 -7.17
N VAL B 331 59.36 -48.91 -7.75
CA VAL B 331 59.58 -48.76 -9.19
C VAL B 331 59.50 -50.14 -9.82
N GLY B 332 58.63 -50.30 -10.80
CA GLY B 332 58.50 -51.59 -11.46
C GLY B 332 57.43 -51.57 -12.53
N ASP B 333 56.96 -52.77 -12.85
CA ASP B 333 55.88 -52.91 -13.83
C ASP B 333 54.58 -52.36 -13.25
N PRO B 334 53.81 -51.58 -14.02
CA PRO B 334 52.59 -51.00 -13.45
C PRO B 334 51.46 -51.99 -13.30
N ALA B 335 51.43 -53.07 -14.09
CA ALA B 335 50.31 -53.99 -14.05
C ALA B 335 50.33 -54.88 -12.81
N GLN B 336 51.52 -55.20 -12.31
CA GLN B 336 51.60 -56.00 -11.10
C GLN B 336 51.30 -55.13 -9.87
N GLU B 337 50.88 -55.80 -8.80
CA GLU B 337 50.41 -55.10 -7.61
C GLU B 337 51.59 -54.59 -6.78
N GLY B 338 51.30 -53.56 -5.98
CA GLY B 338 52.30 -53.01 -5.08
C GLY B 338 53.33 -52.12 -5.73
N VAL B 339 53.04 -51.56 -6.89
CA VAL B 339 53.97 -50.71 -7.63
C VAL B 339 53.30 -49.35 -7.85
N LYS B 340 53.86 -48.31 -7.25
CA LYS B 340 53.30 -46.96 -7.35
C LYS B 340 53.84 -46.20 -8.55
N MET B 341 55.16 -45.99 -8.59
CA MET B 341 55.78 -45.33 -9.73
C MET B 341 55.96 -46.31 -10.88
N GLY B 342 55.59 -45.88 -12.08
CA GLY B 342 55.87 -46.66 -13.27
C GLY B 342 57.29 -46.46 -13.76
N ALA B 343 57.46 -46.38 -15.07
CA ALA B 343 58.80 -46.23 -15.63
C ALA B 343 58.88 -45.01 -16.53
N LEU B 344 60.02 -44.81 -17.19
CA LEU B 344 60.16 -43.76 -18.18
C LEU B 344 59.63 -44.27 -19.51
N VAL B 345 59.89 -43.55 -20.59
CA VAL B 345 59.37 -43.93 -21.90
C VAL B 345 60.44 -44.54 -22.81
N ASN B 346 61.71 -44.17 -22.67
CA ASN B 346 62.75 -44.66 -23.54
C ASN B 346 64.04 -44.81 -22.76
N ALA B 347 64.93 -45.66 -23.28
CA ALA B 347 66.27 -45.76 -22.71
C ALA B 347 67.09 -44.50 -22.97
N GLU B 348 66.78 -43.79 -24.06
CA GLU B 348 67.39 -42.50 -24.31
C GLU B 348 66.98 -41.48 -23.25
N GLN B 349 65.73 -41.57 -22.78
CA GLN B 349 65.30 -40.71 -21.68
C GLN B 349 65.99 -41.06 -20.37
N ARG B 350 66.23 -42.36 -20.14
CA ARG B 350 67.00 -42.76 -18.97
C ARG B 350 68.43 -42.24 -19.02
N ALA B 351 69.07 -42.32 -20.19
CA ALA B 351 70.41 -41.78 -20.36
C ALA B 351 70.43 -40.27 -20.19
N ASP B 352 69.40 -39.59 -20.69
CA ASP B 352 69.34 -38.13 -20.54
C ASP B 352 69.12 -37.71 -19.10
N VAL B 353 68.26 -38.42 -18.36
CA VAL B 353 68.04 -38.11 -16.95
C VAL B 353 69.31 -38.36 -16.14
N GLN B 354 70.01 -39.46 -16.42
CA GLN B 354 71.24 -39.74 -15.67
C GLN B 354 72.35 -38.75 -16.02
N GLU B 355 72.43 -38.30 -17.28
CA GLU B 355 73.46 -37.32 -17.60
C GLU B 355 73.09 -35.91 -17.18
N LYS B 356 71.82 -35.65 -16.84
CA LYS B 356 71.52 -34.39 -16.14
C LYS B 356 71.78 -34.51 -14.64
N VAL B 357 71.57 -35.70 -14.07
CA VAL B 357 71.89 -35.94 -12.66
C VAL B 357 73.40 -35.81 -12.42
N ASN B 358 74.20 -36.26 -13.38
CA ASN B 358 75.66 -36.12 -13.25
C ASN B 358 76.09 -34.66 -13.29
N ILE B 359 75.42 -33.83 -14.09
CA ILE B 359 75.70 -32.40 -14.10
C ILE B 359 75.28 -31.75 -12.79
N LEU B 360 74.14 -32.18 -12.23
CA LEU B 360 73.73 -31.68 -10.93
C LEU B 360 74.64 -32.16 -9.80
N LEU B 361 75.24 -33.34 -9.95
CA LEU B 361 76.23 -33.85 -9.01
C LEU B 361 77.62 -33.27 -9.21
N ALA B 362 77.84 -32.54 -10.30
CA ALA B 362 79.11 -31.84 -10.45
C ALA B 362 79.28 -30.70 -9.46
N ALA B 363 78.18 -30.20 -8.86
CA ALA B 363 78.27 -29.16 -7.85
C ALA B 363 77.30 -29.34 -6.69
N GLY B 364 76.56 -30.46 -6.63
CA GLY B 364 75.56 -30.64 -5.60
C GLY B 364 75.94 -31.61 -4.50
N CYS B 365 74.98 -32.37 -4.02
CA CYS B 365 75.19 -33.35 -2.94
C CYS B 365 74.23 -34.51 -3.18
N GLU B 366 74.01 -35.33 -2.15
CA GLU B 366 73.18 -36.51 -2.31
C GLU B 366 72.52 -36.87 -0.99
N ILE B 367 71.24 -37.23 -1.05
CA ILE B 367 70.49 -37.65 0.13
C ILE B 367 70.00 -39.09 -0.04
N ARG B 368 69.68 -39.48 -1.28
CA ARG B 368 69.13 -40.81 -1.50
C ARG B 368 69.86 -41.58 -2.59
N LEU B 369 69.26 -42.68 -3.04
CA LEU B 369 69.73 -43.38 -4.22
C LEU B 369 69.45 -42.52 -5.44
N GLY B 370 70.51 -42.04 -6.08
CA GLY B 370 70.36 -41.09 -7.16
C GLY B 370 70.72 -41.62 -8.54
N GLY B 371 71.92 -41.28 -9.00
CA GLY B 371 72.39 -41.62 -10.33
C GLY B 371 72.64 -43.10 -10.58
N GLN B 372 72.52 -43.95 -9.57
CA GLN B 372 72.63 -45.39 -9.75
C GLN B 372 71.41 -45.88 -10.51
N ALA B 373 71.59 -46.15 -11.81
CA ALA B 373 70.53 -46.67 -12.65
C ALA B 373 71.13 -47.65 -13.65
N ASP B 374 70.60 -48.86 -13.68
CA ASP B 374 71.14 -49.91 -14.54
C ASP B 374 70.82 -49.59 -16.00
N LEU B 375 71.83 -49.19 -16.77
CA LEU B 375 71.65 -48.79 -18.15
C LEU B 375 71.49 -49.97 -19.11
N SER B 376 71.58 -51.20 -18.62
CA SER B 376 71.36 -52.38 -19.45
C SER B 376 70.08 -53.12 -19.06
N ALA B 377 69.23 -52.51 -18.24
CA ALA B 377 68.01 -53.16 -17.80
C ALA B 377 66.97 -53.18 -18.92
N ALA B 378 66.22 -54.28 -19.00
CA ALA B 378 65.13 -54.40 -19.96
C ALA B 378 63.96 -53.55 -19.47
N GLY B 379 64.00 -52.27 -19.81
CA GLY B 379 63.00 -51.33 -19.34
C GLY B 379 63.62 -50.01 -18.92
N ALA B 380 62.89 -48.92 -19.15
CA ALA B 380 63.40 -47.57 -18.86
C ALA B 380 63.04 -47.19 -17.43
N PHE B 381 63.73 -47.82 -16.49
CA PHE B 381 63.49 -47.58 -15.07
C PHE B 381 64.45 -46.53 -14.55
N PHE B 382 64.01 -45.81 -13.52
CA PHE B 382 64.88 -44.85 -12.87
C PHE B 382 64.40 -44.66 -11.44
N PRO B 383 65.28 -44.75 -10.45
CA PRO B 383 64.83 -44.66 -9.06
C PRO B 383 64.52 -43.23 -8.67
N PRO B 384 63.63 -43.03 -7.69
CA PRO B 384 63.30 -41.67 -7.26
C PRO B 384 64.47 -41.02 -6.53
N THR B 385 64.85 -39.83 -6.98
CA THR B 385 66.08 -39.18 -6.57
C THR B 385 65.76 -37.87 -5.84
N LEU B 386 66.33 -37.70 -4.66
CA LEU B 386 66.25 -36.45 -3.91
C LEU B 386 67.67 -35.92 -3.71
N LEU B 387 68.01 -34.83 -4.38
CA LEU B 387 69.34 -34.27 -4.29
C LEU B 387 69.43 -33.29 -3.13
N TYR B 388 70.53 -32.54 -3.07
CA TYR B 388 70.74 -31.54 -2.04
C TYR B 388 71.75 -30.52 -2.55
N CYS B 389 71.58 -29.28 -2.13
CA CYS B 389 72.51 -28.23 -2.48
C CYS B 389 72.79 -27.35 -1.26
N PRO B 390 73.97 -27.47 -0.63
CA PRO B 390 74.23 -26.70 0.58
C PRO B 390 74.47 -25.22 0.33
N GLN B 391 74.93 -24.85 -0.88
CA GLN B 391 75.15 -23.46 -1.26
C GLN B 391 74.21 -23.15 -2.42
N PRO B 392 72.96 -22.77 -2.14
CA PRO B 392 71.98 -22.64 -3.23
C PRO B 392 72.18 -21.41 -4.10
N ASP B 393 72.65 -20.29 -3.54
CA ASP B 393 72.84 -19.10 -4.35
C ASP B 393 74.19 -19.10 -5.07
N GLU B 394 75.17 -19.81 -4.52
CA GLU B 394 76.52 -19.86 -5.09
C GLU B 394 76.68 -20.99 -6.11
N THR B 395 75.59 -21.64 -6.50
CA THR B 395 75.64 -22.75 -7.46
C THR B 395 74.69 -22.45 -8.61
N PRO B 396 75.19 -22.00 -9.76
CA PRO B 396 74.30 -21.71 -10.89
C PRO B 396 73.88 -22.93 -11.68
N ALA B 397 74.41 -24.12 -11.37
CA ALA B 397 73.98 -25.32 -12.07
C ALA B 397 72.65 -25.85 -11.56
N VAL B 398 72.29 -25.54 -10.30
CA VAL B 398 71.00 -25.95 -9.77
C VAL B 398 69.87 -25.16 -10.41
N HIS B 399 70.06 -23.85 -10.57
CA HIS B 399 69.04 -22.99 -11.13
C HIS B 399 69.05 -22.93 -12.65
N ALA B 400 69.79 -23.82 -13.32
CA ALA B 400 69.80 -23.84 -14.77
C ALA B 400 69.66 -25.22 -15.39
N THR B 401 70.02 -26.29 -14.70
CA THR B 401 70.03 -27.64 -15.28
C THR B 401 68.89 -28.45 -14.68
N GLU B 402 67.88 -28.71 -15.49
CA GLU B 402 66.78 -29.56 -15.07
C GLU B 402 67.10 -31.03 -15.32
N ALA B 403 66.54 -31.89 -14.48
CA ALA B 403 66.61 -33.34 -14.68
C ALA B 403 65.18 -33.82 -14.86
N PHE B 404 64.88 -34.32 -16.05
CA PHE B 404 63.49 -34.54 -16.45
C PHE B 404 63.01 -35.94 -16.06
N GLY B 405 62.99 -36.16 -14.76
CA GLY B 405 62.55 -37.43 -14.22
C GLY B 405 62.05 -37.30 -12.80
N PRO B 406 62.33 -38.30 -11.97
CA PRO B 406 61.92 -38.23 -10.55
C PRO B 406 62.88 -37.44 -9.68
N VAL B 407 63.71 -36.60 -10.28
CA VAL B 407 64.81 -35.93 -9.59
C VAL B 407 64.37 -34.54 -9.17
N ALA B 408 64.67 -34.17 -7.93
CA ALA B 408 64.44 -32.81 -7.46
C ALA B 408 65.43 -32.49 -6.37
N THR B 409 66.06 -31.33 -6.47
CA THR B 409 67.04 -30.91 -5.48
C THR B 409 66.33 -30.34 -4.25
N LEU B 410 67.10 -30.17 -3.18
CA LEU B 410 66.63 -29.58 -1.94
C LEU B 410 67.66 -28.55 -1.50
N MET B 411 67.18 -27.41 -1.00
CA MET B 411 68.10 -26.33 -0.67
C MET B 411 67.50 -25.40 0.36
N PRO B 412 68.29 -24.87 1.29
CA PRO B 412 67.73 -24.05 2.37
C PRO B 412 67.57 -22.60 1.96
N ALA B 413 66.86 -21.86 2.81
CA ALA B 413 66.60 -20.43 2.61
C ALA B 413 66.86 -19.69 3.92
N GLN B 414 66.67 -18.37 3.89
CA GLN B 414 66.90 -17.51 5.06
C GLN B 414 65.72 -16.56 5.27
N ASN B 415 64.69 -17.05 5.97
CA ASN B 415 63.64 -16.26 6.60
C ASN B 415 62.80 -15.48 5.58
N GLN B 416 62.28 -16.21 4.59
CA GLN B 416 61.25 -15.77 3.62
C GLN B 416 61.63 -14.53 2.82
N ARG B 417 62.91 -14.19 2.73
CA ARG B 417 63.39 -13.21 1.77
C ARG B 417 64.48 -13.76 0.89
N HIS B 418 65.21 -14.78 1.35
CA HIS B 418 66.07 -15.55 0.46
C HIS B 418 65.27 -16.59 -0.31
N ALA B 419 64.16 -17.07 0.26
CA ALA B 419 63.31 -18.02 -0.42
C ALA B 419 62.63 -17.40 -1.65
N LEU B 420 62.30 -16.12 -1.58
CA LEU B 420 61.74 -15.42 -2.74
C LEU B 420 62.77 -15.31 -3.85
N GLN B 421 64.02 -15.01 -3.51
CA GLN B 421 65.07 -14.92 -4.50
C GLN B 421 65.40 -16.29 -5.08
N LEU B 422 65.31 -17.35 -4.28
CA LEU B 422 65.55 -18.69 -4.81
C LEU B 422 64.39 -19.19 -5.66
N ALA B 423 63.17 -18.74 -5.38
CA ALA B 423 62.05 -19.07 -6.25
C ALA B 423 62.09 -18.28 -7.56
N CYS B 424 62.60 -17.05 -7.53
CA CYS B 424 62.71 -16.25 -8.74
C CYS B 424 63.99 -16.52 -9.51
N ALA B 425 64.97 -17.20 -8.93
CA ALA B 425 66.24 -17.45 -9.60
C ALA B 425 66.18 -18.56 -10.63
N GLY B 426 65.03 -19.19 -10.83
CA GLY B 426 64.90 -20.21 -11.86
C GLY B 426 64.87 -19.68 -13.27
N GLY B 427 64.77 -18.37 -13.45
CA GLY B 427 64.71 -17.79 -14.78
C GLY B 427 63.38 -17.98 -15.45
N GLY B 428 62.29 -17.85 -14.71
CA GLY B 428 60.98 -18.16 -15.24
C GLY B 428 60.64 -19.62 -15.03
N SER B 429 59.48 -19.90 -14.45
CA SER B 429 59.09 -21.25 -14.12
C SER B 429 57.67 -21.49 -14.60
N LEU B 430 57.34 -22.77 -14.82
CA LEU B 430 56.04 -23.11 -15.37
C LEU B 430 54.98 -23.16 -14.27
N ALA B 431 55.39 -23.50 -13.05
CA ALA B 431 54.48 -23.56 -11.92
C ALA B 431 55.30 -23.42 -10.63
N GLY B 432 54.59 -23.21 -9.53
CA GLY B 432 55.22 -23.05 -8.23
C GLY B 432 54.26 -23.40 -7.12
N THR B 433 54.77 -23.37 -5.88
CA THR B 433 53.97 -23.70 -4.71
C THR B 433 54.55 -23.00 -3.48
N LEU B 434 53.70 -22.33 -2.72
CA LEU B 434 54.00 -21.93 -1.35
C LEU B 434 53.11 -22.72 -0.41
N VAL B 435 53.70 -23.27 0.64
CA VAL B 435 52.95 -24.01 1.66
C VAL B 435 53.11 -23.24 2.97
N THR B 436 52.10 -22.43 3.31
CA THR B 436 52.07 -21.67 4.55
C THR B 436 50.67 -21.72 5.14
N ALA B 437 50.48 -20.98 6.23
CA ALA B 437 49.17 -20.70 6.80
C ALA B 437 48.94 -19.22 7.04
N ASP B 438 50.00 -18.46 7.31
CA ASP B 438 49.89 -17.00 7.46
C ASP B 438 49.63 -16.39 6.10
N PRO B 439 48.53 -15.65 5.91
CA PRO B 439 48.24 -15.12 4.57
C PRO B 439 49.10 -13.95 4.15
N GLN B 440 49.73 -13.24 5.08
CA GLN B 440 50.64 -12.17 4.69
C GLN B 440 51.91 -12.70 4.05
N ILE B 441 52.34 -13.91 4.44
CA ILE B 441 53.45 -14.57 3.76
C ILE B 441 53.07 -14.89 2.32
N ALA B 442 51.83 -15.32 2.10
CA ALA B 442 51.34 -15.56 0.74
C ALA B 442 51.24 -14.27 -0.06
N ARG B 443 50.87 -13.16 0.60
CA ARG B 443 50.82 -11.87 -0.08
C ARG B 443 52.20 -11.44 -0.53
N GLN B 444 53.20 -11.58 0.36
CA GLN B 444 54.57 -11.24 0.00
C GLN B 444 55.16 -12.20 -1.03
N PHE B 445 54.67 -13.44 -1.08
CA PHE B 445 55.17 -14.37 -2.07
C PHE B 445 54.59 -14.11 -3.46
N ILE B 446 53.30 -13.80 -3.55
CA ILE B 446 52.70 -13.51 -4.86
C ILE B 446 53.16 -12.14 -5.34
N ALA B 447 53.44 -11.20 -4.43
CA ALA B 447 53.86 -9.87 -4.83
C ALA B 447 55.26 -9.82 -5.43
N ASP B 448 56.06 -10.87 -5.29
CA ASP B 448 57.40 -10.88 -5.82
C ASP B 448 57.75 -12.09 -6.68
N ALA B 449 57.02 -13.20 -6.57
CA ALA B 449 57.37 -14.42 -7.29
C ALA B 449 56.27 -14.88 -8.24
N ALA B 450 55.34 -14.00 -8.58
CA ALA B 450 54.40 -14.27 -9.66
C ALA B 450 54.85 -13.65 -10.97
N ARG B 451 56.00 -12.97 -10.97
CA ARG B 451 56.57 -12.42 -12.19
C ARG B 451 57.22 -13.51 -13.02
N THR B 452 57.70 -14.56 -12.37
CA THR B 452 58.42 -15.64 -13.04
C THR B 452 57.62 -16.93 -13.14
N HIS B 453 56.57 -17.09 -12.35
CA HIS B 453 55.76 -18.29 -12.37
C HIS B 453 54.47 -18.08 -13.15
N GLY B 454 54.00 -19.14 -13.79
CA GLY B 454 52.79 -19.05 -14.56
C GLY B 454 51.56 -19.50 -13.80
N ARG B 455 51.76 -20.27 -12.74
CA ARG B 455 50.64 -20.80 -11.95
C ARG B 455 51.16 -21.16 -10.57
N ILE B 456 50.74 -20.42 -9.55
CA ILE B 456 51.19 -20.63 -8.18
C ILE B 456 50.03 -21.20 -7.37
N GLN B 457 50.29 -22.30 -6.68
CA GLN B 457 49.30 -22.90 -5.79
C GLN B 457 49.73 -22.64 -4.35
N ILE B 458 48.98 -21.79 -3.65
CA ILE B 458 49.20 -21.58 -2.23
C ILE B 458 48.47 -22.70 -1.48
N LEU B 459 49.22 -23.56 -0.83
CA LEU B 459 48.67 -24.80 -0.28
C LEU B 459 48.62 -24.72 1.24
N ASN B 460 47.43 -24.98 1.79
CA ASN B 460 47.27 -25.09 3.23
C ASN B 460 46.30 -26.23 3.53
N GLU B 461 45.83 -26.28 4.78
CA GLU B 461 44.99 -27.40 5.21
C GLU B 461 43.60 -27.31 4.60
N GLU B 462 43.07 -26.10 4.44
CA GLU B 462 41.74 -25.94 3.86
C GLU B 462 41.75 -26.18 2.36
N SER B 463 42.88 -25.94 1.70
CA SER B 463 42.97 -26.15 0.25
C SER B 463 43.26 -27.59 -0.11
N ALA B 464 44.00 -28.31 0.73
CA ALA B 464 44.48 -29.65 0.38
C ALA B 464 43.40 -30.73 0.46
N LYS B 465 42.18 -30.39 0.88
CA LYS B 465 41.12 -31.38 0.92
C LYS B 465 40.65 -31.75 -0.48
N GLU B 466 40.17 -30.77 -1.24
CA GLU B 466 39.69 -31.00 -2.60
C GLU B 466 40.57 -30.33 -3.64
N SER B 467 41.87 -30.28 -3.39
CA SER B 467 42.81 -29.74 -4.36
C SER B 467 42.97 -30.68 -5.54
N THR B 468 43.09 -30.11 -6.74
CA THR B 468 43.41 -30.90 -7.91
C THR B 468 44.89 -31.24 -7.99
N GLY B 469 45.72 -30.53 -7.25
CA GLY B 469 47.14 -30.80 -7.17
C GLY B 469 47.96 -29.73 -7.88
N HIS B 470 49.27 -29.94 -7.85
CA HIS B 470 50.22 -29.06 -8.49
C HIS B 470 50.55 -29.49 -9.92
N GLY B 471 50.41 -30.77 -10.23
CA GLY B 471 50.70 -31.24 -11.57
C GLY B 471 49.48 -31.56 -12.40
N SER B 472 48.37 -30.93 -12.08
CA SER B 472 47.17 -31.02 -12.91
C SER B 472 46.91 -29.65 -13.53
N PRO B 473 47.36 -29.41 -14.77
CA PRO B 473 47.01 -28.15 -15.44
C PRO B 473 45.53 -28.08 -15.73
N LEU B 474 44.85 -27.13 -15.11
CA LEU B 474 43.41 -27.01 -15.25
C LEU B 474 43.06 -26.52 -16.66
N PRO B 475 41.92 -26.95 -17.20
CA PRO B 475 41.50 -26.46 -18.51
C PRO B 475 40.93 -25.05 -18.52
N GLN B 476 40.94 -24.36 -17.38
CA GLN B 476 40.46 -23.00 -17.27
C GLN B 476 41.40 -22.15 -16.43
N LEU B 477 42.68 -22.48 -16.45
CA LEU B 477 43.74 -21.68 -15.84
C LEU B 477 44.90 -21.61 -16.82
N VAL B 478 45.63 -20.50 -16.78
CA VAL B 478 46.70 -20.24 -17.74
C VAL B 478 47.85 -21.22 -17.51
N HIS B 479 48.16 -22.01 -18.52
CA HIS B 479 49.23 -23.00 -18.48
C HIS B 479 50.38 -22.47 -19.33
N GLY B 480 51.39 -21.92 -18.67
CA GLY B 480 52.54 -21.37 -19.38
C GLY B 480 53.17 -20.23 -18.60
N GLY B 481 54.48 -20.24 -18.48
CA GLY B 481 55.19 -19.22 -17.75
C GLY B 481 56.16 -18.47 -18.63
N PRO B 482 56.78 -17.42 -18.11
CA PRO B 482 57.71 -16.62 -18.90
C PRO B 482 59.10 -17.21 -18.91
N GLY B 483 59.93 -16.66 -19.79
CA GLY B 483 61.35 -16.95 -19.81
C GLY B 483 61.72 -18.35 -20.24
N ARG B 484 62.18 -19.16 -19.28
CA ARG B 484 62.58 -20.52 -19.59
C ARG B 484 61.38 -21.40 -19.91
N ALA B 485 60.21 -21.08 -19.37
CA ALA B 485 59.01 -21.86 -19.67
C ALA B 485 58.44 -21.56 -21.05
N GLY B 486 58.95 -20.56 -21.75
CA GLY B 486 58.55 -20.33 -23.13
C GLY B 486 57.91 -18.99 -23.40
N GLY B 487 57.03 -18.55 -22.49
CA GLY B 487 56.36 -17.28 -22.70
C GLY B 487 54.96 -17.46 -23.24
N GLY B 488 54.77 -18.48 -24.08
CA GLY B 488 53.48 -18.71 -24.69
C GLY B 488 52.50 -19.34 -23.72
N GLU B 489 51.35 -18.72 -23.55
CA GLU B 489 50.34 -19.16 -22.61
C GLU B 489 49.31 -20.04 -23.29
N GLU B 490 48.83 -21.03 -22.54
CA GLU B 490 47.82 -21.97 -23.03
C GLU B 490 46.72 -22.10 -21.99
N LEU B 491 45.57 -22.59 -22.45
CA LEU B 491 44.45 -23.05 -21.62
C LEU B 491 43.85 -21.96 -20.74
N GLY B 492 43.95 -20.69 -21.11
CA GLY B 492 43.56 -19.64 -20.20
C GLY B 492 42.07 -19.37 -20.07
N GLY B 493 41.25 -20.39 -20.22
CA GLY B 493 39.80 -20.20 -20.28
C GLY B 493 39.37 -19.95 -21.71
N LEU B 494 38.78 -18.78 -21.95
CA LEU B 494 38.55 -18.31 -23.31
C LEU B 494 39.72 -17.50 -23.84
N ARG B 495 40.80 -17.41 -23.07
CA ARG B 495 42.04 -16.82 -23.56
C ARG B 495 42.80 -17.76 -24.48
N ALA B 496 42.40 -19.01 -24.56
CA ALA B 496 43.05 -19.96 -25.45
C ALA B 496 42.49 -19.92 -26.85
N VAL B 497 41.18 -19.68 -27.01
CA VAL B 497 40.61 -19.57 -28.35
C VAL B 497 40.92 -18.23 -29.00
N LYS B 498 41.44 -17.27 -28.25
CA LYS B 498 41.79 -15.96 -28.81
C LYS B 498 43.18 -15.94 -29.43
N HIS B 499 43.96 -17.01 -29.26
CA HIS B 499 45.19 -17.16 -30.04
C HIS B 499 44.92 -17.66 -31.45
N TYR B 500 43.70 -18.10 -31.73
CA TYR B 500 43.33 -18.61 -33.04
C TYR B 500 42.39 -17.66 -33.77
N MET B 501 42.24 -16.43 -33.26
CA MET B 501 41.35 -15.44 -33.82
C MET B 501 42.09 -14.13 -34.00
N GLN B 502 41.81 -13.45 -35.10
CA GLN B 502 42.37 -12.12 -35.34
C GLN B 502 41.44 -11.08 -34.74
N ARG B 503 42.00 -10.20 -33.91
CA ARG B 503 41.22 -9.19 -33.19
C ARG B 503 41.17 -7.92 -34.03
N THR B 504 39.99 -7.62 -34.56
CA THR B 504 39.80 -6.51 -35.49
C THR B 504 38.91 -5.47 -34.83
N ALA B 505 39.39 -4.22 -34.76
CA ALA B 505 38.62 -3.12 -34.20
C ALA B 505 37.79 -2.51 -35.32
N VAL B 506 36.53 -2.92 -35.43
CA VAL B 506 35.67 -2.48 -36.52
C VAL B 506 35.00 -1.18 -36.14
N GLN B 507 35.30 -0.11 -36.88
CA GLN B 507 34.72 1.20 -36.63
C GLN B 507 33.42 1.35 -37.41
N GLY B 508 32.88 2.55 -37.44
CA GLY B 508 31.69 2.84 -38.21
C GLY B 508 30.54 3.30 -37.34
N SER B 509 29.41 3.57 -37.99
CA SER B 509 28.21 3.98 -37.30
C SER B 509 27.65 2.81 -36.49
N PRO B 510 26.92 3.10 -35.40
CA PRO B 510 26.35 2.00 -34.59
C PRO B 510 25.29 1.20 -35.33
N THR B 511 24.54 1.83 -36.25
CA THR B 511 23.60 1.09 -37.08
C THR B 511 24.29 0.20 -38.10
N MET B 512 25.59 0.38 -38.31
CA MET B 512 26.39 -0.52 -39.13
C MET B 512 27.00 -1.64 -38.29
N LEU B 513 27.44 -1.30 -37.07
CA LEU B 513 27.98 -2.31 -36.17
C LEU B 513 26.91 -3.28 -35.70
N ALA B 514 25.65 -2.84 -35.67
CA ALA B 514 24.54 -3.74 -35.31
C ALA B 514 24.33 -4.82 -36.35
N ALA B 515 24.60 -4.52 -37.61
CA ALA B 515 24.46 -5.53 -38.64
C ALA B 515 25.74 -6.32 -38.86
N ILE B 516 26.89 -5.73 -38.55
CA ILE B 516 28.15 -6.47 -38.61
C ILE B 516 28.21 -7.52 -37.51
N SER B 517 27.90 -7.13 -36.27
CA SER B 517 28.02 -8.03 -35.14
C SER B 517 26.78 -8.88 -34.91
N LYS B 518 25.72 -8.67 -35.69
CA LYS B 518 24.40 -9.29 -35.51
C LYS B 518 23.86 -9.07 -34.10
N GLN B 519 24.05 -7.86 -33.58
CA GLN B 519 23.60 -7.49 -32.25
C GLN B 519 22.95 -6.11 -32.34
N TRP B 520 22.76 -5.48 -31.19
CA TRP B 520 22.33 -4.09 -31.13
C TRP B 520 23.38 -3.30 -30.36
N VAL B 521 23.57 -2.03 -30.71
CA VAL B 521 24.78 -1.38 -30.21
C VAL B 521 24.50 -0.31 -29.17
N ARG B 522 24.09 0.89 -29.58
CA ARG B 522 23.55 1.87 -28.64
C ARG B 522 22.57 2.79 -29.33
N GLY B 523 22.79 3.03 -30.62
CA GLY B 523 22.05 4.02 -31.36
C GLY B 523 21.73 3.53 -32.75
N ALA B 524 21.63 2.21 -32.87
CA ALA B 524 21.28 1.59 -34.14
C ALA B 524 19.81 1.86 -34.48
N LYS B 525 19.47 1.63 -35.74
CA LYS B 525 18.08 1.74 -36.15
C LYS B 525 17.29 0.57 -35.57
N VAL B 526 16.01 0.83 -35.32
CA VAL B 526 15.17 -0.11 -34.60
C VAL B 526 14.03 -0.55 -35.51
N GLU B 527 13.39 -1.66 -35.13
CA GLU B 527 12.30 -2.24 -35.91
C GLU B 527 11.11 -2.37 -34.98
N GLU B 528 10.32 -1.30 -34.87
CA GLU B 528 9.13 -1.29 -34.04
C GLU B 528 7.94 -1.74 -34.90
N ASP B 529 7.42 -2.91 -34.61
CA ASP B 529 6.45 -3.56 -35.49
C ASP B 529 5.13 -3.87 -34.80
N ARG B 530 4.64 -2.93 -33.98
CA ARG B 530 3.24 -2.80 -33.57
C ARG B 530 2.79 -3.89 -32.58
N ILE B 531 3.61 -4.91 -32.35
CA ILE B 531 3.29 -5.93 -31.37
C ILE B 531 4.41 -5.96 -30.33
N HIS B 532 4.30 -6.85 -29.39
CA HIS B 532 5.18 -6.80 -28.23
C HIS B 532 6.31 -7.80 -28.40
N PRO B 533 7.58 -7.39 -28.22
CA PRO B 533 8.69 -8.36 -28.35
C PRO B 533 8.70 -9.48 -27.34
N PHE B 534 8.00 -9.36 -26.21
CA PHE B 534 7.86 -10.51 -25.33
C PHE B 534 6.81 -11.50 -25.81
N ARG B 535 6.04 -11.17 -26.84
CA ARG B 535 5.11 -12.11 -27.45
C ARG B 535 5.72 -12.92 -28.57
N LYS B 536 6.82 -12.43 -29.17
CA LYS B 536 7.50 -13.17 -30.21
C LYS B 536 8.20 -14.39 -29.64
N TYR B 537 8.27 -15.44 -30.44
CA TYR B 537 9.07 -16.61 -30.11
C TYR B 537 10.54 -16.31 -30.38
N PHE B 538 11.39 -17.33 -30.25
CA PHE B 538 12.83 -17.12 -30.38
C PHE B 538 13.22 -16.88 -31.84
N GLU B 539 12.73 -17.72 -32.75
CA GLU B 539 13.16 -17.67 -34.14
C GLU B 539 12.59 -16.47 -34.89
N GLU B 540 11.64 -15.73 -34.32
CA GLU B 540 11.11 -14.52 -34.94
C GLU B 540 11.54 -13.26 -34.22
N LEU B 541 12.48 -13.35 -33.28
CA LEU B 541 13.14 -12.18 -32.74
C LEU B 541 14.34 -11.81 -33.59
N GLN B 542 14.53 -10.52 -33.80
CA GLN B 542 15.76 -10.03 -34.38
C GLN B 542 16.41 -9.03 -33.43
N PRO B 543 17.74 -8.95 -33.39
CA PRO B 543 18.39 -7.93 -32.57
C PRO B 543 18.14 -6.54 -33.11
N GLY B 544 17.31 -5.78 -32.41
CA GLY B 544 16.86 -4.48 -32.88
C GLY B 544 15.36 -4.32 -32.75
N ASP B 545 14.68 -5.37 -32.31
CA ASP B 545 13.23 -5.34 -32.11
C ASP B 545 12.92 -4.52 -30.88
N SER B 546 12.63 -3.24 -31.07
CA SER B 546 12.51 -2.32 -29.95
C SER B 546 11.10 -2.30 -29.39
N LEU B 547 10.91 -1.47 -28.37
CA LEU B 547 9.62 -1.30 -27.71
C LEU B 547 9.65 0.04 -27.00
N LEU B 548 8.78 0.96 -27.40
CA LEU B 548 8.67 2.25 -26.74
C LEU B 548 7.48 2.16 -25.80
N THR B 549 7.76 2.00 -24.52
CA THR B 549 6.75 1.78 -23.50
C THR B 549 5.99 3.07 -23.20
N PRO B 550 4.80 2.98 -22.61
CA PRO B 550 4.14 4.18 -22.09
C PRO B 550 4.90 4.78 -20.92
N ARG B 551 4.58 6.04 -20.64
CA ARG B 551 5.28 6.77 -19.59
C ARG B 551 4.69 6.47 -18.23
N ARG B 552 5.45 6.78 -17.19
CA ARG B 552 4.98 6.69 -15.82
C ARG B 552 5.61 7.83 -15.03
N THR B 553 4.77 8.68 -14.46
CA THR B 553 5.26 9.85 -13.74
C THR B 553 5.71 9.45 -12.34
N MET B 554 6.99 9.62 -12.05
CA MET B 554 7.49 9.38 -10.72
C MET B 554 7.07 10.52 -9.81
N THR B 555 6.54 10.19 -8.65
CA THR B 555 6.03 11.19 -7.73
C THR B 555 6.59 10.92 -6.33
N GLU B 556 6.20 11.77 -5.39
CA GLU B 556 6.64 11.60 -4.00
C GLU B 556 5.99 10.38 -3.37
N ALA B 557 4.75 10.09 -3.74
CA ALA B 557 4.08 8.89 -3.23
C ALA B 557 4.73 7.62 -3.73
N ASP B 558 5.36 7.65 -4.91
CA ASP B 558 6.12 6.51 -5.40
C ASP B 558 7.35 6.24 -4.53
N ILE B 559 8.08 7.30 -4.18
CA ILE B 559 9.22 7.19 -3.28
C ILE B 559 8.79 6.66 -1.93
N VAL B 560 7.66 7.16 -1.42
CA VAL B 560 7.17 6.75 -0.11
C VAL B 560 6.75 5.28 -0.11
N ASN B 561 5.96 4.88 -1.10
CA ASN B 561 5.51 3.48 -1.16
C ASN B 561 6.65 2.51 -1.42
N PHE B 562 7.66 2.91 -2.20
CA PHE B 562 8.76 1.96 -2.41
C PHE B 562 9.68 1.88 -1.21
N ALA B 563 9.96 3.01 -0.54
CA ALA B 563 10.79 2.96 0.66
C ALA B 563 10.07 2.28 1.81
N CYS B 564 8.75 2.34 1.82
CA CYS B 564 8.00 1.56 2.80
C CYS B 564 8.03 0.07 2.48
N LEU B 565 7.81 -0.28 1.21
CA LEU B 565 7.67 -1.68 0.82
C LEU B 565 8.98 -2.43 0.93
N SER B 566 10.06 -1.86 0.40
CA SER B 566 11.35 -2.53 0.50
C SER B 566 11.93 -2.41 1.90
N GLY B 567 11.98 -1.20 2.43
CA GLY B 567 12.67 -0.92 3.68
C GLY B 567 13.86 -0.02 3.52
N ASP B 568 14.19 0.37 2.29
CA ASP B 568 15.33 1.24 1.99
C ASP B 568 14.95 2.66 2.38
N HIS B 569 15.27 3.02 3.63
CA HIS B 569 14.98 4.35 4.15
C HIS B 569 16.19 5.25 4.12
N PHE B 570 16.98 5.16 3.06
CA PHE B 570 18.18 5.96 2.87
C PHE B 570 17.84 7.44 2.83
N TYR B 571 18.76 8.27 3.35
CA TYR B 571 18.43 9.67 3.65
C TYR B 571 18.22 10.52 2.40
N ALA B 572 18.74 10.10 1.25
CA ALA B 572 18.51 10.81 0.01
C ALA B 572 17.13 10.56 -0.57
N HIS B 573 16.35 9.68 0.03
CA HIS B 573 15.02 9.36 -0.46
C HIS B 573 13.93 9.71 0.54
N MET B 574 14.17 9.46 1.83
CA MET B 574 13.18 9.74 2.87
C MET B 574 13.38 11.09 3.54
N ASP B 575 14.58 11.38 4.02
CA ASP B 575 14.83 12.63 4.73
C ASP B 575 14.80 13.81 3.76
N LYS B 576 14.22 14.92 4.23
CA LYS B 576 14.15 16.16 3.46
C LYS B 576 15.28 17.11 3.77
N ILE B 577 15.76 17.13 5.01
CA ILE B 577 16.82 18.06 5.40
C ILE B 577 18.16 17.63 4.82
N ALA B 578 18.53 16.36 5.02
CA ALA B 578 19.80 15.86 4.53
C ALA B 578 19.84 15.71 3.02
N ALA B 579 18.68 15.59 2.38
CA ALA B 579 18.67 15.57 0.91
C ALA B 579 18.95 16.94 0.34
N ALA B 580 18.65 18.00 1.09
CA ALA B 580 19.00 19.35 0.67
C ALA B 580 20.46 19.68 0.89
N GLU B 581 21.20 18.81 1.58
CA GLU B 581 22.63 19.00 1.82
C GLU B 581 23.48 17.95 1.14
N SER B 582 22.88 17.03 0.40
CA SER B 582 23.60 15.96 -0.27
C SER B 582 24.01 16.42 -1.68
N ILE B 583 24.50 15.48 -2.48
CA ILE B 583 24.99 15.81 -3.81
C ILE B 583 23.84 16.03 -4.81
N PHE B 584 22.65 15.53 -4.51
CA PHE B 584 21.55 15.59 -5.45
C PHE B 584 20.83 16.94 -5.42
N GLY B 585 20.46 17.41 -4.24
CA GLY B 585 19.75 18.66 -4.12
C GLY B 585 18.42 18.54 -3.41
N GLU B 586 17.70 17.46 -3.67
CA GLU B 586 16.45 17.17 -2.99
C GLU B 586 16.28 15.66 -2.92
N ARG B 587 15.11 15.22 -2.46
CA ARG B 587 14.79 13.81 -2.43
C ARG B 587 14.66 13.26 -3.85
N VAL B 588 15.24 12.10 -4.08
CA VAL B 588 15.22 11.48 -5.39
C VAL B 588 14.49 10.14 -5.31
N VAL B 589 13.98 9.70 -6.45
CA VAL B 589 13.39 8.38 -6.56
C VAL B 589 14.51 7.35 -6.41
N HIS B 590 14.19 6.23 -5.75
CA HIS B 590 15.10 5.10 -5.63
C HIS B 590 15.56 4.62 -6.99
N GLY B 591 16.82 4.20 -7.07
CA GLY B 591 17.30 3.57 -8.29
C GLY B 591 16.62 2.24 -8.53
N TYR B 592 16.39 1.47 -7.47
CA TYR B 592 15.71 0.20 -7.62
C TYR B 592 14.25 0.37 -7.95
N PHE B 593 13.64 1.51 -7.62
CA PHE B 593 12.27 1.72 -8.04
C PHE B 593 12.17 2.11 -9.51
N VAL B 594 13.18 2.81 -10.04
CA VAL B 594 13.26 3.03 -11.47
C VAL B 594 13.45 1.69 -12.19
N LEU B 595 14.33 0.85 -11.64
CA LEU B 595 14.57 -0.49 -12.16
C LEU B 595 13.33 -1.37 -12.11
N SER B 596 12.49 -1.19 -11.10
CA SER B 596 11.29 -1.99 -10.93
C SER B 596 10.12 -1.48 -11.74
N ALA B 597 9.92 -0.17 -11.80
CA ALA B 597 8.85 0.40 -12.62
C ALA B 597 9.15 0.29 -14.10
N ALA B 598 10.43 0.18 -14.48
CA ALA B 598 10.77 -0.17 -15.85
C ALA B 598 10.16 -1.53 -16.23
N ALA B 599 10.45 -2.56 -15.44
CA ALA B 599 9.85 -3.88 -15.65
C ALA B 599 8.35 -3.87 -15.43
N GLY B 600 7.82 -2.91 -14.70
CA GLY B 600 6.38 -2.68 -14.72
C GLY B 600 5.90 -2.22 -16.07
N LEU B 601 6.72 -1.44 -16.79
CA LEU B 601 6.30 -0.94 -18.09
C LEU B 601 6.44 -1.97 -19.21
N PHE B 602 7.62 -2.59 -19.35
CA PHE B 602 7.83 -3.36 -20.57
C PHE B 602 7.41 -4.82 -20.50
N VAL B 603 7.13 -5.38 -19.32
CA VAL B 603 6.85 -6.80 -19.23
C VAL B 603 5.39 -7.08 -19.57
N ASP B 604 5.17 -8.01 -20.50
CA ASP B 604 3.83 -8.49 -20.78
C ASP B 604 3.32 -9.31 -19.60
N ALA B 605 2.12 -9.00 -19.15
CA ALA B 605 1.51 -9.76 -18.06
C ALA B 605 1.01 -11.12 -18.51
N GLY B 606 0.88 -11.36 -19.81
CA GLY B 606 0.30 -12.58 -20.33
C GLY B 606 1.27 -13.75 -20.28
N VAL B 607 0.78 -14.88 -20.80
CA VAL B 607 1.57 -16.11 -20.89
C VAL B 607 2.18 -16.14 -22.28
N GLY B 608 3.51 -15.99 -22.34
CA GLY B 608 4.19 -15.92 -23.61
C GLY B 608 5.41 -16.81 -23.68
N PRO B 609 6.26 -16.57 -24.68
CA PRO B 609 7.49 -17.36 -24.80
C PRO B 609 8.52 -17.03 -23.74
N VAL B 610 8.45 -15.86 -23.12
CA VAL B 610 9.37 -15.50 -22.05
C VAL B 610 9.08 -16.39 -20.84
N ILE B 611 10.10 -17.11 -20.38
CA ILE B 611 9.95 -18.06 -19.28
C ILE B 611 10.40 -17.44 -17.98
N ALA B 612 11.66 -17.02 -17.92
CA ALA B 612 12.24 -16.48 -16.70
C ALA B 612 13.15 -15.32 -17.04
N ASN B 613 13.53 -14.56 -16.01
CA ASN B 613 14.40 -13.40 -16.17
C ASN B 613 15.84 -13.73 -15.76
N TYR B 614 16.04 -14.07 -14.49
CA TYR B 614 17.29 -14.53 -13.86
C TYR B 614 18.55 -13.69 -14.10
N GLY B 615 18.43 -12.50 -14.65
CA GLY B 615 19.63 -11.80 -15.11
C GLY B 615 19.48 -10.31 -15.10
N LEU B 616 20.62 -9.63 -14.90
CA LEU B 616 20.71 -8.19 -15.04
C LEU B 616 22.19 -7.90 -15.28
N GLU B 617 22.54 -7.51 -16.52
CA GLU B 617 23.93 -7.59 -16.95
C GLU B 617 24.80 -6.50 -16.35
N SER B 618 24.47 -5.22 -16.60
CA SER B 618 25.34 -4.14 -16.17
C SER B 618 24.49 -2.87 -15.99
N LEU B 619 24.22 -2.53 -14.74
CA LEU B 619 23.35 -1.40 -14.40
C LEU B 619 24.18 -0.22 -13.93
N ARG B 620 23.88 0.96 -14.47
CA ARG B 620 24.51 2.21 -14.04
C ARG B 620 23.43 3.28 -14.00
N PHE B 621 23.22 3.86 -12.82
CA PHE B 621 22.30 4.98 -12.67
C PHE B 621 23.03 6.26 -12.98
N ILE B 622 22.72 6.88 -14.13
CA ILE B 622 23.49 8.03 -14.59
C ILE B 622 23.05 9.30 -13.89
N GLU B 623 21.80 9.70 -14.10
CA GLU B 623 21.26 10.91 -13.50
C GLU B 623 20.14 10.54 -12.51
N PRO B 624 19.91 11.36 -11.49
CA PRO B 624 18.84 11.04 -10.54
C PRO B 624 17.45 11.33 -11.09
N VAL B 625 16.48 10.56 -10.59
CA VAL B 625 15.08 10.75 -10.91
C VAL B 625 14.41 11.41 -9.72
N LYS B 626 13.72 12.50 -9.96
CA LYS B 626 13.09 13.33 -8.94
C LYS B 626 11.60 13.06 -8.87
N PRO B 627 10.87 13.64 -7.92
CA PRO B 627 9.42 13.68 -8.04
C PRO B 627 8.98 14.61 -9.15
N GLY B 628 7.88 14.23 -9.82
CA GLY B 628 7.42 14.96 -10.98
C GLY B 628 8.37 14.79 -12.15
N ASP B 629 8.56 13.55 -12.56
CA ASP B 629 9.62 13.21 -13.51
C ASP B 629 9.19 11.91 -14.20
N THR B 630 8.72 12.04 -15.43
CA THR B 630 8.23 10.88 -16.17
C THR B 630 9.38 9.95 -16.55
N ILE B 631 9.02 8.71 -16.87
CA ILE B 631 9.98 7.65 -17.14
C ILE B 631 9.48 6.84 -18.33
N GLN B 632 10.32 6.65 -19.33
CA GLN B 632 9.93 5.98 -20.56
C GLN B 632 11.02 4.99 -20.93
N VAL B 633 10.66 3.72 -21.07
CA VAL B 633 11.60 2.63 -21.19
C VAL B 633 11.68 2.19 -22.65
N ARG B 634 12.89 1.92 -23.14
CA ARG B 634 13.13 1.52 -24.53
C ARG B 634 13.70 0.11 -24.51
N LEU B 635 12.81 -0.88 -24.47
CA LEU B 635 13.20 -2.28 -24.44
C LEU B 635 13.55 -2.74 -25.84
N THR B 636 14.80 -3.15 -26.07
CA THR B 636 15.20 -3.60 -27.39
C THR B 636 16.14 -4.79 -27.31
N CYS B 637 16.00 -5.71 -28.27
CA CYS B 637 16.74 -6.97 -28.25
C CYS B 637 18.19 -6.76 -28.66
N LYS B 638 19.07 -7.57 -28.07
CA LYS B 638 20.49 -7.37 -28.27
C LYS B 638 21.23 -8.65 -28.68
N ARG B 639 20.83 -9.80 -28.14
CA ARG B 639 21.46 -11.08 -28.47
C ARG B 639 20.39 -12.15 -28.54
N LYS B 640 20.69 -13.26 -29.20
CA LYS B 640 19.76 -14.38 -29.23
C LYS B 640 20.34 -15.66 -28.61
N THR B 641 21.47 -16.15 -29.12
CA THR B 641 22.37 -17.14 -28.48
C THR B 641 21.64 -18.38 -27.93
N LEU B 642 21.10 -19.18 -28.85
CA LEU B 642 20.27 -20.31 -28.47
C LEU B 642 21.06 -21.39 -27.73
N LYS B 643 20.34 -22.22 -27.00
CA LYS B 643 20.88 -23.37 -26.29
C LYS B 643 20.59 -24.64 -27.09
N LYS B 644 21.26 -25.73 -26.70
CA LYS B 644 21.31 -26.91 -27.55
C LYS B 644 20.39 -28.05 -27.15
N GLN B 645 19.52 -27.85 -26.13
CA GLN B 645 18.48 -28.81 -25.73
C GLN B 645 19.10 -30.17 -25.35
N ARG B 646 19.76 -30.16 -24.19
CA ARG B 646 20.60 -31.27 -23.72
C ARG B 646 19.86 -32.61 -23.60
N SER B 647 18.54 -32.61 -23.49
CA SER B 647 17.74 -33.83 -23.52
C SER B 647 16.77 -33.77 -24.70
N ALA B 648 15.88 -34.77 -24.78
CA ALA B 648 14.83 -34.74 -25.78
C ALA B 648 13.49 -34.32 -25.20
N GLU B 649 13.33 -34.39 -23.88
CA GLU B 649 12.09 -34.01 -23.21
C GLU B 649 12.06 -32.54 -22.85
N GLU B 650 13.23 -31.90 -22.69
CA GLU B 650 13.30 -30.52 -22.25
C GLU B 650 12.78 -29.56 -23.32
N LYS B 651 12.29 -28.42 -22.86
CA LYS B 651 11.72 -27.42 -23.76
C LYS B 651 12.84 -26.69 -24.49
N PRO B 652 12.74 -26.51 -25.81
CA PRO B 652 13.76 -25.74 -26.53
C PRO B 652 13.66 -24.26 -26.19
N THR B 653 14.81 -23.64 -25.94
CA THR B 653 14.84 -22.27 -25.46
C THR B 653 16.16 -21.62 -25.88
N GLY B 654 16.36 -20.38 -25.46
CA GLY B 654 17.57 -19.64 -25.80
C GLY B 654 17.68 -18.32 -25.06
N VAL B 655 18.87 -18.00 -24.54
CA VAL B 655 19.03 -16.84 -23.68
C VAL B 655 19.08 -15.55 -24.51
N VAL B 656 17.94 -14.87 -24.58
CA VAL B 656 17.84 -13.59 -25.29
C VAL B 656 18.16 -12.47 -24.31
N GLU B 657 19.07 -11.59 -24.69
CA GLU B 657 19.45 -10.45 -23.86
C GLU B 657 18.81 -9.19 -24.43
N TRP B 658 18.03 -8.51 -23.60
CA TRP B 658 17.40 -7.24 -23.97
C TRP B 658 18.17 -6.07 -23.35
N ALA B 659 18.44 -5.06 -24.17
CA ALA B 659 19.13 -3.86 -23.72
C ALA B 659 18.08 -2.82 -23.37
N VAL B 660 17.97 -2.50 -22.08
CA VAL B 660 16.94 -1.62 -21.56
C VAL B 660 17.52 -0.23 -21.43
N GLU B 661 16.79 0.77 -21.92
CA GLU B 661 17.26 2.17 -21.93
C GLU B 661 16.12 3.04 -21.41
N VAL B 662 16.13 3.29 -20.11
CA VAL B 662 15.18 4.19 -19.47
C VAL B 662 15.61 5.63 -19.75
N PHE B 663 14.64 6.54 -19.92
CA PHE B 663 14.92 7.96 -19.97
C PHE B 663 13.71 8.73 -19.43
N ASN B 664 13.80 10.06 -19.49
CA ASN B 664 12.79 10.92 -18.90
C ASN B 664 12.24 11.94 -19.90
N GLN B 665 11.53 12.97 -19.41
CA GLN B 665 10.88 13.94 -20.29
C GLN B 665 11.85 14.78 -21.09
N HIS B 666 13.10 14.91 -20.65
CA HIS B 666 14.11 15.63 -21.41
C HIS B 666 14.86 14.71 -22.36
N GLN B 667 14.45 13.44 -22.44
CA GLN B 667 15.12 12.38 -23.19
C GLN B 667 16.58 12.21 -22.81
N THR B 668 16.91 12.46 -21.53
CA THR B 668 18.27 12.07 -21.20
C THR B 668 18.25 10.73 -20.47
N PRO B 669 19.18 9.82 -20.78
CA PRO B 669 19.08 8.45 -20.27
C PRO B 669 19.47 8.34 -18.81
N VAL B 670 18.50 8.03 -17.97
CA VAL B 670 18.76 7.57 -16.61
C VAL B 670 18.66 6.06 -16.62
N ALA B 671 19.58 5.39 -15.90
CA ALA B 671 19.48 3.96 -15.57
C ALA B 671 19.40 3.05 -16.80
N LEU B 672 20.44 3.06 -17.61
CA LEU B 672 20.49 2.17 -18.77
C LEU B 672 21.24 0.89 -18.39
N TYR B 673 20.64 -0.24 -18.71
CA TYR B 673 21.15 -1.53 -18.27
C TYR B 673 20.81 -2.58 -19.32
N SER B 674 20.88 -3.85 -18.92
CA SER B 674 20.69 -4.97 -19.84
C SER B 674 20.27 -6.18 -19.04
N ILE B 675 19.18 -6.83 -19.45
CA ILE B 675 18.67 -8.01 -18.75
C ILE B 675 18.79 -9.23 -19.65
N LEU B 676 19.15 -10.35 -19.04
CA LEU B 676 19.10 -11.65 -19.71
C LEU B 676 17.69 -12.19 -19.58
N THR B 677 17.30 -13.05 -20.52
CA THR B 677 15.93 -13.57 -20.56
C THR B 677 15.96 -14.90 -21.27
N LEU B 678 15.20 -15.88 -20.78
CA LEU B 678 15.15 -17.22 -21.34
C LEU B 678 13.88 -17.36 -22.17
N VAL B 679 13.99 -17.07 -23.47
CA VAL B 679 12.85 -17.13 -24.37
C VAL B 679 12.79 -18.51 -25.00
N ALA B 680 11.60 -19.13 -24.96
CA ALA B 680 11.45 -20.47 -25.50
C ALA B 680 11.45 -20.46 -27.02
N ARG B 681 12.00 -21.51 -27.62
CA ARG B 681 12.08 -21.62 -29.06
C ARG B 681 10.83 -22.25 -29.64
N GLN B 682 10.62 -22.02 -30.94
CA GLN B 682 9.47 -22.59 -31.63
C GLN B 682 9.75 -24.01 -32.10
N HIS B 683 10.93 -24.24 -32.68
CA HIS B 683 11.31 -25.54 -33.20
C HIS B 683 12.63 -25.96 -32.57
N GLY B 684 12.64 -27.11 -31.92
CA GLY B 684 13.85 -27.66 -31.35
C GLY B 684 14.70 -28.36 -32.39
N ASP B 685 15.79 -28.96 -31.90
CA ASP B 685 16.70 -29.71 -32.76
C ASP B 685 16.70 -31.21 -32.52
N PHE B 686 16.05 -31.69 -31.45
CA PHE B 686 15.85 -33.12 -31.26
C PHE B 686 14.40 -33.49 -31.53
N GLN C 9 -56.32 33.56 -55.68
CA GLN C 9 -54.89 33.32 -55.57
C GLN C 9 -54.62 31.88 -55.10
N GLN C 10 -53.94 31.11 -55.94
CA GLN C 10 -53.74 29.68 -55.69
C GLN C 10 -52.80 29.45 -54.52
N LEU C 11 -53.05 28.35 -53.81
CA LEU C 11 -52.15 27.86 -52.77
C LEU C 11 -51.59 26.55 -53.31
N ALA C 12 -50.34 26.55 -53.73
CA ALA C 12 -49.81 25.46 -54.54
C ALA C 12 -49.43 24.28 -53.66
N SER C 13 -50.08 23.13 -53.91
CA SER C 13 -49.69 21.89 -53.26
C SER C 13 -48.39 21.38 -53.83
N PHE C 14 -47.71 20.52 -53.08
CA PHE C 14 -46.41 19.98 -53.46
C PHE C 14 -46.53 18.46 -53.60
N LEU C 15 -46.84 18.01 -54.81
CA LEU C 15 -47.00 16.59 -55.09
C LEU C 15 -46.07 16.16 -56.21
N SER C 16 -45.49 14.98 -56.03
CA SER C 16 -44.59 14.32 -57.00
C SER C 16 -43.37 15.19 -57.33
N GLY C 17 -42.92 15.98 -56.36
CA GLY C 17 -41.76 16.83 -56.53
C GLY C 17 -42.03 18.18 -57.18
N THR C 18 -43.23 18.42 -57.69
CA THR C 18 -43.55 19.64 -58.42
C THR C 18 -44.68 20.39 -57.72
N TRP C 19 -44.55 21.71 -57.67
CA TRP C 19 -45.54 22.57 -57.00
C TRP C 19 -46.78 22.69 -57.88
N GLN C 20 -47.65 21.69 -57.79
CA GLN C 20 -48.86 21.63 -58.57
C GLN C 20 -49.98 22.42 -57.88
N SER C 21 -51.16 22.40 -58.49
CA SER C 21 -52.34 23.03 -57.91
C SER C 21 -53.58 22.39 -58.51
N GLY C 22 -54.71 22.60 -57.84
CA GLY C 22 -55.94 21.96 -58.25
C GLY C 22 -56.68 22.73 -59.33
N ARG C 23 -57.67 22.05 -59.92
CA ARG C 23 -58.48 22.60 -61.00
C ARG C 23 -59.93 22.17 -60.77
N GLY C 24 -60.72 23.03 -60.17
CA GLY C 24 -62.13 22.74 -60.02
C GLY C 24 -62.72 23.48 -58.83
N ARG C 25 -63.55 22.76 -58.06
CA ARG C 25 -64.22 23.33 -56.91
C ARG C 25 -63.21 23.65 -55.81
N SER C 26 -63.33 24.85 -55.24
CA SER C 26 -62.30 25.38 -54.36
C SER C 26 -62.91 25.96 -53.09
N ARG C 27 -62.14 25.89 -52.02
CA ARG C 27 -62.40 26.66 -50.81
C ARG C 27 -61.44 27.84 -50.77
N LEU C 28 -61.53 28.65 -49.72
CA LEU C 28 -60.72 29.85 -49.65
C LEU C 28 -60.40 30.19 -48.19
N ILE C 29 -59.31 30.94 -48.01
CA ILE C 29 -58.76 31.25 -46.70
C ILE C 29 -59.10 32.70 -46.38
N HIS C 30 -59.99 32.92 -45.43
CA HIS C 30 -60.29 34.27 -44.97
C HIS C 30 -59.16 34.78 -44.09
N HIS C 31 -58.86 36.07 -44.22
CA HIS C 31 -57.96 36.73 -43.28
C HIS C 31 -58.70 36.90 -41.96
N ALA C 32 -58.10 36.38 -40.88
CA ALA C 32 -58.86 36.17 -39.65
C ALA C 32 -59.13 37.46 -38.89
N ILE C 33 -58.27 38.47 -39.03
CA ILE C 33 -58.45 39.69 -38.24
C ILE C 33 -59.22 40.75 -39.02
N SER C 34 -59.29 40.65 -40.35
CA SER C 34 -59.98 41.64 -41.17
C SER C 34 -61.20 41.06 -41.87
N GLY C 35 -61.04 40.01 -42.67
CA GLY C 35 -62.20 39.35 -43.25
C GLY C 35 -62.13 39.00 -44.72
N GLU C 36 -61.13 39.51 -45.43
CA GLU C 36 -61.05 39.24 -46.85
C GLU C 36 -60.36 37.91 -47.11
N ALA C 37 -60.55 37.40 -48.32
CA ALA C 37 -59.95 36.14 -48.75
C ALA C 37 -58.69 36.45 -49.55
N LEU C 38 -57.54 36.11 -49.00
CA LEU C 38 -56.26 36.36 -49.67
C LEU C 38 -55.54 35.09 -50.08
N TRP C 39 -56.15 33.93 -49.90
CA TRP C 39 -55.76 32.71 -50.60
C TRP C 39 -57.02 31.95 -50.97
N GLU C 40 -56.86 30.96 -51.84
CA GLU C 40 -57.94 30.03 -52.11
C GLU C 40 -57.35 28.67 -52.46
N VAL C 41 -57.93 27.62 -51.87
CA VAL C 41 -57.34 26.29 -51.86
C VAL C 41 -58.18 25.35 -52.71
N THR C 42 -57.50 24.43 -53.40
CA THR C 42 -58.13 23.42 -54.22
C THR C 42 -57.14 22.29 -54.45
N SER C 43 -57.66 21.07 -54.56
CA SER C 43 -56.82 19.92 -54.86
C SER C 43 -57.51 18.94 -55.81
N GLU C 44 -58.55 19.38 -56.52
CA GLU C 44 -59.25 18.50 -57.45
C GLU C 44 -58.41 18.30 -58.70
N GLY C 45 -58.42 17.07 -59.22
CA GLY C 45 -57.64 16.74 -60.39
C GLY C 45 -56.22 16.31 -60.13
N LEU C 46 -55.74 16.46 -58.90
CA LEU C 46 -54.38 16.05 -58.57
C LEU C 46 -54.33 14.54 -58.37
N ASP C 47 -53.42 13.89 -59.09
CA ASP C 47 -53.27 12.44 -59.00
C ASP C 47 -52.60 12.10 -57.67
N MET C 48 -53.37 11.52 -56.75
CA MET C 48 -52.84 11.17 -55.44
C MET C 48 -52.15 9.82 -55.44
N ALA C 49 -52.57 8.92 -56.34
CA ALA C 49 -51.89 7.63 -56.50
C ALA C 49 -50.47 7.84 -57.00
N ALA C 50 -50.27 8.78 -57.93
CA ALA C 50 -48.93 9.08 -58.40
C ALA C 50 -48.12 9.78 -57.32
N ALA C 51 -48.76 10.52 -56.42
CA ALA C 51 -48.06 11.16 -55.32
C ALA C 51 -47.52 10.12 -54.34
N ARG C 52 -48.38 9.17 -53.93
CA ARG C 52 -47.94 8.09 -53.05
C ARG C 52 -46.90 7.21 -53.74
N GLN C 53 -47.05 7.00 -55.05
CA GLN C 53 -46.10 6.19 -55.80
C GLN C 53 -44.73 6.86 -55.87
N PHE C 54 -44.70 8.17 -56.12
CA PHE C 54 -43.43 8.90 -56.13
C PHE C 54 -42.80 8.92 -54.76
N ALA C 55 -43.61 9.08 -53.71
CA ALA C 55 -43.06 9.11 -52.35
C ALA C 55 -42.43 7.76 -51.98
N ILE C 56 -43.15 6.66 -52.24
CA ILE C 56 -42.67 5.33 -51.88
C ILE C 56 -41.44 4.95 -52.69
N GLU C 57 -41.47 5.13 -54.01
CA GLU C 57 -40.34 4.71 -54.83
C GLU C 57 -39.29 5.80 -55.04
N LYS C 58 -39.39 6.94 -54.37
CA LYS C 58 -38.31 7.92 -54.42
C LYS C 58 -37.73 8.26 -53.06
N GLY C 59 -38.56 8.64 -52.09
CA GLY C 59 -38.02 9.18 -50.85
C GLY C 59 -37.93 8.15 -49.74
N ALA C 60 -38.63 7.03 -49.89
CA ALA C 60 -38.52 5.98 -48.88
C ALA C 60 -37.19 5.22 -48.94
N PRO C 61 -36.66 4.79 -50.10
CA PRO C 61 -35.29 4.23 -50.07
C PRO C 61 -34.22 5.25 -49.80
N ALA C 62 -34.45 6.52 -50.09
CA ALA C 62 -33.46 7.54 -49.82
C ALA C 62 -33.37 7.87 -48.33
N LEU C 63 -34.48 7.70 -47.60
CA LEU C 63 -34.43 7.85 -46.15
C LEU C 63 -33.96 6.56 -45.48
N ARG C 64 -34.41 5.41 -45.96
CA ARG C 64 -34.02 4.14 -45.36
C ARG C 64 -32.60 3.71 -45.71
N ALA C 65 -31.91 4.43 -46.60
CA ALA C 65 -30.50 4.18 -46.80
C ALA C 65 -29.65 4.87 -45.74
N MET C 66 -30.16 5.95 -45.17
CA MET C 66 -29.44 6.67 -44.13
C MET C 66 -29.47 5.89 -42.82
N THR C 67 -28.52 6.20 -41.96
CA THR C 67 -28.57 5.72 -40.59
C THR C 67 -29.38 6.67 -39.74
N PHE C 68 -29.64 6.29 -38.49
CA PHE C 68 -30.41 7.16 -37.60
C PHE C 68 -29.62 8.39 -37.20
N ILE C 69 -28.29 8.29 -37.15
CA ILE C 69 -27.46 9.44 -36.84
C ILE C 69 -27.52 10.47 -37.96
N GLU C 70 -27.53 10.00 -39.21
CA GLU C 70 -27.67 10.90 -40.34
C GLU C 70 -29.09 11.46 -40.45
N ARG C 71 -30.09 10.65 -40.10
CA ARG C 71 -31.46 11.15 -40.11
C ARG C 71 -31.74 12.09 -38.96
N ALA C 72 -30.92 12.10 -37.91
CA ALA C 72 -31.02 13.11 -36.87
C ALA C 72 -30.23 14.37 -37.21
N ALA C 73 -29.08 14.21 -37.88
CA ALA C 73 -28.35 15.38 -38.36
C ALA C 73 -29.12 16.12 -39.44
N MET C 74 -29.92 15.40 -40.24
CA MET C 74 -30.81 16.05 -41.19
C MET C 74 -31.86 16.89 -40.48
N LEU C 75 -32.40 16.39 -39.36
CA LEU C 75 -33.39 17.15 -38.61
C LEU C 75 -32.77 18.39 -37.97
N LYS C 76 -31.54 18.26 -37.47
CA LYS C 76 -30.85 19.43 -36.90
C LYS C 76 -30.53 20.45 -37.99
N ALA C 77 -30.20 19.99 -39.20
CA ALA C 77 -29.91 20.91 -40.29
C ALA C 77 -31.17 21.63 -40.75
N VAL C 78 -32.30 20.92 -40.83
CA VAL C 78 -33.58 21.55 -41.18
C VAL C 78 -34.00 22.53 -40.08
N ALA C 79 -33.72 22.20 -38.82
CA ALA C 79 -34.04 23.10 -37.72
C ALA C 79 -33.21 24.38 -37.77
N LYS C 80 -31.92 24.27 -38.05
CA LYS C 80 -31.08 25.46 -38.18
C LYS C 80 -31.40 26.26 -39.44
N HIS C 81 -31.87 25.59 -40.50
CA HIS C 81 -32.24 26.30 -41.72
C HIS C 81 -33.55 27.03 -41.57
N LEU C 82 -34.48 26.48 -40.79
CA LEU C 82 -35.79 27.08 -40.62
C LEU C 82 -35.87 28.02 -39.41
N LEU C 83 -34.88 27.98 -38.52
CA LEU C 83 -34.83 28.94 -37.44
C LEU C 83 -34.26 30.27 -37.90
N SER C 84 -33.41 30.25 -38.93
CA SER C 84 -32.78 31.47 -39.42
C SER C 84 -33.80 32.35 -40.15
N GLU C 85 -34.54 31.76 -41.09
CA GLU C 85 -35.59 32.49 -41.79
C GLU C 85 -36.96 32.34 -41.10
N LYS C 86 -36.98 32.59 -39.79
CA LYS C 86 -38.21 32.45 -39.03
C LYS C 86 -39.12 33.66 -39.16
N GLU C 87 -38.60 34.79 -39.63
CA GLU C 87 -39.39 36.02 -39.68
C GLU C 87 -40.37 36.06 -40.83
N ARG C 88 -40.18 35.23 -41.87
CA ARG C 88 -41.18 35.10 -42.91
C ARG C 88 -42.33 34.18 -42.51
N PHE C 89 -42.25 33.57 -41.32
CA PHE C 89 -43.31 32.72 -40.81
C PHE C 89 -44.27 33.50 -39.92
N TYR C 90 -43.77 34.50 -39.20
CA TYR C 90 -44.64 35.36 -38.38
C TYR C 90 -45.57 36.20 -39.24
N ALA C 91 -45.12 36.62 -40.42
CA ALA C 91 -45.97 37.38 -41.33
C ALA C 91 -47.12 36.54 -41.86
N LEU C 92 -46.90 35.23 -42.05
CA LEU C 92 -48.00 34.36 -42.46
C LEU C 92 -48.85 33.93 -41.27
N SER C 93 -48.27 33.88 -40.08
CA SER C 93 -49.02 33.46 -38.89
C SER C 93 -49.84 34.59 -38.28
N ALA C 94 -49.53 35.85 -38.63
CA ALA C 94 -50.38 36.96 -38.20
C ALA C 94 -51.70 36.98 -38.95
N GLN C 95 -51.81 36.26 -40.06
CA GLN C 95 -53.07 36.13 -40.79
C GLN C 95 -54.07 35.23 -40.09
N THR C 96 -53.65 34.50 -39.07
CA THR C 96 -54.51 33.60 -38.32
C THR C 96 -55.14 34.27 -37.10
N GLY C 97 -54.98 35.57 -36.95
CA GLY C 97 -55.50 36.25 -35.78
C GLY C 97 -54.75 35.95 -34.50
N ALA C 98 -53.51 35.46 -34.60
CA ALA C 98 -52.70 35.11 -33.45
C ALA C 98 -51.73 36.23 -33.14
N THR C 99 -51.40 36.37 -31.86
CA THR C 99 -50.50 37.44 -31.43
C THR C 99 -49.05 37.04 -31.68
N ARG C 100 -48.14 37.95 -31.37
CA ARG C 100 -46.72 37.64 -31.50
C ARG C 100 -46.26 36.67 -30.42
N ALA C 101 -46.83 36.77 -29.23
CA ALA C 101 -46.47 35.84 -28.14
C ALA C 101 -47.06 34.46 -28.34
N ASP C 102 -48.09 34.32 -29.17
CA ASP C 102 -48.68 33.02 -29.49
C ASP C 102 -48.08 32.40 -30.74
N SER C 103 -47.80 33.20 -31.76
CA SER C 103 -47.06 32.71 -32.90
C SER C 103 -45.62 32.36 -32.56
N TRP C 104 -45.07 32.97 -31.50
CA TRP C 104 -43.77 32.54 -30.99
C TRP C 104 -43.83 31.11 -30.48
N VAL C 105 -44.91 30.76 -29.76
CA VAL C 105 -45.13 29.38 -29.35
C VAL C 105 -45.27 28.47 -30.57
N ASP C 106 -46.09 28.90 -31.53
CA ASP C 106 -46.37 28.11 -32.73
C ASP C 106 -45.12 27.82 -33.56
N ILE C 107 -44.24 28.80 -33.71
CA ILE C 107 -43.05 28.60 -34.55
C ILE C 107 -41.93 27.95 -33.75
N GLU C 108 -41.62 28.50 -32.58
CA GLU C 108 -40.47 28.03 -31.83
C GLU C 108 -40.70 26.68 -31.17
N GLY C 109 -41.94 26.30 -30.88
CA GLY C 109 -42.18 24.94 -30.42
C GLY C 109 -42.00 23.93 -31.53
N GLY C 110 -42.42 24.29 -32.75
CA GLY C 110 -42.23 23.42 -33.89
C GLY C 110 -40.77 23.27 -34.28
N ILE C 111 -39.95 24.29 -34.02
CA ILE C 111 -38.53 24.17 -34.30
C ILE C 111 -37.77 23.54 -33.11
N GLY C 112 -38.21 23.78 -31.88
CA GLY C 112 -37.61 23.11 -30.74
C GLY C 112 -37.92 21.64 -30.70
N THR C 113 -39.05 21.23 -31.28
CA THR C 113 -39.33 19.80 -31.45
C THR C 113 -38.32 19.18 -32.41
N LEU C 114 -37.93 19.91 -33.45
CA LEU C 114 -36.90 19.44 -34.38
C LEU C 114 -35.54 19.32 -33.69
N PHE C 115 -35.16 20.33 -32.89
CA PHE C 115 -33.90 20.25 -32.16
C PHE C 115 -33.93 19.13 -31.11
N THR C 116 -35.08 18.92 -30.47
CA THR C 116 -35.19 17.88 -29.45
C THR C 116 -35.08 16.49 -30.05
N TYR C 117 -35.78 16.25 -31.16
CA TYR C 117 -35.66 14.96 -31.82
C TYR C 117 -34.30 14.78 -32.48
N ALA C 118 -33.64 15.87 -32.86
CA ALA C 118 -32.26 15.75 -33.34
C ALA C 118 -31.33 15.31 -32.22
N SER C 119 -31.48 15.86 -31.02
CA SER C 119 -30.66 15.44 -29.89
C SER C 119 -30.97 14.01 -29.46
N LEU C 120 -32.24 13.63 -29.47
CA LEU C 120 -32.62 12.27 -29.10
C LEU C 120 -32.15 11.24 -30.13
N GLY C 121 -32.19 11.60 -31.41
CA GLY C 121 -31.65 10.71 -32.42
C GLY C 121 -30.14 10.65 -32.44
N SER C 122 -29.46 11.72 -32.03
CA SER C 122 -28.01 11.71 -32.00
C SER C 122 -27.43 11.19 -30.69
N ARG C 123 -28.27 10.97 -29.67
CA ARG C 123 -27.75 10.44 -28.41
C ARG C 123 -28.17 9.02 -28.10
N GLU C 124 -29.37 8.58 -28.53
CA GLU C 124 -29.91 7.31 -28.08
C GLU C 124 -30.27 6.37 -29.22
N LEU C 125 -29.82 6.63 -30.44
CA LEU C 125 -30.12 5.83 -31.61
C LEU C 125 -28.82 5.40 -32.29
N PRO C 126 -28.78 4.24 -32.92
CA PRO C 126 -27.51 3.69 -33.40
C PRO C 126 -27.13 4.22 -34.79
N ASP C 127 -25.86 4.00 -35.12
CA ASP C 127 -25.34 4.30 -36.46
C ASP C 127 -25.59 3.09 -37.36
N ASP C 128 -26.87 2.92 -37.70
CA ASP C 128 -27.34 1.72 -38.37
C ASP C 128 -28.71 2.03 -38.95
N THR C 129 -29.21 1.14 -39.80
CA THR C 129 -30.56 1.25 -40.32
C THR C 129 -31.55 0.51 -39.42
N LEU C 130 -31.17 -0.64 -38.90
CA LEU C 130 -31.94 -1.36 -37.92
C LEU C 130 -31.68 -0.81 -36.53
N TRP C 131 -32.59 -1.07 -35.61
CA TRP C 131 -32.45 -0.61 -34.22
C TRP C 131 -32.98 -1.63 -33.23
N PRO C 132 -32.10 -2.33 -32.52
CA PRO C 132 -32.52 -3.26 -31.47
C PRO C 132 -32.87 -2.47 -30.21
N GLU C 133 -34.12 -2.55 -29.80
CA GLU C 133 -34.51 -1.82 -28.60
C GLU C 133 -34.28 -2.60 -27.32
N ASP C 134 -34.27 -3.94 -27.38
CA ASP C 134 -33.98 -4.74 -26.20
C ASP C 134 -32.48 -4.94 -26.06
N GLU C 135 -32.07 -5.52 -24.93
CA GLU C 135 -30.68 -5.94 -24.79
C GLU C 135 -30.48 -7.30 -25.45
N LEU C 136 -31.09 -8.34 -24.87
CA LEU C 136 -31.08 -9.70 -25.37
C LEU C 136 -32.03 -10.56 -24.54
N ILE C 137 -32.66 -11.54 -25.16
CA ILE C 137 -33.53 -12.48 -24.47
C ILE C 137 -33.00 -13.88 -24.71
N PRO C 138 -32.32 -14.48 -23.73
CA PRO C 138 -31.82 -15.85 -23.91
C PRO C 138 -32.96 -16.86 -23.78
N LEU C 139 -33.21 -17.59 -24.86
CA LEU C 139 -34.32 -18.54 -24.91
C LEU C 139 -33.86 -19.98 -24.77
N SER C 140 -32.59 -20.22 -24.47
CA SER C 140 -32.06 -21.57 -24.39
C SER C 140 -31.24 -21.72 -23.12
N LYS C 141 -30.89 -22.96 -22.82
CA LYS C 141 -30.08 -23.26 -21.65
C LYS C 141 -28.60 -23.40 -22.00
N GLU C 142 -28.29 -23.99 -23.15
CA GLU C 142 -26.89 -24.12 -23.57
C GLU C 142 -26.33 -22.78 -24.07
N GLY C 143 -27.17 -21.95 -24.66
CA GLY C 143 -26.73 -20.66 -25.13
C GLY C 143 -26.53 -20.61 -26.64
N GLY C 144 -27.43 -21.23 -27.38
CA GLY C 144 -27.34 -21.24 -28.82
C GLY C 144 -28.63 -20.86 -29.51
N PHE C 145 -29.60 -20.38 -28.73
CA PHE C 145 -30.87 -19.93 -29.29
C PHE C 145 -31.34 -18.74 -28.45
N ALA C 146 -31.11 -17.55 -28.95
CA ALA C 146 -31.55 -16.32 -28.31
C ALA C 146 -32.45 -15.56 -29.27
N ALA C 147 -32.93 -14.40 -28.82
CA ALA C 147 -33.75 -13.54 -29.67
C ALA C 147 -33.67 -12.13 -29.14
N ARG C 148 -33.81 -11.17 -30.05
CA ARG C 148 -33.87 -9.77 -29.67
C ARG C 148 -34.78 -9.04 -30.63
N HIS C 149 -35.41 -7.98 -30.14
CA HIS C 149 -36.44 -7.27 -30.91
C HIS C 149 -35.78 -6.20 -31.77
N LEU C 150 -35.92 -6.33 -33.08
CA LEU C 150 -35.45 -5.34 -34.01
C LEU C 150 -36.58 -4.37 -34.37
N LEU C 151 -36.20 -3.18 -34.81
CA LEU C 151 -37.15 -2.15 -35.25
C LEU C 151 -36.73 -1.64 -36.62
N THR C 152 -37.15 -2.35 -37.66
CA THR C 152 -36.96 -1.88 -39.02
C THR C 152 -38.00 -0.83 -39.36
N SER C 153 -37.57 0.21 -40.05
CA SER C 153 -38.48 1.28 -40.43
C SER C 153 -39.41 0.82 -41.54
N LYS C 154 -40.65 1.31 -41.52
CA LYS C 154 -41.64 0.90 -42.49
C LYS C 154 -41.31 1.46 -43.88
N SER C 155 -41.91 0.84 -44.89
CA SER C 155 -41.59 1.16 -46.28
C SER C 155 -42.79 1.71 -47.01
N GLY C 156 -43.51 2.63 -46.37
CA GLY C 156 -44.65 3.28 -46.98
C GLY C 156 -44.59 4.77 -46.77
N VAL C 157 -45.78 5.38 -46.66
CA VAL C 157 -45.89 6.80 -46.40
C VAL C 157 -46.64 7.00 -45.10
N ALA C 158 -46.50 8.20 -44.54
CA ALA C 158 -47.14 8.57 -43.29
C ALA C 158 -48.05 9.75 -43.58
N VAL C 159 -49.32 9.47 -43.89
CA VAL C 159 -50.29 10.51 -44.19
C VAL C 159 -50.68 11.20 -42.89
N HIS C 160 -50.29 12.46 -42.73
CA HIS C 160 -50.65 13.24 -41.57
C HIS C 160 -51.76 14.22 -41.94
N ILE C 161 -52.82 14.23 -41.14
CA ILE C 161 -53.93 15.15 -41.34
C ILE C 161 -53.98 16.05 -40.11
N ASN C 162 -53.52 17.28 -40.27
CA ASN C 162 -53.41 18.23 -39.18
C ASN C 162 -54.71 19.01 -39.03
N ALA C 163 -54.67 20.08 -38.25
CA ALA C 163 -55.83 20.94 -38.07
C ALA C 163 -55.35 22.39 -38.05
N PHE C 164 -56.23 23.28 -37.62
CA PHE C 164 -55.98 24.71 -37.79
C PHE C 164 -55.32 25.37 -36.59
N ASN C 165 -54.98 24.63 -35.54
CA ASN C 165 -54.36 25.26 -34.38
C ASN C 165 -52.92 25.62 -34.67
N PHE C 166 -52.10 24.61 -34.93
CA PHE C 166 -50.67 24.76 -35.10
C PHE C 166 -50.32 24.26 -36.49
N PRO C 167 -50.27 25.14 -37.50
CA PRO C 167 -49.77 24.71 -38.81
C PRO C 167 -48.29 24.39 -38.79
N CYS C 168 -47.51 25.13 -38.00
CA CYS C 168 -46.10 24.86 -37.85
C CYS C 168 -45.85 23.68 -36.90
N TRP C 169 -46.31 23.81 -35.66
CA TRP C 169 -45.97 22.84 -34.63
C TRP C 169 -46.70 21.53 -34.81
N GLY C 170 -47.96 21.57 -35.25
CA GLY C 170 -48.73 20.37 -35.48
C GLY C 170 -48.23 19.52 -36.62
N MET C 171 -47.55 20.14 -37.59
CA MET C 171 -46.85 19.36 -38.60
C MET C 171 -45.52 18.84 -38.06
N LEU C 172 -44.76 19.70 -37.41
CA LEU C 172 -43.41 19.35 -36.97
C LEU C 172 -43.38 18.53 -35.69
N GLU C 173 -44.50 18.38 -34.98
CA GLU C 173 -44.58 17.35 -33.96
C GLU C 173 -44.73 15.97 -34.56
N LYS C 174 -45.11 15.90 -35.83
CA LYS C 174 -45.33 14.66 -36.55
C LYS C 174 -44.27 14.39 -37.61
N LEU C 175 -43.76 15.45 -38.23
CA LEU C 175 -42.79 15.29 -39.31
C LEU C 175 -41.42 14.90 -38.78
N ALA C 176 -41.07 15.33 -37.59
CA ALA C 176 -39.78 14.97 -37.02
C ALA C 176 -39.69 13.51 -36.56
N PRO C 177 -40.69 12.91 -35.88
CA PRO C 177 -40.57 11.46 -35.63
C PRO C 177 -40.71 10.62 -36.89
N THR C 178 -41.41 11.10 -37.90
CA THR C 178 -41.53 10.35 -39.15
C THR C 178 -40.21 10.30 -39.89
N TRP C 179 -39.55 11.45 -40.04
CA TRP C 179 -38.22 11.48 -40.65
C TRP C 179 -37.17 10.81 -39.78
N LEU C 180 -37.32 10.86 -38.46
CA LEU C 180 -36.38 10.14 -37.60
C LEU C 180 -36.63 8.64 -37.64
N GLY C 181 -37.83 8.22 -38.02
CA GLY C 181 -38.13 6.80 -38.13
C GLY C 181 -38.21 6.31 -39.56
N GLY C 182 -37.58 7.03 -40.48
CA GLY C 182 -37.34 6.55 -41.83
C GLY C 182 -38.55 6.36 -42.74
N MET C 183 -39.45 7.32 -42.78
CA MET C 183 -40.58 7.27 -43.70
C MET C 183 -40.78 8.65 -44.32
N PRO C 184 -41.21 8.70 -45.58
CA PRO C 184 -41.65 9.97 -46.15
C PRO C 184 -43.06 10.31 -45.72
N ALA C 185 -43.33 11.60 -45.57
CA ALA C 185 -44.61 12.07 -45.08
C ALA C 185 -45.38 12.79 -46.17
N ILE C 186 -46.70 12.74 -46.07
CA ILE C 186 -47.60 13.45 -46.97
C ILE C 186 -48.52 14.26 -46.07
N ILE C 187 -48.15 15.51 -45.82
CA ILE C 187 -48.83 16.33 -44.81
C ILE C 187 -50.07 16.94 -45.44
N LYS C 188 -51.23 16.72 -44.81
CA LYS C 188 -52.46 17.38 -45.23
C LYS C 188 -52.86 18.36 -44.16
N PRO C 189 -52.62 19.65 -44.33
CA PRO C 189 -53.05 20.64 -43.34
C PRO C 189 -54.52 21.01 -43.54
N ALA C 190 -55.09 21.62 -42.51
CA ALA C 190 -56.44 22.13 -42.63
C ALA C 190 -56.47 23.35 -43.53
N THR C 191 -57.55 23.49 -44.30
CA THR C 191 -57.67 24.58 -45.25
C THR C 191 -57.98 25.92 -44.61
N ALA C 192 -58.15 25.97 -43.29
CA ALA C 192 -58.33 27.26 -42.62
C ALA C 192 -57.04 28.06 -42.61
N THR C 193 -55.92 27.40 -42.35
CA THR C 193 -54.62 28.08 -42.28
C THR C 193 -53.51 27.23 -42.92
N ALA C 194 -53.77 26.71 -44.12
CA ALA C 194 -52.78 25.89 -44.81
C ALA C 194 -51.62 26.70 -45.39
N GLN C 195 -51.70 28.04 -45.41
CA GLN C 195 -50.66 28.83 -46.04
C GLN C 195 -49.38 28.85 -45.21
N LEU C 196 -49.50 28.77 -43.89
CA LEU C 196 -48.32 28.67 -43.04
C LEU C 196 -47.64 27.33 -43.22
N THR C 197 -48.45 26.27 -43.41
CA THR C 197 -47.89 24.95 -43.69
C THR C 197 -47.18 24.92 -45.03
N GLN C 198 -47.72 25.61 -46.05
CA GLN C 198 -47.01 25.68 -47.32
C GLN C 198 -45.72 26.48 -47.20
N ALA C 199 -45.71 27.52 -46.37
CA ALA C 199 -44.48 28.26 -46.13
C ALA C 199 -43.42 27.39 -45.46
N MET C 200 -43.84 26.55 -44.51
CA MET C 200 -42.90 25.64 -43.85
C MET C 200 -42.35 24.61 -44.83
N VAL C 201 -43.23 24.01 -45.63
CA VAL C 201 -42.83 22.98 -46.59
C VAL C 201 -41.95 23.58 -47.70
N LYS C 202 -42.23 24.82 -48.11
CA LYS C 202 -41.38 25.46 -49.11
C LYS C 202 -40.00 25.79 -48.55
N SER C 203 -39.94 26.22 -47.28
CA SER C 203 -38.64 26.47 -46.65
C SER C 203 -37.86 25.18 -46.42
N ILE C 204 -38.55 24.06 -46.27
CA ILE C 204 -37.87 22.78 -46.16
C ILE C 204 -37.34 22.33 -47.51
N VAL C 205 -38.19 22.40 -48.55
CA VAL C 205 -37.83 21.87 -49.88
C VAL C 205 -36.75 22.72 -50.52
N ASP C 206 -36.79 24.04 -50.35
CA ASP C 206 -35.78 24.88 -50.95
C ASP C 206 -34.53 24.99 -50.08
N SER C 207 -34.00 23.86 -49.64
CA SER C 207 -32.74 23.83 -48.89
C SER C 207 -31.78 22.74 -49.32
N GLY C 208 -32.24 21.72 -50.05
CA GLY C 208 -31.37 20.61 -50.42
C GLY C 208 -30.99 19.69 -49.28
N LEU C 209 -31.64 19.80 -48.12
CA LEU C 209 -31.29 18.99 -46.96
C LEU C 209 -32.03 17.66 -46.92
N VAL C 210 -33.31 17.67 -47.28
CA VAL C 210 -34.09 16.44 -47.32
C VAL C 210 -33.99 15.85 -48.73
N PRO C 211 -34.11 14.53 -48.89
CA PRO C 211 -34.18 13.97 -50.23
C PRO C 211 -35.51 14.31 -50.90
N GLU C 212 -35.53 14.17 -52.21
CA GLU C 212 -36.76 14.41 -52.95
C GLU C 212 -37.75 13.27 -52.70
N GLY C 213 -39.03 13.64 -52.55
CA GLY C 213 -40.05 12.68 -52.20
C GLY C 213 -40.18 12.40 -50.72
N ALA C 214 -39.26 12.89 -49.90
CA ALA C 214 -39.32 12.66 -48.45
C ALA C 214 -40.32 13.58 -47.76
N ILE C 215 -40.95 14.50 -48.47
CA ILE C 215 -42.03 15.32 -47.93
C ILE C 215 -42.98 15.67 -49.06
N SER C 216 -44.27 15.60 -48.78
CA SER C 216 -45.30 16.01 -49.72
C SER C 216 -46.26 16.94 -48.99
N LEU C 217 -47.26 17.42 -49.74
CA LEU C 217 -48.19 18.40 -49.21
C LEU C 217 -49.42 18.42 -50.10
N ILE C 218 -50.59 18.49 -49.48
CA ILE C 218 -51.85 18.67 -50.20
C ILE C 218 -52.65 19.77 -49.52
N CYS C 219 -52.69 20.94 -50.15
CA CYS C 219 -53.48 22.06 -49.67
C CYS C 219 -54.86 21.94 -50.30
N GLY C 220 -55.80 21.37 -49.56
CA GLY C 220 -57.12 21.07 -50.05
C GLY C 220 -57.53 19.70 -49.58
N SER C 221 -58.60 19.16 -50.18
CA SER C 221 -59.08 17.85 -49.79
C SER C 221 -58.19 16.74 -50.33
N ALA C 222 -58.08 15.66 -49.57
CA ALA C 222 -57.31 14.51 -50.02
C ALA C 222 -58.05 13.76 -51.12
N GLY C 223 -59.31 13.41 -50.88
CA GLY C 223 -60.15 12.83 -51.90
C GLY C 223 -59.89 11.37 -52.17
N ASP C 224 -58.75 11.06 -52.79
CA ASP C 224 -58.46 9.71 -53.24
C ASP C 224 -57.10 9.25 -52.71
N LEU C 225 -56.71 9.73 -51.53
CA LEU C 225 -55.45 9.33 -50.91
C LEU C 225 -55.63 8.19 -49.92
N LEU C 226 -56.65 8.26 -49.07
CA LEU C 226 -56.90 7.19 -48.11
C LEU C 226 -57.46 5.93 -48.77
N ASP C 227 -57.91 6.02 -50.01
CA ASP C 227 -58.39 4.85 -50.76
C ASP C 227 -57.29 4.12 -51.50
N HIS C 228 -56.02 4.55 -51.35
CA HIS C 228 -54.92 3.96 -52.10
C HIS C 228 -53.79 3.46 -51.22
N LEU C 229 -53.95 3.46 -49.91
CA LEU C 229 -52.83 3.20 -49.02
C LEU C 229 -52.57 1.71 -48.86
N ASP C 230 -51.29 1.34 -48.95
CA ASP C 230 -50.83 -0.02 -48.73
C ASP C 230 -50.78 -0.31 -47.23
N SER C 231 -50.53 -1.57 -46.87
CA SER C 231 -50.54 -2.00 -45.48
C SER C 231 -49.36 -1.46 -44.68
N GLN C 232 -48.28 -1.04 -45.35
CA GLN C 232 -47.13 -0.47 -44.65
C GLN C 232 -47.26 1.03 -44.44
N ASP C 233 -48.44 1.60 -44.65
CA ASP C 233 -48.67 3.02 -44.43
C ASP C 233 -49.25 3.24 -43.03
N VAL C 234 -49.05 4.44 -42.52
CA VAL C 234 -49.66 4.86 -41.26
C VAL C 234 -50.39 6.17 -41.50
N VAL C 235 -51.45 6.40 -40.73
CA VAL C 235 -52.25 7.61 -40.82
C VAL C 235 -52.33 8.23 -39.44
N THR C 236 -52.09 9.54 -39.37
CA THR C 236 -52.17 10.28 -38.11
C THR C 236 -53.15 11.44 -38.30
N PHE C 237 -54.25 11.40 -37.56
CA PHE C 237 -55.27 12.44 -37.63
C PHE C 237 -55.16 13.35 -36.42
N THR C 238 -55.55 14.61 -36.61
CA THR C 238 -55.65 15.56 -35.50
C THR C 238 -56.74 16.55 -35.84
N GLY C 239 -57.79 16.60 -35.01
CA GLY C 239 -58.90 17.48 -35.28
C GLY C 239 -60.13 17.15 -34.47
N SER C 240 -61.30 17.26 -35.09
CA SER C 240 -62.55 16.94 -34.40
C SER C 240 -62.72 15.44 -34.26
N ALA C 241 -63.55 15.05 -33.31
CA ALA C 241 -63.82 13.63 -33.11
C ALA C 241 -64.77 13.09 -34.18
N ALA C 242 -65.74 13.92 -34.61
CA ALA C 242 -66.76 13.45 -35.54
C ALA C 242 -66.20 13.16 -36.91
N THR C 243 -65.14 13.85 -37.31
CA THR C 243 -64.49 13.55 -38.58
C THR C 243 -63.56 12.34 -38.45
N GLY C 244 -62.75 12.31 -37.39
CA GLY C 244 -61.81 11.24 -37.18
C GLY C 244 -62.43 9.89 -36.93
N GLN C 245 -63.66 9.85 -36.42
CA GLN C 245 -64.38 8.59 -36.35
C GLN C 245 -64.94 8.17 -37.70
N MET C 246 -65.23 9.11 -38.59
CA MET C 246 -65.60 8.76 -39.96
C MET C 246 -64.40 8.33 -40.79
N LEU C 247 -63.20 8.76 -40.41
CA LEU C 247 -61.99 8.30 -41.09
C LEU C 247 -61.48 6.97 -40.55
N ARG C 248 -61.86 6.60 -39.33
CA ARG C 248 -61.47 5.29 -38.81
C ARG C 248 -62.29 4.18 -39.45
N VAL C 249 -63.53 4.46 -39.84
CA VAL C 249 -64.41 3.46 -40.45
C VAL C 249 -64.28 3.50 -41.97
N GLN C 250 -63.25 4.18 -42.46
CA GLN C 250 -62.96 4.19 -43.88
C GLN C 250 -62.55 2.79 -44.31
N PRO C 251 -63.09 2.26 -45.42
CA PRO C 251 -62.96 0.83 -45.70
C PRO C 251 -61.56 0.38 -46.06
N ASN C 252 -60.70 1.24 -46.61
CA ASN C 252 -59.34 0.81 -46.91
C ASN C 252 -58.48 0.74 -45.65
N ILE C 253 -58.72 1.64 -44.69
CA ILE C 253 -57.93 1.65 -43.46
C ILE C 253 -58.23 0.42 -42.62
N VAL C 254 -59.49 -0.02 -42.60
CA VAL C 254 -59.80 -1.25 -41.89
C VAL C 254 -59.57 -2.49 -42.75
N ALA C 255 -59.51 -2.33 -44.08
CA ALA C 255 -59.27 -3.49 -44.94
C ALA C 255 -57.79 -3.88 -44.92
N LYS C 256 -56.90 -2.91 -45.13
CA LYS C 256 -55.47 -3.18 -45.12
C LYS C 256 -54.90 -3.20 -43.71
N SER C 257 -55.68 -2.82 -42.71
CA SER C 257 -55.30 -2.79 -41.29
C SER C 257 -54.06 -1.93 -41.05
N ILE C 258 -54.19 -0.66 -41.43
CA ILE C 258 -53.08 0.28 -41.29
C ILE C 258 -53.27 1.06 -39.99
N PRO C 259 -52.19 1.47 -39.33
CA PRO C 259 -52.34 2.20 -38.06
C PRO C 259 -52.94 3.58 -38.21
N PHE C 260 -54.14 3.76 -37.69
CA PHE C 260 -54.80 5.06 -37.63
C PHE C 260 -54.67 5.62 -36.23
N THR C 261 -53.94 6.72 -36.09
CA THR C 261 -53.72 7.37 -34.82
C THR C 261 -54.52 8.67 -34.80
N MET C 262 -55.41 8.81 -33.82
CA MET C 262 -56.35 9.92 -33.77
C MET C 262 -56.15 10.72 -32.48
N GLU C 263 -56.09 12.03 -32.61
CA GLU C 263 -56.11 12.95 -31.49
C GLU C 263 -57.27 13.90 -31.66
N ALA C 264 -58.29 13.74 -30.83
CA ALA C 264 -59.41 14.68 -30.81
C ALA C 264 -59.21 15.65 -29.65
N ASP C 265 -60.19 16.52 -29.45
CA ASP C 265 -60.18 17.43 -28.31
C ASP C 265 -61.06 16.89 -27.19
N SER C 266 -60.82 17.39 -25.99
CA SER C 266 -61.49 16.88 -24.81
C SER C 266 -61.75 18.01 -23.85
N LEU C 267 -62.18 17.67 -22.65
CA LEU C 267 -62.54 18.62 -21.61
C LEU C 267 -61.48 18.51 -20.52
N ASN C 268 -60.49 19.38 -20.60
CA ASN C 268 -59.32 19.32 -19.73
C ASN C 268 -59.66 19.93 -18.38
N CYS C 269 -59.52 19.16 -17.31
CA CYS C 269 -59.85 19.67 -15.99
C CYS C 269 -58.71 20.53 -15.45
N CYS C 270 -59.02 21.26 -14.37
CA CYS C 270 -58.00 21.96 -13.58
C CYS C 270 -58.52 22.00 -12.14
N VAL C 271 -58.14 20.99 -11.37
CA VAL C 271 -58.72 20.76 -10.05
C VAL C 271 -57.94 21.56 -9.02
N LEU C 272 -58.65 22.29 -8.18
CA LEU C 272 -58.06 22.98 -7.03
C LEU C 272 -58.34 22.17 -5.78
N GLY C 273 -57.31 22.01 -4.93
CA GLY C 273 -57.42 21.14 -3.78
C GLY C 273 -57.94 21.84 -2.54
N GLU C 274 -58.18 21.03 -1.50
CA GLU C 274 -58.69 21.56 -0.24
C GLU C 274 -57.61 22.32 0.53
N ASP C 275 -56.34 21.97 0.32
CA ASP C 275 -55.25 22.63 1.04
C ASP C 275 -54.97 24.05 0.57
N VAL C 276 -55.54 24.47 -0.56
CA VAL C 276 -55.31 25.80 -1.08
C VAL C 276 -56.35 26.74 -0.49
N THR C 277 -55.89 27.76 0.22
CA THR C 277 -56.68 28.83 0.78
C THR C 277 -56.28 30.12 0.08
N PRO C 278 -57.16 31.14 0.04
CA PRO C 278 -56.84 32.37 -0.72
C PRO C 278 -55.68 33.20 -0.17
N ASP C 279 -55.20 32.92 1.03
CA ASP C 279 -54.01 33.63 1.52
C ASP C 279 -52.72 32.99 1.02
N GLN C 280 -52.76 31.74 0.58
CA GLN C 280 -51.58 31.04 0.09
C GLN C 280 -51.16 31.57 -1.27
N PRO C 281 -49.89 31.42 -1.64
CA PRO C 281 -49.47 31.77 -3.01
C PRO C 281 -49.98 30.80 -4.07
N GLU C 282 -50.55 29.66 -3.67
CA GLU C 282 -51.10 28.69 -4.63
C GLU C 282 -52.30 29.25 -5.37
N PHE C 283 -53.08 30.10 -4.71
CA PHE C 283 -54.32 30.62 -5.29
C PHE C 283 -54.03 31.56 -6.45
N ALA C 284 -53.05 32.44 -6.30
CA ALA C 284 -52.74 33.41 -7.34
C ALA C 284 -52.14 32.74 -8.57
N LEU C 285 -51.29 31.73 -8.37
CA LEU C 285 -50.74 31.01 -9.51
C LEU C 285 -51.80 30.10 -10.15
N PHE C 286 -52.77 29.63 -9.36
CA PHE C 286 -53.92 28.92 -9.93
C PHE C 286 -54.72 29.82 -10.87
N ILE C 287 -55.05 31.02 -10.42
CA ILE C 287 -55.82 31.95 -11.25
C ILE C 287 -55.01 32.39 -12.46
N ARG C 288 -53.70 32.62 -12.28
CA ARG C 288 -52.84 33.01 -13.39
C ARG C 288 -52.71 31.90 -14.42
N GLU C 289 -52.63 30.64 -13.97
CA GLU C 289 -52.51 29.52 -14.89
C GLU C 289 -53.80 29.30 -15.66
N VAL C 290 -54.96 29.40 -14.99
CA VAL C 290 -56.25 29.23 -15.66
C VAL C 290 -56.47 30.34 -16.69
N VAL C 291 -56.14 31.58 -16.33
CA VAL C 291 -56.36 32.71 -17.25
C VAL C 291 -55.38 32.66 -18.42
N ARG C 292 -54.10 32.40 -18.17
CA ARG C 292 -53.12 32.34 -19.25
C ARG C 292 -53.39 31.16 -20.18
N GLU C 293 -53.84 30.04 -19.63
CA GLU C 293 -54.16 28.89 -20.46
C GLU C 293 -55.41 29.13 -21.28
N MET C 294 -56.41 29.83 -20.72
CA MET C 294 -57.63 30.08 -21.46
C MET C 294 -57.46 31.18 -22.50
N THR C 295 -56.49 32.08 -22.32
CA THR C 295 -56.30 33.18 -23.25
C THR C 295 -55.16 32.97 -24.24
N THR C 296 -54.31 31.96 -24.05
CA THR C 296 -53.23 31.71 -25.01
C THR C 296 -53.79 31.07 -26.27
N LYS C 297 -53.45 31.65 -27.44
CA LYS C 297 -53.92 31.25 -28.76
C LYS C 297 -55.46 31.30 -28.81
N ALA C 298 -56.02 32.33 -28.16
CA ALA C 298 -57.46 32.63 -28.11
C ALA C 298 -58.29 31.46 -27.60
N GLY C 299 -57.70 30.60 -26.76
CA GLY C 299 -58.35 29.38 -26.33
C GLY C 299 -58.49 28.32 -27.40
N GLN C 300 -57.79 28.45 -28.52
CA GLN C 300 -57.86 27.49 -29.62
C GLN C 300 -56.71 26.50 -29.61
N LYS C 301 -56.27 26.05 -28.45
CA LYS C 301 -55.36 24.92 -28.38
C LYS C 301 -56.07 23.72 -27.77
N CYS C 302 -55.64 22.53 -28.20
CA CYS C 302 -56.32 21.30 -27.81
C CYS C 302 -56.11 20.94 -26.35
N THR C 303 -55.06 21.48 -25.71
CA THR C 303 -54.79 21.23 -24.31
C THR C 303 -55.19 22.40 -23.43
N ALA C 304 -56.27 23.11 -23.77
CA ALA C 304 -56.69 24.27 -23.02
C ALA C 304 -57.62 23.85 -21.88
N ILE C 305 -57.52 24.56 -20.75
CA ILE C 305 -58.35 24.28 -19.60
C ILE C 305 -59.78 24.71 -19.89
N ARG C 306 -60.71 23.75 -19.86
CA ARG C 306 -62.09 24.01 -20.17
C ARG C 306 -63.05 23.61 -19.05
N ARG C 307 -62.55 23.04 -17.96
CA ARG C 307 -63.36 22.78 -16.77
C ARG C 307 -62.52 23.12 -15.55
N ILE C 308 -63.00 24.07 -14.75
CA ILE C 308 -62.32 24.45 -13.51
C ILE C 308 -63.09 23.85 -12.35
N ILE C 309 -62.45 22.96 -11.60
CA ILE C 309 -63.05 22.28 -10.47
C ILE C 309 -62.45 22.87 -9.20
N VAL C 310 -63.27 23.55 -8.42
CA VAL C 310 -62.83 24.18 -7.18
C VAL C 310 -63.70 23.62 -6.06
N PRO C 311 -63.25 23.70 -4.81
CA PRO C 311 -64.12 23.32 -3.69
C PRO C 311 -65.26 24.30 -3.51
N GLN C 312 -66.30 23.83 -2.81
CA GLN C 312 -67.52 24.61 -2.62
C GLN C 312 -67.27 25.85 -1.78
N ALA C 313 -66.32 25.80 -0.86
CA ALA C 313 -66.00 26.95 -0.01
C ALA C 313 -65.10 27.96 -0.70
N LEU C 314 -64.73 27.75 -1.97
CA LEU C 314 -63.83 28.64 -2.68
C LEU C 314 -64.42 29.15 -4.00
N VAL C 315 -65.68 28.84 -4.29
CA VAL C 315 -66.28 29.26 -5.56
C VAL C 315 -66.42 30.77 -5.62
N ASN C 316 -66.84 31.39 -4.52
CA ASN C 316 -67.00 32.83 -4.47
C ASN C 316 -65.68 33.58 -4.55
N ALA C 317 -64.57 32.93 -4.19
CA ALA C 317 -63.25 33.53 -4.35
C ALA C 317 -62.69 33.33 -5.75
N VAL C 318 -62.81 32.11 -6.30
CA VAL C 318 -62.25 31.81 -7.61
C VAL C 318 -63.02 32.53 -8.70
N SER C 319 -64.36 32.52 -8.63
CA SER C 319 -65.17 33.14 -9.67
C SER C 319 -65.10 34.66 -9.65
N ASP C 320 -64.58 35.27 -8.58
CA ASP C 320 -64.32 36.70 -8.58
C ASP C 320 -62.88 37.04 -8.94
N ALA C 321 -61.91 36.21 -8.54
CA ALA C 321 -60.53 36.44 -8.92
C ALA C 321 -60.31 36.22 -10.40
N LEU C 322 -61.01 35.24 -10.99
CA LEU C 322 -60.92 35.03 -12.44
C LEU C 322 -61.52 36.19 -13.21
N VAL C 323 -62.60 36.79 -12.69
CA VAL C 323 -63.19 37.95 -13.36
C VAL C 323 -62.26 39.16 -13.22
N ALA C 324 -61.67 39.36 -12.03
CA ALA C 324 -60.77 40.48 -11.83
C ALA C 324 -59.46 40.33 -12.60
N ARG C 325 -59.07 39.11 -12.96
CA ARG C 325 -57.90 38.90 -13.81
C ARG C 325 -58.26 38.93 -15.31
N LEU C 326 -59.48 38.54 -15.66
CA LEU C 326 -59.88 38.44 -17.06
C LEU C 326 -60.51 39.71 -17.64
N GLN C 327 -60.93 40.66 -16.80
CA GLN C 327 -61.39 41.93 -17.35
C GLN C 327 -60.25 42.77 -17.89
N LYS C 328 -59.00 42.48 -17.49
CA LYS C 328 -57.84 43.14 -18.04
C LYS C 328 -57.40 42.56 -19.37
N VAL C 329 -57.98 41.43 -19.79
CA VAL C 329 -57.62 40.81 -21.05
C VAL C 329 -58.22 41.61 -22.20
N VAL C 330 -57.36 42.17 -23.04
CA VAL C 330 -57.77 43.05 -24.12
C VAL C 330 -57.89 42.22 -25.39
N VAL C 331 -59.08 42.24 -25.99
CA VAL C 331 -59.36 41.53 -27.23
C VAL C 331 -59.34 42.54 -28.37
N GLY C 332 -58.54 42.27 -29.39
CA GLY C 332 -58.46 43.17 -30.52
C GLY C 332 -57.45 42.71 -31.54
N ASP C 333 -56.93 43.67 -32.30
CA ASP C 333 -55.90 43.38 -33.28
C ASP C 333 -54.58 43.08 -32.60
N PRO C 334 -53.85 42.06 -33.05
CA PRO C 334 -52.59 41.70 -32.38
C PRO C 334 -51.44 42.66 -32.64
N ALA C 335 -51.46 43.40 -33.75
CA ALA C 335 -50.33 44.25 -34.08
C ALA C 335 -50.29 45.53 -33.26
N GLN C 336 -51.45 46.07 -32.89
CA GLN C 336 -51.49 47.27 -32.07
C GLN C 336 -51.12 46.94 -30.62
N GLU C 337 -50.62 47.95 -29.93
CA GLU C 337 -50.07 47.75 -28.60
C GLU C 337 -51.18 47.65 -27.55
N GLY C 338 -50.89 46.91 -26.48
CA GLY C 338 -51.81 46.77 -25.38
C GLY C 338 -52.87 45.71 -25.55
N VAL C 339 -52.74 44.83 -26.54
CA VAL C 339 -53.71 43.78 -26.81
C VAL C 339 -53.06 42.45 -26.49
N LYS C 340 -53.70 41.68 -25.59
CA LYS C 340 -53.15 40.41 -25.13
C LYS C 340 -53.75 39.22 -25.88
N MET C 341 -55.07 39.06 -25.83
CA MET C 341 -55.74 38.00 -26.59
C MET C 341 -55.88 38.41 -28.06
N GLY C 342 -55.54 37.49 -28.95
CA GLY C 342 -55.81 37.69 -30.36
C GLY C 342 -57.25 37.39 -30.72
N ALA C 343 -57.46 36.74 -31.85
CA ALA C 343 -58.80 36.42 -32.32
C ALA C 343 -58.86 34.96 -32.75
N LEU C 344 -60.03 34.54 -33.20
CA LEU C 344 -60.19 33.20 -33.75
C LEU C 344 -59.68 33.18 -35.19
N VAL C 345 -59.90 32.06 -35.88
CA VAL C 345 -59.39 31.94 -37.24
C VAL C 345 -60.45 32.15 -38.31
N ASN C 346 -61.72 31.91 -38.02
CA ASN C 346 -62.77 32.02 -39.02
C ASN C 346 -64.05 32.52 -38.37
N ALA C 347 -64.93 33.07 -39.20
CA ALA C 347 -66.28 33.37 -38.74
C ALA C 347 -67.09 32.09 -38.54
N GLU C 348 -66.77 31.05 -39.32
CA GLU C 348 -67.38 29.75 -39.13
C GLU C 348 -66.98 29.15 -37.79
N GLN C 349 -65.72 29.36 -37.38
CA GLN C 349 -65.29 28.93 -36.05
C GLN C 349 -65.95 29.75 -34.96
N ARG C 350 -66.24 31.03 -35.22
CA ARG C 350 -66.96 31.84 -34.25
C ARG C 350 -68.39 31.33 -34.05
N ALA C 351 -69.06 31.00 -35.15
CA ALA C 351 -70.40 30.42 -35.06
C ALA C 351 -70.37 29.05 -34.40
N ASP C 352 -69.33 28.25 -34.68
CA ASP C 352 -69.22 26.93 -34.07
C ASP C 352 -68.92 27.00 -32.59
N VAL C 353 -68.20 28.03 -32.14
CA VAL C 353 -67.99 28.21 -30.71
C VAL C 353 -69.28 28.65 -30.04
N GLN C 354 -69.98 29.64 -30.63
CA GLN C 354 -71.17 30.19 -29.98
C GLN C 354 -72.33 29.19 -29.99
N GLU C 355 -72.39 28.29 -30.97
CA GLU C 355 -73.43 27.27 -30.93
C GLU C 355 -73.15 26.18 -29.91
N LYS C 356 -71.91 26.04 -29.44
CA LYS C 356 -71.64 25.18 -28.30
C LYS C 356 -71.85 25.91 -26.98
N VAL C 357 -71.59 27.23 -26.97
CA VAL C 357 -71.86 28.04 -25.79
C VAL C 357 -73.36 28.08 -25.51
N ASN C 358 -74.19 28.12 -26.56
CA ASN C 358 -75.63 28.07 -26.35
C ASN C 358 -76.10 26.74 -25.79
N ILE C 359 -75.42 25.64 -26.17
CA ILE C 359 -75.75 24.34 -25.60
C ILE C 359 -75.35 24.28 -24.12
N LEU C 360 -74.21 24.88 -23.78
CA LEU C 360 -73.82 24.96 -22.37
C LEU C 360 -74.71 25.91 -21.57
N LEU C 361 -75.27 26.93 -22.23
CA LEU C 361 -76.24 27.82 -21.61
C LEU C 361 -77.62 27.21 -21.51
N ALA C 362 -77.90 26.13 -22.25
CA ALA C 362 -79.18 25.44 -22.10
C ALA C 362 -79.32 24.73 -20.76
N ALA C 363 -78.21 24.48 -20.06
CA ALA C 363 -78.28 23.86 -18.74
C ALA C 363 -77.38 24.49 -17.69
N GLY C 364 -76.43 25.36 -18.06
CA GLY C 364 -75.51 25.93 -17.09
C GLY C 364 -75.91 27.28 -16.55
N CYS C 365 -74.96 28.19 -16.44
CA CYS C 365 -75.19 29.52 -15.87
C CYS C 365 -74.27 30.49 -16.59
N GLU C 366 -74.07 31.67 -16.01
CA GLU C 366 -73.27 32.69 -16.65
C GLU C 366 -72.61 33.58 -15.61
N ILE C 367 -71.33 33.92 -15.84
CA ILE C 367 -70.59 34.80 -14.94
C ILE C 367 -70.13 36.04 -15.71
N ARG C 368 -69.87 35.90 -17.00
CA ARG C 368 -69.24 36.96 -17.78
C ARG C 368 -69.93 37.08 -19.13
N LEU C 369 -69.25 37.72 -20.07
CA LEU C 369 -69.75 37.89 -21.43
C LEU C 369 -69.67 36.55 -22.15
N GLY C 370 -70.81 35.89 -22.29
CA GLY C 370 -70.87 34.58 -22.91
C GLY C 370 -71.36 34.61 -24.33
N GLY C 371 -72.66 34.32 -24.51
CA GLY C 371 -73.30 34.32 -25.81
C GLY C 371 -73.34 35.68 -26.49
N GLN C 372 -73.08 36.76 -25.77
CA GLN C 372 -72.95 38.07 -26.39
C GLN C 372 -71.65 38.14 -27.18
N ALA C 373 -71.73 37.82 -28.47
CA ALA C 373 -70.61 37.94 -29.39
C ALA C 373 -71.15 38.43 -30.72
N ASP C 374 -70.53 39.47 -31.27
CA ASP C 374 -71.04 40.08 -32.49
C ASP C 374 -70.73 39.18 -33.68
N LEU C 375 -71.76 38.61 -34.28
CA LEU C 375 -71.64 37.75 -35.45
C LEU C 375 -71.65 38.53 -36.76
N SER C 376 -71.33 39.83 -36.72
CA SER C 376 -71.32 40.64 -37.92
C SER C 376 -70.07 41.52 -38.01
N ALA C 377 -69.09 41.32 -37.15
CA ALA C 377 -67.89 42.15 -37.17
C ALA C 377 -66.92 41.68 -38.24
N ALA C 378 -66.16 42.64 -38.77
CA ALA C 378 -65.08 42.35 -39.72
C ALA C 378 -63.87 41.87 -38.94
N GLY C 379 -63.92 40.61 -38.52
CA GLY C 379 -62.92 40.03 -37.66
C GLY C 379 -63.52 38.95 -36.78
N ALA C 380 -62.81 37.84 -36.63
CA ALA C 380 -63.35 36.67 -35.93
C ALA C 380 -62.99 36.74 -34.45
N PHE C 381 -63.63 37.67 -33.75
CA PHE C 381 -63.38 37.86 -32.34
C PHE C 381 -64.38 37.08 -31.51
N PHE C 382 -63.98 36.74 -30.28
CA PHE C 382 -64.91 36.11 -29.37
C PHE C 382 -64.45 36.54 -27.99
N PRO C 383 -65.35 37.04 -27.14
CA PRO C 383 -64.94 37.54 -25.82
C PRO C 383 -64.58 36.39 -24.89
N PRO C 384 -63.69 36.62 -23.93
CA PRO C 384 -63.32 35.55 -22.98
C PRO C 384 -64.50 35.21 -22.08
N THR C 385 -64.92 33.96 -22.13
CA THR C 385 -66.14 33.50 -21.47
C THR C 385 -65.78 32.61 -20.29
N LEU C 386 -66.35 32.92 -19.13
CA LEU C 386 -66.25 32.08 -17.94
C LEU C 386 -67.65 31.67 -17.54
N LEU C 387 -67.98 30.40 -17.73
CA LEU C 387 -69.33 29.91 -17.45
C LEU C 387 -69.44 29.49 -15.99
N TYR C 388 -70.55 28.84 -15.65
CA TYR C 388 -70.78 28.33 -14.31
C TYR C 388 -71.78 27.18 -14.40
N CYS C 389 -71.61 26.20 -13.53
CA CYS C 389 -72.56 25.10 -13.42
C CYS C 389 -72.77 24.76 -11.96
N PRO C 390 -73.95 25.06 -11.39
CA PRO C 390 -74.15 24.79 -9.96
C PRO C 390 -74.34 23.31 -9.64
N GLN C 391 -74.87 22.52 -10.57
CA GLN C 391 -75.09 21.09 -10.37
C GLN C 391 -74.22 20.34 -11.38
N PRO C 392 -72.97 20.02 -11.02
CA PRO C 392 -72.07 19.41 -12.01
C PRO C 392 -72.39 17.96 -12.32
N ASP C 393 -72.72 17.16 -11.32
CA ASP C 393 -72.95 15.73 -11.54
C ASP C 393 -74.35 15.43 -12.08
N GLU C 394 -75.29 16.37 -11.96
CA GLU C 394 -76.62 16.19 -12.51
C GLU C 394 -76.75 16.70 -13.94
N THR C 395 -75.78 17.45 -14.42
CA THR C 395 -75.79 17.97 -15.78
C THR C 395 -74.76 17.25 -16.63
N PRO C 396 -75.17 16.33 -17.52
CA PRO C 396 -74.19 15.63 -18.35
C PRO C 396 -73.69 16.43 -19.54
N ALA C 397 -74.30 17.58 -19.84
CA ALA C 397 -73.88 18.37 -20.98
C ALA C 397 -72.60 19.14 -20.72
N VAL C 398 -72.23 19.34 -19.45
CA VAL C 398 -70.97 20.01 -19.15
C VAL C 398 -69.80 19.07 -19.43
N HIS C 399 -69.94 17.79 -19.11
CA HIS C 399 -68.91 16.80 -19.34
C HIS C 399 -69.01 16.13 -20.70
N ALA C 400 -69.76 16.73 -21.64
CA ALA C 400 -69.88 16.18 -22.98
C ALA C 400 -69.73 17.21 -24.09
N THR C 401 -69.99 18.49 -23.84
CA THR C 401 -69.96 19.53 -24.86
C THR C 401 -68.77 20.44 -24.61
N GLU C 402 -67.88 20.52 -25.57
CA GLU C 402 -66.74 21.43 -25.53
C GLU C 402 -67.00 22.65 -26.40
N ALA C 403 -66.49 23.79 -25.96
CA ALA C 403 -66.56 25.04 -26.71
C ALA C 403 -65.13 25.43 -27.03
N PHE C 404 -64.73 25.25 -28.30
CA PHE C 404 -63.32 25.30 -28.68
C PHE C 404 -62.91 26.76 -28.91
N GLY C 405 -62.85 27.50 -27.81
CA GLY C 405 -62.46 28.89 -27.85
C GLY C 405 -62.04 29.37 -26.48
N PRO C 406 -62.37 30.62 -26.14
CA PRO C 406 -61.98 31.17 -24.84
C PRO C 406 -62.90 30.77 -23.69
N VAL C 407 -63.70 29.72 -23.88
CA VAL C 407 -64.77 29.35 -22.97
C VAL C 407 -64.28 28.28 -22.02
N ALA C 408 -64.55 28.45 -20.72
CA ALA C 408 -64.21 27.43 -19.75
C ALA C 408 -65.20 27.52 -18.59
N THR C 409 -65.91 26.42 -18.34
CA THR C 409 -66.90 26.39 -17.28
C THR C 409 -66.25 26.30 -15.91
N LEU C 410 -67.03 26.61 -14.88
CA LEU C 410 -66.60 26.52 -13.50
C LEU C 410 -67.66 25.76 -12.71
N MET C 411 -67.23 24.87 -11.82
CA MET C 411 -68.18 24.04 -11.11
C MET C 411 -67.60 23.59 -9.78
N PRO C 412 -68.40 23.49 -8.73
CA PRO C 412 -67.87 23.19 -7.40
C PRO C 412 -67.63 21.70 -7.19
N ALA C 413 -66.86 21.41 -6.15
CA ALA C 413 -66.53 20.05 -5.74
C ALA C 413 -66.86 19.88 -4.25
N GLN C 414 -66.78 18.64 -3.78
CA GLN C 414 -67.13 18.29 -2.40
C GLN C 414 -66.01 17.44 -1.79
N ASN C 415 -64.97 18.11 -1.28
CA ASN C 415 -63.94 17.57 -0.38
C ASN C 415 -63.18 16.39 -0.99
N GLN C 416 -62.58 16.65 -2.15
CA GLN C 416 -61.58 15.80 -2.81
C GLN C 416 -62.03 14.39 -3.21
N ARG C 417 -63.30 14.06 -3.02
CA ARG C 417 -63.86 12.83 -3.54
C ARG C 417 -64.81 13.08 -4.70
N HIS C 418 -65.45 14.24 -4.73
CA HIS C 418 -66.24 14.63 -5.89
C HIS C 418 -65.38 15.28 -6.95
N ALA C 419 -64.25 15.88 -6.54
CA ALA C 419 -63.35 16.51 -7.52
C ALA C 419 -62.69 15.47 -8.42
N LEU C 420 -62.34 14.31 -7.85
CA LEU C 420 -61.80 13.22 -8.66
C LEU C 420 -62.84 12.68 -9.64
N GLN C 421 -64.10 12.59 -9.20
CA GLN C 421 -65.16 12.11 -10.07
C GLN C 421 -65.46 13.10 -11.18
N LEU C 422 -65.41 14.40 -10.87
CA LEU C 422 -65.63 15.40 -11.91
C LEU C 422 -64.45 15.53 -12.85
N ALA C 423 -63.24 15.22 -12.38
CA ALA C 423 -62.09 15.20 -13.28
C ALA C 423 -62.09 13.97 -14.17
N CYS C 424 -62.63 12.85 -13.69
CA CYS C 424 -62.70 11.63 -14.49
C CYS C 424 -63.97 11.53 -15.32
N ALA C 425 -64.96 12.38 -15.09
CA ALA C 425 -66.21 12.33 -15.83
C ALA C 425 -66.13 12.94 -17.22
N GLY C 426 -64.96 13.42 -17.64
CA GLY C 426 -64.81 14.01 -18.96
C GLY C 426 -64.78 13.02 -20.11
N GLY C 427 -64.88 11.72 -19.84
CA GLY C 427 -64.84 10.74 -20.90
C GLY C 427 -63.45 10.54 -21.49
N GLY C 428 -62.41 10.84 -20.73
CA GLY C 428 -61.06 10.77 -21.24
C GLY C 428 -60.58 12.13 -21.70
N SER C 429 -59.58 12.68 -21.01
CA SER C 429 -59.10 14.02 -21.26
C SER C 429 -57.75 13.98 -21.95
N LEU C 430 -57.29 15.15 -22.39
CA LEU C 430 -56.02 15.26 -23.09
C LEU C 430 -54.93 15.82 -22.18
N ALA C 431 -55.30 16.60 -21.18
CA ALA C 431 -54.36 17.15 -20.22
C ALA C 431 -55.14 17.50 -18.94
N GLY C 432 -54.41 17.76 -17.87
CA GLY C 432 -55.03 18.08 -16.60
C GLY C 432 -54.12 18.90 -15.72
N THR C 433 -54.67 19.36 -14.60
CA THR C 433 -53.92 20.16 -13.64
C THR C 433 -54.50 19.93 -12.25
N LEU C 434 -53.62 19.66 -11.28
CA LEU C 434 -53.96 19.75 -9.86
C LEU C 434 -53.06 20.80 -9.24
N VAL C 435 -53.66 21.80 -8.59
CA VAL C 435 -52.91 22.84 -7.91
C VAL C 435 -53.10 22.60 -6.41
N THR C 436 -52.10 21.98 -5.79
CA THR C 436 -52.09 21.73 -4.35
C THR C 436 -50.69 22.03 -3.84
N ALA C 437 -50.50 21.79 -2.53
CA ALA C 437 -49.18 21.76 -1.93
C ALA C 437 -48.96 20.54 -1.05
N ASP C 438 -50.02 19.86 -0.62
CA ASP C 438 -49.89 18.62 0.14
C ASP C 438 -49.53 17.49 -0.82
N PRO C 439 -48.38 16.83 -0.64
CA PRO C 439 -47.97 15.80 -1.60
C PRO C 439 -48.73 14.48 -1.48
N GLN C 440 -49.60 14.32 -0.49
CA GLN C 440 -50.46 13.14 -0.42
C GLN C 440 -51.80 13.35 -1.11
N ILE C 441 -52.17 14.59 -1.41
CA ILE C 441 -53.32 14.84 -2.26
C ILE C 441 -53.00 14.48 -3.70
N ALA C 442 -51.76 14.79 -4.13
CA ALA C 442 -51.35 14.50 -5.50
C ALA C 442 -51.23 13.01 -5.76
N ARG C 443 -50.87 12.23 -4.73
CA ARG C 443 -50.81 10.78 -4.88
C ARG C 443 -52.18 10.19 -5.14
N GLN C 444 -53.19 10.63 -4.36
CA GLN C 444 -54.56 10.18 -4.56
C GLN C 444 -55.16 10.73 -5.85
N PHE C 445 -54.67 11.86 -6.35
CA PHE C 445 -55.18 12.37 -7.62
C PHE C 445 -54.59 11.62 -8.80
N ILE C 446 -53.31 11.28 -8.77
CA ILE C 446 -52.72 10.52 -9.87
C ILE C 446 -53.20 9.07 -9.84
N ALA C 447 -53.42 8.51 -8.65
CA ALA C 447 -53.85 7.12 -8.55
C ALA C 447 -55.25 6.87 -9.10
N ASP C 448 -56.07 7.93 -9.24
CA ASP C 448 -57.43 7.76 -9.71
C ASP C 448 -57.78 8.57 -10.95
N ALA C 449 -57.00 9.59 -11.30
CA ALA C 449 -57.34 10.48 -12.40
C ALA C 449 -56.30 10.48 -13.51
N ALA C 450 -55.28 9.64 -13.43
CA ALA C 450 -54.38 9.45 -14.56
C ALA C 450 -54.84 8.32 -15.46
N ARG C 451 -55.93 7.64 -15.11
CA ARG C 451 -56.53 6.65 -15.99
C ARG C 451 -57.27 7.32 -17.15
N THR C 452 -57.64 8.59 -17.00
CA THR C 452 -58.42 9.30 -17.99
C THR C 452 -57.66 10.43 -18.67
N HIS C 453 -56.58 10.90 -18.07
CA HIS C 453 -55.79 11.98 -18.65
C HIS C 453 -54.58 11.42 -19.39
N GLY C 454 -53.86 12.32 -20.06
CA GLY C 454 -52.69 11.91 -20.79
C GLY C 454 -51.45 12.64 -20.33
N ARG C 455 -51.65 13.80 -19.69
CA ARG C 455 -50.52 14.60 -19.22
C ARG C 455 -51.05 15.48 -18.08
N ILE C 456 -50.69 15.14 -16.85
CA ILE C 456 -51.15 15.86 -15.67
C ILE C 456 -50.00 16.71 -15.15
N GLN C 457 -50.28 17.98 -14.87
CA GLN C 457 -49.31 18.89 -14.29
C GLN C 457 -49.73 19.20 -12.87
N ILE C 458 -48.97 18.70 -11.89
CA ILE C 458 -49.22 19.02 -10.49
C ILE C 458 -48.48 20.32 -10.20
N LEU C 459 -49.22 21.40 -10.03
CA LEU C 459 -48.65 22.75 -9.96
C LEU C 459 -48.60 23.22 -8.52
N ASN C 460 -47.43 23.70 -8.10
CA ASN C 460 -47.29 24.32 -6.78
C ASN C 460 -46.36 25.53 -6.92
N GLU C 461 -45.89 26.03 -5.78
CA GLU C 461 -45.10 27.25 -5.77
C GLU C 461 -43.71 27.03 -6.37
N GLU C 462 -43.14 25.84 -6.18
CA GLU C 462 -41.82 25.56 -6.75
C GLU C 462 -41.89 25.28 -8.24
N SER C 463 -42.96 24.61 -8.67
CA SER C 463 -43.09 24.27 -10.09
C SER C 463 -43.43 25.48 -10.95
N ALA C 464 -44.18 26.44 -10.40
CA ALA C 464 -44.66 27.57 -11.18
C ALA C 464 -43.58 28.58 -11.52
N LYS C 465 -42.39 28.46 -10.95
CA LYS C 465 -41.30 29.37 -11.30
C LYS C 465 -40.79 29.10 -12.71
N GLU C 466 -40.49 27.84 -13.02
CA GLU C 466 -39.93 27.48 -14.32
C GLU C 466 -40.81 26.48 -15.05
N SER C 467 -42.14 26.60 -14.89
CA SER C 467 -43.06 25.75 -15.62
C SER C 467 -43.13 26.17 -17.08
N THR C 468 -43.21 25.18 -17.97
CA THR C 468 -43.45 25.45 -19.38
C THR C 468 -44.92 25.72 -19.66
N GLY C 469 -45.81 25.35 -18.75
CA GLY C 469 -47.22 25.63 -18.87
C GLY C 469 -48.04 24.37 -19.08
N HIS C 470 -49.35 24.57 -19.04
CA HIS C 470 -50.31 23.50 -19.29
C HIS C 470 -50.63 23.33 -20.76
N GLY C 471 -50.47 24.37 -21.56
CA GLY C 471 -50.74 24.27 -22.98
C GLY C 471 -49.49 24.23 -23.83
N SER C 472 -48.39 23.75 -23.26
CA SER C 472 -47.14 23.53 -23.99
C SER C 472 -46.83 22.05 -23.94
N PRO C 473 -47.32 21.26 -24.89
CA PRO C 473 -46.95 19.84 -24.93
C PRO C 473 -45.50 19.68 -25.33
N LEU C 474 -44.71 19.11 -24.42
CA LEU C 474 -43.28 18.97 -24.63
C LEU C 474 -43.01 17.92 -25.72
N PRO C 475 -41.93 18.08 -26.48
CA PRO C 475 -41.58 17.08 -27.49
C PRO C 475 -40.94 15.82 -26.95
N GLN C 476 -40.92 15.62 -25.64
CA GLN C 476 -40.45 14.39 -25.02
C GLN C 476 -41.39 13.95 -23.89
N LEU C 477 -42.67 14.32 -23.99
CA LEU C 477 -43.71 13.83 -23.12
C LEU C 477 -44.88 13.39 -23.97
N VAL C 478 -45.59 12.36 -23.50
CA VAL C 478 -46.67 11.75 -24.27
C VAL C 478 -47.83 12.73 -24.40
N HIS C 479 -48.15 13.08 -25.64
CA HIS C 479 -49.23 14.01 -25.97
C HIS C 479 -50.38 13.21 -26.55
N GLY C 480 -51.36 12.89 -25.72
CA GLY C 480 -52.50 12.11 -26.16
C GLY C 480 -53.17 11.39 -25.01
N GLY C 481 -54.50 11.41 -24.98
CA GLY C 481 -55.24 10.82 -23.91
C GLY C 481 -56.22 9.78 -24.40
N PRO C 482 -56.83 9.04 -23.48
CA PRO C 482 -57.74 7.96 -23.87
C PRO C 482 -59.14 8.48 -24.15
N GLY C 483 -59.97 7.59 -24.69
CA GLY C 483 -61.38 7.84 -24.86
C GLY C 483 -61.75 8.94 -25.83
N ARG C 484 -62.25 10.05 -25.29
CA ARG C 484 -62.69 11.17 -26.13
C ARG C 484 -61.50 11.88 -26.77
N ALA C 485 -60.33 11.80 -26.16
CA ALA C 485 -59.14 12.42 -26.72
C ALA C 485 -58.55 11.63 -27.89
N GLY C 486 -59.07 10.45 -28.18
CA GLY C 486 -58.66 9.72 -29.36
C GLY C 486 -58.03 8.38 -29.09
N GLY C 487 -57.17 8.33 -28.07
CA GLY C 487 -56.45 7.13 -27.71
C GLY C 487 -55.02 7.10 -28.20
N GLY C 488 -54.77 7.67 -29.38
CA GLY C 488 -53.43 7.64 -29.94
C GLY C 488 -52.49 8.60 -29.22
N GLU C 489 -51.22 8.23 -29.19
CA GLU C 489 -50.21 8.96 -28.45
C GLU C 489 -49.13 9.48 -29.38
N GLU C 490 -48.86 10.78 -29.26
CA GLU C 490 -47.82 11.45 -30.03
C GLU C 490 -46.74 11.94 -29.07
N LEU C 491 -45.59 12.31 -29.65
CA LEU C 491 -44.50 13.04 -28.99
C LEU C 491 -43.91 12.31 -27.79
N GLY C 492 -44.00 10.99 -27.72
CA GLY C 492 -43.64 10.29 -26.51
C GLY C 492 -42.15 10.12 -26.20
N GLY C 493 -41.31 10.96 -26.76
CA GLY C 493 -39.86 10.80 -26.62
C GLY C 493 -39.28 10.02 -27.81
N LEU C 494 -38.89 8.77 -27.56
CA LEU C 494 -38.65 7.83 -28.63
C LEU C 494 -39.83 6.92 -28.85
N ARG C 495 -40.91 7.12 -28.10
CA ARG C 495 -42.14 6.38 -28.30
C ARG C 495 -42.88 6.82 -29.55
N ALA C 496 -42.53 7.98 -30.12
CA ALA C 496 -43.18 8.48 -31.31
C ALA C 496 -42.60 7.86 -32.58
N VAL C 497 -41.30 7.61 -32.62
CA VAL C 497 -40.71 6.97 -33.80
C VAL C 497 -40.99 5.48 -33.86
N LYS C 498 -41.55 4.90 -32.81
CA LYS C 498 -41.92 3.49 -32.81
C LYS C 498 -43.30 3.25 -33.36
N HIS C 499 -44.06 4.32 -33.65
CA HIS C 499 -45.27 4.18 -34.44
C HIS C 499 -44.98 4.08 -35.92
N TYR C 500 -43.77 4.45 -36.34
CA TYR C 500 -43.39 4.48 -37.74
C TYR C 500 -42.43 3.36 -38.09
N MET C 501 -42.36 2.33 -37.24
CA MET C 501 -41.46 1.20 -37.44
C MET C 501 -42.24 -0.09 -37.25
N GLN C 502 -41.55 -1.20 -37.53
CA GLN C 502 -42.13 -2.53 -37.35
C GLN C 502 -41.26 -3.31 -36.37
N ARG C 503 -41.85 -3.72 -35.25
CA ARG C 503 -41.11 -4.39 -34.19
C ARG C 503 -41.05 -5.87 -34.50
N THR C 504 -39.89 -6.33 -34.95
CA THR C 504 -39.69 -7.71 -35.36
C THR C 504 -38.86 -8.43 -34.30
N ALA C 505 -39.39 -9.53 -33.77
CA ALA C 505 -38.67 -10.34 -32.80
C ALA C 505 -37.83 -11.35 -33.57
N VAL C 506 -36.60 -10.96 -33.88
CA VAL C 506 -35.70 -11.80 -34.67
C VAL C 506 -35.10 -12.86 -33.76
N GLN C 507 -35.36 -14.12 -34.07
CA GLN C 507 -34.77 -15.23 -33.35
C GLN C 507 -33.46 -15.65 -34.02
N GLY C 508 -32.90 -16.78 -33.61
CA GLY C 508 -31.70 -17.30 -34.22
C GLY C 508 -30.55 -17.42 -33.23
N SER C 509 -29.44 -17.93 -33.74
CA SER C 509 -28.24 -18.10 -32.93
C SER C 509 -27.64 -16.74 -32.58
N PRO C 510 -26.90 -16.64 -31.47
CA PRO C 510 -26.30 -15.35 -31.11
C PRO C 510 -25.25 -14.86 -32.09
N THR C 511 -24.51 -15.77 -32.73
CA THR C 511 -23.56 -15.36 -33.77
C THR C 511 -24.24 -14.90 -35.05
N MET C 512 -25.55 -15.16 -35.19
CA MET C 512 -26.34 -14.62 -36.28
C MET C 512 -26.97 -13.29 -35.91
N LEU C 513 -27.45 -13.17 -34.67
CA LEU C 513 -27.96 -11.90 -34.16
C LEU C 513 -26.88 -10.85 -34.05
N ALA C 514 -25.61 -11.25 -33.95
CA ALA C 514 -24.53 -10.29 -33.98
C ALA C 514 -24.33 -9.70 -35.37
N ALA C 515 -24.62 -10.47 -36.40
CA ALA C 515 -24.49 -9.97 -37.77
C ALA C 515 -25.73 -9.25 -38.24
N ILE C 516 -26.89 -9.60 -37.72
CA ILE C 516 -28.12 -8.90 -38.08
C ILE C 516 -28.16 -7.52 -37.46
N SER C 517 -27.87 -7.42 -36.17
CA SER C 517 -27.95 -6.15 -35.47
C SER C 517 -26.70 -5.30 -35.60
N LYS C 518 -25.67 -5.81 -36.28
CA LYS C 518 -24.33 -5.19 -36.35
C LYS C 518 -23.78 -4.87 -34.97
N GLN C 519 -23.95 -5.79 -34.04
CA GLN C 519 -23.52 -5.61 -32.66
C GLN C 519 -22.89 -6.92 -32.20
N TRP C 520 -22.71 -7.06 -30.89
CA TRP C 520 -22.26 -8.31 -30.28
C TRP C 520 -23.32 -8.73 -29.28
N VAL C 521 -23.55 -10.04 -29.15
CA VAL C 521 -24.75 -10.45 -28.44
C VAL C 521 -24.43 -11.06 -27.07
N ARG C 522 -24.00 -12.33 -27.02
CA ARG C 522 -23.46 -12.89 -25.79
C ARG C 522 -22.42 -13.96 -26.09
N GLY C 523 -22.62 -14.66 -27.20
CA GLY C 523 -21.84 -15.85 -27.50
C GLY C 523 -21.51 -15.92 -28.96
N ALA C 524 -21.38 -14.76 -29.60
CA ALA C 524 -21.08 -14.67 -31.01
C ALA C 524 -19.65 -15.13 -31.29
N LYS C 525 -19.37 -15.36 -32.57
CA LYS C 525 -17.99 -15.58 -32.97
C LYS C 525 -17.25 -14.25 -32.88
N VAL C 526 -15.99 -14.31 -32.47
CA VAL C 526 -15.19 -13.14 -32.16
C VAL C 526 -14.03 -13.06 -33.13
N GLU C 527 -13.39 -11.90 -33.17
CA GLU C 527 -12.29 -11.64 -34.09
C GLU C 527 -11.10 -11.19 -33.25
N GLU C 528 -10.34 -12.17 -32.74
CA GLU C 528 -9.13 -11.91 -31.97
C GLU C 528 -7.97 -11.84 -32.95
N ASP C 529 -7.37 -10.66 -33.07
CA ASP C 529 -6.41 -10.40 -34.14
C ASP C 529 -5.09 -9.85 -33.60
N ARG C 530 -4.59 -10.42 -32.51
CA ARG C 530 -3.19 -10.40 -32.10
C ARG C 530 -2.71 -9.04 -31.58
N ILE C 531 -3.53 -8.00 -31.74
CA ILE C 531 -3.20 -6.68 -31.19
C ILE C 531 -4.34 -6.27 -30.26
N HIS C 532 -4.23 -5.09 -29.71
CA HIS C 532 -5.13 -4.68 -28.63
C HIS C 532 -6.24 -3.82 -29.19
N PRO C 533 -7.51 -4.09 -28.86
CA PRO C 533 -8.60 -3.23 -29.36
C PRO C 533 -8.59 -1.79 -28.86
N PHE C 534 -7.87 -1.47 -27.79
CA PHE C 534 -7.70 -0.07 -27.43
C PHE C 534 -6.63 0.63 -28.24
N ARG C 535 -5.92 -0.08 -29.11
CA ARG C 535 -4.99 0.53 -30.04
C ARG C 535 -5.63 0.86 -31.38
N LYS C 536 -6.76 0.24 -31.69
CA LYS C 536 -7.45 0.50 -32.94
C LYS C 536 -8.20 1.82 -32.89
N TYR C 537 -8.25 2.50 -34.03
CA TYR C 537 -9.09 3.68 -34.17
C TYR C 537 -10.55 3.27 -34.34
N PHE C 538 -11.41 4.26 -34.54
CA PHE C 538 -12.84 4.00 -34.67
C PHE C 538 -13.16 3.26 -35.96
N GLU C 539 -12.57 3.69 -37.07
CA GLU C 539 -12.91 3.15 -38.38
C GLU C 539 -12.40 1.74 -38.62
N GLU C 540 -11.52 1.22 -37.76
CA GLU C 540 -11.03 -0.14 -37.90
C GLU C 540 -11.47 -1.04 -36.75
N LEU C 541 -12.36 -0.57 -35.87
CA LEU C 541 -13.03 -1.46 -34.93
C LEU C 541 -14.24 -2.09 -35.59
N GLN C 542 -14.51 -3.34 -35.22
CA GLN C 542 -15.73 -4.02 -35.62
C GLN C 542 -16.41 -4.56 -34.38
N PRO C 543 -17.74 -4.62 -34.36
CA PRO C 543 -18.42 -5.25 -33.23
C PRO C 543 -18.18 -6.74 -33.22
N GLY C 544 -17.37 -7.19 -32.26
CA GLY C 544 -16.91 -8.55 -32.22
C GLY C 544 -15.42 -8.65 -31.98
N ASP C 545 -14.73 -7.51 -32.02
CA ASP C 545 -13.28 -7.47 -31.77
C ASP C 545 -13.02 -7.75 -30.30
N SER C 546 -12.49 -8.93 -30.02
CA SER C 546 -12.38 -9.41 -28.65
C SER C 546 -10.98 -9.20 -28.10
N LEU C 547 -10.80 -9.66 -26.86
CA LEU C 547 -9.55 -9.57 -26.13
C LEU C 547 -9.59 -10.52 -24.95
N LEU C 548 -8.62 -11.41 -24.84
CA LEU C 548 -8.55 -12.35 -23.72
C LEU C 548 -7.37 -11.92 -22.86
N THR C 549 -7.68 -11.29 -21.74
CA THR C 549 -6.67 -10.68 -20.89
C THR C 549 -5.92 -11.76 -20.09
N PRO C 550 -4.72 -11.44 -19.59
CA PRO C 550 -4.06 -12.35 -18.65
C PRO C 550 -4.83 -12.48 -17.34
N ARG C 551 -4.57 -13.59 -16.65
CA ARG C 551 -5.26 -13.87 -15.41
C ARG C 551 -4.65 -13.09 -14.26
N ARG C 552 -5.40 -13.01 -13.17
CA ARG C 552 -4.93 -12.36 -11.94
C ARG C 552 -5.57 -13.08 -10.76
N THR C 553 -4.74 -13.61 -9.86
CA THR C 553 -5.24 -14.39 -8.74
C THR C 553 -5.67 -13.48 -7.62
N MET C 554 -6.96 -13.51 -7.29
CA MET C 554 -7.49 -12.78 -6.15
C MET C 554 -7.02 -13.44 -4.87
N THR C 555 -6.10 -12.80 -4.17
CA THR C 555 -5.52 -13.35 -2.96
C THR C 555 -6.18 -12.70 -1.74
N GLU C 556 -5.74 -13.13 -0.56
CA GLU C 556 -6.27 -12.56 0.67
C GLU C 556 -5.77 -11.15 0.90
N ALA C 557 -4.59 -10.81 0.35
CA ALA C 557 -4.07 -9.46 0.47
C ALA C 557 -4.80 -8.46 -0.42
N ASP C 558 -5.44 -8.93 -1.49
CA ASP C 558 -6.17 -8.04 -2.39
C ASP C 558 -7.38 -7.42 -1.71
N ILE C 559 -8.14 -8.24 -0.97
CA ILE C 559 -9.29 -7.76 -0.20
C ILE C 559 -8.85 -6.72 0.82
N VAL C 560 -7.71 -6.97 1.47
CA VAL C 560 -7.22 -6.09 2.51
C VAL C 560 -6.77 -4.75 1.93
N ASN C 561 -6.00 -4.80 0.84
CA ASN C 561 -5.55 -3.55 0.22
C ASN C 561 -6.70 -2.76 -0.38
N PHE C 562 -7.72 -3.42 -0.93
CA PHE C 562 -8.82 -2.64 -1.48
C PHE C 562 -9.73 -2.09 -0.39
N ALA C 563 -9.96 -2.84 0.69
CA ALA C 563 -10.77 -2.34 1.78
C ALA C 563 -10.06 -1.25 2.56
N CYS C 564 -8.73 -1.27 2.55
CA CYS C 564 -7.99 -0.15 3.12
C CYS C 564 -8.06 1.07 2.22
N LEU C 565 -7.80 0.88 0.92
CA LEU C 565 -7.68 2.01 0.00
C LEU C 565 -9.02 2.72 -0.22
N SER C 566 -10.08 1.96 -0.49
CA SER C 566 -11.38 2.58 -0.67
C SER C 566 -11.96 3.03 0.66
N GLY C 567 -11.76 2.23 1.70
CA GLY C 567 -12.40 2.47 2.98
C GLY C 567 -13.59 1.59 3.24
N ASP C 568 -13.99 0.77 2.28
CA ASP C 568 -15.16 -0.12 2.40
C ASP C 568 -14.76 -1.29 3.29
N HIS C 569 -15.04 -1.17 4.58
CA HIS C 569 -14.73 -2.23 5.56
C HIS C 569 -15.95 -3.09 5.85
N PHE C 570 -16.74 -3.38 4.81
CA PHE C 570 -17.97 -4.16 4.93
C PHE C 570 -17.68 -5.57 5.45
N TYR C 571 -18.65 -6.13 6.18
CA TYR C 571 -18.37 -7.30 7.02
C TYR C 571 -18.15 -8.58 6.21
N ALA C 572 -18.67 -8.66 4.99
CA ALA C 572 -18.46 -9.82 4.15
C ALA C 572 -17.07 -9.86 3.52
N HIS C 573 -16.25 -8.85 3.76
CA HIS C 573 -14.91 -8.75 3.20
C HIS C 573 -13.84 -8.68 4.27
N MET C 574 -14.09 -7.96 5.37
CA MET C 574 -13.12 -7.80 6.44
C MET C 574 -13.35 -8.80 7.58
N ASP C 575 -14.56 -8.87 8.11
CA ASP C 575 -14.84 -9.75 9.24
C ASP C 575 -14.85 -11.20 8.79
N LYS C 576 -14.32 -12.07 9.64
CA LYS C 576 -14.29 -13.50 9.39
C LYS C 576 -15.42 -14.25 10.09
N ILE C 577 -15.85 -13.77 11.25
CA ILE C 577 -16.95 -14.42 11.96
C ILE C 577 -18.27 -14.19 11.24
N ALA C 578 -18.55 -12.93 10.90
CA ALA C 578 -19.82 -12.60 10.27
C ALA C 578 -19.89 -13.09 8.83
N ALA C 579 -18.74 -13.24 8.17
CA ALA C 579 -18.74 -13.79 6.82
C ALA C 579 -19.01 -15.29 6.84
N ALA C 580 -18.68 -15.96 7.94
CA ALA C 580 -19.01 -17.37 8.08
C ALA C 580 -20.49 -17.57 8.37
N GLU C 581 -21.19 -16.53 8.82
CA GLU C 581 -22.60 -16.60 9.12
C GLU C 581 -23.47 -16.01 8.01
N SER C 582 -22.87 -15.41 6.99
CA SER C 582 -23.63 -14.77 5.92
C SER C 582 -23.96 -15.80 4.85
N ILE C 583 -24.50 -15.32 3.72
CA ILE C 583 -24.93 -16.22 2.66
C ILE C 583 -23.76 -16.69 1.81
N PHE C 584 -22.61 -16.02 1.88
CA PHE C 584 -21.48 -16.38 1.03
C PHE C 584 -20.73 -17.58 1.58
N GLY C 585 -20.57 -17.67 2.89
CA GLY C 585 -19.86 -18.78 3.50
C GLY C 585 -18.54 -18.37 4.11
N GLU C 586 -17.83 -17.47 3.44
CA GLU C 586 -16.56 -16.96 3.93
C GLU C 586 -16.38 -15.54 3.40
N ARG C 587 -15.19 -14.98 3.63
CA ARG C 587 -14.87 -13.67 3.10
C ARG C 587 -14.76 -13.73 1.58
N VAL C 588 -15.27 -12.71 0.92
CA VAL C 588 -15.24 -12.63 -0.54
C VAL C 588 -14.48 -11.37 -0.93
N VAL C 589 -14.01 -11.35 -2.18
CA VAL C 589 -13.42 -10.16 -2.75
C VAL C 589 -14.54 -9.15 -2.99
N HIS C 590 -14.23 -7.86 -2.82
CA HIS C 590 -15.14 -6.78 -3.15
C HIS C 590 -15.58 -6.87 -4.60
N GLY C 591 -16.83 -6.48 -4.84
CA GLY C 591 -17.29 -6.40 -6.21
C GLY C 591 -16.61 -5.30 -6.99
N TYR C 592 -16.40 -4.14 -6.34
CA TYR C 592 -15.74 -3.03 -7.00
C TYR C 592 -14.26 -3.30 -7.22
N PHE C 593 -13.65 -4.22 -6.45
CA PHE C 593 -12.28 -4.58 -6.76
C PHE C 593 -12.19 -5.52 -7.94
N VAL C 594 -13.18 -6.38 -8.15
CA VAL C 594 -13.25 -7.15 -9.40
C VAL C 594 -13.45 -6.21 -10.58
N LEU C 595 -14.31 -5.20 -10.39
CA LEU C 595 -14.55 -4.17 -11.39
C LEU C 595 -13.30 -3.35 -11.69
N SER C 596 -12.45 -3.14 -10.68
CA SER C 596 -11.25 -2.33 -10.86
C SER C 596 -10.09 -3.15 -11.44
N ALA C 597 -9.93 -4.39 -10.98
CA ALA C 597 -8.89 -5.26 -11.52
C ALA C 597 -9.20 -5.70 -12.94
N ALA C 598 -10.48 -5.74 -13.32
CA ALA C 598 -10.84 -5.93 -14.72
C ALA C 598 -10.23 -4.83 -15.60
N ALA C 599 -10.50 -3.57 -15.25
CA ALA C 599 -9.89 -2.43 -15.95
C ALA C 599 -8.38 -2.39 -15.78
N GLY C 600 -7.84 -2.99 -14.72
CA GLY C 600 -6.41 -3.19 -14.67
C GLY C 600 -5.93 -4.16 -15.73
N LEU C 601 -6.76 -5.14 -16.09
CA LEU C 601 -6.34 -6.12 -17.07
C LEU C 601 -6.50 -5.63 -18.51
N PHE C 602 -7.66 -5.06 -18.87
CA PHE C 602 -7.86 -4.83 -20.30
C PHE C 602 -7.44 -3.46 -20.81
N VAL C 603 -7.10 -2.51 -19.95
CA VAL C 603 -6.83 -1.15 -20.41
C VAL C 603 -5.37 -1.01 -20.83
N ASP C 604 -5.15 -0.52 -22.04
CA ASP C 604 -3.80 -0.18 -22.50
C ASP C 604 -3.30 1.04 -21.76
N ALA C 605 -2.04 0.99 -21.34
CA ALA C 605 -1.45 2.10 -20.61
C ALA C 605 -1.01 3.24 -21.53
N GLY C 606 -0.80 2.96 -22.81
CA GLY C 606 -0.26 3.95 -23.72
C GLY C 606 -1.28 4.95 -24.21
N VAL C 607 -0.77 5.95 -24.92
CA VAL C 607 -1.63 6.94 -25.56
C VAL C 607 -2.21 6.32 -26.83
N GLY C 608 -3.51 6.09 -26.84
CA GLY C 608 -4.14 5.46 -27.98
C GLY C 608 -5.31 6.27 -28.50
N PRO C 609 -6.14 5.66 -29.34
CA PRO C 609 -7.35 6.34 -29.81
C PRO C 609 -8.41 6.52 -28.74
N VAL C 610 -8.36 5.74 -27.66
CA VAL C 610 -9.31 5.89 -26.56
C VAL C 610 -9.03 7.19 -25.82
N ILE C 611 -10.03 8.06 -25.75
CA ILE C 611 -9.89 9.35 -25.11
C ILE C 611 -10.30 9.26 -23.65
N ALA C 612 -11.55 8.87 -23.40
CA ALA C 612 -12.08 8.86 -22.05
C ALA C 612 -13.09 7.72 -21.92
N ASN C 613 -13.33 7.32 -20.67
CA ASN C 613 -14.20 6.19 -20.35
C ASN C 613 -15.62 6.64 -20.02
N TYR C 614 -15.77 7.37 -18.91
CA TYR C 614 -16.98 8.08 -18.46
C TYR C 614 -18.24 7.26 -18.28
N GLY C 615 -18.22 5.94 -18.48
CA GLY C 615 -19.46 5.21 -18.52
C GLY C 615 -19.36 3.79 -18.04
N LEU C 616 -20.52 3.26 -17.64
CA LEU C 616 -20.68 1.87 -17.22
C LEU C 616 -22.16 1.56 -17.30
N GLU C 617 -22.54 0.60 -18.15
CA GLU C 617 -23.93 0.50 -18.56
C GLU C 617 -24.80 -0.30 -17.59
N SER C 618 -24.41 -1.55 -17.28
CA SER C 618 -25.27 -2.40 -16.45
C SER C 618 -24.40 -3.45 -15.77
N LEU C 619 -24.12 -3.24 -14.49
CA LEU C 619 -23.26 -4.12 -13.72
C LEU C 619 -24.10 -5.06 -12.85
N ARG C 620 -23.80 -6.35 -12.94
CA ARG C 620 -24.46 -7.37 -12.12
C ARG C 620 -23.41 -8.35 -11.65
N PHE C 621 -23.23 -8.45 -10.34
CA PHE C 621 -22.29 -9.41 -9.75
C PHE C 621 -23.02 -10.73 -9.56
N ILE C 622 -22.71 -11.73 -10.39
CA ILE C 622 -23.47 -12.97 -10.38
C ILE C 622 -23.02 -13.89 -9.27
N GLU C 623 -21.76 -14.32 -9.32
CA GLU C 623 -21.22 -15.20 -8.31
C GLU C 623 -20.13 -14.49 -7.52
N PRO C 624 -19.95 -14.81 -6.24
CA PRO C 624 -18.91 -14.13 -5.46
C PRO C 624 -17.51 -14.64 -5.80
N VAL C 625 -16.56 -13.71 -5.83
CA VAL C 625 -15.16 -14.04 -6.05
C VAL C 625 -14.51 -14.19 -4.68
N LYS C 626 -13.90 -15.34 -4.44
CA LYS C 626 -13.28 -15.70 -3.18
C LYS C 626 -11.78 -15.50 -3.24
N PRO C 627 -11.07 -15.58 -2.11
CA PRO C 627 -9.61 -15.66 -2.19
C PRO C 627 -9.13 -16.96 -2.82
N GLY C 628 -8.00 -16.87 -3.51
CA GLY C 628 -7.45 -18.01 -4.23
C GLY C 628 -8.34 -18.42 -5.39
N ASP C 629 -8.77 -17.44 -6.17
CA ASP C 629 -9.76 -17.63 -7.22
C ASP C 629 -9.41 -16.65 -8.33
N THR C 630 -8.91 -17.16 -9.45
CA THR C 630 -8.36 -16.31 -10.50
C THR C 630 -9.47 -15.54 -11.21
N ILE C 631 -9.06 -14.53 -11.98
CA ILE C 631 -9.97 -13.61 -12.66
C ILE C 631 -9.42 -13.36 -14.06
N GLN C 632 -10.27 -13.58 -15.07
CA GLN C 632 -9.88 -13.41 -16.46
C GLN C 632 -10.98 -12.64 -17.16
N VAL C 633 -10.60 -11.63 -17.95
CA VAL C 633 -11.51 -10.63 -18.45
C VAL C 633 -11.60 -10.77 -19.97
N ARG C 634 -12.82 -10.76 -20.50
CA ARG C 634 -13.05 -10.90 -21.93
C ARG C 634 -13.61 -9.58 -22.46
N LEU C 635 -12.70 -8.67 -22.80
CA LEU C 635 -13.10 -7.41 -23.41
C LEU C 635 -13.48 -7.64 -24.85
N THR C 636 -14.69 -7.24 -25.24
CA THR C 636 -15.13 -7.38 -26.62
C THR C 636 -16.02 -6.21 -27.02
N CYS C 637 -15.85 -5.76 -28.26
CA CYS C 637 -16.56 -4.57 -28.74
C CYS C 637 -18.03 -4.90 -28.98
N LYS C 638 -18.87 -3.90 -28.83
CA LYS C 638 -20.30 -4.18 -28.94
C LYS C 638 -21.05 -3.23 -29.86
N ARG C 639 -20.69 -1.94 -29.91
CA ARG C 639 -21.56 -0.96 -30.56
C ARG C 639 -20.76 0.30 -30.84
N LYS C 640 -20.78 0.78 -32.09
CA LYS C 640 -19.85 1.85 -32.49
C LYS C 640 -20.42 3.26 -32.37
N THR C 641 -21.45 3.59 -33.15
CA THR C 641 -22.31 4.80 -33.00
C THR C 641 -21.54 6.11 -32.92
N LEU C 642 -20.95 6.51 -34.05
CA LEU C 642 -20.14 7.73 -34.11
C LEU C 642 -20.94 8.99 -33.82
N LYS C 643 -20.21 10.05 -33.47
CA LYS C 643 -20.77 11.38 -33.27
C LYS C 643 -20.50 12.24 -34.49
N LYS C 644 -21.19 13.37 -34.57
CA LYS C 644 -21.28 14.12 -35.83
C LYS C 644 -20.37 15.34 -35.91
N GLN C 645 -19.52 15.57 -34.90
CA GLN C 645 -18.50 16.64 -34.89
C GLN C 645 -19.15 18.02 -35.07
N ARG C 646 -19.83 18.44 -34.00
CA ARG C 646 -20.70 19.62 -34.00
C ARG C 646 -19.98 20.93 -34.37
N SER C 647 -18.66 20.98 -34.25
CA SER C 647 -17.88 22.13 -34.68
C SER C 647 -16.89 21.69 -35.76
N ALA C 648 -16.02 22.63 -36.16
CA ALA C 648 -14.94 22.31 -37.09
C ALA C 648 -13.60 22.12 -36.39
N GLU C 649 -13.50 22.53 -35.13
CA GLU C 649 -12.25 22.42 -34.39
C GLU C 649 -12.15 21.13 -33.58
N GLU C 650 -13.30 20.55 -33.20
CA GLU C 650 -13.31 19.43 -32.28
C GLU C 650 -12.82 18.15 -32.94
N LYS C 651 -12.29 17.25 -32.12
CA LYS C 651 -11.73 16.00 -32.63
C LYS C 651 -12.87 15.06 -33.00
N PRO C 652 -12.78 14.36 -34.12
CA PRO C 652 -13.82 13.38 -34.46
C PRO C 652 -13.69 12.14 -33.60
N THR C 653 -14.83 11.67 -33.09
CA THR C 653 -14.84 10.60 -32.11
C THR C 653 -16.17 9.89 -32.14
N GLY C 654 -16.25 8.78 -31.41
CA GLY C 654 -17.47 7.98 -31.36
C GLY C 654 -17.54 7.20 -30.06
N VAL C 655 -18.77 6.96 -29.60
CA VAL C 655 -18.98 6.30 -28.31
C VAL C 655 -19.03 4.80 -28.57
N VAL C 656 -17.84 4.20 -28.56
CA VAL C 656 -17.74 2.75 -28.69
C VAL C 656 -18.07 2.12 -27.34
N GLU C 657 -19.03 1.21 -27.33
CA GLU C 657 -19.42 0.50 -26.12
C GLU C 657 -18.78 -0.88 -26.13
N TRP C 658 -18.02 -1.19 -25.09
CA TRP C 658 -17.45 -2.52 -24.92
C TRP C 658 -18.29 -3.36 -23.96
N ALA C 659 -18.15 -4.67 -24.10
CA ALA C 659 -18.91 -5.64 -23.30
C ALA C 659 -17.93 -6.47 -22.48
N VAL C 660 -17.61 -5.99 -21.28
CA VAL C 660 -16.64 -6.65 -20.43
C VAL C 660 -17.30 -7.86 -19.79
N GLU C 661 -16.62 -9.02 -19.82
CA GLU C 661 -17.15 -10.26 -19.28
C GLU C 661 -16.04 -10.96 -18.50
N VAL C 662 -16.03 -10.73 -17.19
CA VAL C 662 -15.06 -11.34 -16.29
C VAL C 662 -15.47 -12.78 -16.03
N PHE C 663 -14.50 -13.68 -15.90
CA PHE C 663 -14.77 -15.02 -15.40
C PHE C 663 -13.57 -15.56 -14.64
N ASN C 664 -13.74 -16.74 -14.05
CA ASN C 664 -12.78 -17.38 -13.18
C ASN C 664 -12.29 -18.70 -13.80
N GLN C 665 -11.56 -19.49 -13.00
CA GLN C 665 -10.99 -20.74 -13.51
C GLN C 665 -12.03 -21.79 -13.85
N HIS C 666 -13.22 -21.71 -13.27
CA HIS C 666 -14.31 -22.61 -13.65
C HIS C 666 -15.07 -22.11 -14.87
N GLN C 667 -14.64 -20.97 -15.43
CA GLN C 667 -15.28 -20.28 -16.56
C GLN C 667 -16.75 -19.94 -16.29
N THR C 668 -17.10 -19.70 -15.03
CA THR C 668 -18.44 -19.17 -14.87
C THR C 668 -18.40 -17.65 -14.82
N PRO C 669 -19.36 -16.96 -15.42
CA PRO C 669 -19.27 -15.50 -15.49
C PRO C 669 -19.57 -14.81 -14.17
N VAL C 670 -18.53 -14.29 -13.53
CA VAL C 670 -18.70 -13.34 -12.43
C VAL C 670 -18.62 -11.94 -13.03
N ALA C 671 -19.55 -11.07 -12.64
CA ALA C 671 -19.49 -9.62 -12.89
C ALA C 671 -19.41 -9.27 -14.38
N LEU C 672 -20.45 -9.61 -15.12
CA LEU C 672 -20.50 -9.23 -16.52
C LEU C 672 -21.23 -7.90 -16.66
N TYR C 673 -20.63 -6.97 -17.39
CA TYR C 673 -21.14 -5.60 -17.47
C TYR C 673 -20.79 -5.03 -18.83
N SER C 674 -20.87 -3.70 -18.95
CA SER C 674 -20.69 -3.03 -20.22
C SER C 674 -20.26 -1.60 -19.97
N ILE C 675 -19.19 -1.17 -20.62
CA ILE C 675 -18.68 0.19 -20.44
C ILE C 675 -18.83 0.96 -21.74
N LEU C 676 -19.04 2.26 -21.60
CA LEU C 676 -19.01 3.18 -22.72
C LEU C 676 -17.60 3.74 -22.84
N THR C 677 -17.23 4.21 -24.04
CA THR C 677 -15.87 4.68 -24.28
C THR C 677 -15.88 5.62 -25.46
N LEU C 678 -15.23 6.78 -25.33
CA LEU C 678 -15.22 7.79 -26.38
C LEU C 678 -13.95 7.61 -27.21
N VAL C 679 -14.03 6.73 -28.21
CA VAL C 679 -12.89 6.40 -29.07
C VAL C 679 -12.81 7.39 -30.22
N ALA C 680 -11.61 7.94 -30.45
CA ALA C 680 -11.43 8.94 -31.48
C ALA C 680 -11.45 8.31 -32.88
N ARG C 681 -11.91 9.09 -33.85
CA ARG C 681 -11.99 8.65 -35.23
C ARG C 681 -10.73 9.02 -35.99
N GLN C 682 -10.50 8.31 -37.09
CA GLN C 682 -9.34 8.59 -37.93
C GLN C 682 -9.62 9.76 -38.88
N HIS C 683 -10.80 9.79 -39.49
CA HIS C 683 -11.14 10.80 -40.48
C HIS C 683 -12.44 11.47 -40.09
N GLY C 684 -12.39 12.79 -39.90
CA GLY C 684 -13.59 13.56 -39.64
C GLY C 684 -14.37 13.87 -40.91
N ASP C 685 -15.53 14.48 -40.72
CA ASP C 685 -16.40 14.82 -41.85
C ASP C 685 -16.68 16.30 -41.98
N PHE C 686 -16.94 17.00 -40.87
CA PHE C 686 -17.30 18.42 -40.93
C PHE C 686 -16.26 19.29 -40.24
N GLN D 9 -76.70 -31.26 -23.51
CA GLN D 9 -75.73 -31.03 -22.43
C GLN D 9 -75.21 -29.61 -22.47
N GLN D 10 -75.63 -28.80 -21.50
CA GLN D 10 -75.28 -27.38 -21.48
C GLN D 10 -73.80 -27.18 -21.14
N LEU D 11 -73.19 -26.21 -21.80
CA LEU D 11 -71.86 -25.73 -21.47
C LEU D 11 -72.02 -24.30 -20.95
N ALA D 12 -71.69 -24.10 -19.68
CA ALA D 12 -72.14 -22.92 -18.95
C ALA D 12 -71.32 -21.68 -19.31
N SER D 13 -71.63 -20.58 -18.64
CA SER D 13 -70.99 -19.29 -18.92
C SER D 13 -70.83 -18.56 -17.59
N PHE D 14 -69.60 -18.41 -17.14
CA PHE D 14 -69.32 -17.81 -15.84
C PHE D 14 -69.48 -16.31 -15.93
N LEU D 15 -70.69 -15.82 -15.69
CA LEU D 15 -70.99 -14.40 -15.69
C LEU D 15 -71.50 -13.98 -14.31
N SER D 16 -70.99 -12.84 -13.84
CA SER D 16 -71.39 -12.20 -12.58
C SER D 16 -71.20 -13.12 -11.38
N GLY D 17 -70.17 -13.96 -11.42
CA GLY D 17 -69.86 -14.85 -10.33
C GLY D 17 -70.62 -16.16 -10.31
N THR D 18 -71.66 -16.31 -11.13
CA THR D 18 -72.51 -17.50 -11.14
C THR D 18 -72.43 -18.18 -12.50
N TRP D 19 -72.31 -19.50 -12.47
CA TRP D 19 -72.26 -20.29 -13.71
C TRP D 19 -73.63 -20.34 -14.36
N GLN D 20 -73.89 -19.42 -15.29
CA GLN D 20 -75.19 -19.28 -15.91
C GLN D 20 -75.24 -20.05 -17.22
N SER D 21 -76.39 -19.98 -17.89
CA SER D 21 -76.57 -20.61 -19.19
C SER D 21 -77.65 -19.87 -19.95
N GLY D 22 -77.65 -20.05 -21.27
CA GLY D 22 -78.58 -19.35 -22.14
C GLY D 22 -79.85 -20.13 -22.40
N ARG D 23 -80.86 -19.42 -22.91
CA ARG D 23 -82.17 -19.99 -23.23
C ARG D 23 -82.56 -19.50 -24.62
N GLY D 24 -82.21 -20.26 -25.65
CA GLY D 24 -82.56 -19.86 -27.00
C GLY D 24 -81.92 -20.76 -28.04
N ARG D 25 -81.60 -20.17 -29.18
CA ARG D 25 -80.97 -20.91 -30.26
C ARG D 25 -79.53 -21.25 -29.89
N SER D 26 -79.18 -22.52 -30.02
CA SER D 26 -77.93 -23.04 -29.48
C SER D 26 -77.10 -23.66 -30.60
N ARG D 27 -75.84 -23.27 -30.66
CA ARG D 27 -74.87 -24.01 -31.45
C ARG D 27 -74.35 -25.19 -30.63
N LEU D 28 -73.72 -26.14 -31.31
CA LEU D 28 -73.34 -27.39 -30.67
C LEU D 28 -71.94 -27.79 -31.11
N ILE D 29 -71.21 -28.40 -30.17
CA ILE D 29 -69.81 -28.74 -30.34
C ILE D 29 -69.71 -30.20 -30.76
N HIS D 30 -69.13 -30.44 -31.93
CA HIS D 30 -68.92 -31.79 -32.41
C HIS D 30 -67.62 -32.36 -31.85
N HIS D 31 -67.63 -33.65 -31.57
CA HIS D 31 -66.40 -34.36 -31.27
C HIS D 31 -65.60 -34.50 -32.55
N ALA D 32 -64.31 -34.18 -32.50
CA ALA D 32 -63.53 -34.03 -33.72
C ALA D 32 -63.18 -35.36 -34.36
N ILE D 33 -62.74 -36.33 -33.56
CA ILE D 33 -62.20 -37.57 -34.13
C ILE D 33 -63.30 -38.59 -34.43
N SER D 34 -64.49 -38.45 -33.86
CA SER D 34 -65.57 -39.39 -34.08
C SER D 34 -66.77 -38.77 -34.77
N GLY D 35 -67.31 -37.67 -34.24
CA GLY D 35 -68.36 -36.97 -34.97
C GLY D 35 -69.61 -36.62 -34.21
N GLU D 36 -69.76 -37.13 -32.98
CA GLU D 36 -70.98 -36.85 -32.23
C GLU D 36 -70.90 -35.49 -31.55
N ALA D 37 -72.06 -34.99 -31.16
CA ALA D 37 -72.17 -33.71 -30.46
C ALA D 37 -72.29 -34.00 -28.97
N LEU D 38 -71.21 -33.74 -28.23
CA LEU D 38 -71.17 -33.99 -26.80
C LEU D 38 -71.13 -32.72 -25.96
N TRP D 39 -71.19 -31.55 -26.59
CA TRP D 39 -71.52 -30.31 -25.89
C TRP D 39 -72.41 -29.49 -26.80
N GLU D 40 -73.10 -28.51 -26.20
CA GLU D 40 -73.85 -27.53 -26.98
C GLU D 40 -73.87 -26.22 -26.21
N VAL D 41 -73.61 -25.13 -26.91
CA VAL D 41 -73.37 -23.82 -26.31
C VAL D 41 -74.53 -22.88 -26.64
N THR D 42 -74.83 -22.01 -25.69
CA THR D 42 -75.83 -20.96 -25.89
C THR D 42 -75.55 -19.84 -24.90
N SER D 43 -75.87 -18.62 -25.32
CA SER D 43 -75.71 -17.46 -24.46
C SER D 43 -76.86 -16.47 -24.62
N GLU D 44 -77.98 -16.90 -25.19
CA GLU D 44 -79.12 -16.01 -25.39
C GLU D 44 -79.84 -15.77 -24.07
N GLY D 45 -80.05 -14.50 -23.73
CA GLY D 45 -80.70 -14.14 -22.50
C GLY D 45 -79.77 -13.75 -21.37
N LEU D 46 -78.46 -13.96 -21.52
CA LEU D 46 -77.50 -13.60 -20.49
C LEU D 46 -77.31 -12.09 -20.47
N ASP D 47 -77.44 -11.49 -19.29
CA ASP D 47 -77.32 -10.04 -19.14
C ASP D 47 -75.84 -9.68 -19.20
N MET D 48 -75.42 -9.05 -20.30
CA MET D 48 -74.01 -8.72 -20.48
C MET D 48 -73.66 -7.40 -19.80
N ALA D 49 -74.62 -6.47 -19.71
CA ALA D 49 -74.39 -5.21 -19.02
C ALA D 49 -74.15 -5.42 -17.54
N ALA D 50 -74.94 -6.30 -16.91
CA ALA D 50 -74.74 -6.61 -15.51
C ALA D 50 -73.45 -7.39 -15.28
N ALA D 51 -73.02 -8.18 -16.26
CA ALA D 51 -71.75 -8.90 -16.15
C ALA D 51 -70.57 -7.94 -16.19
N ARG D 52 -70.60 -6.99 -17.13
CA ARG D 52 -69.56 -5.98 -17.20
C ARG D 52 -69.59 -5.06 -15.98
N GLN D 53 -70.79 -4.79 -15.45
CA GLN D 53 -70.93 -3.98 -14.25
C GLN D 53 -70.33 -4.69 -13.04
N PHE D 54 -70.55 -5.99 -12.93
CA PHE D 54 -69.95 -6.76 -11.84
C PHE D 54 -68.45 -6.84 -11.97
N ALA D 55 -67.95 -7.00 -13.20
CA ALA D 55 -66.51 -7.09 -13.40
C ALA D 55 -65.81 -5.75 -13.21
N ILE D 56 -66.51 -4.64 -13.40
CA ILE D 56 -65.89 -3.32 -13.19
C ILE D 56 -65.99 -2.88 -11.73
N GLU D 57 -67.15 -3.01 -11.10
CA GLU D 57 -67.29 -2.56 -9.71
C GLU D 57 -67.13 -3.67 -8.68
N LYS D 58 -66.63 -4.83 -9.08
CA LYS D 58 -66.27 -5.82 -8.07
C LYS D 58 -64.87 -6.38 -8.28
N GLY D 59 -64.47 -6.61 -9.52
CA GLY D 59 -63.19 -7.25 -9.78
C GLY D 59 -62.08 -6.29 -10.07
N ALA D 60 -62.40 -5.16 -10.70
CA ALA D 60 -61.38 -4.17 -11.04
C ALA D 60 -60.79 -3.43 -9.83
N PRO D 61 -61.54 -3.00 -8.80
CA PRO D 61 -60.85 -2.43 -7.63
C PRO D 61 -60.14 -3.48 -6.79
N ALA D 62 -60.54 -4.75 -6.89
CA ALA D 62 -59.83 -5.79 -6.17
C ALA D 62 -58.50 -6.12 -6.83
N LEU D 63 -58.36 -5.88 -8.13
CA LEU D 63 -57.08 -6.05 -8.79
C LEU D 63 -56.24 -4.78 -8.71
N ARG D 64 -56.87 -3.62 -8.84
CA ARG D 64 -56.13 -2.36 -8.78
C ARG D 64 -55.67 -1.99 -7.38
N ALA D 65 -56.16 -2.66 -6.34
CA ALA D 65 -55.64 -2.44 -5.00
C ALA D 65 -54.39 -3.26 -4.72
N MET D 66 -54.18 -4.34 -5.46
CA MET D 66 -52.95 -5.10 -5.32
C MET D 66 -51.78 -4.35 -5.93
N THR D 67 -50.58 -4.70 -5.48
CA THR D 67 -49.38 -4.23 -6.14
C THR D 67 -49.06 -5.13 -7.32
N PHE D 68 -48.03 -4.76 -8.09
CA PHE D 68 -47.63 -5.61 -9.20
C PHE D 68 -46.97 -6.89 -8.71
N ILE D 69 -46.29 -6.82 -7.56
CA ILE D 69 -45.63 -7.99 -7.00
C ILE D 69 -46.67 -9.01 -6.53
N GLU D 70 -47.75 -8.53 -5.92
CA GLU D 70 -48.81 -9.44 -5.49
C GLU D 70 -49.59 -10.01 -6.67
N ARG D 71 -49.73 -9.25 -7.76
CA ARG D 71 -50.41 -9.80 -8.93
C ARG D 71 -49.52 -10.80 -9.67
N ALA D 72 -48.20 -10.61 -9.64
CA ALA D 72 -47.29 -11.61 -10.17
C ALA D 72 -47.32 -12.88 -9.31
N ALA D 73 -47.43 -12.72 -7.99
CA ALA D 73 -47.58 -13.88 -7.12
C ALA D 73 -48.92 -14.59 -7.35
N MET D 74 -49.96 -13.84 -7.68
CA MET D 74 -51.25 -14.44 -8.04
C MET D 74 -51.13 -15.23 -9.33
N LEU D 75 -50.41 -14.70 -10.32
CA LEU D 75 -50.21 -15.44 -11.56
C LEU D 75 -49.39 -16.70 -11.34
N LYS D 76 -48.40 -16.64 -10.45
CA LYS D 76 -47.62 -17.83 -10.13
C LYS D 76 -48.45 -18.87 -9.39
N ALA D 77 -49.33 -18.42 -8.49
CA ALA D 77 -50.20 -19.35 -7.77
C ALA D 77 -51.20 -20.02 -8.68
N VAL D 78 -51.79 -19.26 -9.60
CA VAL D 78 -52.71 -19.83 -10.58
C VAL D 78 -51.97 -20.77 -11.53
N ALA D 79 -50.71 -20.45 -11.87
CA ALA D 79 -49.92 -21.33 -12.72
C ALA D 79 -49.62 -22.65 -12.05
N LYS D 80 -49.27 -22.64 -10.75
CA LYS D 80 -49.03 -23.89 -10.05
C LYS D 80 -50.32 -24.69 -9.85
N HIS D 81 -51.43 -24.00 -9.54
CA HIS D 81 -52.69 -24.69 -9.33
C HIS D 81 -53.25 -25.27 -10.62
N LEU D 82 -52.94 -24.66 -11.77
CA LEU D 82 -53.37 -25.17 -13.06
C LEU D 82 -52.38 -26.15 -13.66
N LEU D 83 -51.14 -26.18 -13.17
CA LEU D 83 -50.19 -27.20 -13.56
C LEU D 83 -50.36 -28.48 -12.74
N SER D 84 -50.92 -28.37 -11.53
CA SER D 84 -51.18 -29.56 -10.73
C SER D 84 -52.26 -30.44 -11.36
N GLU D 85 -53.42 -29.87 -11.63
CA GLU D 85 -54.52 -30.61 -12.25
C GLU D 85 -54.52 -30.48 -13.77
N LYS D 86 -53.38 -30.78 -14.39
CA LYS D 86 -53.27 -30.68 -15.84
C LYS D 86 -53.85 -31.89 -16.56
N GLU D 87 -54.04 -33.01 -15.88
CA GLU D 87 -54.47 -34.24 -16.54
C GLU D 87 -55.95 -34.26 -16.83
N ARG D 88 -56.75 -33.38 -16.21
CA ARG D 88 -58.14 -33.21 -16.59
C ARG D 88 -58.30 -32.27 -17.78
N PHE D 89 -57.20 -31.78 -18.34
CA PHE D 89 -57.23 -30.90 -19.50
C PHE D 89 -56.88 -31.62 -20.79
N TYR D 90 -56.02 -32.66 -20.71
CA TYR D 90 -55.70 -33.44 -21.90
C TYR D 90 -56.90 -34.27 -22.36
N ALA D 91 -57.75 -34.72 -21.42
CA ALA D 91 -58.95 -35.45 -21.80
C ALA D 91 -59.96 -34.55 -22.49
N LEU D 92 -60.02 -33.28 -22.12
CA LEU D 92 -60.87 -32.33 -22.82
C LEU D 92 -60.25 -31.88 -24.15
N SER D 93 -58.92 -31.82 -24.22
CA SER D 93 -58.25 -31.39 -25.42
C SER D 93 -58.15 -32.49 -26.47
N ALA D 94 -58.30 -33.76 -26.07
CA ALA D 94 -58.36 -34.84 -27.05
C ALA D 94 -59.66 -34.83 -27.84
N GLN D 95 -60.68 -34.12 -27.36
CA GLN D 95 -61.91 -33.91 -28.11
C GLN D 95 -61.74 -32.95 -29.27
N THR D 96 -60.62 -32.24 -29.33
CA THR D 96 -60.32 -31.29 -30.39
C THR D 96 -59.56 -31.93 -31.55
N GLY D 97 -59.27 -33.22 -31.47
CA GLY D 97 -58.53 -33.89 -32.51
C GLY D 97 -57.02 -33.77 -32.39
N ALA D 98 -56.52 -33.01 -31.43
CA ALA D 98 -55.08 -32.85 -31.25
C ALA D 98 -54.49 -34.11 -30.61
N THR D 99 -53.20 -34.30 -30.83
CA THR D 99 -52.50 -35.45 -30.27
C THR D 99 -52.02 -35.12 -28.86
N ARG D 100 -51.20 -35.99 -28.28
CA ARG D 100 -50.63 -35.68 -26.96
C ARG D 100 -49.52 -34.66 -27.09
N ALA D 101 -48.68 -34.79 -28.12
CA ALA D 101 -47.61 -33.82 -28.34
C ALA D 101 -48.12 -32.49 -28.89
N ASP D 102 -49.30 -32.49 -29.54
CA ASP D 102 -49.87 -31.24 -30.05
C ASP D 102 -50.75 -30.55 -29.05
N SER D 103 -51.24 -31.25 -28.03
CA SER D 103 -51.89 -30.61 -26.90
C SER D 103 -50.92 -30.30 -25.78
N TRP D 104 -49.74 -30.91 -25.79
CA TRP D 104 -48.69 -30.55 -24.85
C TRP D 104 -48.27 -29.10 -25.02
N VAL D 105 -48.21 -28.63 -26.26
CA VAL D 105 -47.93 -27.22 -26.52
C VAL D 105 -49.02 -26.34 -25.94
N ASP D 106 -50.28 -26.67 -26.25
CA ASP D 106 -51.43 -25.87 -25.83
C ASP D 106 -51.56 -25.78 -24.32
N ILE D 107 -51.30 -26.88 -23.61
CA ILE D 107 -51.41 -26.84 -22.15
C ILE D 107 -50.17 -26.24 -21.52
N GLU D 108 -49.00 -26.82 -21.81
CA GLU D 108 -47.80 -26.48 -21.07
C GLU D 108 -47.23 -25.13 -21.47
N GLY D 109 -47.30 -24.73 -22.75
CA GLY D 109 -46.89 -23.38 -23.10
C GLY D 109 -47.86 -22.33 -22.59
N GLY D 110 -49.14 -22.68 -22.47
CA GLY D 110 -50.09 -21.76 -21.88
C GLY D 110 -49.84 -21.54 -20.39
N ILE D 111 -49.48 -22.59 -19.67
CA ILE D 111 -49.15 -22.44 -18.26
C ILE D 111 -47.75 -21.83 -18.10
N GLY D 112 -46.84 -22.10 -19.03
CA GLY D 112 -45.53 -21.47 -19.02
C GLY D 112 -45.58 -19.99 -19.32
N THR D 113 -46.59 -19.53 -20.06
CA THR D 113 -46.82 -18.10 -20.20
C THR D 113 -47.16 -17.46 -18.86
N LEU D 114 -47.95 -18.16 -18.04
CA LEU D 114 -48.29 -17.69 -16.70
C LEU D 114 -47.05 -17.65 -15.80
N PHE D 115 -46.24 -18.71 -15.84
CA PHE D 115 -44.97 -18.71 -15.10
C PHE D 115 -44.01 -17.64 -15.58
N THR D 116 -43.94 -17.38 -16.89
CA THR D 116 -43.04 -16.38 -17.43
C THR D 116 -43.46 -14.97 -17.04
N TYR D 117 -44.77 -14.67 -17.14
CA TYR D 117 -45.24 -13.36 -16.69
C TYR D 117 -45.15 -13.20 -15.19
N ALA D 118 -45.24 -14.30 -14.43
CA ALA D 118 -45.00 -14.21 -13.00
C ALA D 118 -43.55 -13.88 -12.71
N SER D 119 -42.61 -14.47 -13.45
CA SER D 119 -41.20 -14.16 -13.24
C SER D 119 -40.86 -12.74 -13.66
N LEU D 120 -41.42 -12.28 -14.79
CA LEU D 120 -41.19 -10.91 -15.25
C LEU D 120 -41.81 -9.88 -14.31
N GLY D 121 -43.00 -10.18 -13.76
CA GLY D 121 -43.60 -9.28 -12.80
C GLY D 121 -42.89 -9.29 -11.46
N SER D 122 -42.27 -10.41 -11.09
CA SER D 122 -41.51 -10.43 -9.85
C SER D 122 -40.15 -9.76 -10.00
N ARG D 123 -39.59 -9.75 -11.21
CA ARG D 123 -38.25 -9.18 -11.37
C ARG D 123 -38.28 -7.70 -11.74
N GLU D 124 -39.16 -7.27 -12.65
CA GLU D 124 -39.01 -5.97 -13.29
C GLU D 124 -40.18 -5.03 -13.04
N LEU D 125 -41.02 -5.30 -12.04
CA LEU D 125 -42.18 -4.49 -11.75
C LEU D 125 -42.14 -4.04 -10.30
N PRO D 126 -42.68 -2.86 -9.98
CA PRO D 126 -42.49 -2.29 -8.65
C PRO D 126 -43.52 -2.75 -7.63
N ASP D 127 -43.19 -2.53 -6.36
CA ASP D 127 -44.11 -2.79 -5.25
C ASP D 127 -45.01 -1.57 -5.06
N ASP D 128 -45.93 -1.42 -6.00
CA ASP D 128 -46.74 -0.21 -6.08
C ASP D 128 -47.94 -0.51 -6.99
N THR D 129 -48.89 0.40 -7.02
CA THR D 129 -50.00 0.34 -7.96
C THR D 129 -49.66 1.05 -9.26
N LEU D 130 -49.00 2.19 -9.17
CA LEU D 130 -48.47 2.92 -10.32
C LEU D 130 -47.13 2.32 -10.74
N TRP D 131 -46.69 2.66 -11.95
CA TRP D 131 -45.44 2.13 -12.49
C TRP D 131 -44.75 3.17 -13.35
N PRO D 132 -43.75 3.87 -12.80
CA PRO D 132 -42.96 4.79 -13.62
C PRO D 132 -42.02 4.05 -14.55
N GLU D 133 -42.23 4.15 -15.86
CA GLU D 133 -41.39 3.39 -16.76
C GLU D 133 -40.10 4.14 -17.13
N ASP D 134 -40.09 5.46 -17.05
CA ASP D 134 -38.89 6.22 -17.36
C ASP D 134 -38.00 6.35 -16.12
N GLU D 135 -36.81 6.92 -16.34
CA GLU D 135 -35.97 7.29 -15.21
C GLU D 135 -36.42 8.65 -14.67
N LEU D 136 -36.22 9.71 -15.48
CA LEU D 136 -36.66 11.07 -15.24
C LEU D 136 -36.36 11.88 -16.49
N ILE D 137 -37.22 12.85 -16.77
CA ILE D 137 -37.04 13.79 -17.87
C ILE D 137 -37.00 15.19 -17.29
N PRO D 138 -35.81 15.77 -17.14
CA PRO D 138 -35.72 17.13 -16.59
C PRO D 138 -36.13 18.16 -17.63
N LEU D 139 -36.97 19.11 -17.22
CA LEU D 139 -37.53 20.10 -18.13
C LEU D 139 -37.22 21.52 -17.68
N SER D 140 -36.11 21.71 -16.98
CA SER D 140 -35.74 23.03 -16.48
C SER D 140 -34.22 23.10 -16.34
N LYS D 141 -33.73 24.32 -16.17
CA LYS D 141 -32.31 24.55 -15.99
C LYS D 141 -31.92 24.54 -14.51
N GLU D 142 -32.77 25.11 -13.65
CA GLU D 142 -32.47 25.12 -12.22
C GLU D 142 -32.74 23.76 -11.59
N GLY D 143 -33.85 23.12 -11.96
CA GLY D 143 -34.17 21.82 -11.43
C GLY D 143 -35.43 21.82 -10.59
N GLY D 144 -36.37 22.69 -10.91
CA GLY D 144 -37.64 22.77 -10.20
C GLY D 144 -38.84 22.33 -11.00
N PHE D 145 -38.66 21.78 -12.19
CA PHE D 145 -39.79 21.34 -13.01
C PHE D 145 -39.34 20.13 -13.82
N ALA D 146 -39.74 18.95 -13.39
CA ALA D 146 -39.40 17.70 -14.07
C ALA D 146 -40.69 17.02 -14.49
N ALA D 147 -40.53 15.86 -15.13
CA ALA D 147 -41.67 15.06 -15.57
C ALA D 147 -41.21 13.63 -15.75
N ARG D 148 -42.06 12.68 -15.39
CA ARG D 148 -41.78 11.28 -15.64
C ARG D 148 -43.08 10.61 -16.04
N HIS D 149 -42.96 9.55 -16.84
CA HIS D 149 -44.11 8.86 -17.40
C HIS D 149 -44.60 7.80 -16.42
N LEU D 150 -45.81 7.96 -15.92
CA LEU D 150 -46.44 6.95 -15.10
C LEU D 150 -47.23 5.99 -15.98
N LEU D 151 -47.68 4.90 -15.37
CA LEU D 151 -48.49 3.89 -16.05
C LEU D 151 -49.55 3.40 -15.06
N THR D 152 -50.72 4.03 -15.09
CA THR D 152 -51.82 3.63 -14.24
C THR D 152 -52.70 2.64 -14.98
N SER D 153 -53.04 1.55 -14.32
CA SER D 153 -53.83 0.49 -14.94
C SER D 153 -55.27 0.96 -15.16
N LYS D 154 -55.83 0.59 -16.31
CA LYS D 154 -57.16 1.05 -16.70
C LYS D 154 -58.24 0.48 -15.80
N SER D 155 -59.41 1.09 -15.86
CA SER D 155 -60.49 0.86 -14.90
C SER D 155 -61.70 0.20 -15.56
N GLY D 156 -61.46 -0.79 -16.40
CA GLY D 156 -62.57 -1.47 -17.04
C GLY D 156 -62.26 -2.92 -17.36
N VAL D 157 -63.01 -3.51 -18.28
CA VAL D 157 -62.86 -4.90 -18.62
C VAL D 157 -62.00 -5.02 -19.88
N ALA D 158 -61.48 -6.22 -20.10
CA ALA D 158 -60.68 -6.54 -21.28
C ALA D 158 -61.38 -7.68 -22.00
N VAL D 159 -62.21 -7.34 -22.98
CA VAL D 159 -62.99 -8.33 -23.72
C VAL D 159 -62.04 -9.05 -24.67
N HIS D 160 -61.68 -10.29 -24.33
CA HIS D 160 -60.83 -11.11 -25.17
C HIS D 160 -61.71 -12.05 -25.99
N ILE D 161 -61.49 -12.05 -27.30
CA ILE D 161 -62.22 -12.91 -28.22
C ILE D 161 -61.20 -13.83 -28.87
N ASN D 162 -61.18 -15.08 -28.44
CA ASN D 162 -60.14 -16.02 -28.85
C ASN D 162 -60.57 -16.76 -30.11
N ALA D 163 -59.83 -17.81 -30.44
CA ALA D 163 -60.14 -18.64 -31.61
C ALA D 163 -60.17 -20.10 -31.21
N PHE D 164 -60.28 -20.98 -32.20
CA PHE D 164 -60.40 -22.40 -31.93
C PHE D 164 -59.07 -23.14 -31.93
N ASN D 165 -57.94 -22.45 -32.08
CA ASN D 165 -56.66 -23.13 -32.12
C ASN D 165 -56.22 -23.56 -30.73
N PHE D 166 -56.02 -22.59 -29.85
CA PHE D 166 -55.46 -22.82 -28.53
C PHE D 166 -56.47 -22.34 -27.50
N PRO D 167 -57.33 -23.24 -26.99
CA PRO D 167 -58.25 -22.82 -25.92
C PRO D 167 -57.55 -22.65 -24.60
N CYS D 168 -56.38 -23.26 -24.43
CA CYS D 168 -55.62 -23.09 -23.20
C CYS D 168 -54.52 -22.06 -23.34
N TRP D 169 -53.72 -22.13 -24.40
CA TRP D 169 -52.66 -21.14 -24.59
C TRP D 169 -53.23 -19.78 -24.95
N GLY D 170 -54.04 -19.72 -26.01
CA GLY D 170 -54.62 -18.49 -26.52
C GLY D 170 -55.52 -17.76 -25.54
N MET D 171 -56.03 -18.44 -24.53
CA MET D 171 -56.79 -17.83 -23.46
C MET D 171 -55.90 -17.42 -22.28
N LEU D 172 -54.78 -18.10 -22.07
CA LEU D 172 -53.84 -17.72 -21.03
C LEU D 172 -52.72 -16.80 -21.50
N GLU D 173 -52.50 -16.67 -22.81
CA GLU D 173 -51.51 -15.69 -23.27
C GLU D 173 -52.08 -14.30 -23.39
N LYS D 174 -53.38 -14.13 -23.18
CA LYS D 174 -54.01 -12.82 -23.10
C LYS D 174 -54.44 -12.47 -21.68
N LEU D 175 -54.48 -13.45 -20.79
CA LEU D 175 -55.00 -13.28 -19.44
C LEU D 175 -53.95 -12.88 -18.44
N ALA D 176 -52.74 -13.42 -18.54
CA ALA D 176 -51.64 -13.02 -17.69
C ALA D 176 -51.19 -11.57 -17.92
N PRO D 177 -51.09 -11.02 -19.14
CA PRO D 177 -50.88 -9.57 -19.23
C PRO D 177 -52.07 -8.75 -18.77
N THR D 178 -53.29 -9.26 -18.93
CA THR D 178 -54.47 -8.56 -18.49
C THR D 178 -54.52 -8.44 -16.97
N TRP D 179 -54.28 -9.56 -16.28
CA TRP D 179 -54.28 -9.53 -14.82
C TRP D 179 -53.05 -8.83 -14.28
N LEU D 180 -51.90 -8.97 -14.94
CA LEU D 180 -50.71 -8.30 -14.47
C LEU D 180 -50.77 -6.80 -14.73
N GLY D 181 -51.59 -6.36 -15.68
CA GLY D 181 -51.79 -4.95 -15.91
C GLY D 181 -53.07 -4.42 -15.30
N GLY D 182 -53.51 -5.05 -14.21
CA GLY D 182 -54.57 -4.50 -13.38
C GLY D 182 -55.96 -4.42 -13.95
N MET D 183 -56.34 -5.37 -14.81
CA MET D 183 -57.69 -5.34 -15.37
C MET D 183 -58.33 -6.72 -15.29
N PRO D 184 -59.63 -6.78 -15.05
CA PRO D 184 -60.36 -8.04 -15.22
C PRO D 184 -60.61 -8.32 -16.70
N ALA D 185 -60.99 -9.56 -16.97
CA ALA D 185 -61.18 -10.02 -18.34
C ALA D 185 -62.53 -10.69 -18.50
N ILE D 186 -63.07 -10.59 -19.71
CA ILE D 186 -64.30 -11.30 -20.10
C ILE D 186 -63.93 -12.10 -21.35
N ILE D 187 -63.53 -13.35 -21.15
CA ILE D 187 -63.02 -14.17 -22.24
C ILE D 187 -64.20 -14.76 -23.01
N LYS D 188 -64.27 -14.44 -24.30
CA LYS D 188 -65.21 -15.10 -25.20
C LYS D 188 -64.45 -16.11 -26.04
N PRO D 189 -64.51 -17.40 -25.73
CA PRO D 189 -63.83 -18.39 -26.54
C PRO D 189 -64.63 -18.73 -27.78
N ALA D 190 -63.99 -19.45 -28.69
CA ALA D 190 -64.68 -19.95 -29.87
C ALA D 190 -65.67 -21.03 -29.45
N THR D 191 -66.82 -21.06 -30.13
CA THR D 191 -67.86 -22.04 -29.84
C THR D 191 -67.60 -23.38 -30.50
N ALA D 192 -66.41 -23.60 -31.05
CA ALA D 192 -66.03 -24.91 -31.57
C ALA D 192 -65.32 -25.74 -30.53
N THR D 193 -64.56 -25.11 -29.64
CA THR D 193 -63.84 -25.83 -28.59
C THR D 193 -63.86 -25.05 -27.27
N ALA D 194 -65.04 -24.56 -26.89
CA ALA D 194 -65.16 -23.80 -25.65
C ALA D 194 -65.06 -24.65 -24.38
N GLN D 195 -65.06 -25.99 -24.50
CA GLN D 195 -65.09 -26.85 -23.32
C GLN D 195 -63.76 -26.82 -22.57
N LEU D 196 -62.64 -26.74 -23.29
CA LEU D 196 -61.35 -26.63 -22.61
C LEU D 196 -61.19 -25.27 -21.97
N THR D 197 -61.75 -24.22 -22.58
CA THR D 197 -61.69 -22.89 -21.98
C THR D 197 -62.53 -22.82 -20.71
N GLN D 198 -63.71 -23.48 -20.69
CA GLN D 198 -64.46 -23.54 -19.45
C GLN D 198 -63.78 -24.41 -18.41
N ALA D 199 -63.03 -25.43 -18.83
CA ALA D 199 -62.22 -26.19 -17.87
C ALA D 199 -61.15 -25.30 -17.23
N MET D 200 -60.52 -24.43 -18.03
CA MET D 200 -59.52 -23.50 -17.48
C MET D 200 -60.17 -22.49 -16.54
N VAL D 201 -61.32 -21.93 -16.93
CA VAL D 201 -62.01 -20.94 -16.12
C VAL D 201 -62.49 -21.56 -14.80
N LYS D 202 -63.00 -22.79 -14.84
CA LYS D 202 -63.45 -23.45 -13.63
C LYS D 202 -62.29 -23.79 -12.71
N SER D 203 -61.15 -24.21 -13.27
CA SER D 203 -59.99 -24.48 -12.45
C SER D 203 -59.40 -23.22 -11.84
N ILE D 204 -59.56 -22.07 -12.51
CA ILE D 204 -59.10 -20.81 -11.92
C ILE D 204 -60.06 -20.36 -10.82
N VAL D 205 -61.37 -20.40 -11.09
CA VAL D 205 -62.35 -19.83 -10.19
C VAL D 205 -62.49 -20.68 -8.92
N ASP D 206 -62.54 -22.01 -9.05
CA ASP D 206 -62.69 -22.85 -7.87
C ASP D 206 -61.36 -23.11 -7.18
N SER D 207 -60.62 -22.05 -6.87
CA SER D 207 -59.40 -22.16 -6.08
C SER D 207 -59.24 -21.05 -5.05
N GLY D 208 -59.99 -19.95 -5.14
CA GLY D 208 -59.84 -18.85 -4.22
C GLY D 208 -58.61 -18.00 -4.42
N LEU D 209 -57.87 -18.20 -5.50
CA LEU D 209 -56.63 -17.45 -5.72
C LEU D 209 -56.93 -16.07 -6.27
N VAL D 210 -57.68 -15.99 -7.36
CA VAL D 210 -58.02 -14.71 -7.98
C VAL D 210 -59.19 -14.10 -7.23
N PRO D 211 -59.35 -12.77 -7.25
CA PRO D 211 -60.56 -12.18 -6.67
C PRO D 211 -61.79 -12.49 -7.50
N GLU D 212 -62.94 -12.27 -6.89
CA GLU D 212 -64.19 -12.46 -7.60
C GLU D 212 -64.39 -11.34 -8.62
N GLY D 213 -64.96 -11.69 -9.77
CA GLY D 213 -65.17 -10.73 -10.83
C GLY D 213 -63.95 -10.40 -11.65
N ALA D 214 -62.80 -10.98 -11.35
CA ALA D 214 -61.58 -10.73 -12.12
C ALA D 214 -61.49 -11.57 -13.37
N ILE D 215 -62.47 -12.44 -13.62
CA ILE D 215 -62.53 -13.23 -14.85
C ILE D 215 -63.99 -13.55 -15.13
N SER D 216 -64.36 -13.51 -16.40
CA SER D 216 -65.68 -13.89 -16.85
C SER D 216 -65.54 -14.83 -18.04
N LEU D 217 -66.67 -15.36 -18.50
CA LEU D 217 -66.65 -16.36 -19.55
C LEU D 217 -68.01 -16.40 -20.23
N ILE D 218 -68.01 -16.24 -21.55
CA ILE D 218 -69.23 -16.40 -22.34
C ILE D 218 -68.98 -17.48 -23.39
N CYS D 219 -69.33 -18.71 -23.04
CA CYS D 219 -69.35 -19.81 -24.00
C CYS D 219 -70.60 -19.63 -24.87
N GLY D 220 -70.46 -18.91 -25.97
CA GLY D 220 -71.56 -18.58 -26.83
C GLY D 220 -71.33 -17.21 -27.45
N SER D 221 -72.36 -16.73 -28.14
CA SER D 221 -72.25 -15.43 -28.79
C SER D 221 -72.35 -14.31 -27.77
N ALA D 222 -71.52 -13.27 -27.95
CA ALA D 222 -71.55 -12.13 -27.05
C ALA D 222 -72.81 -11.30 -27.26
N GLY D 223 -73.05 -10.87 -28.50
CA GLY D 223 -74.29 -10.19 -28.84
C GLY D 223 -74.36 -8.75 -28.39
N ASP D 224 -74.42 -8.53 -27.07
CA ASP D 224 -74.69 -7.21 -26.51
C ASP D 224 -73.56 -6.78 -25.57
N LEU D 225 -72.37 -7.35 -25.76
CA LEU D 225 -71.23 -6.97 -24.93
C LEU D 225 -70.44 -5.81 -25.54
N LEU D 226 -70.18 -5.88 -26.84
CA LEU D 226 -69.42 -4.82 -27.49
C LEU D 226 -70.22 -3.53 -27.62
N ASP D 227 -71.54 -3.60 -27.52
CA ASP D 227 -72.40 -2.42 -27.57
C ASP D 227 -72.51 -1.71 -26.22
N HIS D 228 -71.79 -2.16 -25.20
CA HIS D 228 -71.90 -1.58 -23.86
C HIS D 228 -70.59 -1.08 -23.30
N LEU D 229 -69.49 -1.17 -24.05
CA LEU D 229 -68.16 -0.95 -23.48
C LEU D 229 -67.86 0.52 -23.27
N ASP D 230 -67.31 0.84 -22.09
CA ASP D 230 -66.84 2.16 -21.73
C ASP D 230 -65.52 2.45 -22.45
N SER D 231 -65.08 3.71 -22.40
CA SER D 231 -63.85 4.12 -23.07
C SER D 231 -62.59 3.58 -22.40
N GLN D 232 -62.68 3.14 -21.14
CA GLN D 232 -61.55 2.53 -20.45
C GLN D 232 -61.51 1.02 -20.63
N ASP D 233 -62.11 0.51 -21.69
CA ASP D 233 -62.10 -0.91 -21.99
C ASP D 233 -61.20 -1.18 -23.17
N VAL D 234 -60.67 -2.40 -23.24
CA VAL D 234 -59.87 -2.83 -24.37
C VAL D 234 -60.45 -4.12 -24.92
N VAL D 235 -60.32 -4.30 -26.23
CA VAL D 235 -60.78 -5.50 -26.92
C VAL D 235 -59.60 -6.12 -27.62
N THR D 236 -59.39 -7.41 -27.42
CA THR D 236 -58.34 -8.15 -28.10
C THR D 236 -58.98 -9.27 -28.90
N PHE D 237 -58.79 -9.25 -30.21
CA PHE D 237 -59.40 -10.21 -31.11
C PHE D 237 -58.35 -11.14 -31.69
N THR D 238 -58.71 -12.39 -31.88
CA THR D 238 -57.84 -13.35 -32.57
C THR D 238 -58.73 -14.34 -33.31
N GLY D 239 -58.64 -14.32 -34.64
CA GLY D 239 -59.46 -15.19 -35.45
C GLY D 239 -59.27 -14.92 -36.92
N SER D 240 -60.37 -14.92 -37.68
CA SER D 240 -60.30 -14.62 -39.09
C SER D 240 -60.13 -13.13 -39.32
N ALA D 241 -59.73 -12.78 -40.55
CA ALA D 241 -59.62 -11.38 -40.90
C ALA D 241 -60.99 -10.75 -41.17
N ALA D 242 -61.87 -11.51 -41.83
CA ALA D 242 -63.17 -10.98 -42.23
C ALA D 242 -64.09 -10.72 -41.06
N THR D 243 -63.87 -11.39 -39.93
CA THR D 243 -64.66 -11.10 -38.73
C THR D 243 -64.09 -9.88 -37.99
N GLY D 244 -62.77 -9.86 -37.81
CA GLY D 244 -62.14 -8.75 -37.11
C GLY D 244 -62.20 -7.43 -37.86
N GLN D 245 -62.39 -7.47 -39.18
CA GLN D 245 -62.65 -6.25 -39.92
C GLN D 245 -64.10 -5.82 -39.85
N MET D 246 -65.00 -6.69 -39.37
CA MET D 246 -66.37 -6.28 -39.07
C MET D 246 -66.52 -5.82 -37.63
N LEU D 247 -65.67 -6.31 -36.73
CA LEU D 247 -65.68 -5.85 -35.36
C LEU D 247 -64.88 -4.59 -35.14
N ARG D 248 -63.99 -4.23 -36.07
CA ARG D 248 -63.27 -2.96 -35.94
C ARG D 248 -64.15 -1.78 -36.32
N VAL D 249 -65.09 -1.99 -37.24
CA VAL D 249 -65.99 -0.93 -37.70
C VAL D 249 -67.28 -0.96 -36.88
N GLN D 250 -67.26 -1.66 -35.75
CA GLN D 250 -68.40 -1.71 -34.87
C GLN D 250 -68.60 -0.34 -34.22
N PRO D 251 -69.83 0.19 -34.19
CA PRO D 251 -69.99 1.63 -33.90
C PRO D 251 -69.65 2.06 -32.50
N ASN D 252 -69.75 1.18 -31.50
CA ASN D 252 -69.34 1.58 -30.16
C ASN D 252 -67.82 1.62 -30.04
N ILE D 253 -67.12 0.71 -30.71
CA ILE D 253 -65.67 0.66 -30.62
C ILE D 253 -65.04 1.87 -31.30
N VAL D 254 -65.64 2.37 -32.37
CA VAL D 254 -65.15 3.61 -32.97
C VAL D 254 -65.73 4.86 -32.31
N ALA D 255 -66.88 4.74 -31.64
CA ALA D 255 -67.47 5.92 -31.02
C ALA D 255 -66.77 6.26 -29.71
N LYS D 256 -66.59 5.27 -28.83
CA LYS D 256 -65.89 5.49 -27.58
C LYS D 256 -64.38 5.50 -27.75
N SER D 257 -63.88 5.09 -28.91
CA SER D 257 -62.45 5.03 -29.26
C SER D 257 -61.67 4.16 -28.28
N ILE D 258 -62.06 2.89 -28.22
CA ILE D 258 -61.42 1.93 -27.33
C ILE D 258 -60.36 1.19 -28.12
N PRO D 259 -59.28 0.71 -27.49
CA PRO D 259 -58.23 0.00 -28.23
C PRO D 259 -58.72 -1.36 -28.71
N PHE D 260 -58.42 -1.68 -29.96
CA PHE D 260 -58.84 -2.93 -30.59
C PHE D 260 -57.61 -3.58 -31.20
N THR D 261 -57.18 -4.69 -30.61
CA THR D 261 -56.01 -5.43 -31.07
C THR D 261 -56.49 -6.66 -31.83
N MET D 262 -56.10 -6.76 -33.10
CA MET D 262 -56.56 -7.83 -33.96
C MET D 262 -55.38 -8.70 -34.38
N GLU D 263 -55.56 -10.01 -34.28
CA GLU D 263 -54.62 -10.99 -34.84
C GLU D 263 -55.38 -11.83 -35.85
N ALA D 264 -54.88 -11.90 -37.07
CA ALA D 264 -55.60 -12.61 -38.13
C ALA D 264 -54.71 -13.64 -38.81
N ASP D 265 -55.21 -14.21 -39.89
CA ASP D 265 -54.48 -15.23 -40.64
C ASP D 265 -53.29 -14.62 -41.38
N SER D 266 -52.34 -15.47 -41.75
CA SER D 266 -51.12 -15.01 -42.38
C SER D 266 -50.59 -16.06 -43.33
N LEU D 267 -49.62 -15.66 -44.14
CA LEU D 267 -48.90 -16.52 -45.07
C LEU D 267 -47.43 -16.51 -44.65
N ASN D 268 -47.07 -17.42 -43.77
CA ASN D 268 -45.79 -17.39 -43.10
C ASN D 268 -44.76 -18.07 -43.99
N CYS D 269 -43.82 -17.29 -44.51
CA CYS D 269 -42.83 -17.80 -45.44
C CYS D 269 -41.77 -18.62 -44.71
N CYS D 270 -41.01 -19.39 -45.49
CA CYS D 270 -39.83 -20.09 -44.98
C CYS D 270 -38.82 -20.14 -46.13
N VAL D 271 -37.95 -19.14 -46.17
CA VAL D 271 -37.08 -18.91 -47.31
C VAL D 271 -35.82 -19.76 -47.16
N LEU D 272 -35.46 -20.47 -48.21
CA LEU D 272 -34.19 -21.18 -48.28
C LEU D 272 -33.19 -20.35 -49.07
N GLY D 273 -31.95 -20.29 -48.60
CA GLY D 273 -30.95 -19.46 -49.23
C GLY D 273 -30.18 -20.15 -50.34
N GLU D 274 -29.43 -19.35 -51.09
CA GLU D 274 -28.62 -19.88 -52.18
C GLU D 274 -27.42 -20.67 -51.67
N ASP D 275 -26.93 -20.33 -50.47
CA ASP D 275 -25.75 -21.00 -49.93
C ASP D 275 -26.03 -22.44 -49.51
N VAL D 276 -27.27 -22.79 -49.27
CA VAL D 276 -27.62 -24.15 -48.83
C VAL D 276 -27.60 -25.08 -50.03
N THR D 277 -26.85 -26.16 -49.90
CA THR D 277 -26.77 -27.24 -50.86
C THR D 277 -27.34 -28.52 -50.25
N PRO D 278 -27.77 -29.51 -51.05
CA PRO D 278 -28.39 -30.70 -50.47
C PRO D 278 -27.46 -31.60 -49.65
N ASP D 279 -26.15 -31.36 -49.63
CA ASP D 279 -25.27 -32.15 -48.79
C ASP D 279 -25.11 -31.57 -47.38
N GLN D 280 -25.44 -30.31 -47.18
CA GLN D 280 -25.32 -29.65 -45.89
C GLN D 280 -26.40 -30.15 -44.92
N PRO D 281 -26.15 -30.07 -43.61
CA PRO D 281 -27.23 -30.32 -42.64
C PRO D 281 -28.30 -29.24 -42.64
N GLU D 282 -28.02 -28.08 -43.25
CA GLU D 282 -29.01 -27.00 -43.38
C GLU D 282 -30.23 -27.46 -44.15
N PHE D 283 -30.02 -28.25 -45.21
CA PHE D 283 -31.11 -28.81 -45.99
C PHE D 283 -31.97 -29.76 -45.15
N ALA D 284 -31.32 -30.59 -44.33
CA ALA D 284 -32.03 -31.56 -43.51
C ALA D 284 -32.86 -30.88 -42.44
N LEU D 285 -32.29 -29.87 -41.76
CA LEU D 285 -33.08 -29.15 -40.76
C LEU D 285 -34.14 -28.25 -41.40
N PHE D 286 -33.93 -27.81 -42.64
CA PHE D 286 -34.98 -27.10 -43.37
C PHE D 286 -36.18 -27.99 -43.62
N ILE D 287 -35.94 -29.20 -44.14
CA ILE D 287 -37.04 -30.12 -44.42
C ILE D 287 -37.71 -30.58 -43.12
N ARG D 288 -36.91 -30.82 -42.07
CA ARG D 288 -37.47 -31.20 -40.78
C ARG D 288 -38.31 -30.09 -40.18
N GLU D 289 -37.88 -28.84 -40.31
CA GLU D 289 -38.63 -27.72 -39.74
C GLU D 289 -39.92 -27.47 -40.50
N VAL D 290 -39.88 -27.55 -41.84
CA VAL D 290 -41.08 -27.37 -42.65
C VAL D 290 -42.10 -28.46 -42.37
N VAL D 291 -41.64 -29.71 -42.27
CA VAL D 291 -42.56 -30.83 -42.03
C VAL D 291 -43.13 -30.79 -40.62
N ARG D 292 -42.29 -30.56 -39.61
CA ARG D 292 -42.78 -30.50 -38.24
C ARG D 292 -43.72 -29.32 -38.02
N GLU D 293 -43.42 -28.18 -38.66
CA GLU D 293 -44.28 -27.02 -38.52
C GLU D 293 -45.61 -27.22 -39.24
N MET D 294 -45.59 -27.86 -40.41
CA MET D 294 -46.82 -28.03 -41.16
C MET D 294 -47.68 -29.17 -40.60
N THR D 295 -47.09 -30.10 -39.86
CA THR D 295 -47.85 -31.21 -39.30
C THR D 295 -48.15 -31.06 -37.81
N THR D 296 -47.55 -30.09 -37.12
CA THR D 296 -47.90 -29.85 -35.73
C THR D 296 -49.26 -29.17 -35.64
N LYS D 297 -50.16 -29.76 -34.83
CA LYS D 297 -51.53 -29.30 -34.60
C LYS D 297 -52.34 -29.32 -35.92
N ALA D 298 -51.94 -30.23 -36.83
CA ALA D 298 -52.54 -30.42 -38.15
C ALA D 298 -52.58 -29.14 -38.98
N GLY D 299 -51.58 -28.27 -38.80
CA GLY D 299 -51.57 -27.00 -39.48
C GLY D 299 -52.57 -25.98 -38.99
N GLN D 300 -53.18 -26.21 -37.82
CA GLN D 300 -54.17 -25.30 -37.25
C GLN D 300 -53.57 -24.36 -36.23
N LYS D 301 -52.35 -23.88 -36.44
CA LYS D 301 -51.83 -22.77 -35.65
C LYS D 301 -51.58 -21.58 -36.58
N CYS D 302 -51.68 -20.39 -35.99
CA CYS D 302 -51.57 -19.15 -36.74
C CYS D 302 -50.18 -18.90 -37.30
N THR D 303 -49.15 -19.49 -36.70
CA THR D 303 -47.77 -19.31 -37.13
C THR D 303 -47.22 -20.53 -37.88
N ALA D 304 -48.04 -21.15 -38.73
CA ALA D 304 -47.61 -22.31 -39.49
C ALA D 304 -47.06 -21.88 -40.84
N ILE D 305 -46.05 -22.61 -41.32
CA ILE D 305 -45.39 -22.30 -42.58
C ILE D 305 -46.32 -22.64 -43.74
N ARG D 306 -46.64 -21.65 -44.57
CA ARG D 306 -47.56 -21.85 -45.68
C ARG D 306 -47.01 -21.41 -47.03
N ARG D 307 -45.80 -20.89 -47.10
CA ARG D 307 -45.16 -20.53 -48.36
C ARG D 307 -43.69 -20.93 -48.28
N ILE D 308 -43.30 -22.00 -48.97
CA ILE D 308 -41.92 -22.43 -48.99
C ILE D 308 -41.24 -21.82 -50.21
N ILE D 309 -40.26 -20.95 -49.98
CA ILE D 309 -39.50 -20.30 -51.04
C ILE D 309 -38.13 -20.94 -51.10
N VAL D 310 -37.82 -21.54 -52.24
CA VAL D 310 -36.55 -22.26 -52.43
C VAL D 310 -35.84 -21.61 -53.61
N PRO D 311 -34.53 -21.85 -53.75
CA PRO D 311 -33.86 -21.50 -55.01
C PRO D 311 -34.40 -22.32 -56.18
N GLN D 312 -34.20 -21.78 -57.38
CA GLN D 312 -34.71 -22.40 -58.59
C GLN D 312 -34.04 -23.74 -58.88
N ALA D 313 -32.74 -23.86 -58.56
CA ALA D 313 -32.01 -25.09 -58.80
C ALA D 313 -32.17 -26.11 -57.69
N LEU D 314 -33.00 -25.83 -56.69
CA LEU D 314 -33.22 -26.76 -55.58
C LEU D 314 -34.68 -27.17 -55.44
N VAL D 315 -35.51 -26.94 -56.47
CA VAL D 315 -36.93 -27.26 -56.36
C VAL D 315 -37.13 -28.77 -56.35
N ASN D 316 -36.38 -29.49 -57.18
CA ASN D 316 -36.53 -30.94 -57.27
C ASN D 316 -36.05 -31.63 -55.99
N ALA D 317 -34.95 -31.16 -55.41
CA ALA D 317 -34.41 -31.77 -54.20
C ALA D 317 -35.31 -31.52 -53.00
N VAL D 318 -35.78 -30.28 -52.83
CA VAL D 318 -36.70 -29.94 -51.76
C VAL D 318 -38.02 -30.68 -51.92
N SER D 319 -38.51 -30.78 -53.16
CA SER D 319 -39.79 -31.45 -53.41
C SER D 319 -39.69 -32.95 -53.14
N ASP D 320 -38.60 -33.58 -53.57
CA ASP D 320 -38.41 -35.01 -53.30
C ASP D 320 -38.19 -35.28 -51.82
N ALA D 321 -37.49 -34.39 -51.12
CA ALA D 321 -37.29 -34.56 -49.69
C ALA D 321 -38.59 -34.38 -48.91
N LEU D 322 -39.44 -33.42 -49.32
CA LEU D 322 -40.72 -33.24 -48.65
C LEU D 322 -41.68 -34.38 -48.96
N VAL D 323 -41.63 -34.95 -50.17
CA VAL D 323 -42.44 -36.12 -50.46
C VAL D 323 -41.97 -37.33 -49.64
N ALA D 324 -40.65 -37.55 -49.57
CA ALA D 324 -40.13 -38.69 -48.84
C ALA D 324 -40.23 -38.53 -47.32
N ARG D 325 -40.41 -37.30 -46.82
CA ARG D 325 -40.56 -37.09 -45.40
C ARG D 325 -42.02 -37.02 -44.95
N LEU D 326 -42.90 -36.47 -45.80
CA LEU D 326 -44.30 -36.28 -45.42
C LEU D 326 -45.16 -37.52 -45.60
N GLN D 327 -44.74 -38.49 -46.42
CA GLN D 327 -45.51 -39.71 -46.56
C GLN D 327 -45.39 -40.62 -45.35
N LYS D 328 -44.44 -40.38 -44.46
CA LYS D 328 -44.36 -41.11 -43.20
C LYS D 328 -45.33 -40.56 -42.16
N VAL D 329 -45.93 -39.40 -42.40
CA VAL D 329 -46.87 -38.81 -41.46
C VAL D 329 -48.21 -39.52 -41.60
N VAL D 330 -48.70 -40.07 -40.50
CA VAL D 330 -49.92 -40.87 -40.48
C VAL D 330 -51.04 -40.04 -39.88
N VAL D 331 -52.16 -39.94 -40.60
CA VAL D 331 -53.34 -39.21 -40.16
C VAL D 331 -54.34 -40.20 -39.60
N GLY D 332 -54.79 -39.98 -38.37
CA GLY D 332 -55.75 -40.87 -37.78
C GLY D 332 -56.11 -40.46 -36.37
N ASP D 333 -56.56 -41.43 -35.59
CA ASP D 333 -56.90 -41.20 -34.20
C ASP D 333 -55.64 -40.92 -33.39
N PRO D 334 -55.67 -39.93 -32.49
CA PRO D 334 -54.46 -39.62 -31.72
C PRO D 334 -54.14 -40.63 -30.63
N ALA D 335 -55.15 -41.30 -30.07
CA ALA D 335 -54.91 -42.20 -28.96
C ALA D 335 -54.28 -43.51 -29.40
N GLN D 336 -54.54 -43.96 -30.62
CA GLN D 336 -53.91 -45.18 -31.09
C GLN D 336 -52.46 -44.90 -31.52
N GLU D 337 -51.66 -45.95 -31.53
CA GLU D 337 -50.24 -45.80 -31.79
C GLU D 337 -49.96 -45.68 -33.28
N GLY D 338 -48.78 -45.16 -33.59
CA GLY D 338 -48.34 -45.02 -34.97
C GLY D 338 -48.97 -43.88 -35.74
N VAL D 339 -49.56 -42.91 -35.05
CA VAL D 339 -50.25 -41.80 -35.68
C VAL D 339 -49.61 -40.51 -35.22
N LYS D 340 -49.07 -39.72 -36.16
CA LYS D 340 -48.37 -38.49 -35.82
C LYS D 340 -49.30 -37.27 -35.89
N MET D 341 -49.88 -37.01 -37.06
CA MET D 341 -50.83 -35.92 -37.20
C MET D 341 -52.19 -36.32 -36.66
N GLY D 342 -52.81 -35.43 -35.89
CA GLY D 342 -54.18 -35.63 -35.47
C GLY D 342 -55.18 -35.27 -36.54
N ALA D 343 -56.25 -34.58 -36.16
CA ALA D 343 -57.31 -34.23 -37.07
C ALA D 343 -57.64 -32.75 -36.95
N LEU D 344 -58.60 -32.29 -37.76
CA LEU D 344 -59.11 -30.93 -37.65
C LEU D 344 -60.14 -30.89 -36.51
N VAL D 345 -60.83 -29.76 -36.35
CA VAL D 345 -61.74 -29.64 -35.23
C VAL D 345 -63.19 -29.81 -35.67
N ASN D 346 -63.49 -29.52 -36.94
CA ASN D 346 -64.87 -29.54 -37.41
C ASN D 346 -64.89 -29.99 -38.87
N ALA D 347 -66.04 -30.54 -39.27
CA ALA D 347 -66.26 -30.82 -40.68
C ALA D 347 -66.41 -29.54 -41.49
N GLU D 348 -66.88 -28.46 -40.85
CA GLU D 348 -66.91 -27.16 -41.51
C GLU D 348 -65.51 -26.65 -41.77
N GLN D 349 -64.56 -26.95 -40.87
CA GLN D 349 -63.17 -26.60 -41.11
C GLN D 349 -62.58 -27.42 -42.26
N ARG D 350 -62.99 -28.69 -42.37
CA ARG D 350 -62.56 -29.52 -43.50
C ARG D 350 -63.10 -28.97 -44.82
N ALA D 351 -64.36 -28.55 -44.83
CA ALA D 351 -64.94 -27.95 -46.03
C ALA D 351 -64.26 -26.63 -46.37
N ASP D 352 -63.91 -25.83 -45.35
CA ASP D 352 -63.24 -24.56 -45.59
C ASP D 352 -61.82 -24.77 -46.13
N VAL D 353 -61.09 -25.74 -45.59
CA VAL D 353 -59.75 -26.03 -46.08
C VAL D 353 -59.80 -26.55 -47.52
N GLN D 354 -60.77 -27.41 -47.83
CA GLN D 354 -60.86 -27.92 -49.20
C GLN D 354 -61.32 -26.84 -50.18
N GLU D 355 -62.18 -25.92 -49.75
CA GLU D 355 -62.57 -24.86 -50.68
C GLU D 355 -61.52 -23.76 -50.77
N LYS D 356 -60.55 -23.69 -49.86
CA LYS D 356 -59.38 -22.85 -50.12
C LYS D 356 -58.37 -23.55 -51.01
N VAL D 357 -58.24 -24.88 -50.87
CA VAL D 357 -57.35 -25.65 -51.72
C VAL D 357 -57.83 -25.62 -53.17
N ASN D 358 -59.14 -25.62 -53.39
CA ASN D 358 -59.66 -25.51 -54.75
C ASN D 358 -59.36 -24.15 -55.37
N ILE D 359 -59.36 -23.09 -54.56
CA ILE D 359 -58.97 -21.77 -55.06
C ILE D 359 -57.48 -21.75 -55.39
N LEU D 360 -56.65 -22.39 -54.55
CA LEU D 360 -55.23 -22.47 -54.85
C LEU D 360 -54.93 -23.35 -56.06
N LEU D 361 -55.77 -24.35 -56.31
CA LEU D 361 -55.66 -25.20 -57.50
C LEU D 361 -56.28 -24.56 -58.74
N ALA D 362 -57.01 -23.46 -58.58
CA ALA D 362 -57.48 -22.73 -59.76
C ALA D 362 -56.35 -22.03 -60.51
N ALA D 363 -55.19 -21.85 -59.89
CA ALA D 363 -54.05 -21.24 -60.56
C ALA D 363 -52.72 -21.89 -60.21
N GLY D 364 -52.71 -22.99 -59.44
CA GLY D 364 -51.46 -23.58 -59.00
C GLY D 364 -51.10 -24.89 -59.66
N CYS D 365 -50.57 -25.83 -58.88
CA CYS D 365 -50.16 -27.14 -59.38
C CYS D 365 -50.36 -28.15 -58.26
N GLU D 366 -49.73 -29.32 -58.38
CA GLU D 366 -49.90 -30.36 -57.38
C GLU D 366 -48.65 -31.23 -57.31
N ILE D 367 -48.25 -31.57 -56.09
CA ILE D 367 -47.09 -32.46 -55.89
C ILE D 367 -47.54 -33.70 -55.12
N ARG D 368 -48.54 -33.56 -54.26
CA ARG D 368 -48.94 -34.67 -53.41
C ARG D 368 -50.45 -34.88 -53.35
N LEU D 369 -50.90 -35.68 -52.38
CA LEU D 369 -52.32 -35.84 -52.10
C LEU D 369 -52.86 -34.54 -51.54
N GLY D 370 -53.63 -33.81 -52.35
CA GLY D 370 -54.10 -32.50 -51.95
C GLY D 370 -55.56 -32.44 -51.58
N GLY D 371 -56.39 -31.97 -52.49
CA GLY D 371 -57.81 -31.76 -52.25
C GLY D 371 -58.64 -33.03 -52.09
N GLN D 372 -58.04 -34.21 -52.27
CA GLN D 372 -58.74 -35.46 -52.02
C GLN D 372 -58.97 -35.62 -50.52
N ALA D 373 -60.22 -35.44 -50.10
CA ALA D 373 -60.59 -35.60 -48.69
C ALA D 373 -62.02 -36.12 -48.63
N ASP D 374 -62.22 -37.21 -47.89
CA ASP D 374 -63.54 -37.83 -47.80
C ASP D 374 -64.45 -36.97 -46.93
N LEU D 375 -65.37 -36.25 -47.59
CA LEU D 375 -66.26 -35.32 -46.90
C LEU D 375 -67.37 -35.99 -46.11
N SER D 376 -67.53 -37.30 -46.24
CA SER D 376 -68.52 -38.03 -45.44
C SER D 376 -67.88 -38.88 -44.36
N ALA D 377 -66.61 -38.65 -44.06
CA ALA D 377 -65.91 -39.46 -43.07
C ALA D 377 -66.34 -39.06 -41.66
N ALA D 378 -66.43 -40.05 -40.78
CA ALA D 378 -66.72 -39.83 -39.37
C ALA D 378 -65.46 -39.30 -38.71
N GLY D 379 -65.28 -37.98 -38.81
CA GLY D 379 -64.09 -37.34 -38.31
C GLY D 379 -63.56 -36.29 -39.26
N ALA D 380 -62.98 -35.22 -38.72
CA ALA D 380 -62.50 -34.10 -39.53
C ALA D 380 -61.05 -34.34 -39.91
N PHE D 381 -60.85 -35.24 -40.86
CA PHE D 381 -59.52 -35.61 -41.32
C PHE D 381 -59.16 -34.82 -42.57
N PHE D 382 -57.87 -34.54 -42.72
CA PHE D 382 -57.42 -33.91 -43.94
C PHE D 382 -55.97 -34.34 -44.15
N PRO D 383 -55.60 -34.79 -45.34
CA PRO D 383 -54.24 -35.30 -45.56
C PRO D 383 -53.25 -34.16 -45.67
N PRO D 384 -51.97 -34.41 -45.38
CA PRO D 384 -50.96 -33.36 -45.56
C PRO D 384 -50.74 -33.05 -47.03
N THR D 385 -50.60 -31.76 -47.33
CA THR D 385 -50.68 -31.27 -48.69
C THR D 385 -49.50 -30.38 -49.00
N LEU D 386 -48.82 -30.66 -50.11
CA LEU D 386 -47.74 -29.82 -50.63
C LEU D 386 -48.10 -29.41 -52.04
N LEU D 387 -48.41 -28.13 -52.24
CA LEU D 387 -48.77 -27.63 -53.56
C LEU D 387 -47.52 -27.17 -54.30
N TYR D 388 -47.72 -26.51 -55.43
CA TYR D 388 -46.63 -25.98 -56.23
C TYR D 388 -47.15 -24.83 -57.06
N CYS D 389 -46.28 -23.86 -57.32
CA CYS D 389 -46.61 -22.69 -58.14
C CYS D 389 -45.40 -22.37 -59.01
N PRO D 390 -45.43 -22.71 -60.30
CA PRO D 390 -44.27 -22.45 -61.15
C PRO D 390 -44.06 -20.99 -61.49
N GLN D 391 -45.13 -20.18 -61.46
CA GLN D 391 -45.05 -18.74 -61.71
C GLN D 391 -45.50 -18.03 -60.44
N PRO D 392 -44.58 -17.81 -59.49
CA PRO D 392 -45.01 -17.26 -58.19
C PRO D 392 -45.37 -15.79 -58.23
N ASP D 393 -44.67 -14.99 -59.02
CA ASP D 393 -44.98 -13.56 -59.07
C ASP D 393 -46.16 -13.25 -59.96
N GLU D 394 -46.42 -14.09 -60.96
CA GLU D 394 -47.51 -13.89 -61.90
C GLU D 394 -48.83 -14.49 -61.41
N THR D 395 -48.88 -14.99 -60.18
CA THR D 395 -50.08 -15.60 -59.61
C THR D 395 -50.45 -14.87 -58.33
N PRO D 396 -51.42 -13.96 -58.36
CA PRO D 396 -51.81 -13.24 -57.15
C PRO D 396 -52.79 -13.99 -56.25
N ALA D 397 -53.07 -15.26 -56.52
CA ALA D 397 -53.91 -16.06 -55.64
C ALA D 397 -53.11 -16.81 -54.59
N VAL D 398 -51.81 -17.02 -54.82
CA VAL D 398 -50.96 -17.68 -53.83
C VAL D 398 -50.71 -16.75 -52.66
N HIS D 399 -50.44 -15.48 -52.93
CA HIS D 399 -50.12 -14.50 -51.89
C HIS D 399 -51.34 -13.84 -51.29
N ALA D 400 -52.54 -14.40 -51.51
CA ALA D 400 -53.74 -13.85 -50.90
C ALA D 400 -54.68 -14.89 -50.30
N THR D 401 -54.54 -16.17 -50.64
CA THR D 401 -55.46 -17.21 -50.17
C THR D 401 -54.68 -18.18 -49.30
N GLU D 402 -55.04 -18.25 -48.02
CA GLU D 402 -54.46 -19.22 -47.10
C GLU D 402 -55.43 -20.36 -46.87
N ALA D 403 -54.90 -21.57 -46.82
CA ALA D 403 -55.68 -22.77 -46.51
C ALA D 403 -55.29 -23.19 -45.11
N PHE D 404 -56.19 -23.01 -44.15
CA PHE D 404 -55.84 -23.09 -42.73
C PHE D 404 -55.84 -24.55 -42.29
N GLY D 405 -54.83 -25.28 -42.77
CA GLY D 405 -54.67 -26.68 -42.46
C GLY D 405 -53.26 -27.12 -42.76
N PRO D 406 -53.10 -28.37 -43.19
CA PRO D 406 -51.74 -28.89 -43.49
C PRO D 406 -51.22 -28.49 -44.86
N VAL D 407 -51.81 -27.48 -45.48
CA VAL D 407 -51.55 -27.12 -46.86
C VAL D 407 -50.49 -26.03 -46.90
N ALA D 408 -49.51 -26.19 -47.79
CA ALA D 408 -48.48 -25.18 -47.98
C ALA D 408 -47.95 -25.27 -49.41
N THR D 409 -47.90 -24.13 -50.09
CA THR D 409 -47.41 -24.10 -51.45
C THR D 409 -45.88 -24.12 -51.48
N LEU D 410 -45.33 -24.33 -52.66
CA LEU D 410 -43.89 -24.31 -52.88
C LEU D 410 -43.62 -23.54 -54.16
N MET D 411 -42.57 -22.72 -54.16
CA MET D 411 -42.34 -21.84 -55.30
C MET D 411 -40.87 -21.43 -55.35
N PRO D 412 -40.30 -21.30 -56.54
CA PRO D 412 -38.86 -21.02 -56.64
C PRO D 412 -38.57 -19.53 -56.55
N ALA D 413 -37.27 -19.21 -56.48
CA ALA D 413 -36.79 -17.84 -56.39
C ALA D 413 -35.60 -17.66 -57.34
N GLN D 414 -35.06 -16.44 -57.38
CA GLN D 414 -33.94 -16.09 -58.26
C GLN D 414 -32.87 -15.34 -57.46
N ASN D 415 -31.99 -16.11 -56.80
CA ASN D 415 -30.70 -15.65 -56.26
C ASN D 415 -30.86 -14.58 -55.19
N GLN D 416 -31.71 -14.85 -54.21
CA GLN D 416 -31.87 -14.11 -52.95
C GLN D 416 -32.26 -12.64 -53.14
N ARG D 417 -32.76 -12.26 -54.31
CA ARG D 417 -33.38 -10.97 -54.52
C ARG D 417 -34.82 -11.09 -54.95
N HIS D 418 -35.19 -12.19 -55.60
CA HIS D 418 -36.59 -12.53 -55.81
C HIS D 418 -37.18 -13.21 -54.59
N ALA D 419 -36.34 -13.88 -53.79
CA ALA D 419 -36.81 -14.51 -52.56
C ALA D 419 -37.25 -13.47 -51.53
N LEU D 420 -36.57 -12.33 -51.48
CA LEU D 420 -36.99 -11.24 -50.60
C LEU D 420 -38.32 -10.65 -51.05
N GLN D 421 -38.52 -10.52 -52.37
CA GLN D 421 -39.79 -10.00 -52.87
C GLN D 421 -40.92 -10.99 -52.63
N LEU D 422 -40.65 -12.28 -52.73
CA LEU D 422 -41.68 -13.28 -52.45
C LEU D 422 -41.97 -13.40 -50.97
N ALA D 423 -40.98 -13.13 -50.12
CA ALA D 423 -41.22 -13.12 -48.68
C ALA D 423 -41.99 -11.87 -48.25
N CYS D 424 -41.80 -10.76 -48.96
CA CYS D 424 -42.52 -9.53 -48.66
C CYS D 424 -43.87 -9.43 -49.36
N ALA D 425 -44.13 -10.25 -50.37
CA ALA D 425 -45.36 -10.14 -51.15
C ALA D 425 -46.57 -10.76 -50.47
N GLY D 426 -46.42 -11.28 -49.25
CA GLY D 426 -47.57 -11.84 -48.54
C GLY D 426 -48.53 -10.83 -47.97
N GLY D 427 -48.24 -9.53 -48.09
CA GLY D 427 -49.10 -8.52 -47.51
C GLY D 427 -49.00 -8.41 -46.02
N GLY D 428 -47.81 -8.65 -45.46
CA GLY D 428 -47.66 -8.72 -44.03
C GLY D 428 -47.91 -10.12 -43.52
N SER D 429 -47.01 -10.63 -42.68
CA SER D 429 -47.10 -11.99 -42.20
C SER D 429 -46.92 -12.02 -40.70
N LEU D 430 -47.05 -13.20 -40.12
CA LEU D 430 -47.00 -13.34 -38.68
C LEU D 430 -45.67 -13.94 -38.22
N ALA D 431 -45.06 -14.77 -39.06
CA ALA D 431 -43.76 -15.35 -38.76
C ALA D 431 -43.04 -15.67 -40.07
N GLY D 432 -41.74 -15.91 -39.96
CA GLY D 432 -40.93 -16.25 -41.12
C GLY D 432 -39.70 -17.02 -40.68
N THR D 433 -38.95 -17.49 -41.68
CA THR D 433 -37.73 -18.25 -41.42
C THR D 433 -36.81 -18.17 -42.64
N LEU D 434 -35.56 -17.77 -42.40
CA LEU D 434 -34.50 -17.94 -43.38
C LEU D 434 -33.56 -19.04 -42.89
N VAL D 435 -33.32 -20.04 -43.75
CA VAL D 435 -32.41 -21.12 -43.44
C VAL D 435 -31.15 -20.90 -44.26
N THR D 436 -30.13 -20.31 -43.64
CA THR D 436 -28.82 -20.11 -44.25
C THR D 436 -27.74 -20.40 -43.22
N ALA D 437 -26.51 -20.45 -43.70
CA ALA D 437 -25.34 -20.45 -42.83
C ALA D 437 -24.48 -19.20 -42.98
N ASP D 438 -24.62 -18.47 -44.09
CA ASP D 438 -23.89 -17.23 -44.30
C ASP D 438 -24.55 -16.12 -43.47
N PRO D 439 -23.82 -15.45 -42.58
CA PRO D 439 -24.43 -14.38 -41.79
C PRO D 439 -24.68 -13.09 -42.55
N GLN D 440 -24.21 -12.97 -43.79
CA GLN D 440 -24.51 -11.78 -44.59
C GLN D 440 -25.80 -11.91 -45.39
N ILE D 441 -26.28 -13.12 -45.61
CA ILE D 441 -27.58 -13.29 -46.25
C ILE D 441 -28.70 -12.93 -45.29
N ALA D 442 -28.51 -13.26 -44.00
CA ALA D 442 -29.51 -12.93 -43.00
C ALA D 442 -29.63 -11.44 -42.76
N ARG D 443 -28.52 -10.69 -42.90
CA ARG D 443 -28.58 -9.25 -42.76
C ARG D 443 -29.43 -8.62 -43.86
N GLN D 444 -29.26 -9.08 -45.10
CA GLN D 444 -30.09 -8.59 -46.19
C GLN D 444 -31.54 -9.08 -46.09
N PHE D 445 -31.76 -10.22 -45.43
CA PHE D 445 -33.12 -10.69 -45.27
C PHE D 445 -33.86 -9.90 -44.18
N ILE D 446 -33.20 -9.60 -43.06
CA ILE D 446 -33.86 -8.81 -42.02
C ILE D 446 -34.00 -7.35 -42.44
N ALA D 447 -33.05 -6.84 -43.24
CA ALA D 447 -33.10 -5.45 -43.65
C ALA D 447 -34.22 -5.14 -44.63
N ASP D 448 -34.85 -6.15 -45.23
CA ASP D 448 -35.93 -5.92 -46.17
C ASP D 448 -37.22 -6.66 -45.84
N ALA D 449 -37.16 -7.78 -45.11
CA ALA D 449 -38.34 -8.61 -44.89
C ALA D 449 -38.72 -8.70 -43.41
N ALA D 450 -38.20 -7.80 -42.58
CA ALA D 450 -38.72 -7.61 -41.23
C ALA D 450 -39.72 -6.47 -41.18
N ARG D 451 -39.99 -5.83 -42.31
CA ARG D 451 -41.02 -4.80 -42.38
C ARG D 451 -42.40 -5.44 -42.36
N THR D 452 -42.51 -6.68 -42.82
CA THR D 452 -43.79 -7.36 -42.95
C THR D 452 -43.96 -8.53 -42.00
N HIS D 453 -42.90 -9.01 -41.38
CA HIS D 453 -42.97 -10.13 -40.45
C HIS D 453 -42.89 -9.64 -39.02
N GLY D 454 -43.50 -10.40 -38.12
CA GLY D 454 -43.52 -10.03 -36.73
C GLY D 454 -42.51 -10.80 -35.91
N ARG D 455 -42.02 -11.92 -36.44
CA ARG D 455 -41.07 -12.76 -35.73
C ARG D 455 -40.34 -13.62 -36.75
N ILE D 456 -39.06 -13.35 -36.96
CA ILE D 456 -38.27 -14.08 -37.95
C ILE D 456 -37.30 -14.99 -37.21
N GLN D 457 -37.23 -16.25 -37.61
CA GLN D 457 -36.32 -17.23 -37.02
C GLN D 457 -35.27 -17.60 -38.06
N ILE D 458 -34.08 -17.03 -37.94
CA ILE D 458 -32.97 -17.48 -38.76
C ILE D 458 -32.51 -18.83 -38.21
N LEU D 459 -32.49 -19.84 -39.06
CA LEU D 459 -32.30 -21.22 -38.62
C LEU D 459 -31.04 -21.79 -39.27
N ASN D 460 -30.15 -22.32 -38.44
CA ASN D 460 -28.96 -23.00 -38.93
C ASN D 460 -28.65 -24.18 -38.02
N GLU D 461 -27.44 -24.74 -38.15
CA GLU D 461 -27.09 -25.94 -37.42
C GLU D 461 -26.88 -25.65 -35.94
N GLU D 462 -26.35 -24.47 -35.60
CA GLU D 462 -26.13 -24.12 -34.20
C GLU D 462 -27.43 -23.76 -33.50
N SER D 463 -28.40 -23.21 -34.22
CA SER D 463 -29.65 -22.81 -33.59
C SER D 463 -30.63 -23.96 -33.44
N ALA D 464 -30.60 -24.93 -34.35
CA ALA D 464 -31.61 -25.99 -34.38
C ALA D 464 -31.42 -27.04 -33.29
N LYS D 465 -30.38 -26.94 -32.46
CA LYS D 465 -30.20 -27.90 -31.38
C LYS D 465 -31.23 -27.67 -30.28
N GLU D 466 -31.38 -26.44 -29.82
CA GLU D 466 -32.31 -26.10 -28.75
C GLU D 466 -33.32 -25.05 -29.20
N SER D 467 -33.67 -25.05 -30.48
CA SER D 467 -34.69 -24.15 -30.99
C SER D 467 -36.07 -24.54 -30.48
N THR D 468 -36.90 -23.53 -30.19
CA THR D 468 -38.28 -23.80 -29.80
C THR D 468 -39.18 -24.03 -31.00
N GLY D 469 -38.73 -23.67 -32.20
CA GLY D 469 -39.46 -23.92 -33.42
C GLY D 469 -40.04 -22.65 -34.01
N HIS D 470 -40.71 -22.84 -35.14
CA HIS D 470 -41.36 -21.75 -35.86
C HIS D 470 -42.76 -21.46 -35.34
N GLY D 471 -43.43 -22.48 -34.79
CA GLY D 471 -44.80 -22.32 -34.35
C GLY D 471 -44.98 -22.37 -32.85
N SER D 472 -43.95 -21.96 -32.11
CA SER D 472 -44.03 -21.80 -30.66
C SER D 472 -43.88 -20.32 -30.38
N PRO D 473 -44.98 -19.56 -30.26
CA PRO D 473 -44.88 -18.16 -29.87
C PRO D 473 -44.41 -18.03 -28.43
N LEU D 474 -43.24 -17.44 -28.25
CA LEU D 474 -42.66 -17.31 -26.93
C LEU D 474 -43.45 -16.29 -26.11
N PRO D 475 -43.52 -16.48 -24.79
CA PRO D 475 -44.21 -15.50 -23.93
C PRO D 475 -43.42 -14.24 -23.65
N GLN D 476 -42.28 -14.04 -24.30
CA GLN D 476 -41.45 -12.85 -24.16
C GLN D 476 -40.92 -12.39 -25.50
N LEU D 477 -41.66 -12.66 -26.58
CA LEU D 477 -41.38 -12.14 -27.91
C LEU D 477 -42.68 -11.63 -28.50
N VAL D 478 -42.56 -10.63 -29.38
CA VAL D 478 -43.74 -10.00 -29.97
C VAL D 478 -44.43 -10.98 -30.91
N HIS D 479 -45.68 -11.29 -30.62
CA HIS D 479 -46.52 -12.17 -31.42
C HIS D 479 -47.54 -11.30 -32.13
N GLY D 480 -47.19 -10.84 -33.32
CA GLY D 480 -48.08 -9.99 -34.09
C GLY D 480 -47.39 -9.37 -35.27
N GLY D 481 -48.05 -9.35 -36.42
CA GLY D 481 -47.47 -8.81 -37.62
C GLY D 481 -48.37 -7.78 -38.27
N PRO D 482 -47.81 -6.96 -39.15
CA PRO D 482 -48.59 -5.89 -39.77
C PRO D 482 -49.44 -6.40 -40.91
N GLY D 483 -50.36 -5.56 -41.35
CA GLY D 483 -51.14 -5.82 -42.54
C GLY D 483 -52.16 -6.93 -42.39
N ARG D 484 -51.89 -8.06 -43.03
CA ARG D 484 -52.84 -9.17 -43.01
C ARG D 484 -52.85 -9.87 -41.66
N ALA D 485 -51.72 -9.86 -40.94
CA ALA D 485 -51.68 -10.46 -39.62
C ALA D 485 -52.35 -9.62 -38.55
N GLY D 486 -52.77 -8.39 -38.88
CA GLY D 486 -53.56 -7.60 -37.97
C GLY D 486 -52.96 -6.28 -37.54
N GLY D 487 -51.66 -6.26 -37.27
CA GLY D 487 -51.02 -5.05 -36.80
C GLY D 487 -50.89 -5.01 -35.29
N GLY D 488 -51.89 -5.54 -34.60
CA GLY D 488 -51.88 -5.51 -33.14
C GLY D 488 -50.95 -6.56 -32.58
N GLU D 489 -50.01 -6.11 -31.75
CA GLU D 489 -48.95 -6.96 -31.23
C GLU D 489 -49.32 -7.49 -29.85
N GLU D 490 -48.82 -8.70 -29.55
CA GLU D 490 -49.06 -9.35 -28.27
C GLU D 490 -47.75 -9.90 -27.74
N LEU D 491 -47.76 -10.25 -26.45
CA LEU D 491 -46.73 -11.05 -25.77
C LEU D 491 -45.34 -10.43 -25.77
N GLY D 492 -45.20 -9.12 -25.98
CA GLY D 492 -43.88 -8.56 -26.20
C GLY D 492 -43.02 -8.38 -24.97
N GLY D 493 -42.93 -9.39 -24.11
CA GLY D 493 -42.28 -9.24 -22.83
C GLY D 493 -43.17 -8.47 -21.89
N LEU D 494 -42.74 -7.28 -21.49
CA LEU D 494 -43.59 -6.38 -20.71
C LEU D 494 -44.30 -5.36 -21.59
N ARG D 495 -44.19 -5.49 -22.91
CA ARG D 495 -44.98 -4.67 -23.81
C ARG D 495 -46.43 -5.13 -23.88
N ALA D 496 -46.74 -6.31 -23.38
CA ALA D 496 -48.11 -6.79 -23.38
C ALA D 496 -48.89 -6.27 -22.19
N VAL D 497 -48.25 -6.01 -21.06
CA VAL D 497 -48.94 -5.40 -19.93
C VAL D 497 -49.08 -3.90 -20.07
N LYS D 498 -48.42 -3.29 -21.06
CA LYS D 498 -48.54 -1.86 -21.31
C LYS D 498 -49.69 -1.53 -22.24
N HIS D 499 -50.33 -2.53 -22.84
CA HIS D 499 -51.58 -2.30 -23.57
C HIS D 499 -52.78 -2.17 -22.65
N TYR D 500 -52.64 -2.50 -21.37
CA TYR D 500 -53.73 -2.44 -20.42
C TYR D 500 -53.55 -1.32 -19.41
N MET D 501 -52.72 -0.33 -19.74
CA MET D 501 -52.40 0.77 -18.84
C MET D 501 -52.45 2.07 -19.62
N GLN D 502 -52.75 3.15 -18.93
CA GLN D 502 -52.74 4.48 -19.51
C GLN D 502 -51.41 5.16 -19.17
N ARG D 503 -50.70 5.58 -20.21
CA ARG D 503 -49.36 6.16 -20.05
C ARG D 503 -49.49 7.67 -19.86
N THR D 504 -49.38 8.10 -18.61
CA THR D 504 -49.58 9.49 -18.23
C THR D 504 -48.22 10.15 -18.01
N ALA D 505 -48.01 11.31 -18.63
CA ALA D 505 -46.78 12.08 -18.44
C ALA D 505 -47.02 13.07 -17.31
N VAL D 506 -46.76 12.65 -16.09
CA VAL D 506 -47.01 13.47 -14.92
C VAL D 506 -45.90 14.50 -14.78
N GLN D 507 -46.23 15.78 -14.90
CA GLN D 507 -45.28 16.86 -14.71
C GLN D 507 -45.25 17.26 -13.25
N GLY D 508 -44.60 18.37 -12.94
CA GLY D 508 -44.58 18.90 -11.59
C GLY D 508 -43.18 18.94 -11.01
N SER D 509 -43.10 19.42 -9.78
CA SER D 509 -41.82 19.51 -9.09
C SER D 509 -41.31 18.12 -8.74
N PRO D 510 -39.99 17.94 -8.66
CA PRO D 510 -39.44 16.61 -8.32
C PRO D 510 -39.80 16.14 -6.92
N THR D 511 -39.96 17.06 -5.96
CA THR D 511 -40.44 16.68 -4.64
C THR D 511 -41.90 16.26 -4.62
N MET D 512 -42.63 16.54 -5.70
CA MET D 512 -43.99 16.05 -5.87
C MET D 512 -44.01 14.72 -6.63
N LEU D 513 -43.12 14.60 -7.62
CA LEU D 513 -42.97 13.33 -8.34
C LEU D 513 -42.43 12.23 -7.43
N ALA D 514 -41.71 12.60 -6.37
CA ALA D 514 -41.28 11.60 -5.39
C ALA D 514 -42.46 11.03 -4.63
N ALA D 515 -43.45 11.86 -4.32
CA ALA D 515 -44.62 11.37 -3.61
C ALA D 515 -45.59 10.65 -4.53
N ILE D 516 -45.65 11.05 -5.81
CA ILE D 516 -46.55 10.40 -6.75
C ILE D 516 -46.05 9.01 -7.09
N SER D 517 -44.77 8.89 -7.40
CA SER D 517 -44.21 7.62 -7.84
C SER D 517 -43.86 6.69 -6.68
N LYS D 518 -44.00 7.16 -5.43
CA LYS D 518 -43.51 6.49 -4.22
C LYS D 518 -42.02 6.15 -4.32
N GLN D 519 -41.25 7.08 -4.90
CA GLN D 519 -39.83 6.88 -5.14
C GLN D 519 -39.10 8.15 -4.75
N TRP D 520 -37.85 8.26 -5.16
CA TRP D 520 -37.08 9.49 -5.06
C TRP D 520 -36.64 9.86 -6.46
N VAL D 521 -36.56 11.16 -6.76
CA VAL D 521 -36.46 11.52 -8.16
C VAL D 521 -35.09 12.09 -8.54
N ARG D 522 -34.81 13.36 -8.22
CA ARG D 522 -33.46 13.88 -8.35
C ARG D 522 -33.18 14.95 -7.31
N GLY D 523 -34.23 15.69 -6.96
CA GLY D 523 -34.09 16.87 -6.14
C GLY D 523 -35.21 16.99 -5.13
N ALA D 524 -35.74 15.86 -4.71
CA ALA D 524 -36.83 15.84 -3.76
C ALA D 524 -36.34 16.22 -2.37
N LYS D 525 -37.28 16.51 -1.48
CA LYS D 525 -36.93 16.72 -0.09
C LYS D 525 -36.51 15.38 0.53
N VAL D 526 -35.56 15.47 1.45
CA VAL D 526 -34.93 14.29 2.01
C VAL D 526 -35.30 14.17 3.48
N GLU D 527 -35.06 12.98 4.03
CA GLU D 527 -35.38 12.69 5.43
C GLU D 527 -34.10 12.19 6.07
N GLU D 528 -33.26 13.13 6.52
CA GLU D 528 -32.00 12.80 7.18
C GLU D 528 -32.26 12.71 8.68
N ASP D 529 -32.22 11.50 9.22
CA ASP D 529 -32.71 11.24 10.58
C ASP D 529 -31.65 10.62 11.48
N ARG D 530 -30.40 11.11 11.36
CA ARG D 530 -29.36 11.03 12.39
C ARG D 530 -28.78 9.61 12.57
N ILE D 531 -29.39 8.60 11.96
CA ILE D 531 -28.86 7.25 12.01
C ILE D 531 -28.62 6.78 10.58
N HIS D 532 -27.79 5.77 10.46
CA HIS D 532 -27.30 5.37 9.15
C HIS D 532 -28.37 4.55 8.42
N PRO D 533 -28.57 4.79 7.13
CA PRO D 533 -29.68 4.11 6.42
C PRO D 533 -29.46 2.62 6.21
N PHE D 534 -28.22 2.14 6.22
CA PHE D 534 -28.00 0.70 6.11
C PHE D 534 -28.31 -0.03 7.42
N ARG D 535 -28.45 0.70 8.52
CA ARG D 535 -28.86 0.08 9.77
C ARG D 535 -30.36 -0.17 9.82
N LYS D 536 -31.14 0.49 8.96
CA LYS D 536 -32.57 0.30 8.95
C LYS D 536 -32.93 -1.00 8.24
N TYR D 537 -34.00 -1.64 8.71
CA TYR D 537 -34.57 -2.79 8.02
C TYR D 537 -35.38 -2.33 6.81
N PHE D 538 -36.02 -3.29 6.14
CA PHE D 538 -36.75 -2.98 4.92
C PHE D 538 -38.02 -2.19 5.21
N GLU D 539 -38.79 -2.61 6.22
CA GLU D 539 -40.07 -2.00 6.49
C GLU D 539 -39.96 -0.63 7.15
N GLU D 540 -38.76 -0.22 7.55
CA GLU D 540 -38.55 1.13 8.08
C GLU D 540 -37.68 1.99 7.17
N LEU D 541 -37.47 1.57 5.93
CA LEU D 541 -36.92 2.44 4.90
C LEU D 541 -38.04 3.10 4.13
N GLN D 542 -37.92 4.40 3.93
CA GLN D 542 -38.79 5.11 3.00
C GLN D 542 -37.94 5.67 1.88
N PRO D 543 -38.49 5.80 0.67
CA PRO D 543 -37.72 6.39 -0.43
C PRO D 543 -37.47 7.87 -0.20
N GLY D 544 -36.22 8.21 0.12
CA GLY D 544 -35.84 9.55 0.46
C GLY D 544 -35.04 9.62 1.76
N ASP D 545 -34.69 8.45 2.30
CA ASP D 545 -33.91 8.37 3.54
C ASP D 545 -32.45 8.64 3.19
N SER D 546 -32.09 9.91 3.17
CA SER D 546 -30.80 10.33 2.66
C SER D 546 -29.70 10.10 3.70
N LEU D 547 -28.47 10.40 3.29
CA LEU D 547 -27.29 10.32 4.14
C LEU D 547 -26.21 11.19 3.55
N LEU D 548 -25.75 12.18 4.31
CA LEU D 548 -24.69 13.07 3.86
C LEU D 548 -23.40 12.58 4.50
N THR D 549 -22.56 11.94 3.68
CA THR D 549 -21.35 11.29 4.16
C THR D 549 -20.26 12.33 4.44
N PRO D 550 -19.28 12.00 5.28
CA PRO D 550 -18.12 12.88 5.41
C PRO D 550 -17.28 12.92 4.14
N ARG D 551 -16.45 13.95 4.06
CA ARG D 551 -15.68 14.20 2.85
C ARG D 551 -14.41 13.34 2.81
N ARG D 552 -13.87 13.20 1.61
CA ARG D 552 -12.56 12.58 1.42
C ARG D 552 -11.84 13.34 0.31
N THR D 553 -10.65 13.83 0.61
CA THR D 553 -9.91 14.65 -0.34
C THR D 553 -9.11 13.76 -1.29
N MET D 554 -9.40 13.87 -2.58
CA MET D 554 -8.63 13.14 -3.58
C MET D 554 -7.29 13.80 -3.78
N THR D 555 -6.23 13.02 -3.68
CA THR D 555 -4.88 13.54 -3.79
C THR D 555 -4.13 12.72 -4.84
N GLU D 556 -2.87 13.09 -5.05
CA GLU D 556 -2.03 12.37 -6.01
C GLU D 556 -1.68 10.99 -5.50
N ALA D 557 -1.53 10.83 -4.18
CA ALA D 557 -1.25 9.53 -3.59
C ALA D 557 -2.41 8.57 -3.78
N ASP D 558 -3.64 9.09 -3.79
CA ASP D 558 -4.80 8.26 -4.07
C ASP D 558 -4.79 7.72 -5.50
N ILE D 559 -4.43 8.58 -6.46
CA ILE D 559 -4.31 8.16 -7.86
C ILE D 559 -3.22 7.11 -8.00
N VAL D 560 -2.09 7.32 -7.31
CA VAL D 560 -0.96 6.39 -7.40
C VAL D 560 -1.33 5.04 -6.80
N ASN D 561 -1.92 5.03 -5.60
CA ASN D 561 -2.26 3.77 -4.97
C ASN D 561 -3.39 3.03 -5.70
N PHE D 562 -4.32 3.75 -6.33
CA PHE D 562 -5.35 3.03 -7.06
C PHE D 562 -4.84 2.51 -8.40
N ALA D 563 -3.98 3.27 -9.08
CA ALA D 563 -3.39 2.78 -10.32
C ALA D 563 -2.42 1.63 -10.08
N CYS D 564 -1.81 1.59 -8.89
CA CYS D 564 -1.01 0.43 -8.52
C CYS D 564 -1.90 -0.76 -8.22
N LEU D 565 -2.93 -0.55 -7.40
CA LEU D 565 -3.71 -1.67 -6.88
C LEU D 565 -4.58 -2.32 -7.95
N SER D 566 -5.29 -1.50 -8.74
CA SER D 566 -6.08 -2.08 -9.83
C SER D 566 -5.17 -2.55 -10.95
N GLY D 567 -4.12 -1.80 -11.25
CA GLY D 567 -3.32 -2.04 -12.43
C GLY D 567 -3.65 -1.14 -13.59
N ASP D 568 -4.63 -0.25 -13.42
CA ASP D 568 -5.07 0.67 -14.47
C ASP D 568 -4.05 1.81 -14.55
N HIS D 569 -3.11 1.68 -15.47
CA HIS D 569 -2.06 2.68 -15.66
C HIS D 569 -2.31 3.56 -16.87
N PHE D 570 -3.57 3.95 -17.08
CA PHE D 570 -4.00 4.78 -18.20
C PHE D 570 -3.28 6.12 -18.18
N TYR D 571 -3.08 6.71 -19.37
CA TYR D 571 -2.20 7.86 -19.51
C TYR D 571 -2.77 9.12 -18.89
N ALA D 572 -4.09 9.21 -18.74
CA ALA D 572 -4.71 10.37 -18.10
C ALA D 572 -4.62 10.30 -16.58
N HIS D 573 -3.97 9.29 -16.03
CA HIS D 573 -3.84 9.11 -14.59
C HIS D 573 -2.40 8.96 -14.13
N MET D 574 -1.56 8.31 -14.93
CA MET D 574 -0.18 8.03 -14.56
C MET D 574 0.86 8.80 -15.35
N ASP D 575 0.47 9.49 -16.41
CA ASP D 575 1.41 10.28 -17.19
C ASP D 575 1.13 11.76 -16.98
N LYS D 576 2.20 12.53 -16.77
CA LYS D 576 2.09 13.97 -16.61
C LYS D 576 2.16 14.72 -17.93
N ILE D 577 2.90 14.18 -18.91
CA ILE D 577 3.02 14.85 -20.20
C ILE D 577 1.73 14.69 -21.01
N ALA D 578 1.27 13.44 -21.15
CA ALA D 578 0.13 13.15 -22.01
C ALA D 578 -1.18 13.66 -21.43
N ALA D 579 -1.28 13.79 -20.10
CA ALA D 579 -2.47 14.37 -19.52
C ALA D 579 -2.51 15.88 -19.70
N ALA D 580 -1.36 16.51 -19.93
CA ALA D 580 -1.30 17.93 -20.27
C ALA D 580 -1.63 18.21 -21.72
N GLU D 581 -1.86 17.17 -22.52
CA GLU D 581 -2.24 17.33 -23.92
C GLU D 581 -3.59 16.70 -24.23
N SER D 582 -4.24 16.08 -23.26
CA SER D 582 -5.53 15.44 -23.46
C SER D 582 -6.66 16.43 -23.20
N ILE D 583 -7.89 15.93 -23.12
CA ILE D 583 -9.05 16.80 -22.97
C ILE D 583 -9.19 17.30 -21.53
N PHE D 584 -8.57 16.62 -20.56
CA PHE D 584 -8.78 16.98 -19.17
C PHE D 584 -7.94 18.19 -18.75
N GLY D 585 -6.68 18.24 -19.16
CA GLY D 585 -5.81 19.33 -18.79
C GLY D 585 -4.65 18.89 -17.92
N GLU D 586 -4.92 17.99 -16.98
CA GLU D 586 -3.88 17.41 -16.14
C GLU D 586 -4.32 16.01 -15.73
N ARG D 587 -3.55 15.41 -14.83
CA ARG D 587 -3.89 14.08 -14.32
C ARG D 587 -5.16 14.15 -13.48
N VAL D 588 -6.06 13.22 -13.73
CA VAL D 588 -7.33 13.16 -13.01
C VAL D 588 -7.38 11.87 -12.21
N VAL D 589 -8.23 11.86 -11.19
CA VAL D 589 -8.45 10.66 -10.40
C VAL D 589 -9.22 9.67 -11.27
N HIS D 590 -8.93 8.39 -11.09
CA HIS D 590 -9.68 7.31 -11.73
C HIS D 590 -11.16 7.42 -11.42
N GLY D 591 -11.99 7.14 -12.41
CA GLY D 591 -13.42 7.12 -12.18
C GLY D 591 -13.83 5.97 -11.29
N TYR D 592 -13.17 4.81 -11.46
CA TYR D 592 -13.43 3.67 -10.59
C TYR D 592 -12.94 3.92 -9.17
N PHE D 593 -11.97 4.82 -8.96
CA PHE D 593 -11.60 5.13 -7.59
C PHE D 593 -12.57 6.09 -6.94
N VAL D 594 -13.19 6.99 -7.71
CA VAL D 594 -14.30 7.78 -7.18
C VAL D 594 -15.45 6.86 -6.80
N LEU D 595 -15.74 5.89 -7.66
CA LEU D 595 -16.77 4.89 -7.39
C LEU D 595 -16.45 4.03 -6.18
N SER D 596 -15.16 3.75 -5.93
CA SER D 596 -14.77 2.90 -4.82
C SER D 596 -14.69 3.67 -3.51
N ALA D 597 -14.15 4.89 -3.54
CA ALA D 597 -14.07 5.70 -2.33
C ALA D 597 -15.44 6.21 -1.92
N ALA D 598 -16.38 6.33 -2.87
CA ALA D 598 -17.77 6.58 -2.51
C ALA D 598 -18.33 5.48 -1.61
N ALA D 599 -18.20 4.22 -2.05
CA ALA D 599 -18.60 3.08 -1.23
C ALA D 599 -17.77 2.94 0.02
N GLY D 600 -16.55 3.48 0.03
CA GLY D 600 -15.84 3.61 1.29
C GLY D 600 -16.49 4.59 2.23
N LEU D 601 -17.13 5.63 1.69
CA LEU D 601 -17.77 6.62 2.53
C LEU D 601 -19.13 6.15 3.04
N PHE D 602 -20.05 5.74 2.16
CA PHE D 602 -21.42 5.56 2.64
C PHE D 602 -21.69 4.20 3.26
N VAL D 603 -20.89 3.17 3.00
CA VAL D 603 -21.21 1.84 3.49
C VAL D 603 -20.86 1.75 4.97
N ASP D 604 -21.84 1.39 5.80
CA ASP D 604 -21.60 1.10 7.20
C ASP D 604 -20.86 -0.23 7.31
N ALA D 605 -19.81 -0.25 8.12
CA ALA D 605 -18.95 -1.42 8.22
C ALA D 605 -19.51 -2.50 9.12
N GLY D 606 -20.60 -2.24 9.84
CA GLY D 606 -21.14 -3.20 10.78
C GLY D 606 -21.96 -4.27 10.10
N VAL D 607 -22.58 -5.11 10.93
CA VAL D 607 -23.47 -6.16 10.46
C VAL D 607 -24.90 -5.66 10.60
N GLY D 608 -25.64 -5.68 9.49
CA GLY D 608 -26.98 -5.16 9.49
C GLY D 608 -27.89 -5.85 8.50
N PRO D 609 -28.97 -5.18 8.12
CA PRO D 609 -29.90 -5.76 7.13
C PRO D 609 -29.33 -5.86 5.74
N VAL D 610 -28.34 -5.04 5.38
CA VAL D 610 -27.74 -5.08 4.06
C VAL D 610 -26.95 -6.37 3.90
N ILE D 611 -27.29 -7.15 2.88
CA ILE D 611 -26.69 -8.46 2.68
C ILE D 611 -25.62 -8.41 1.60
N ALA D 612 -26.00 -7.96 0.41
CA ALA D 612 -25.07 -7.94 -0.71
C ALA D 612 -25.39 -6.76 -1.60
N ASN D 613 -24.44 -6.43 -2.47
CA ASN D 613 -24.59 -5.31 -3.40
C ASN D 613 -25.10 -5.78 -4.76
N TYR D 614 -24.30 -6.58 -5.46
CA TYR D 614 -24.57 -7.22 -6.76
C TYR D 614 -25.08 -6.33 -7.88
N GLY D 615 -25.03 -5.01 -7.75
CA GLY D 615 -25.71 -4.16 -8.70
C GLY D 615 -25.11 -2.79 -8.79
N LEU D 616 -25.23 -2.20 -9.98
CA LEU D 616 -24.87 -0.81 -10.22
C LEU D 616 -25.62 -0.41 -11.47
N GLU D 617 -26.59 0.50 -11.33
CA GLU D 617 -27.60 0.68 -12.37
C GLU D 617 -27.07 1.45 -13.57
N SER D 618 -26.65 2.71 -13.35
CA SER D 618 -26.28 3.56 -14.49
C SER D 618 -25.25 4.58 -14.02
N LEU D 619 -23.98 4.31 -14.32
CA LEU D 619 -22.89 5.17 -13.93
C LEU D 619 -22.52 6.10 -15.07
N ARG D 620 -22.41 7.40 -14.76
CA ARG D 620 -21.98 8.40 -15.73
C ARG D 620 -21.03 9.35 -15.04
N PHE D 621 -19.82 9.48 -15.56
CA PHE D 621 -18.83 10.40 -15.01
C PHE D 621 -18.96 11.73 -15.74
N ILE D 622 -19.39 12.76 -15.02
CA ILE D 622 -19.73 14.03 -15.64
C ILE D 622 -18.52 14.94 -15.71
N GLU D 623 -17.98 15.31 -14.56
CA GLU D 623 -16.81 16.18 -14.50
C GLU D 623 -15.63 15.40 -13.94
N PRO D 624 -14.40 15.74 -14.35
CA PRO D 624 -13.24 15.01 -13.82
C PRO D 624 -12.91 15.43 -12.40
N VAL D 625 -12.42 14.45 -11.63
CA VAL D 625 -11.94 14.68 -10.28
C VAL D 625 -10.43 14.74 -10.33
N LYS D 626 -9.86 15.81 -9.80
CA LYS D 626 -8.44 16.12 -9.84
C LYS D 626 -7.79 15.85 -8.49
N PRO D 627 -6.47 15.97 -8.37
CA PRO D 627 -5.88 16.05 -7.03
C PRO D 627 -6.23 17.36 -6.35
N GLY D 628 -6.35 17.29 -5.02
CA GLY D 628 -6.78 18.45 -4.25
C GLY D 628 -8.21 18.81 -4.55
N ASP D 629 -9.11 17.83 -4.42
CA ASP D 629 -10.48 17.98 -4.89
C ASP D 629 -11.32 17.01 -4.05
N THR D 630 -12.05 17.56 -3.07
CA THR D 630 -12.77 16.73 -2.12
C THR D 630 -13.96 16.03 -2.79
N ILE D 631 -14.48 15.02 -2.10
CA ILE D 631 -15.54 14.16 -2.60
C ILE D 631 -16.51 13.92 -1.47
N GLN D 632 -17.80 14.19 -1.71
CA GLN D 632 -18.84 14.02 -0.71
C GLN D 632 -20.01 13.31 -1.35
N VAL D 633 -20.49 12.27 -0.69
CA VAL D 633 -21.43 11.32 -1.28
C VAL D 633 -22.79 11.50 -0.62
N ARG D 634 -23.85 11.51 -1.44
CA ARG D 634 -25.21 11.69 -0.95
C ARG D 634 -25.98 10.40 -1.24
N LEU D 635 -25.86 9.45 -0.32
CA LEU D 635 -26.59 8.19 -0.42
C LEU D 635 -28.04 8.41 -0.05
N THR D 636 -28.97 8.04 -0.92
CA THR D 636 -30.38 8.21 -0.63
C THR D 636 -31.22 7.13 -1.32
N CYS D 637 -32.21 6.62 -0.60
CA CYS D 637 -33.03 5.52 -1.08
C CYS D 637 -33.95 5.97 -2.20
N LYS D 638 -34.24 5.04 -3.12
CA LYS D 638 -34.98 5.38 -4.33
C LYS D 638 -36.16 4.44 -4.58
N ARG D 639 -36.01 3.17 -4.23
CA ARG D 639 -36.93 2.14 -4.69
C ARG D 639 -36.80 0.93 -3.76
N LYS D 640 -37.91 0.26 -3.46
CA LYS D 640 -37.91 -0.78 -2.44
C LYS D 640 -38.18 -2.19 -2.99
N THR D 641 -39.34 -2.43 -3.60
CA THR D 641 -39.66 -3.63 -4.42
C THR D 641 -39.33 -4.97 -3.74
N LEU D 642 -40.10 -5.29 -2.70
CA LEU D 642 -39.85 -6.49 -1.92
C LEU D 642 -40.01 -7.78 -2.74
N LYS D 643 -39.39 -8.84 -2.24
CA LYS D 643 -39.49 -10.16 -2.82
C LYS D 643 -40.45 -11.02 -1.99
N LYS D 644 -40.89 -12.13 -2.58
CA LYS D 644 -42.04 -12.85 -2.06
C LYS D 644 -41.68 -14.09 -1.23
N GLN D 645 -40.39 -14.33 -0.97
CA GLN D 645 -39.90 -15.39 -0.08
C GLN D 645 -40.37 -16.78 -0.57
N ARG D 646 -39.76 -17.19 -1.69
CA ARG D 646 -40.21 -18.35 -2.47
C ARG D 646 -40.27 -19.66 -1.69
N SER D 647 -39.54 -19.79 -0.59
CA SER D 647 -39.65 -20.93 0.30
C SER D 647 -40.00 -20.45 1.71
N ALA D 648 -40.17 -21.40 2.62
CA ALA D 648 -40.41 -21.05 4.02
C ALA D 648 -39.13 -20.95 4.82
N GLU D 649 -38.03 -21.50 4.32
CA GLU D 649 -36.75 -21.50 5.03
C GLU D 649 -35.90 -20.27 4.70
N GLU D 650 -36.10 -19.69 3.52
CA GLU D 650 -35.27 -18.58 3.09
C GLU D 650 -35.55 -17.31 3.88
N LYS D 651 -34.52 -16.49 4.03
CA LYS D 651 -34.64 -15.25 4.79
C LYS D 651 -35.42 -14.24 3.97
N PRO D 652 -36.38 -13.52 4.57
CA PRO D 652 -37.15 -12.52 3.81
C PRO D 652 -36.29 -11.31 3.50
N THR D 653 -36.52 -10.73 2.32
CA THR D 653 -35.65 -9.66 1.84
C THR D 653 -36.40 -8.84 0.80
N GLY D 654 -35.73 -7.81 0.28
CA GLY D 654 -36.29 -6.93 -0.73
C GLY D 654 -35.23 -6.06 -1.37
N VAL D 655 -35.24 -5.96 -2.70
CA VAL D 655 -34.14 -5.32 -3.42
C VAL D 655 -34.26 -3.80 -3.39
N VAL D 656 -33.63 -3.19 -2.40
CA VAL D 656 -33.68 -1.74 -2.24
C VAL D 656 -32.65 -1.10 -3.18
N GLU D 657 -33.11 -0.15 -3.98
CA GLU D 657 -32.24 0.60 -4.87
C GLU D 657 -31.91 1.94 -4.24
N TRP D 658 -30.64 2.17 -3.95
CA TRP D 658 -30.15 3.46 -3.51
C TRP D 658 -29.68 4.29 -4.71
N ALA D 659 -29.62 5.60 -4.50
CA ALA D 659 -29.31 6.56 -5.56
C ALA D 659 -28.14 7.42 -5.08
N VAL D 660 -26.94 6.98 -5.42
CA VAL D 660 -25.73 7.66 -4.97
C VAL D 660 -25.51 8.91 -5.80
N GLU D 661 -25.17 10.02 -5.15
CA GLU D 661 -24.94 11.29 -5.82
C GLU D 661 -23.68 11.92 -5.24
N VAL D 662 -22.54 11.60 -5.85
CA VAL D 662 -21.26 12.16 -5.46
C VAL D 662 -21.18 13.60 -5.95
N PHE D 663 -20.55 14.49 -5.18
CA PHE D 663 -20.25 15.83 -5.65
C PHE D 663 -19.01 16.35 -4.93
N ASN D 664 -18.34 17.30 -5.57
CA ASN D 664 -17.07 17.84 -5.07
C ASN D 664 -17.33 19.08 -4.21
N GLN D 665 -16.29 19.87 -3.92
CA GLN D 665 -16.43 21.02 -3.04
C GLN D 665 -17.22 22.16 -3.66
N HIS D 666 -17.34 22.20 -4.99
CA HIS D 666 -18.14 23.22 -5.64
C HIS D 666 -19.60 22.82 -5.76
N GLN D 667 -19.98 21.68 -5.17
CA GLN D 667 -21.32 21.08 -5.24
C GLN D 667 -21.77 20.83 -6.68
N THR D 668 -20.81 20.58 -7.59
CA THR D 668 -21.34 20.09 -8.85
C THR D 668 -21.19 18.56 -8.90
N PRO D 669 -22.21 17.85 -9.38
CA PRO D 669 -22.23 16.39 -9.23
C PRO D 669 -21.29 15.71 -10.23
N VAL D 670 -20.24 15.10 -9.70
CA VAL D 670 -19.44 14.16 -10.46
C VAL D 670 -19.97 12.77 -10.14
N ALA D 671 -19.99 11.89 -11.14
CA ALA D 671 -20.17 10.43 -10.96
C ALA D 671 -21.46 10.06 -10.22
N LEU D 672 -22.61 10.41 -10.81
CA LEU D 672 -23.88 10.06 -10.20
C LEU D 672 -24.36 8.73 -10.77
N TYR D 673 -24.76 7.83 -9.88
CA TYR D 673 -25.11 6.47 -10.27
C TYR D 673 -26.17 5.95 -9.30
N SER D 674 -26.36 4.63 -9.29
CA SER D 674 -27.42 4.02 -8.51
C SER D 674 -27.07 2.56 -8.26
N ILE D 675 -27.07 2.15 -7.01
CA ILE D 675 -26.72 0.78 -6.65
C ILE D 675 -27.99 0.03 -6.29
N LEU D 676 -27.95 -1.28 -6.45
CA LEU D 676 -29.00 -2.17 -5.96
C LEU D 676 -28.49 -2.80 -4.68
N THR D 677 -29.41 -3.23 -3.81
CA THR D 677 -29.02 -3.75 -2.51
C THR D 677 -30.10 -4.70 -2.02
N LEU D 678 -29.70 -5.87 -1.51
CA LEU D 678 -30.63 -6.89 -1.03
C LEU D 678 -30.79 -6.71 0.48
N VAL D 679 -31.64 -5.77 0.88
CA VAL D 679 -31.84 -5.47 2.29
C VAL D 679 -32.82 -6.49 2.87
N ALA D 680 -32.45 -7.09 4.00
CA ALA D 680 -33.29 -8.12 4.61
C ALA D 680 -34.49 -7.50 5.32
N ARG D 681 -35.65 -8.13 5.15
CA ARG D 681 -36.88 -7.66 5.75
C ARG D 681 -36.94 -8.03 7.23
N GLN D 682 -37.91 -7.44 7.93
CA GLN D 682 -38.13 -7.70 9.33
C GLN D 682 -39.16 -8.81 9.55
N HIS D 683 -40.32 -8.72 8.90
CA HIS D 683 -41.40 -9.68 9.04
C HIS D 683 -41.71 -10.28 7.67
N GLY D 684 -41.39 -11.56 7.50
CA GLY D 684 -41.70 -12.24 6.27
C GLY D 684 -43.17 -12.59 6.16
N ASP D 685 -43.58 -12.99 4.94
CA ASP D 685 -44.96 -13.35 4.68
C ASP D 685 -45.28 -14.81 4.97
N PHE D 686 -44.26 -15.63 5.23
CA PHE D 686 -44.49 -17.00 5.69
C PHE D 686 -44.21 -17.11 7.20
N GLN E 9 -5.70 51.53 68.71
CA GLN E 9 -6.34 51.28 67.43
C GLN E 9 -6.59 49.79 67.24
N GLN E 10 -7.87 49.42 67.13
CA GLN E 10 -8.27 48.02 67.09
C GLN E 10 -7.88 47.36 65.78
N LEU E 11 -7.59 46.06 65.84
CA LEU E 11 -7.36 45.24 64.66
C LEU E 11 -8.56 44.28 64.62
N ALA E 12 -9.48 44.51 63.69
CA ALA E 12 -10.78 43.86 63.73
C ALA E 12 -10.69 42.44 63.21
N SER E 13 -11.04 41.47 64.07
CA SER E 13 -11.14 40.08 63.68
C SER E 13 -12.42 39.83 62.90
N PHE E 14 -12.39 38.84 62.02
CA PHE E 14 -13.52 38.52 61.15
C PHE E 14 -14.11 37.19 61.58
N LEU E 15 -15.16 37.24 62.40
CA LEU E 15 -15.81 36.05 62.92
C LEU E 15 -17.31 36.13 62.69
N SER E 16 -17.90 35.00 62.31
CA SER E 16 -19.33 34.83 62.07
C SER E 16 -19.86 35.79 61.00
N GLY E 17 -19.02 36.12 60.02
CA GLY E 17 -19.38 37.03 58.97
C GLY E 17 -19.26 38.50 59.29
N THR E 18 -19.01 38.86 60.55
CA THR E 18 -18.98 40.25 60.98
C THR E 18 -17.60 40.61 61.53
N TRP E 19 -17.13 41.80 61.16
CA TRP E 19 -15.84 42.30 61.63
C TRP E 19 -15.97 42.71 63.09
N GLN E 20 -15.51 41.85 63.99
CA GLN E 20 -15.65 42.05 65.42
C GLN E 20 -14.30 42.38 66.04
N SER E 21 -14.31 42.68 67.33
CA SER E 21 -13.08 42.98 68.06
C SER E 21 -13.29 42.65 69.53
N GLY E 22 -12.19 42.37 70.22
CA GLY E 22 -12.25 41.95 71.60
C GLY E 22 -12.44 43.10 72.57
N ARG E 23 -12.72 42.73 73.82
CA ARG E 23 -12.96 43.68 74.91
C ARG E 23 -12.22 43.17 76.14
N GLY E 24 -10.99 43.65 76.35
CA GLY E 24 -10.27 43.27 77.54
C GLY E 24 -8.76 43.40 77.46
N ARG E 25 -8.04 42.38 77.95
CA ARG E 25 -6.59 42.40 77.93
C ARG E 25 -6.08 42.27 76.51
N SER E 26 -5.16 43.15 76.14
CA SER E 26 -4.77 43.31 74.75
C SER E 26 -3.26 43.33 74.60
N ARG E 27 -2.80 42.86 73.45
CA ARG E 27 -1.43 43.06 72.99
C ARG E 27 -1.43 44.11 71.90
N LEU E 28 -0.24 44.46 71.42
CA LEU E 28 -0.10 45.54 70.46
C LEU E 28 1.01 45.25 69.47
N ILE E 29 0.94 45.94 68.34
CA ILE E 29 1.84 45.70 67.20
C ILE E 29 2.77 46.90 67.09
N HIS E 30 4.05 46.68 67.33
CA HIS E 30 5.04 47.73 67.15
C HIS E 30 5.40 47.89 65.67
N HIS E 31 5.65 49.14 65.29
CA HIS E 31 6.22 49.40 63.98
C HIS E 31 7.69 49.00 64.01
N ALA E 32 8.07 48.09 63.11
CA ALA E 32 9.33 47.37 63.27
C ALA E 32 10.56 48.23 62.95
N ILE E 33 10.40 49.24 62.10
CA ILE E 33 11.57 50.03 61.70
C ILE E 33 11.71 51.31 62.53
N SER E 34 10.64 51.75 63.20
CA SER E 34 10.69 52.96 64.01
C SER E 34 10.48 52.68 65.49
N GLY E 35 9.38 52.05 65.88
CA GLY E 35 9.22 51.66 67.27
C GLY E 35 7.87 51.94 67.90
N GLU E 36 7.03 52.75 67.26
CA GLU E 36 5.76 53.07 67.86
C GLU E 36 4.74 51.96 67.62
N ALA E 37 3.68 51.97 68.42
CA ALA E 37 2.61 50.98 68.33
C ALA E 37 1.45 51.60 67.56
N LEU E 38 1.24 51.12 66.33
CA LEU E 38 0.18 51.66 65.48
C LEU E 38 -0.96 50.68 65.24
N TRP E 39 -0.96 49.54 65.94
CA TRP E 39 -2.15 48.71 66.11
C TRP E 39 -2.15 48.14 67.51
N GLU E 40 -3.29 47.61 67.93
CA GLU E 40 -3.35 46.84 69.17
C GLU E 40 -4.42 45.77 69.03
N VAL E 41 -4.08 44.56 69.46
CA VAL E 41 -4.85 43.37 69.13
C VAL E 41 -5.44 42.77 70.40
N THR E 42 -6.65 42.23 70.27
CA THR E 42 -7.34 41.53 71.34
C THR E 42 -8.43 40.67 70.74
N SER E 43 -8.73 39.56 71.42
CA SER E 43 -9.83 38.70 70.99
C SER E 43 -10.60 38.14 72.17
N GLU E 44 -10.44 38.72 73.36
CA GLU E 44 -11.15 38.26 74.54
C GLU E 44 -12.63 38.62 74.44
N GLY E 45 -13.49 37.71 74.88
CA GLY E 45 -14.91 37.90 74.81
C GLY E 45 -15.56 37.48 73.51
N LEU E 46 -14.78 37.17 72.48
CA LEU E 46 -15.33 36.72 71.21
C LEU E 46 -15.78 35.27 71.32
N ASP E 47 -17.01 35.00 70.88
CA ASP E 47 -17.57 33.66 70.93
C ASP E 47 -16.95 32.83 69.83
N MET E 48 -16.11 31.86 70.22
CA MET E 48 -15.40 31.03 69.26
C MET E 48 -16.22 29.84 68.79
N ALA E 49 -17.05 29.29 69.68
CA ALA E 49 -17.94 28.20 69.32
C ALA E 49 -18.97 28.65 68.28
N ALA E 50 -19.44 29.88 68.40
CA ALA E 50 -20.36 30.43 67.40
C ALA E 50 -19.66 30.64 66.06
N ALA E 51 -18.36 30.97 66.09
CA ALA E 51 -17.60 31.13 64.85
C ALA E 51 -17.42 29.79 64.14
N ARG E 52 -17.06 28.75 64.90
CA ARG E 52 -16.93 27.41 64.33
C ARG E 52 -18.27 26.90 63.83
N GLN E 53 -19.36 27.21 64.55
CA GLN E 53 -20.69 26.80 64.15
C GLN E 53 -21.13 27.49 62.86
N PHE E 54 -20.85 28.79 62.75
CA PHE E 54 -21.17 29.53 61.53
C PHE E 54 -20.38 29.01 60.35
N ALA E 55 -19.10 28.69 60.56
CA ALA E 55 -18.27 28.17 59.48
C ALA E 55 -18.77 26.81 59.01
N ILE E 56 -19.00 25.88 59.95
CA ILE E 56 -19.38 24.51 59.59
C ILE E 56 -20.77 24.46 58.96
N GLU E 57 -21.73 25.22 59.48
CA GLU E 57 -23.07 25.16 58.91
C GLU E 57 -23.39 26.32 57.97
N LYS E 58 -22.40 27.10 57.54
CA LYS E 58 -22.63 28.08 56.50
C LYS E 58 -21.73 27.90 55.29
N GLY E 59 -20.41 27.76 55.49
CA GLY E 59 -19.50 27.79 54.36
C GLY E 59 -19.01 26.42 53.97
N ALA E 60 -19.09 25.46 54.89
CA ALA E 60 -18.73 24.08 54.54
C ALA E 60 -19.72 23.45 53.55
N PRO E 61 -21.05 23.55 53.70
CA PRO E 61 -21.90 23.06 52.60
C PRO E 61 -21.81 23.91 51.35
N ALA E 62 -21.47 25.20 51.48
CA ALA E 62 -21.34 26.05 50.31
C ALA E 62 -20.08 25.76 49.52
N LEU E 63 -19.04 25.24 50.16
CA LEU E 63 -17.85 24.79 49.45
C LEU E 63 -17.97 23.36 48.96
N ARG E 64 -18.58 22.47 49.77
CA ARG E 64 -18.72 21.08 49.37
C ARG E 64 -19.82 20.87 48.33
N ALA E 65 -20.62 21.88 48.04
CA ALA E 65 -21.55 21.79 46.91
C ALA E 65 -20.83 22.08 45.59
N MET E 66 -19.76 22.85 45.62
CA MET E 66 -18.98 23.12 44.42
C MET E 66 -18.22 21.88 43.99
N THR E 67 -17.92 21.81 42.70
CA THR E 67 -16.99 20.81 42.22
C THR E 67 -15.56 21.29 42.40
N PHE E 68 -14.59 20.42 42.11
CA PHE E 68 -13.20 20.82 42.25
C PHE E 68 -12.78 21.82 41.18
N ILE E 69 -13.41 21.75 40.01
CA ILE E 69 -13.12 22.70 38.95
C ILE E 69 -13.61 24.09 39.33
N GLU E 70 -14.78 24.18 39.97
CA GLU E 70 -15.27 25.47 40.43
C GLU E 70 -14.48 25.98 41.63
N ARG E 71 -14.01 25.08 42.50
CA ARG E 71 -13.17 25.49 43.61
C ARG E 71 -11.76 25.88 43.16
N ALA E 72 -11.34 25.44 41.97
CA ALA E 72 -10.08 25.94 41.41
C ALA E 72 -10.28 27.27 40.70
N ALA E 73 -11.42 27.45 40.03
CA ALA E 73 -11.72 28.73 39.41
C ALA E 73 -11.93 29.82 40.44
N MET E 74 -12.44 29.47 41.62
CA MET E 74 -12.53 30.43 42.72
C MET E 74 -11.15 30.86 43.19
N LEU E 75 -10.20 29.94 43.25
CA LEU E 75 -8.83 30.29 43.64
C LEU E 75 -8.16 31.17 42.60
N LYS E 76 -8.40 30.88 41.32
CA LYS E 76 -7.85 31.72 40.25
C LYS E 76 -8.47 33.12 40.28
N ALA E 77 -9.77 33.21 40.61
CA ALA E 77 -10.43 34.50 40.69
C ALA E 77 -9.93 35.31 41.88
N VAL E 78 -9.72 34.65 43.03
CA VAL E 78 -9.15 35.35 44.19
C VAL E 78 -7.72 35.79 43.91
N ALA E 79 -6.97 34.98 43.16
CA ALA E 79 -5.60 35.35 42.80
C ALA E 79 -5.56 36.55 41.86
N LYS E 80 -6.45 36.59 40.87
CA LYS E 80 -6.49 37.75 39.98
C LYS E 80 -7.05 38.98 40.68
N HIS E 81 -7.93 38.79 41.66
CA HIS E 81 -8.46 39.93 42.40
C HIS E 81 -7.44 40.50 43.37
N LEU E 82 -6.57 39.66 43.93
CA LEU E 82 -5.57 40.08 44.89
C LEU E 82 -4.26 40.50 44.23
N LEU E 83 -4.02 40.10 42.99
CA LEU E 83 -2.84 40.56 42.28
C LEU E 83 -3.01 42.00 41.80
N SER E 84 -4.26 42.42 41.56
CA SER E 84 -4.51 43.77 41.05
C SER E 84 -4.27 44.81 42.14
N GLU E 85 -4.85 44.63 43.31
CA GLU E 85 -4.62 45.53 44.44
C GLU E 85 -3.47 45.06 45.33
N LYS E 86 -2.33 44.77 44.71
CA LYS E 86 -1.17 44.32 45.46
C LYS E 86 -0.43 45.46 46.13
N GLU E 87 -0.64 46.70 45.69
CA GLU E 87 0.13 47.82 46.20
C GLU E 87 -0.35 48.31 47.56
N ARG E 88 -1.57 47.96 47.97
CA ARG E 88 -2.01 48.22 49.33
C ARG E 88 -1.50 47.19 50.32
N PHE E 89 -0.77 46.18 49.85
CA PHE E 89 -0.16 45.17 50.69
C PHE E 89 1.30 45.46 51.00
N TYR E 90 2.02 46.09 50.06
CA TYR E 90 3.39 46.50 50.33
C TYR E 90 3.47 47.59 51.39
N ALA E 91 2.47 48.48 51.44
CA ALA E 91 2.45 49.52 52.47
C ALA E 91 2.24 48.92 53.86
N LEU E 92 1.46 47.85 53.97
CA LEU E 92 1.31 47.17 55.24
C LEU E 92 2.51 46.29 55.57
N SER E 93 3.16 45.74 54.55
CA SER E 93 4.32 44.87 54.77
C SER E 93 5.60 45.64 55.05
N ALA E 94 5.64 46.93 54.69
CA ALA E 94 6.78 47.76 55.06
C ALA E 94 6.80 48.07 56.55
N GLN E 95 5.67 47.88 57.24
CA GLN E 95 5.61 48.03 58.69
C GLN E 95 6.31 46.88 59.41
N THR E 96 6.60 45.80 58.71
CA THR E 96 7.27 44.63 59.27
C THR E 96 8.78 44.72 59.20
N GLY E 97 9.31 45.85 58.74
CA GLY E 97 10.75 45.99 58.61
C GLY E 97 11.34 45.23 57.45
N ALA E 98 10.53 44.82 56.48
CA ALA E 98 10.99 44.08 55.33
C ALA E 98 11.19 45.01 54.14
N THR E 99 12.10 44.61 53.24
CA THR E 99 12.42 45.43 52.09
C THR E 99 11.41 45.20 50.97
N ARG E 100 11.64 45.85 49.83
CA ARG E 100 10.78 45.63 48.68
C ARG E 100 11.05 44.26 48.06
N ALA E 101 12.31 43.81 48.08
CA ALA E 101 12.63 42.49 47.54
C ALA E 101 12.19 41.36 48.45
N ASP E 102 11.96 41.63 49.73
CA ASP E 102 11.46 40.62 50.66
C ASP E 102 9.95 40.56 50.67
N SER E 103 9.30 41.74 50.70
CA SER E 103 7.85 41.80 50.57
C SER E 103 7.38 41.37 49.19
N TRP E 104 8.23 41.50 48.17
CA TRP E 104 7.90 40.95 46.85
C TRP E 104 7.77 39.43 46.92
N VAL E 105 8.69 38.77 47.62
CA VAL E 105 8.58 37.34 47.87
C VAL E 105 7.31 37.03 48.66
N ASP E 106 7.09 37.77 49.75
CA ASP E 106 5.97 37.54 50.65
C ASP E 106 4.61 37.67 49.96
N ILE E 107 4.46 38.64 49.08
CA ILE E 107 3.18 38.85 48.40
C ILE E 107 3.08 37.98 47.14
N GLU E 108 4.07 38.05 46.25
CA GLU E 108 3.94 37.41 44.95
C GLU E 108 4.10 35.89 45.03
N GLY E 109 4.86 35.35 45.98
CA GLY E 109 4.86 33.91 46.15
C GLY E 109 3.57 33.41 46.77
N GLY E 110 2.97 34.22 47.66
CA GLY E 110 1.68 33.86 48.23
C GLY E 110 0.56 33.92 47.23
N ILE E 111 0.68 34.75 46.20
CA ILE E 111 -0.33 34.76 45.14
C ILE E 111 0.01 33.75 44.05
N GLY E 112 1.29 33.47 43.81
CA GLY E 112 1.66 32.42 42.89
C GLY E 112 1.31 31.04 43.39
N THR E 113 1.24 30.88 44.72
CA THR E 113 0.69 29.65 45.30
C THR E 113 -0.78 29.49 44.95
N LEU E 114 -1.53 30.60 44.95
CA LEU E 114 -2.93 30.57 44.54
C LEU E 114 -3.08 30.22 43.07
N PHE E 115 -2.25 30.83 42.21
CA PHE E 115 -2.29 30.50 40.78
C PHE E 115 -1.87 29.05 40.52
N THR E 116 -0.90 28.55 41.28
CA THR E 116 -0.42 27.19 41.09
C THR E 116 -1.47 26.17 41.52
N TYR E 117 -2.11 26.38 42.67
CA TYR E 117 -3.18 25.48 43.08
C TYR E 117 -4.41 25.62 42.20
N ALA E 118 -4.64 26.80 41.62
CA ALA E 118 -5.72 26.93 40.65
C ALA E 118 -5.44 26.12 39.39
N SER E 119 -4.18 26.13 38.92
CA SER E 119 -3.83 25.35 37.74
C SER E 119 -3.88 23.85 38.03
N LEU E 120 -3.39 23.44 39.20
CA LEU E 120 -3.44 22.02 39.57
C LEU E 120 -4.85 21.53 39.80
N GLY E 121 -5.74 22.37 40.32
CA GLY E 121 -7.13 21.97 40.45
C GLY E 121 -7.86 21.96 39.12
N SER E 122 -7.49 22.85 38.21
CA SER E 122 -8.14 22.88 36.90
C SER E 122 -7.57 21.86 35.92
N ARG E 123 -6.44 21.22 36.24
CA ARG E 123 -5.86 20.24 35.33
C ARG E 123 -5.98 18.80 35.79
N GLU E 124 -5.82 18.53 37.09
CA GLU E 124 -5.69 17.15 37.57
C GLU E 124 -6.79 16.75 38.54
N LEU E 125 -7.88 17.51 38.61
CA LEU E 125 -8.98 17.24 39.53
C LEU E 125 -10.29 17.12 38.76
N PRO E 126 -11.20 16.25 39.20
CA PRO E 126 -12.40 15.97 38.39
C PRO E 126 -13.48 17.04 38.59
N ASP E 127 -14.46 17.00 37.69
CA ASP E 127 -15.64 17.85 37.79
C ASP E 127 -16.67 17.14 38.65
N ASP E 128 -16.39 17.10 39.95
CA ASP E 128 -17.13 16.26 40.88
C ASP E 128 -16.83 16.77 42.28
N THR E 129 -17.57 16.25 43.25
CA THR E 129 -17.25 16.47 44.65
C THR E 129 -16.38 15.34 45.21
N LEU E 130 -16.57 14.13 44.70
CA LEU E 130 -15.79 12.97 45.12
C LEU E 130 -14.65 12.73 44.14
N TRP E 131 -13.44 12.60 44.66
CA TRP E 131 -12.25 12.42 43.82
C TRP E 131 -11.62 11.06 44.03
N PRO E 132 -11.79 10.13 43.09
CA PRO E 132 -11.10 8.83 43.16
C PRO E 132 -9.65 9.01 42.75
N GLU E 133 -8.73 8.67 43.66
CA GLU E 133 -7.32 8.86 43.35
C GLU E 133 -6.67 7.64 42.71
N ASP E 134 -7.22 6.44 42.92
CA ASP E 134 -6.68 5.25 42.27
C ASP E 134 -7.31 5.07 40.90
N GLU E 135 -6.81 4.08 40.17
CA GLU E 135 -7.52 3.67 38.95
C GLU E 135 -8.65 2.71 39.31
N LEU E 136 -8.28 1.52 39.79
CA LEU E 136 -9.19 0.46 40.25
C LEU E 136 -8.34 -0.65 40.84
N ILE E 137 -8.89 -1.31 41.86
CA ILE E 137 -8.26 -2.46 42.48
C ILE E 137 -9.25 -3.63 42.39
N PRO E 138 -9.04 -4.56 41.46
CA PRO E 138 -9.95 -5.70 41.35
C PRO E 138 -9.68 -6.72 42.43
N LEU E 139 -10.74 -7.10 43.15
CA LEU E 139 -10.62 -7.98 44.31
C LEU E 139 -11.26 -9.34 44.07
N SER E 140 -11.72 -9.63 42.85
CA SER E 140 -12.39 -10.88 42.56
C SER E 140 -11.84 -11.47 41.27
N LYS E 141 -12.12 -12.77 41.07
CA LYS E 141 -11.67 -13.46 39.87
C LYS E 141 -12.69 -13.34 38.76
N GLU E 142 -13.98 -13.45 39.09
CA GLU E 142 -15.02 -13.34 38.07
C GLU E 142 -15.20 -11.90 37.61
N GLY E 143 -14.95 -10.94 38.49
CA GLY E 143 -15.05 -9.54 38.10
C GLY E 143 -16.34 -8.88 38.55
N GLY E 144 -16.76 -9.16 39.78
CA GLY E 144 -17.97 -8.56 40.29
C GLY E 144 -17.81 -8.00 41.69
N PHE E 145 -16.55 -7.78 42.10
CA PHE E 145 -16.26 -7.22 43.42
C PHE E 145 -14.95 -6.46 43.30
N ALA E 146 -15.05 -5.14 43.16
CA ALA E 146 -13.89 -4.27 43.04
C ALA E 146 -13.92 -3.26 44.18
N ALA E 147 -12.90 -2.41 44.22
CA ALA E 147 -12.83 -1.35 45.23
C ALA E 147 -11.87 -0.28 44.75
N ARG E 148 -12.28 0.97 44.82
CA ARG E 148 -11.41 2.08 44.49
C ARG E 148 -11.50 3.13 45.59
N HIS E 149 -10.38 3.80 45.84
CA HIS E 149 -10.29 4.74 46.96
C HIS E 149 -10.91 6.08 46.59
N LEU E 150 -11.86 6.53 47.39
CA LEU E 150 -12.47 7.83 47.22
C LEU E 150 -11.90 8.81 48.22
N LEU E 151 -11.88 10.08 47.83
CA LEU E 151 -11.41 11.18 48.69
C LEU E 151 -12.54 12.19 48.84
N THR E 152 -13.41 11.96 49.81
CA THR E 152 -14.44 12.93 50.14
C THR E 152 -13.84 14.01 51.04
N SER E 153 -14.20 15.25 50.77
CA SER E 153 -13.73 16.37 51.57
C SER E 153 -14.37 16.35 52.95
N LYS E 154 -13.61 16.78 53.96
CA LYS E 154 -14.09 16.75 55.33
C LYS E 154 -15.14 17.82 55.56
N SER E 155 -15.88 17.65 56.66
CA SER E 155 -17.05 18.49 56.93
C SER E 155 -16.83 19.34 58.18
N GLY E 156 -15.66 19.96 58.29
CA GLY E 156 -15.40 20.82 59.43
C GLY E 156 -14.52 22.00 59.08
N VAL E 157 -13.80 22.53 60.07
CA VAL E 157 -12.96 23.70 59.86
C VAL E 157 -11.50 23.28 59.87
N ALA E 158 -10.67 24.12 59.28
CA ALA E 158 -9.21 23.96 59.29
C ALA E 158 -8.63 25.14 60.06
N VAL E 159 -8.36 24.94 61.35
CA VAL E 159 -7.80 25.99 62.18
C VAL E 159 -6.32 26.13 61.84
N HIS E 160 -5.97 27.16 61.08
CA HIS E 160 -4.60 27.43 60.70
C HIS E 160 -4.00 28.42 61.68
N ILE E 161 -2.85 28.06 62.25
CA ILE E 161 -2.15 28.93 63.19
C ILE E 161 -0.80 29.26 62.57
N ASN E 162 -0.62 30.51 62.18
CA ASN E 162 0.54 30.96 61.43
C ASN E 162 1.58 31.56 62.37
N ALA E 163 2.58 32.20 61.80
CA ALA E 163 3.64 32.84 62.56
C ALA E 163 3.93 34.19 61.92
N PHE E 164 5.03 34.81 62.32
CA PHE E 164 5.31 36.19 61.95
C PHE E 164 6.18 36.34 60.71
N ASN E 165 6.57 35.25 60.06
CA ASN E 165 7.43 35.39 58.89
C ASN E 165 6.65 35.91 57.70
N PHE E 166 5.65 35.13 57.26
CA PHE E 166 4.91 35.42 56.05
C PHE E 166 3.43 35.52 56.40
N PRO E 167 2.93 36.73 56.68
CA PRO E 167 1.49 36.89 56.90
C PRO E 167 0.68 36.72 55.63
N CYS E 168 1.30 36.87 54.47
CA CYS E 168 0.65 36.67 53.18
C CYS E 168 0.91 35.29 52.60
N TRP E 169 2.19 34.90 52.48
CA TRP E 169 2.51 33.60 51.91
C TRP E 169 2.08 32.48 52.84
N GLY E 170 2.47 32.54 54.11
CA GLY E 170 2.17 31.51 55.08
C GLY E 170 0.69 31.36 55.40
N MET E 171 -0.10 32.38 55.08
CA MET E 171 -1.56 32.25 55.19
C MET E 171 -2.13 31.61 53.94
N LEU E 172 -1.58 31.95 52.77
CA LEU E 172 -2.12 31.49 51.50
C LEU E 172 -1.51 30.18 51.01
N GLU E 173 -0.41 29.72 51.59
CA GLU E 173 0.06 28.37 51.30
C GLU E 173 -0.70 27.33 52.09
N LYS E 174 -1.54 27.75 53.04
CA LYS E 174 -2.45 26.88 53.76
C LYS E 174 -3.89 27.06 53.33
N LEU E 175 -4.24 28.18 52.70
CA LEU E 175 -5.62 28.50 52.36
C LEU E 175 -6.01 27.96 51.00
N ALA E 176 -5.09 27.94 50.04
CA ALA E 176 -5.35 27.33 48.74
C ALA E 176 -5.54 25.80 48.81
N PRO E 177 -4.77 25.01 49.58
CA PRO E 177 -5.15 23.59 49.72
C PRO E 177 -6.42 23.39 50.51
N THR E 178 -6.70 24.25 51.49
CA THR E 178 -7.91 24.11 52.28
C THR E 178 -9.15 24.39 51.46
N TRP E 179 -9.14 25.47 50.68
CA TRP E 179 -10.26 25.78 49.80
C TRP E 179 -10.36 24.83 48.63
N LEU E 180 -9.23 24.33 48.13
CA LEU E 180 -9.28 23.36 47.04
C LEU E 180 -9.72 21.99 47.52
N GLY E 181 -9.58 21.72 48.82
CA GLY E 181 -10.05 20.47 49.37
C GLY E 181 -11.34 20.63 50.16
N GLY E 182 -12.11 21.67 49.84
CA GLY E 182 -13.48 21.80 50.31
C GLY E 182 -13.71 21.97 51.80
N MET E 183 -12.95 22.84 52.46
CA MET E 183 -13.15 23.13 53.86
C MET E 183 -13.02 24.63 54.12
N PRO E 184 -13.80 25.17 55.03
CA PRO E 184 -13.60 26.56 55.44
C PRO E 184 -12.49 26.67 56.48
N ALA E 185 -11.72 27.74 56.39
CA ALA E 185 -10.56 27.94 57.24
C ALA E 185 -10.83 29.00 58.30
N ILE E 186 -10.13 28.87 59.43
CA ILE E 186 -10.15 29.87 60.50
C ILE E 186 -8.68 30.21 60.76
N ILE E 187 -8.19 31.25 60.11
CA ILE E 187 -6.78 31.61 60.18
C ILE E 187 -6.51 32.35 61.47
N LYS E 188 -5.55 31.86 62.25
CA LYS E 188 -5.05 32.59 63.41
C LYS E 188 -3.65 33.09 63.10
N PRO E 189 -3.48 34.34 62.71
CA PRO E 189 -2.13 34.86 62.48
C PRO E 189 -1.45 35.25 63.78
N ALA E 190 -0.14 35.36 63.72
CA ALA E 190 0.62 35.81 64.87
C ALA E 190 0.37 37.30 65.11
N THR E 191 0.29 37.68 66.37
CA THR E 191 -0.02 39.07 66.72
C THR E 191 1.16 40.02 66.52
N ALA E 192 2.32 39.53 66.08
CA ALA E 192 3.41 40.43 65.75
C ALA E 192 3.12 41.21 64.47
N THR E 193 2.56 40.54 63.47
CA THR E 193 2.28 41.16 62.18
C THR E 193 0.95 40.67 61.60
N ALA E 194 -0.10 40.68 62.42
CA ALA E 194 -1.41 40.24 61.96
C ALA E 194 -2.13 41.27 61.08
N GLN E 195 -1.61 42.49 60.96
CA GLN E 195 -2.32 43.51 60.18
C GLN E 195 -2.26 43.23 58.68
N LEU E 196 -1.17 42.63 58.22
CA LEU E 196 -1.09 42.23 56.82
C LEU E 196 -2.07 41.09 56.53
N THR E 197 -2.23 40.18 57.49
CA THR E 197 -3.20 39.10 57.35
C THR E 197 -4.62 39.66 57.33
N GLN E 198 -4.91 40.68 58.14
CA GLN E 198 -6.24 41.28 58.07
C GLN E 198 -6.47 42.00 56.75
N ALA E 199 -5.42 42.62 56.21
CA ALA E 199 -5.55 43.25 54.89
C ALA E 199 -5.84 42.21 53.81
N MET E 200 -5.18 41.05 53.88
CA MET E 200 -5.43 39.96 52.93
C MET E 200 -6.85 39.44 53.05
N VAL E 201 -7.30 39.17 54.28
CA VAL E 201 -8.64 38.62 54.51
C VAL E 201 -9.73 39.63 54.14
N LYS E 202 -9.48 40.92 54.38
CA LYS E 202 -10.44 41.94 53.98
C LYS E 202 -10.53 42.07 52.46
N SER E 203 -9.39 41.96 51.77
CA SER E 203 -9.41 42.00 50.31
C SER E 203 -10.06 40.76 49.72
N ILE E 204 -10.00 39.63 50.43
CA ILE E 204 -10.69 38.42 49.96
C ILE E 204 -12.19 38.54 50.20
N VAL E 205 -12.59 38.99 51.39
CA VAL E 205 -14.02 39.04 51.75
C VAL E 205 -14.74 40.11 50.94
N ASP E 206 -14.11 41.26 50.71
CA ASP E 206 -14.76 42.30 49.92
C ASP E 206 -14.60 42.08 48.43
N SER E 207 -14.93 40.88 47.95
CA SER E 207 -14.93 40.58 46.52
C SER E 207 -16.15 39.83 46.04
N GLY E 208 -16.88 39.14 46.91
CA GLY E 208 -18.02 38.35 46.49
C GLY E 208 -17.69 37.05 45.82
N LEU E 209 -16.41 36.64 45.83
CA LEU E 209 -15.98 35.43 45.16
C LEU E 209 -16.17 34.20 46.04
N VAL E 210 -15.69 34.26 47.27
CA VAL E 210 -15.78 33.13 48.19
C VAL E 210 -17.16 33.17 48.86
N PRO E 211 -17.70 32.02 49.26
CA PRO E 211 -18.95 32.04 50.03
C PRO E 211 -18.73 32.60 51.43
N GLU E 212 -19.84 32.98 52.07
CA GLU E 212 -19.75 33.46 53.44
C GLU E 212 -19.50 32.29 54.39
N GLY E 213 -18.64 32.53 55.37
CA GLY E 213 -18.20 31.48 56.28
C GLY E 213 -17.06 30.63 55.77
N ALA E 214 -16.67 30.78 54.50
CA ALA E 214 -15.58 29.99 53.93
C ALA E 214 -14.21 30.53 54.32
N ILE E 215 -14.14 31.63 55.06
CA ILE E 215 -12.89 32.12 55.65
C ILE E 215 -13.24 32.87 56.92
N SER E 216 -12.44 32.66 57.96
CA SER E 216 -12.57 33.40 59.21
C SER E 216 -11.19 33.91 59.60
N LEU E 217 -11.14 34.65 60.69
CA LEU E 217 -9.91 35.29 61.12
C LEU E 217 -10.02 35.64 62.59
N ILE E 218 -8.96 35.39 63.34
CA ILE E 218 -8.87 35.78 64.75
C ILE E 218 -7.56 36.49 64.98
N CYS E 219 -7.62 37.82 65.12
CA CYS E 219 -6.46 38.63 65.43
C CYS E 219 -6.39 38.75 66.94
N GLY E 220 -5.53 37.95 67.55
CA GLY E 220 -5.42 37.80 68.99
C GLY E 220 -5.36 36.35 69.35
N SER E 221 -5.53 36.06 70.64
CA SER E 221 -5.44 34.70 71.13
C SER E 221 -6.70 33.93 70.76
N ALA E 222 -6.53 32.64 70.47
CA ALA E 222 -7.67 31.77 70.19
C ALA E 222 -8.45 31.49 71.46
N GLY E 223 -7.76 31.05 72.51
CA GLY E 223 -8.36 30.90 73.81
C GLY E 223 -9.27 29.69 73.98
N ASP E 224 -10.41 29.70 73.30
CA ASP E 224 -11.41 28.66 73.48
C ASP E 224 -11.85 28.10 72.13
N LEU E 225 -10.91 27.95 71.20
CA LEU E 225 -11.22 27.38 69.89
C LEU E 225 -10.79 25.94 69.77
N LEU E 226 -9.59 25.59 70.25
CA LEU E 226 -9.12 24.21 70.20
C LEU E 226 -9.87 23.31 71.17
N ASP E 227 -10.56 23.88 72.15
CA ASP E 227 -11.38 23.14 73.09
C ASP E 227 -12.77 22.84 72.56
N HIS E 228 -13.09 23.28 71.33
CA HIS E 228 -14.42 23.12 70.78
C HIS E 228 -14.44 22.37 69.45
N LEU E 229 -13.32 21.85 68.99
CA LEU E 229 -13.25 21.26 67.66
C LEU E 229 -13.84 19.87 67.63
N ASP E 230 -14.55 19.55 66.55
CA ASP E 230 -15.07 18.24 66.29
C ASP E 230 -13.97 17.35 65.71
N SER E 231 -14.27 16.05 65.57
CA SER E 231 -13.27 15.11 65.06
C SER E 231 -13.00 15.28 63.57
N GLN E 232 -13.90 15.92 62.83
CA GLN E 232 -13.70 16.17 61.42
C GLN E 232 -12.86 17.41 61.14
N ASP E 233 -12.36 18.07 62.17
CA ASP E 233 -11.55 19.27 62.01
C ASP E 233 -10.08 18.89 61.88
N VAL E 234 -9.29 19.81 61.32
CA VAL E 234 -7.85 19.65 61.21
C VAL E 234 -7.19 20.92 61.71
N VAL E 235 -5.99 20.79 62.25
CA VAL E 235 -5.22 21.93 62.75
C VAL E 235 -3.85 21.92 62.11
N THR E 236 -3.49 23.01 61.46
CA THR E 236 -2.16 23.20 60.91
C THR E 236 -1.44 24.28 61.70
N PHE E 237 -0.22 24.01 62.13
CA PHE E 237 0.54 24.92 62.98
C PHE E 237 1.85 25.26 62.30
N THR E 238 2.33 26.48 62.55
CA THR E 238 3.62 26.93 62.04
C THR E 238 4.20 27.93 63.03
N GLY E 239 5.37 27.64 63.56
CA GLY E 239 5.98 28.51 64.53
C GLY E 239 7.09 27.83 65.32
N SER E 240 7.19 28.15 66.59
CA SER E 240 8.22 27.56 67.43
C SER E 240 7.86 26.11 67.77
N ALA E 241 8.89 25.33 68.09
CA ALA E 241 8.65 23.95 68.48
C ALA E 241 8.05 23.86 69.89
N ALA E 242 8.46 24.78 70.78
CA ALA E 242 8.03 24.71 72.18
C ALA E 242 6.56 25.02 72.34
N THR E 243 5.98 25.79 71.41
CA THR E 243 4.53 26.06 71.47
C THR E 243 3.74 24.91 70.85
N GLY E 244 4.17 24.45 69.68
CA GLY E 244 3.49 23.38 68.99
C GLY E 244 3.53 22.04 69.70
N GLN E 245 4.56 21.80 70.52
CA GLN E 245 4.55 20.62 71.35
C GLN E 245 3.64 20.77 72.57
N MET E 246 3.26 22.00 72.92
CA MET E 246 2.24 22.21 73.94
C MET E 246 0.84 22.20 73.36
N LEU E 247 0.68 22.48 72.07
CA LEU E 247 -0.61 22.34 71.42
C LEU E 247 -0.88 20.93 70.93
N ARG E 248 0.15 20.09 70.81
CA ARG E 248 -0.07 18.69 70.46
C ARG E 248 -0.57 17.89 71.66
N VAL E 249 -0.18 18.28 72.87
CA VAL E 249 -0.59 17.59 74.09
C VAL E 249 -1.87 18.23 74.65
N GLN E 250 -2.52 19.05 73.84
CA GLN E 250 -3.77 19.71 74.24
C GLN E 250 -4.86 18.65 74.39
N PRO E 251 -5.62 18.66 75.49
CA PRO E 251 -6.46 17.50 75.83
C PRO E 251 -7.70 17.32 74.98
N ASN E 252 -7.95 18.16 73.97
CA ASN E 252 -9.03 17.90 73.02
C ASN E 252 -8.53 17.37 71.69
N ILE E 253 -7.35 17.83 71.25
CA ILE E 253 -6.77 17.38 69.99
C ILE E 253 -6.40 15.90 70.07
N VAL E 254 -5.96 15.43 71.24
CA VAL E 254 -5.71 14.00 71.39
C VAL E 254 -6.96 13.22 71.77
N ALA E 255 -8.01 13.89 72.26
CA ALA E 255 -9.23 13.17 72.62
C ALA E 255 -10.08 12.89 71.39
N LYS E 256 -10.30 13.91 70.55
CA LYS E 256 -11.07 13.71 69.34
C LYS E 256 -10.24 13.14 68.19
N SER E 257 -8.91 13.05 68.37
CA SER E 257 -7.96 12.51 67.40
C SER E 257 -8.03 13.26 66.07
N ILE E 258 -7.79 14.57 66.14
CA ILE E 258 -7.85 15.40 64.94
C ILE E 258 -6.43 15.56 64.40
N PRO E 259 -6.26 15.69 63.08
CA PRO E 259 -4.91 15.83 62.53
C PRO E 259 -4.22 17.14 62.87
N PHE E 260 -3.15 17.05 63.66
CA PHE E 260 -2.35 18.22 64.02
C PHE E 260 -1.07 18.20 63.20
N THR E 261 -1.08 18.94 62.10
CA THR E 261 0.11 19.12 61.28
C THR E 261 0.93 20.28 61.85
N MET E 262 2.21 20.03 62.09
CA MET E 262 3.08 21.01 62.74
C MET E 262 4.32 21.23 61.91
N GLU E 263 4.63 22.49 61.63
CA GLU E 263 5.90 22.91 61.06
C GLU E 263 6.64 23.75 62.10
N ALA E 264 7.87 23.38 62.38
CA ALA E 264 8.69 24.11 63.33
C ALA E 264 9.96 24.60 62.64
N ASP E 265 10.87 25.15 63.43
CA ASP E 265 12.15 25.64 62.93
C ASP E 265 13.24 24.59 63.11
N SER E 266 14.25 24.69 62.26
CA SER E 266 15.28 23.67 62.21
C SER E 266 16.64 24.34 62.06
N LEU E 267 17.65 23.52 61.80
CA LEU E 267 19.02 23.95 61.56
C LEU E 267 19.41 23.47 60.16
N ASN E 268 19.14 24.32 59.18
CA ASN E 268 19.25 23.93 57.78
C ASN E 268 20.72 23.95 57.37
N CYS E 269 21.24 22.80 56.99
CA CYS E 269 22.64 22.71 56.58
C CYS E 269 22.84 23.29 55.20
N CYS E 270 24.11 23.56 54.87
CA CYS E 270 24.50 23.91 53.50
C CYS E 270 25.91 23.36 53.30
N VAL E 271 25.99 22.14 52.78
CA VAL E 271 27.23 21.38 52.77
C VAL E 271 27.99 21.69 51.49
N LEU E 272 29.27 22.02 51.62
CA LEU E 272 30.17 22.18 50.50
C LEU E 272 30.94 20.87 50.31
N GLY E 273 31.15 20.50 49.04
CA GLY E 273 31.78 19.22 48.74
C GLY E 273 33.28 19.33 48.53
N GLU E 274 33.92 18.16 48.48
CA GLU E 274 35.38 18.11 48.32
C GLU E 274 35.80 18.50 46.92
N ASP E 275 34.94 18.32 45.92
CA ASP E 275 35.31 18.63 44.55
C ASP E 275 35.33 20.12 44.25
N VAL E 276 34.83 20.96 45.15
CA VAL E 276 34.79 22.39 44.94
C VAL E 276 36.09 23.01 45.46
N THR E 277 36.80 23.68 44.57
CA THR E 277 38.00 24.44 44.87
C THR E 277 37.72 25.92 44.59
N PRO E 278 38.44 26.85 45.22
CA PRO E 278 38.09 28.28 45.06
C PRO E 278 38.33 28.86 43.68
N ASP E 279 38.99 28.14 42.76
CA ASP E 279 39.09 28.62 41.39
C ASP E 279 37.86 28.29 40.55
N GLN E 280 37.04 27.35 40.99
CA GLN E 280 35.86 26.92 40.26
C GLN E 280 34.75 27.96 40.37
N PRO E 281 33.81 27.97 39.41
CA PRO E 281 32.62 28.82 39.57
C PRO E 281 31.67 28.36 40.66
N GLU E 282 31.83 27.14 41.18
CA GLU E 282 30.98 26.63 42.24
C GLU E 282 31.14 27.41 43.54
N PHE E 283 32.35 27.92 43.79
CA PHE E 283 32.65 28.60 45.04
C PHE E 283 31.92 29.94 45.13
N ALA E 284 31.90 30.70 44.03
CA ALA E 284 31.25 32.00 44.03
C ALA E 284 29.74 31.89 44.16
N LEU E 285 29.14 30.90 43.50
CA LEU E 285 27.71 30.69 43.65
C LEU E 285 27.36 30.11 45.02
N PHE E 286 28.27 29.35 45.62
CA PHE E 286 28.09 28.91 47.00
C PHE E 286 28.05 30.09 47.96
N ILE E 287 29.01 31.00 47.85
CA ILE E 287 29.07 32.17 48.74
C ILE E 287 27.88 33.09 48.48
N ARG E 288 27.49 33.25 47.22
CA ARG E 288 26.33 34.07 46.88
C ARG E 288 25.04 33.47 47.42
N GLU E 289 24.90 32.14 47.36
CA GLU E 289 23.70 31.49 47.88
C GLU E 289 23.62 31.59 49.39
N VAL E 290 24.75 31.38 50.09
CA VAL E 290 24.77 31.46 51.54
C VAL E 290 24.47 32.89 52.01
N VAL E 291 25.06 33.89 51.35
CA VAL E 291 24.85 35.27 51.76
C VAL E 291 23.44 35.74 51.44
N ARG E 292 22.93 35.42 50.25
CA ARG E 292 21.57 35.83 49.88
C ARG E 292 20.54 35.13 50.74
N GLU E 293 20.78 33.87 51.11
CA GLU E 293 19.84 33.15 51.95
C GLU E 293 19.88 33.66 53.39
N MET E 294 21.06 34.02 53.88
CA MET E 294 21.17 34.50 55.25
C MET E 294 20.67 35.94 55.40
N THR E 295 20.66 36.72 54.31
CA THR E 295 20.25 38.11 54.39
C THR E 295 18.87 38.39 53.79
N THR E 296 18.24 37.42 53.14
CA THR E 296 16.89 37.62 52.64
C THR E 296 15.90 37.50 53.79
N LYS E 297 15.00 38.49 53.91
CA LYS E 297 13.98 38.60 54.95
C LYS E 297 14.64 38.62 56.34
N ALA E 298 15.80 39.28 56.41
CA ALA E 298 16.58 39.50 57.63
C ALA E 298 16.94 38.21 58.35
N GLY E 299 17.05 37.11 57.60
CA GLY E 299 17.27 35.82 58.21
C GLY E 299 16.09 35.26 58.98
N GLN E 300 14.89 35.82 58.78
CA GLN E 300 13.69 35.40 59.48
C GLN E 300 12.78 34.53 58.63
N LYS E 301 13.33 33.63 57.84
CA LYS E 301 12.52 32.60 57.20
C LYS E 301 12.93 31.24 57.72
N CYS E 302 11.97 30.32 57.72
CA CYS E 302 12.15 29.01 58.32
C CYS E 302 13.12 28.13 57.54
N THR E 303 13.27 28.38 56.25
CA THR E 303 14.18 27.64 55.38
C THR E 303 15.48 28.38 55.12
N ALA E 304 16.00 29.07 56.13
CA ALA E 304 17.24 29.82 55.99
C ALA E 304 18.44 28.98 56.42
N ILE E 305 19.57 29.20 55.75
CA ILE E 305 20.79 28.47 56.06
C ILE E 305 21.34 28.93 57.40
N ARG E 306 21.48 28.00 58.34
CA ARG E 306 21.98 28.32 59.67
C ARG E 306 23.18 27.49 60.09
N ARG E 307 23.63 26.54 59.27
CA ARG E 307 24.84 25.78 59.51
C ARG E 307 25.54 25.61 58.17
N ILE E 308 26.72 26.21 58.00
CA ILE E 308 27.51 26.05 56.78
C ILE E 308 28.60 25.02 57.05
N ILE E 309 28.55 23.91 56.34
CA ILE E 309 29.51 22.83 56.49
C ILE E 309 30.45 22.87 55.30
N VAL E 310 31.72 23.15 55.56
CA VAL E 310 32.75 23.25 54.53
C VAL E 310 33.83 22.25 54.87
N PRO E 311 34.64 21.83 53.90
CA PRO E 311 35.78 20.98 54.23
C PRO E 311 36.83 21.71 55.05
N GLN E 312 37.71 20.93 55.69
CA GLN E 312 38.70 21.47 56.61
C GLN E 312 39.74 22.32 55.88
N ALA E 313 40.08 21.96 54.64
CA ALA E 313 41.07 22.69 53.88
C ALA E 313 40.51 23.92 53.18
N LEU E 314 39.24 24.28 53.42
CA LEU E 314 38.63 25.41 52.76
C LEU E 314 38.00 26.41 53.72
N VAL E 315 38.21 26.24 55.03
CA VAL E 315 37.59 27.13 56.01
C VAL E 315 38.16 28.54 55.91
N ASN E 316 39.47 28.65 55.74
CA ASN E 316 40.12 29.95 55.61
C ASN E 316 39.74 30.67 54.32
N ALA E 317 39.31 29.95 53.29
CA ALA E 317 38.81 30.58 52.08
C ALA E 317 37.34 30.96 52.20
N VAL E 318 36.51 30.05 52.72
CA VAL E 318 35.08 30.29 52.80
C VAL E 318 34.77 31.42 53.79
N SER E 319 35.44 31.42 54.96
CA SER E 319 35.17 32.44 55.96
C SER E 319 35.60 33.83 55.49
N ASP E 320 36.75 33.93 54.82
CA ASP E 320 37.19 35.22 54.31
C ASP E 320 36.32 35.69 53.14
N ALA E 321 35.86 34.77 52.30
CA ALA E 321 34.96 35.15 51.20
C ALA E 321 33.60 35.59 51.72
N LEU E 322 33.10 34.93 52.76
CA LEU E 322 31.83 35.34 53.37
C LEU E 322 31.97 36.66 54.11
N VAL E 323 33.12 36.94 54.73
CA VAL E 323 33.32 38.24 55.36
C VAL E 323 33.41 39.34 54.30
N ALA E 324 34.15 39.09 53.22
CA ALA E 324 34.27 40.09 52.15
C ALA E 324 32.97 40.30 51.37
N ARG E 325 32.07 39.32 51.38
CA ARG E 325 30.77 39.49 50.74
C ARG E 325 29.72 40.08 51.67
N LEU E 326 29.81 39.82 52.97
CA LEU E 326 28.81 40.26 53.93
C LEU E 326 29.09 41.65 54.50
N GLN E 327 30.28 42.21 54.33
CA GLN E 327 30.50 43.59 54.75
C GLN E 327 29.81 44.59 53.83
N LYS E 328 29.45 44.17 52.62
CA LYS E 328 28.67 45.02 51.72
C LYS E 328 27.19 45.05 52.06
N VAL E 329 26.74 44.19 52.98
CA VAL E 329 25.32 44.13 53.33
C VAL E 329 24.98 45.33 54.20
N VAL E 330 24.12 46.20 53.68
CA VAL E 330 23.76 47.44 54.37
C VAL E 330 22.50 47.19 55.19
N VAL E 331 22.60 47.41 56.49
CA VAL E 331 21.47 47.25 57.40
C VAL E 331 20.91 48.63 57.71
N GLY E 332 19.62 48.82 57.47
CA GLY E 332 19.02 50.11 57.72
C GLY E 332 17.55 50.12 57.35
N ASP E 333 17.05 51.32 57.09
CA ASP E 333 15.67 51.48 56.67
C ASP E 333 15.48 50.98 55.25
N PRO E 334 14.41 50.24 54.97
CA PRO E 334 14.22 49.67 53.62
C PRO E 334 13.80 50.68 52.58
N ALA E 335 13.18 51.80 52.96
CA ALA E 335 12.68 52.74 51.97
C ALA E 335 13.78 53.58 51.35
N GLN E 336 14.84 53.87 52.10
CA GLN E 336 15.94 54.66 51.55
C GLN E 336 16.80 53.78 50.65
N GLU E 337 17.51 54.43 49.73
CA GLU E 337 18.24 53.73 48.69
C GLU E 337 19.56 53.16 49.23
N GLY E 338 19.98 52.04 48.63
CA GLY E 338 21.24 51.44 48.99
C GLY E 338 21.23 50.57 50.22
N VAL E 339 20.07 50.08 50.64
CA VAL E 339 19.94 49.24 51.83
C VAL E 339 19.42 47.89 51.39
N LYS E 340 20.18 46.83 51.69
CA LYS E 340 19.84 45.48 51.25
C LYS E 340 19.06 44.73 52.32
N MET E 341 19.66 44.54 53.50
CA MET E 341 18.97 43.87 54.59
C MET E 341 18.01 44.82 55.27
N GLY E 342 16.78 44.35 55.52
CA GLY E 342 15.85 45.10 56.33
C GLY E 342 16.11 44.94 57.81
N ALA E 343 15.04 44.79 58.59
CA ALA E 343 15.15 44.67 60.03
C ALA E 343 14.33 43.48 60.51
N LEU E 344 14.40 43.20 61.81
CA LEU E 344 13.55 42.19 62.41
C LEU E 344 12.16 42.78 62.65
N VAL E 345 11.26 41.98 63.20
CA VAL E 345 9.90 42.46 63.38
C VAL E 345 9.63 43.09 64.75
N ASN E 346 10.41 42.73 65.76
CA ASN E 346 10.17 43.23 67.12
C ASN E 346 11.48 43.39 67.85
N ALA E 347 11.45 44.21 68.90
CA ALA E 347 12.57 44.26 69.83
C ALA E 347 12.63 43.00 70.68
N GLU E 348 11.47 42.39 70.95
CA GLU E 348 11.43 41.12 71.64
C GLU E 348 12.06 40.01 70.80
N GLN E 349 11.88 40.06 69.48
CA GLN E 349 12.57 39.12 68.61
C GLN E 349 14.07 39.39 68.58
N ARG E 350 14.49 40.65 68.69
CA ARG E 350 15.91 40.96 68.77
C ARG E 350 16.54 40.38 70.04
N ALA E 351 15.84 40.53 71.17
CA ALA E 351 16.31 39.94 72.42
C ALA E 351 16.31 38.42 72.35
N ASP E 352 15.30 37.82 71.70
CA ASP E 352 15.24 36.38 71.57
C ASP E 352 16.32 35.84 70.64
N VAL E 353 16.73 36.62 69.64
CA VAL E 353 17.86 36.20 68.80
C VAL E 353 19.16 36.29 69.58
N GLN E 354 19.39 37.41 70.27
CA GLN E 354 20.69 37.61 70.91
C GLN E 354 20.86 36.71 72.12
N GLU E 355 19.76 36.29 72.77
CA GLU E 355 19.91 35.33 73.86
C GLU E 355 20.21 33.92 73.34
N LYS E 356 19.93 33.63 72.07
CA LYS E 356 20.40 32.39 71.47
C LYS E 356 21.83 32.52 70.96
N VAL E 357 22.20 33.73 70.52
CA VAL E 357 23.58 33.98 70.11
C VAL E 357 24.52 33.86 71.30
N ASN E 358 24.07 34.28 72.48
CA ASN E 358 24.89 34.12 73.68
C ASN E 358 25.07 32.65 74.06
N ILE E 359 24.05 31.82 73.80
CA ILE E 359 24.18 30.38 74.04
C ILE E 359 25.14 29.75 73.04
N LEU E 360 25.10 30.21 71.78
CA LEU E 360 26.06 29.72 70.79
C LEU E 360 27.47 30.21 71.07
N LEU E 361 27.62 31.39 71.66
CA LEU E 361 28.91 31.92 72.09
C LEU E 361 29.40 31.29 73.39
N ALA E 362 28.52 30.61 74.13
CA ALA E 362 28.97 29.89 75.32
C ALA E 362 29.84 28.70 75.00
N ALA E 363 29.80 28.19 73.75
CA ALA E 363 30.64 27.09 73.34
C ALA E 363 31.33 27.28 71.99
N GLY E 364 30.84 28.17 71.13
CA GLY E 364 31.42 28.34 69.81
C GLY E 364 32.53 29.36 69.74
N CYS E 365 32.55 30.16 68.68
CA CYS E 365 33.61 31.14 68.46
C CYS E 365 32.98 32.34 67.75
N GLU E 366 33.82 33.20 67.16
CA GLU E 366 33.31 34.43 66.56
C GLU E 366 34.19 34.80 65.37
N ILE E 367 33.55 35.25 64.29
CA ILE E 367 34.26 35.71 63.10
C ILE E 367 33.89 37.16 62.80
N ARG E 368 32.67 37.57 63.15
CA ARG E 368 32.14 38.86 62.73
C ARG E 368 31.43 39.52 63.91
N LEU E 369 30.59 40.50 63.61
CA LEU E 369 29.81 41.22 64.61
C LEU E 369 28.68 40.32 65.08
N GLY E 370 28.85 39.71 66.24
CA GLY E 370 27.87 38.79 66.78
C GLY E 370 27.01 39.38 67.87
N GLY E 371 27.39 39.13 69.12
CA GLY E 371 26.68 39.65 70.29
C GLY E 371 26.69 41.17 70.41
N GLN E 372 27.54 41.86 69.66
CA GLN E 372 27.48 43.31 69.59
C GLN E 372 26.25 43.72 68.78
N ALA E 373 25.14 43.96 69.48
CA ALA E 373 23.91 44.44 68.86
C ALA E 373 23.25 45.38 69.85
N ASP E 374 22.90 46.58 69.40
CA ASP E 374 22.37 47.61 70.28
C ASP E 374 20.94 47.26 70.67
N LEU E 375 20.72 46.97 71.96
CA LEU E 375 19.41 46.68 72.49
C LEU E 375 18.67 47.92 72.96
N SER E 376 19.01 49.10 72.42
CA SER E 376 18.35 50.33 72.82
C SER E 376 17.99 51.20 71.63
N ALA E 377 18.20 50.73 70.41
CA ALA E 377 17.89 51.52 69.23
C ALA E 377 16.39 51.53 68.96
N ALA E 378 15.92 52.62 68.37
CA ALA E 378 14.52 52.74 67.96
C ALA E 378 14.34 52.04 66.62
N GLY E 379 14.33 50.71 66.68
CA GLY E 379 14.28 49.88 65.49
C GLY E 379 14.82 48.49 65.76
N ALA E 380 14.22 47.49 65.14
CA ALA E 380 14.57 46.09 65.41
C ALA E 380 15.67 45.62 64.47
N PHE E 381 16.82 46.26 64.57
CA PHE E 381 17.95 45.94 63.71
C PHE E 381 18.82 44.87 64.34
N PHE E 382 19.47 44.08 63.50
CA PHE E 382 20.41 43.11 64.03
C PHE E 382 21.49 42.93 62.97
N PRO E 383 22.77 42.97 63.34
CA PRO E 383 23.82 42.89 62.35
C PRO E 383 23.98 41.47 61.83
N PRO E 384 24.41 41.30 60.58
CA PRO E 384 24.64 39.93 60.06
C PRO E 384 25.80 39.26 60.76
N THR E 385 25.56 38.04 61.23
CA THR E 385 26.48 37.33 62.10
C THR E 385 26.93 36.04 61.44
N LEU E 386 28.24 35.81 61.42
CA LEU E 386 28.83 34.56 60.95
C LEU E 386 29.67 34.01 62.09
N LEU E 387 29.24 32.88 62.65
CA LEU E 387 29.91 32.31 63.81
C LEU E 387 30.96 31.31 63.35
N TYR E 388 31.50 30.55 64.30
CA TYR E 388 32.51 29.54 64.02
C TYR E 388 32.45 28.49 65.11
N CYS E 389 32.71 27.23 64.74
CA CYS E 389 32.76 26.13 65.68
C CYS E 389 33.90 25.21 65.28
N PRO E 390 35.03 25.24 65.99
CA PRO E 390 36.17 24.41 65.59
C PRO E 390 35.97 22.92 65.85
N GLN E 391 35.19 22.57 66.87
CA GLN E 391 34.90 21.17 67.19
C GLN E 391 33.40 20.96 67.07
N PRO E 392 32.90 20.62 65.88
CA PRO E 392 31.45 20.51 65.70
C PRO E 392 30.85 19.26 66.32
N ASP E 393 31.54 18.12 66.24
CA ASP E 393 30.98 16.88 66.78
C ASP E 393 31.09 16.79 68.31
N GLU E 394 31.92 17.62 68.93
CA GLU E 394 32.03 17.66 70.38
C GLU E 394 31.17 18.74 71.02
N THR E 395 30.55 19.60 70.22
CA THR E 395 29.70 20.67 70.72
C THR E 395 28.25 20.37 70.34
N PRO E 396 27.42 19.88 71.27
CA PRO E 396 26.02 19.62 70.93
C PRO E 396 25.15 20.86 70.91
N ALA E 397 25.65 22.01 71.34
CA ALA E 397 24.85 23.23 71.36
C ALA E 397 24.69 23.84 69.97
N VAL E 398 25.59 23.52 69.04
CA VAL E 398 25.43 24.00 67.67
C VAL E 398 24.30 23.26 66.97
N HIS E 399 24.20 21.96 67.19
CA HIS E 399 23.18 21.12 66.57
C HIS E 399 21.89 21.09 67.37
N ALA E 400 21.70 22.00 68.33
CA ALA E 400 20.46 22.04 69.11
C ALA E 400 19.90 23.43 69.30
N THR E 401 20.66 24.50 69.08
CA THR E 401 20.21 25.86 69.34
C THR E 401 20.23 26.65 68.04
N GLU E 402 19.07 27.17 67.66
CA GLU E 402 18.95 28.03 66.48
C GLU E 402 18.86 29.48 66.93
N ALA E 403 19.36 30.38 66.08
CA ALA E 403 19.22 31.82 66.28
C ALA E 403 18.44 32.35 65.09
N PHE E 404 17.20 32.76 65.34
CA PHE E 404 16.24 32.99 64.26
C PHE E 404 16.41 34.41 63.69
N GLY E 405 17.54 34.60 63.03
CA GLY E 405 17.86 35.86 62.42
C GLY E 405 18.97 35.72 61.40
N PRO E 406 19.85 36.72 61.30
CA PRO E 406 20.94 36.66 60.33
C PRO E 406 22.13 35.82 60.78
N VAL E 407 21.95 34.98 61.79
CA VAL E 407 23.04 34.23 62.39
C VAL E 407 23.15 32.88 61.73
N ALA E 408 24.37 32.50 61.32
CA ALA E 408 24.60 31.20 60.73
C ALA E 408 26.02 30.77 61.05
N THR E 409 26.16 29.63 61.71
CA THR E 409 27.47 29.16 62.10
C THR E 409 28.21 28.55 60.92
N LEU E 410 29.52 28.40 61.08
CA LEU E 410 30.38 27.76 60.10
C LEU E 410 31.25 26.74 60.83
N MET E 411 31.46 25.58 60.22
CA MET E 411 32.16 24.51 60.90
C MET E 411 32.78 23.55 59.90
N PRO E 412 33.96 23.02 60.17
CA PRO E 412 34.67 22.22 59.16
C PRO E 412 34.17 20.78 59.11
N ALA E 413 34.48 20.13 57.98
CA ALA E 413 34.16 18.75 57.73
C ALA E 413 35.42 17.98 57.35
N GLN E 414 35.32 16.65 57.33
CA GLN E 414 36.46 15.76 57.07
C GLN E 414 36.10 14.73 56.00
N ASN E 415 36.23 15.14 54.73
CA ASN E 415 36.27 14.27 53.55
C ASN E 415 34.98 13.45 53.39
N GLN E 416 33.85 14.18 53.30
CA GLN E 416 32.55 13.68 52.86
C GLN E 416 31.93 12.56 53.69
N ARG E 417 32.56 12.16 54.79
CA ARG E 417 31.93 11.27 55.74
C ARG E 417 31.62 11.96 57.05
N HIS E 418 32.33 13.02 57.38
CA HIS E 418 31.98 13.86 58.50
C HIS E 418 30.97 14.92 58.10
N ALA E 419 30.96 15.34 56.81
CA ALA E 419 29.99 16.30 56.34
C ALA E 419 28.58 15.72 56.35
N LEU E 420 28.44 14.44 56.00
CA LEU E 420 27.14 13.77 56.06
C LEU E 420 26.65 13.67 57.50
N GLN E 421 27.55 13.38 58.43
CA GLN E 421 27.16 13.27 59.83
C GLN E 421 26.80 14.63 60.42
N LEU E 422 27.50 15.68 60.00
CA LEU E 422 27.15 17.02 60.48
C LEU E 422 25.88 17.54 59.83
N ALA E 423 25.57 17.08 58.62
CA ALA E 423 24.30 17.46 58.01
C ALA E 423 23.13 16.70 58.64
N CYS E 424 23.35 15.45 59.04
CA CYS E 424 22.31 14.66 59.68
C CYS E 424 22.22 14.88 61.18
N ALA E 425 23.19 15.59 61.78
CA ALA E 425 23.17 15.84 63.22
C ALA E 425 22.21 16.94 63.63
N GLY E 426 21.51 17.56 62.69
CA GLY E 426 20.55 18.60 63.02
C GLY E 426 19.29 18.12 63.71
N GLY E 427 19.08 16.80 63.77
CA GLY E 427 17.88 16.27 64.40
C GLY E 427 16.63 16.48 63.58
N GLY E 428 16.74 16.47 62.26
CA GLY E 428 15.62 16.79 61.41
C GLY E 428 15.68 18.22 60.93
N SER E 429 15.90 18.40 59.63
CA SER E 429 16.04 19.72 59.05
C SER E 429 14.90 19.98 58.07
N LEU E 430 14.68 21.26 57.77
CA LEU E 430 13.60 21.66 56.90
C LEU E 430 14.07 21.86 55.45
N ALA E 431 15.35 22.15 55.25
CA ALA E 431 15.92 22.33 53.93
C ALA E 431 17.42 22.08 54.01
N GLY E 432 18.03 21.84 52.86
CA GLY E 432 19.46 21.61 52.79
C GLY E 432 19.97 21.96 51.41
N THR E 433 21.30 21.98 51.29
CA THR E 433 21.94 22.29 50.02
C THR E 433 23.33 21.67 49.97
N LEU E 434 23.57 20.88 48.93
CA LEU E 434 24.92 20.44 48.57
C LEU E 434 25.35 21.19 47.33
N VAL E 435 26.55 21.77 47.36
CA VAL E 435 27.11 22.47 46.22
C VAL E 435 28.31 21.65 45.75
N THR E 436 28.12 20.90 44.68
CA THR E 436 29.17 20.07 44.07
C THR E 436 29.06 20.13 42.56
N ALA E 437 30.02 19.49 41.91
CA ALA E 437 29.96 19.20 40.49
C ALA E 437 29.94 17.71 40.20
N ASP E 438 30.57 16.91 41.04
CA ASP E 438 30.58 15.45 40.89
C ASP E 438 29.21 14.90 41.30
N PRO E 439 28.48 14.25 40.40
CA PRO E 439 27.13 13.78 40.76
C PRO E 439 27.10 12.54 41.65
N GLN E 440 28.18 11.77 41.72
CA GLN E 440 28.21 10.64 42.66
C GLN E 440 28.33 11.12 44.10
N ILE E 441 28.94 12.28 44.31
CA ILE E 441 28.92 12.92 45.62
C ILE E 441 27.49 13.29 46.01
N ALA E 442 26.71 13.77 45.04
CA ALA E 442 25.30 14.06 45.29
C ALA E 442 24.49 12.80 45.53
N ARG E 443 24.84 11.70 44.86
CA ARG E 443 24.18 10.42 45.11
C ARG E 443 24.42 9.95 46.53
N GLN E 444 25.69 9.97 46.96
CA GLN E 444 26.04 9.57 48.33
C GLN E 444 25.51 10.55 49.37
N PHE E 445 25.23 11.80 48.98
CA PHE E 445 24.67 12.74 49.94
C PHE E 445 23.15 12.57 50.08
N ILE E 446 22.45 12.35 48.97
CA ILE E 446 21.00 12.16 49.06
C ILE E 446 20.67 10.81 49.70
N ALA E 447 21.48 9.79 49.43
CA ALA E 447 21.20 8.46 49.97
C ALA E 447 21.35 8.37 51.48
N ASP E 448 22.02 9.34 52.10
CA ASP E 448 22.24 9.30 53.54
C ASP E 448 21.72 10.53 54.28
N ALA E 449 21.39 11.62 53.58
CA ALA E 449 21.00 12.86 54.24
C ALA E 449 19.65 13.38 53.79
N ALA E 450 18.85 12.58 53.11
CA ALA E 450 17.46 12.94 52.85
C ALA E 450 16.50 12.30 53.83
N ARG E 451 17.02 11.56 54.81
CA ARG E 451 16.22 11.03 55.90
C ARG E 451 15.88 12.10 56.92
N THR E 452 16.67 13.15 56.98
CA THR E 452 16.51 14.21 57.96
C THR E 452 16.02 15.52 57.37
N HIS E 453 16.05 15.66 56.04
CA HIS E 453 15.64 16.87 55.37
C HIS E 453 14.29 16.68 54.70
N GLY E 454 13.78 17.76 54.13
CA GLY E 454 12.52 17.70 53.43
C GLY E 454 12.62 18.26 52.03
N ARG E 455 13.67 19.04 51.77
CA ARG E 455 13.85 19.68 50.47
C ARG E 455 15.34 20.00 50.32
N ILE E 456 16.04 19.18 49.55
CA ILE E 456 17.48 19.34 49.35
C ILE E 456 17.73 19.88 47.95
N GLN E 457 18.44 21.00 47.87
CA GLN E 457 18.77 21.63 46.60
C GLN E 457 20.22 21.34 46.25
N ILE E 458 20.45 20.48 45.27
CA ILE E 458 21.80 20.21 44.81
C ILE E 458 22.15 21.29 43.80
N LEU E 459 23.07 22.17 44.17
CA LEU E 459 23.33 23.41 43.44
C LEU E 459 24.65 23.29 42.67
N ASN E 460 24.62 23.67 41.40
CA ASN E 460 25.84 23.72 40.60
C ASN E 460 25.71 24.88 39.60
N GLU E 461 26.58 24.88 38.58
CA GLU E 461 26.64 26.00 37.65
C GLU E 461 25.42 26.04 36.74
N GLU E 462 24.90 24.87 36.36
CA GLU E 462 23.71 24.84 35.52
C GLU E 462 22.45 25.16 36.32
N SER E 463 22.40 24.77 37.59
CA SER E 463 21.21 24.99 38.39
C SER E 463 21.08 26.45 38.83
N ALA E 464 22.20 27.10 39.15
CA ALA E 464 22.17 28.42 39.77
C ALA E 464 21.79 29.54 38.80
N LYS E 465 21.65 29.25 37.52
CA LYS E 465 21.20 30.27 36.56
C LYS E 465 19.73 30.62 36.80
N GLU E 466 18.86 29.61 36.83
CA GLU E 466 17.43 29.83 37.00
C GLU E 466 16.91 29.16 38.26
N SER E 467 17.75 29.09 39.30
CA SER E 467 17.31 28.56 40.58
C SER E 467 16.38 29.53 41.29
N THR E 468 15.67 29.01 42.29
CA THR E 468 14.81 29.82 43.13
C THR E 468 15.43 30.10 44.49
N GLY E 469 16.42 29.34 44.91
CA GLY E 469 17.14 29.60 46.13
C GLY E 469 16.88 28.54 47.20
N HIS E 470 17.67 28.63 48.26
CA HIS E 470 17.51 27.74 49.40
C HIS E 470 16.21 28.02 50.15
N GLY E 471 15.75 29.26 50.14
CA GLY E 471 14.61 29.63 50.95
C GLY E 471 13.39 30.09 50.17
N SER E 472 13.17 29.51 49.00
CA SER E 472 11.93 29.73 48.27
C SER E 472 11.15 28.42 48.27
N PRO E 473 10.22 28.22 49.20
CA PRO E 473 9.41 26.99 49.18
C PRO E 473 8.42 27.01 48.02
N LEU E 474 8.65 26.14 47.06
CA LEU E 474 7.80 26.07 45.88
C LEU E 474 6.41 25.54 46.26
N PRO E 475 5.35 26.03 45.62
CA PRO E 475 4.00 25.58 45.95
C PRO E 475 3.63 24.21 45.40
N GLN E 476 4.58 23.47 44.83
CA GLN E 476 4.35 22.10 44.39
C GLN E 476 5.52 21.20 44.77
N LEU E 477 6.23 21.56 45.84
CA LEU E 477 7.24 20.73 46.46
C LEU E 477 6.92 20.64 47.94
N VAL E 478 7.26 19.50 48.54
CA VAL E 478 6.90 19.22 49.93
C VAL E 478 7.67 20.14 50.85
N HIS E 479 6.95 21.02 51.54
CA HIS E 479 7.52 21.95 52.50
C HIS E 479 7.26 21.38 53.89
N GLY E 480 8.27 20.75 54.46
CA GLY E 480 8.14 20.10 55.75
C GLY E 480 9.17 19.02 55.93
N GLY E 481 9.77 18.95 57.11
CA GLY E 481 10.80 17.99 57.37
C GLY E 481 10.52 17.20 58.64
N PRO E 482 11.27 16.13 58.86
CA PRO E 482 11.03 15.27 60.01
C PRO E 482 11.66 15.84 61.27
N GLY E 483 11.41 15.15 62.38
CA GLY E 483 12.07 15.44 63.64
C GLY E 483 11.79 16.80 64.24
N ARG E 484 12.84 17.62 64.32
CA ARG E 484 12.73 18.96 64.87
C ARG E 484 11.92 19.88 63.98
N ALA E 485 11.87 19.60 62.68
CA ALA E 485 11.07 20.42 61.76
C ALA E 485 9.58 20.18 61.88
N GLY E 486 9.14 19.21 62.68
CA GLY E 486 7.74 19.03 62.96
C GLY E 486 7.16 17.72 62.48
N GLY E 487 7.54 17.29 61.29
CA GLY E 487 7.03 16.06 60.74
C GLY E 487 5.94 16.28 59.73
N GLY E 488 5.12 17.30 59.95
CA GLY E 488 4.00 17.56 59.06
C GLY E 488 4.46 18.17 57.75
N GLU E 489 3.87 17.68 56.66
CA GLU E 489 4.26 18.08 55.32
C GLU E 489 3.21 18.99 54.72
N GLU E 490 3.67 20.00 53.98
CA GLU E 490 2.81 20.98 53.35
C GLU E 490 3.21 21.12 51.89
N LEU E 491 2.31 21.72 51.10
CA LEU E 491 2.58 22.19 49.73
C LEU E 491 3.00 21.09 48.77
N GLY E 492 2.59 19.86 49.02
CA GLY E 492 3.13 18.75 48.25
C GLY E 492 2.57 18.55 46.86
N GLY E 493 2.14 19.62 46.20
CA GLY E 493 1.43 19.48 44.95
C GLY E 493 -0.03 19.23 45.22
N LEU E 494 -0.49 18.02 44.93
CA LEU E 494 -1.81 17.59 45.37
C LEU E 494 -1.75 16.79 46.65
N ARG E 495 -0.58 16.67 47.26
CA ARG E 495 -0.45 16.03 48.56
C ARG E 495 -0.94 16.91 49.69
N ALA E 496 -1.18 18.20 49.43
CA ALA E 496 -1.63 19.12 50.45
C ALA E 496 -3.14 19.11 50.61
N VAL E 497 -3.89 18.96 49.52
CA VAL E 497 -5.34 18.85 49.62
C VAL E 497 -5.78 17.52 50.19
N LYS E 498 -4.90 16.51 50.22
CA LYS E 498 -5.23 15.22 50.79
C LYS E 498 -5.14 15.21 52.30
N HIS E 499 -4.59 16.26 52.92
CA HIS E 499 -4.69 16.41 54.37
C HIS E 499 -6.06 16.90 54.80
N TYR E 500 -6.86 17.41 53.86
CA TYR E 500 -8.17 17.96 54.16
C TYR E 500 -9.28 17.07 53.65
N MET E 501 -8.97 15.83 53.29
CA MET E 501 -9.93 14.89 52.76
C MET E 501 -9.83 13.59 53.54
N GLN E 502 -10.93 12.86 53.58
CA GLN E 502 -10.96 11.53 54.19
C GLN E 502 -10.89 10.48 53.10
N ARG E 503 -9.83 9.68 53.12
CA ARG E 503 -9.62 8.66 52.10
C ARG E 503 -10.46 7.43 52.44
N THR E 504 -11.44 7.12 51.60
CA THR E 504 -12.39 6.05 51.85
C THR E 504 -12.22 4.99 50.78
N ALA E 505 -12.00 3.75 51.21
CA ALA E 505 -11.89 2.62 50.28
C ALA E 505 -13.28 2.06 50.05
N VAL E 506 -13.96 2.58 49.04
CA VAL E 506 -15.33 2.17 48.76
C VAL E 506 -15.31 0.85 47.99
N GLN E 507 -15.91 -0.18 48.57
CA GLN E 507 -16.00 -1.47 47.92
C GLN E 507 -17.32 -1.59 47.16
N GLY E 508 -17.52 -2.73 46.51
CA GLY E 508 -18.77 -3.01 45.83
C GLY E 508 -18.57 -3.49 44.42
N SER E 509 -19.68 -3.74 43.74
CA SER E 509 -19.66 -4.14 42.35
C SER E 509 -19.17 -3.00 41.47
N PRO E 510 -18.57 -3.31 40.32
CA PRO E 510 -18.08 -2.23 39.44
C PRO E 510 -19.19 -1.36 38.86
N THR E 511 -20.38 -1.92 38.65
CA THR E 511 -21.51 -1.10 38.22
C THR E 511 -22.04 -0.20 39.32
N MET E 512 -21.64 -0.43 40.57
CA MET E 512 -21.98 0.46 41.67
C MET E 512 -20.91 1.52 41.89
N LEU E 513 -19.64 1.15 41.74
CA LEU E 513 -18.55 2.12 41.80
C LEU E 513 -18.61 3.08 40.63
N ALA E 514 -19.17 2.66 39.50
CA ALA E 514 -19.36 3.56 38.37
C ALA E 514 -20.41 4.62 38.66
N ALA E 515 -21.38 4.32 39.50
CA ALA E 515 -22.37 5.32 39.89
C ALA E 515 -21.92 6.17 41.05
N ILE E 516 -21.10 5.60 41.94
CA ILE E 516 -20.56 6.37 43.05
C ILE E 516 -19.53 7.38 42.56
N SER E 517 -18.57 6.93 41.76
CA SER E 517 -17.49 7.81 41.32
C SER E 517 -17.88 8.69 40.14
N LYS E 518 -19.07 8.50 39.56
CA LYS E 518 -19.52 9.13 38.31
C LYS E 518 -18.52 8.91 37.18
N GLN E 519 -17.98 7.69 37.11
CA GLN E 519 -17.03 7.32 36.07
C GLN E 519 -17.45 5.95 35.54
N TRP E 520 -16.56 5.31 34.80
CA TRP E 520 -16.75 3.94 34.36
C TRP E 520 -15.61 3.11 34.93
N VAL E 521 -15.89 1.86 35.31
CA VAL E 521 -14.90 1.17 36.12
C VAL E 521 -14.21 0.04 35.37
N ARG E 522 -14.86 -1.12 35.20
CA ARG E 522 -14.33 -2.13 34.30
C ARG E 522 -15.45 -2.96 33.66
N GLY E 523 -16.52 -3.15 34.42
CA GLY E 523 -17.56 -4.08 34.05
C GLY E 523 -18.93 -3.54 34.37
N ALA E 524 -19.05 -2.21 34.33
CA ALA E 524 -20.28 -1.55 34.68
C ALA E 524 -21.35 -1.78 33.63
N LYS E 525 -22.60 -1.48 33.99
CA LYS E 525 -23.65 -1.48 33.00
C LYS E 525 -23.45 -0.28 32.07
N VAL E 526 -23.81 -0.47 30.81
CA VAL E 526 -23.52 0.49 29.76
C VAL E 526 -24.83 1.01 29.20
N GLU E 527 -24.72 2.11 28.46
CA GLU E 527 -25.87 2.77 27.84
C GLU E 527 -25.57 2.88 26.36
N GLU E 528 -25.88 1.81 25.63
CA GLU E 528 -25.71 1.78 24.18
C GLU E 528 -27.00 2.27 23.55
N ASP E 529 -26.97 3.43 22.91
CA ASP E 529 -28.19 4.11 22.48
C ASP E 529 -28.15 4.45 20.99
N ARG E 530 -27.74 3.47 20.18
CA ARG E 530 -28.10 3.35 18.76
C ARG E 530 -27.39 4.38 17.86
N ILE E 531 -26.73 5.38 18.45
CA ILE E 531 -25.98 6.36 17.66
C ILE E 531 -24.54 6.32 18.12
N HIS E 532 -23.70 7.16 17.53
CA HIS E 532 -22.29 7.04 17.82
C HIS E 532 -21.88 8.04 18.90
N PRO E 533 -21.05 7.63 19.87
CA PRO E 533 -20.73 8.52 20.99
C PRO E 533 -19.87 9.72 20.62
N PHE E 534 -19.11 9.67 19.53
CA PHE E 534 -18.40 10.86 19.09
C PHE E 534 -19.32 11.89 18.43
N ARG E 535 -20.54 11.51 18.09
CA ARG E 535 -21.51 12.46 17.57
C ARG E 535 -22.16 13.28 18.67
N LYS E 536 -22.13 12.81 19.91
CA LYS E 536 -22.71 13.52 21.03
C LYS E 536 -21.83 14.68 21.45
N TYR E 537 -22.47 15.76 21.88
CA TYR E 537 -21.76 16.89 22.49
C TYR E 537 -21.34 16.54 23.91
N PHE E 538 -20.74 17.52 24.58
CA PHE E 538 -20.25 17.28 25.94
C PHE E 538 -21.39 17.13 26.94
N GLU E 539 -22.43 17.96 26.82
CA GLU E 539 -23.50 17.98 27.80
C GLU E 539 -24.46 16.80 27.68
N GLU E 540 -24.35 15.99 26.64
CA GLU E 540 -25.19 14.80 26.50
C GLU E 540 -24.38 13.51 26.52
N LEU E 541 -23.12 13.57 26.93
CA LEU E 541 -22.37 12.37 27.27
C LEU E 541 -22.54 12.03 28.73
N GLN E 542 -22.74 10.75 29.02
CA GLN E 542 -22.70 10.26 30.38
C GLN E 542 -21.60 9.21 30.50
N PRO E 543 -20.95 9.12 31.65
CA PRO E 543 -19.93 8.07 31.81
C PRO E 543 -20.54 6.68 31.86
N GLY E 544 -20.39 5.95 30.76
CA GLY E 544 -21.07 4.68 30.60
C GLY E 544 -21.64 4.55 29.19
N ASP E 545 -21.55 5.61 28.40
CA ASP E 545 -22.05 5.62 27.03
C ASP E 545 -21.10 4.81 26.17
N SER E 546 -21.43 3.54 25.97
CA SER E 546 -20.52 2.61 25.31
C SER E 546 -20.74 2.62 23.80
N LEU E 547 -20.01 1.72 23.13
CA LEU E 547 -20.02 1.55 21.69
C LEU E 547 -19.39 0.23 21.32
N LEU E 548 -20.06 -0.58 20.52
CA LEU E 548 -19.53 -1.87 20.10
C LEU E 548 -19.22 -1.80 18.61
N THR E 549 -17.92 -1.73 18.29
CA THR E 549 -17.48 -1.53 16.93
C THR E 549 -17.65 -2.82 16.11
N PRO E 550 -17.70 -2.72 14.79
CA PRO E 550 -17.60 -3.92 13.96
C PRO E 550 -16.23 -4.56 14.06
N ARG E 551 -16.18 -5.84 13.69
CA ARG E 551 -14.95 -6.61 13.82
C ARG E 551 -14.02 -6.34 12.65
N ARG E 552 -12.75 -6.71 12.83
CA ARG E 552 -11.75 -6.63 11.78
C ARG E 552 -10.79 -7.78 11.96
N THR E 553 -10.61 -8.58 10.92
CA THR E 553 -9.77 -9.77 11.00
C THR E 553 -8.32 -9.39 10.73
N MET E 554 -7.47 -9.55 11.73
CA MET E 554 -6.04 -9.32 11.56
C MET E 554 -5.46 -10.46 10.75
N THR E 555 -5.12 -10.19 9.50
CA THR E 555 -4.62 -11.21 8.60
C THR E 555 -3.10 -11.10 8.49
N GLU E 556 -2.52 -11.94 7.64
CA GLU E 556 -1.08 -11.93 7.45
C GLU E 556 -0.64 -10.70 6.65
N ALA E 557 -1.50 -10.19 5.78
CA ALA E 557 -1.19 -8.98 5.01
C ALA E 557 -1.23 -7.73 5.86
N ASP E 558 -1.97 -7.73 6.96
CA ASP E 558 -2.02 -6.56 7.85
C ASP E 558 -0.68 -6.32 8.52
N ILE E 559 -0.05 -7.38 9.01
CA ILE E 559 1.30 -7.30 9.60
C ILE E 559 2.29 -6.75 8.59
N VAL E 560 2.17 -7.19 7.34
CA VAL E 560 3.13 -6.80 6.31
C VAL E 560 2.95 -5.35 5.92
N ASN E 561 1.69 -4.92 5.71
CA ASN E 561 1.46 -3.53 5.37
C ASN E 561 1.81 -2.58 6.51
N PHE E 562 1.61 -2.99 7.76
CA PHE E 562 1.97 -2.08 8.84
C PHE E 562 3.48 -2.05 9.09
N ALA E 563 4.15 -3.19 8.97
CA ALA E 563 5.61 -3.21 9.11
C ALA E 563 6.29 -2.50 7.95
N CYS E 564 5.67 -2.51 6.78
CA CYS E 564 6.21 -1.72 5.67
C CYS E 564 5.96 -0.24 5.89
N LEU E 565 4.75 0.14 6.28
CA LEU E 565 4.39 1.55 6.39
C LEU E 565 5.13 2.24 7.53
N SER E 566 5.11 1.65 8.73
CA SER E 566 5.81 2.28 9.84
C SER E 566 7.32 2.11 9.74
N GLY E 567 7.78 1.01 9.18
CA GLY E 567 9.18 0.68 9.18
C GLY E 567 9.60 -0.27 10.28
N ASP E 568 8.68 -0.64 11.17
CA ASP E 568 8.96 -1.51 12.29
C ASP E 568 9.07 -2.94 11.78
N HIS E 569 10.30 -3.35 11.45
CA HIS E 569 10.58 -4.69 10.95
C HIS E 569 11.09 -5.62 12.03
N PHE E 570 10.50 -5.52 13.23
CA PHE E 570 10.88 -6.31 14.39
C PHE E 570 10.67 -7.80 14.11
N TYR E 571 11.51 -8.64 14.73
CA TYR E 571 11.64 -10.03 14.31
C TYR E 571 10.42 -10.88 14.65
N ALA E 572 9.62 -10.48 15.63
CA ALA E 572 8.41 -11.20 15.96
C ALA E 572 7.27 -10.92 14.98
N HIS E 573 7.50 -10.10 13.98
CA HIS E 573 6.48 -9.70 13.01
C HIS E 573 6.86 -10.00 11.58
N MET E 574 8.14 -9.87 11.23
CA MET E 574 8.61 -10.06 9.86
C MET E 574 9.43 -11.32 9.65
N ASP E 575 9.74 -12.07 10.71
CA ASP E 575 10.57 -13.26 10.57
C ASP E 575 9.76 -14.48 11.02
N LYS E 576 9.76 -15.50 10.18
CA LYS E 576 9.07 -16.74 10.48
C LYS E 576 9.91 -17.68 11.34
N ILE E 577 11.24 -17.61 11.21
CA ILE E 577 12.10 -18.49 11.98
C ILE E 577 12.24 -18.01 13.42
N ALA E 578 12.59 -16.73 13.60
CA ALA E 578 12.87 -16.21 14.92
C ALA E 578 11.61 -16.07 15.77
N ALA E 579 10.45 -15.89 15.16
CA ALA E 579 9.21 -15.88 15.92
C ALA E 579 8.81 -17.28 16.37
N ALA E 580 9.28 -18.32 15.68
CA ALA E 580 9.06 -19.68 16.15
C ALA E 580 9.95 -20.02 17.33
N GLU E 581 11.06 -19.29 17.50
CA GLU E 581 11.96 -19.49 18.63
C GLU E 581 11.67 -18.56 19.79
N SER E 582 10.81 -17.56 19.60
CA SER E 582 10.53 -16.57 20.62
C SER E 582 9.45 -17.09 21.56
N ILE E 583 8.95 -16.21 22.43
CA ILE E 583 7.98 -16.62 23.44
C ILE E 583 6.57 -16.69 22.89
N PHE E 584 6.31 -16.11 21.72
CA PHE E 584 4.96 -16.08 21.19
C PHE E 584 4.59 -17.41 20.52
N GLY E 585 5.52 -18.00 19.78
CA GLY E 585 5.24 -19.23 19.08
C GLY E 585 5.25 -19.06 17.58
N GLU E 586 4.69 -17.94 17.11
CA GLU E 586 4.67 -17.61 15.69
C GLU E 586 4.68 -16.09 15.56
N ARG E 587 4.55 -15.62 14.32
CA ARG E 587 4.47 -14.19 14.08
C ARG E 587 3.17 -13.63 14.64
N VAL E 588 3.26 -12.44 15.25
CA VAL E 588 2.11 -11.79 15.85
C VAL E 588 1.90 -10.46 15.14
N VAL E 589 0.69 -9.93 15.29
CA VAL E 589 0.38 -8.60 14.81
C VAL E 589 1.09 -7.59 15.71
N HIS E 590 1.55 -6.49 15.11
CA HIS E 590 2.14 -5.38 15.86
C HIS E 590 1.17 -4.87 16.92
N GLY E 591 1.73 -4.45 18.05
CA GLY E 591 0.91 -3.84 19.07
C GLY E 591 0.36 -2.50 18.62
N TYR E 592 1.18 -1.72 17.93
CA TYR E 592 0.72 -0.42 17.47
C TYR E 592 -0.24 -0.54 16.30
N PHE E 593 -0.23 -1.65 15.58
CA PHE E 593 -1.26 -1.83 14.56
C PHE E 593 -2.60 -2.18 15.17
N VAL E 594 -2.62 -2.92 16.28
CA VAL E 594 -3.86 -3.12 17.02
C VAL E 594 -4.34 -1.78 17.59
N LEU E 595 -3.40 -0.99 18.10
CA LEU E 595 -3.70 0.34 18.64
C LEU E 595 -4.24 1.29 17.57
N SER E 596 -3.79 1.15 16.33
CA SER E 596 -4.20 2.00 15.22
C SER E 596 -5.48 1.52 14.56
N ALA E 597 -5.64 0.21 14.38
CA ALA E 597 -6.86 -0.31 13.81
C ALA E 597 -8.03 -0.23 14.78
N ALA E 598 -7.75 -0.16 16.08
CA ALA E 598 -8.79 0.18 17.05
C ALA E 598 -9.40 1.55 16.75
N ALA E 599 -8.55 2.58 16.63
CA ALA E 599 -9.01 3.90 16.24
C ALA E 599 -9.54 3.95 14.81
N GLY E 600 -9.14 3.00 13.97
CA GLY E 600 -9.83 2.83 12.72
C GLY E 600 -11.27 2.38 12.90
N LEU E 601 -11.51 1.55 13.92
CA LEU E 601 -12.86 1.07 14.15
C LEU E 601 -13.75 2.11 14.83
N PHE E 602 -13.32 2.67 15.97
CA PHE E 602 -14.29 3.45 16.74
C PHE E 602 -14.42 4.91 16.34
N VAL E 603 -13.41 5.50 15.70
CA VAL E 603 -13.47 6.93 15.40
C VAL E 603 -14.42 7.18 14.24
N ASP E 604 -15.42 8.04 14.47
CA ASP E 604 -16.31 8.48 13.41
C ASP E 604 -15.60 9.50 12.54
N ALA E 605 -15.86 9.43 11.23
CA ALA E 605 -15.13 10.22 10.26
C ALA E 605 -15.67 11.63 10.09
N GLY E 606 -16.93 11.87 10.47
CA GLY E 606 -17.55 13.15 10.19
C GLY E 606 -17.09 14.26 11.10
N VAL E 607 -17.50 15.47 10.76
CA VAL E 607 -17.25 16.63 11.59
C VAL E 607 -18.22 16.61 12.76
N GLY E 608 -17.69 16.52 13.97
CA GLY E 608 -18.53 16.44 15.13
C GLY E 608 -17.98 17.25 16.29
N PRO E 609 -18.47 16.96 17.49
CA PRO E 609 -17.95 17.67 18.68
C PRO E 609 -16.52 17.28 19.03
N VAL E 610 -16.04 16.12 18.57
CA VAL E 610 -14.66 15.71 18.82
C VAL E 610 -13.71 16.60 18.04
N ILE E 611 -12.75 17.21 18.75
CA ILE E 611 -11.83 18.15 18.15
C ILE E 611 -10.46 17.51 17.95
N ALA E 612 -9.83 17.09 19.04
CA ALA E 612 -8.47 16.59 19.02
C ALA E 612 -8.34 15.42 19.97
N ASN E 613 -7.30 14.61 19.74
CA ASN E 613 -7.04 13.42 20.55
C ASN E 613 -6.02 13.71 21.65
N TYR E 614 -4.79 14.04 21.27
CA TYR E 614 -3.64 14.43 22.10
C TYR E 614 -3.31 13.55 23.30
N GLY E 615 -3.85 12.35 23.40
CA GLY E 615 -3.70 11.58 24.62
C GLY E 615 -3.80 10.09 24.41
N LEU E 616 -3.07 9.37 25.24
CA LEU E 616 -3.21 7.92 25.37
C LEU E 616 -2.70 7.57 26.76
N GLU E 617 -3.61 7.19 27.65
CA GLU E 617 -3.33 7.25 29.08
C GLU E 617 -2.47 6.08 29.56
N SER E 618 -2.94 4.85 29.41
CA SER E 618 -2.23 3.72 30.00
C SER E 618 -2.44 2.48 29.14
N LEU E 619 -1.49 2.21 28.25
CA LEU E 619 -1.57 1.10 27.32
C LEU E 619 -0.81 -0.10 27.86
N ARG E 620 -1.48 -1.25 27.90
CA ARG E 620 -0.87 -2.52 28.25
C ARG E 620 -1.36 -3.57 27.26
N PHE E 621 -0.42 -4.28 26.64
CA PHE E 621 -0.76 -5.35 25.71
C PHE E 621 -0.75 -6.66 26.50
N ILE E 622 -1.93 -7.28 26.64
CA ILE E 622 -2.05 -8.45 27.50
C ILE E 622 -1.69 -9.72 26.76
N GLU E 623 -2.44 -10.04 25.71
CA GLU E 623 -2.20 -11.22 24.91
C GLU E 623 -1.85 -10.82 23.48
N PRO E 624 -1.04 -11.60 22.78
CA PRO E 624 -0.68 -11.23 21.41
C PRO E 624 -1.79 -11.55 20.41
N VAL E 625 -1.94 -10.68 19.43
CA VAL E 625 -2.86 -10.89 18.33
C VAL E 625 -2.10 -11.55 17.19
N LYS E 626 -2.64 -12.64 16.67
CA LYS E 626 -2.04 -13.46 15.65
C LYS E 626 -2.70 -13.21 14.30
N PRO E 627 -2.16 -13.74 13.20
CA PRO E 627 -2.94 -13.75 11.95
C PRO E 627 -4.16 -14.65 12.06
N GLY E 628 -5.22 -14.23 11.37
CA GLY E 628 -6.50 -14.94 11.43
C GLY E 628 -7.13 -14.83 12.80
N ASP E 629 -7.34 -13.59 13.25
CA ASP E 629 -7.75 -13.34 14.63
C ASP E 629 -8.48 -12.00 14.63
N THR E 630 -9.80 -12.03 14.85
CA THR E 630 -10.60 -10.83 14.76
C THR E 630 -10.33 -9.90 15.93
N ILE E 631 -10.80 -8.66 15.80
CA ILE E 631 -10.55 -7.59 16.75
C ILE E 631 -11.82 -6.75 16.87
N GLN E 632 -12.29 -6.56 18.10
CA GLN E 632 -13.55 -5.87 18.33
C GLN E 632 -13.38 -4.91 19.49
N VAL E 633 -13.61 -3.63 19.23
CA VAL E 633 -13.27 -2.54 20.14
C VAL E 633 -14.51 -2.12 20.90
N ARG E 634 -14.36 -1.91 22.21
CA ARG E 634 -15.46 -1.48 23.06
C ARG E 634 -15.15 -0.07 23.57
N LEU E 635 -15.52 0.92 22.77
CA LEU E 635 -15.34 2.32 23.15
C LEU E 635 -16.39 2.70 24.17
N THR E 636 -15.98 3.19 25.34
CA THR E 636 -16.94 3.58 26.37
C THR E 636 -16.39 4.76 27.15
N CYS E 637 -17.30 5.67 27.54
CA CYS E 637 -16.91 6.93 28.14
C CYS E 637 -16.56 6.74 29.62
N LYS E 638 -15.55 7.48 30.07
CA LYS E 638 -15.09 7.30 31.44
C LYS E 638 -15.17 8.58 32.27
N ARG E 639 -14.62 9.69 31.79
CA ARG E 639 -14.61 10.94 32.55
C ARG E 639 -15.02 12.08 31.63
N LYS E 640 -15.52 13.18 32.22
CA LYS E 640 -15.94 14.32 31.43
C LYS E 640 -15.13 15.58 31.70
N THR E 641 -15.13 16.09 32.95
CA THR E 641 -14.16 17.05 33.51
C THR E 641 -13.93 18.29 32.63
N LEU E 642 -14.97 19.13 32.56
CA LEU E 642 -14.96 20.28 31.65
C LEU E 642 -13.90 21.31 32.01
N LYS E 643 -13.61 22.16 31.03
CA LYS E 643 -12.70 23.29 31.17
C LYS E 643 -13.50 24.58 31.35
N LYS E 644 -12.84 25.62 31.85
CA LYS E 644 -13.53 26.80 32.32
C LYS E 644 -13.55 27.96 31.34
N GLN E 645 -13.06 27.78 30.11
CA GLN E 645 -13.13 28.77 29.02
C GLN E 645 -12.43 30.07 29.41
N ARG E 646 -11.10 29.98 29.46
CA ARG E 646 -10.24 31.04 30.00
C ARG E 646 -10.37 32.39 29.29
N SER E 647 -10.90 32.43 28.07
CA SER E 647 -11.17 33.68 27.38
C SER E 647 -12.67 33.77 27.07
N ALA E 648 -13.05 34.79 26.31
CA ALA E 648 -14.41 34.90 25.82
C ALA E 648 -14.56 34.49 24.37
N GLU E 649 -13.45 34.42 23.63
CA GLU E 649 -13.47 34.03 22.22
C GLU E 649 -13.32 32.53 22.03
N GLU E 650 -12.69 31.84 22.97
CA GLU E 650 -12.36 30.43 22.82
C GLU E 650 -13.61 29.56 22.88
N LYS E 651 -13.52 28.40 22.24
CA LYS E 651 -14.63 27.47 22.17
C LYS E 651 -14.80 26.74 23.50
N PRO E 652 -16.04 26.56 23.95
CA PRO E 652 -16.25 25.75 25.15
C PRO E 652 -16.05 24.27 24.86
N THR E 653 -15.32 23.60 25.74
CA THR E 653 -14.87 22.23 25.50
C THR E 653 -14.62 21.54 26.82
N GLY E 654 -14.30 20.25 26.76
CA GLY E 654 -14.02 19.47 27.95
C GLY E 654 -13.23 18.23 27.59
N VAL E 655 -12.35 17.82 28.51
CA VAL E 655 -11.44 16.70 28.25
C VAL E 655 -12.20 15.42 28.63
N VAL E 656 -12.90 14.87 27.66
CA VAL E 656 -13.58 13.60 27.84
C VAL E 656 -12.58 12.48 27.67
N GLU E 657 -12.53 11.57 28.63
CA GLU E 657 -11.63 10.43 28.59
C GLU E 657 -12.44 9.18 28.26
N TRP E 658 -12.07 8.50 27.18
CA TRP E 658 -12.68 7.23 26.83
C TRP E 658 -11.82 6.07 27.29
N ALA E 659 -12.45 4.91 27.41
CA ALA E 659 -11.81 3.70 27.93
C ALA E 659 -11.91 2.64 26.84
N VAL E 660 -10.93 2.62 25.95
CA VAL E 660 -10.93 1.68 24.85
C VAL E 660 -10.53 0.30 25.37
N GLU E 661 -11.30 -0.72 25.01
CA GLU E 661 -11.07 -2.09 25.50
C GLU E 661 -11.27 -3.05 24.33
N VAL E 662 -10.16 -3.36 23.67
CA VAL E 662 -10.16 -4.26 22.51
C VAL E 662 -10.23 -5.70 23.01
N PHE E 663 -10.91 -6.57 22.26
CA PHE E 663 -10.93 -7.99 22.55
C PHE E 663 -11.14 -8.78 21.26
N ASN E 664 -10.59 -10.00 21.23
CA ASN E 664 -10.63 -10.85 20.06
C ASN E 664 -11.89 -11.72 20.08
N GLN E 665 -11.95 -12.76 19.24
CA GLN E 665 -13.17 -13.59 19.15
C GLN E 665 -13.39 -14.46 20.38
N HIS E 666 -12.37 -14.71 21.19
CA HIS E 666 -12.53 -15.46 22.42
C HIS E 666 -12.98 -14.56 23.58
N GLN E 667 -13.24 -13.28 23.30
CA GLN E 667 -13.62 -12.26 24.28
C GLN E 667 -12.60 -12.11 25.41
N THR E 668 -11.33 -12.38 25.12
CA THR E 668 -10.38 -12.00 26.15
C THR E 668 -9.75 -10.66 25.81
N PRO E 669 -9.53 -9.79 26.79
CA PRO E 669 -9.05 -8.43 26.47
C PRO E 669 -7.60 -8.40 26.03
N VAL E 670 -7.36 -8.06 24.77
CA VAL E 670 -6.04 -7.68 24.30
C VAL E 670 -6.02 -6.16 24.17
N ALA E 671 -4.95 -5.52 24.65
CA ALA E 671 -4.67 -4.10 24.44
C ALA E 671 -5.78 -3.18 24.97
N LEU E 672 -5.99 -3.22 26.28
CA LEU E 672 -6.94 -2.29 26.89
C LEU E 672 -6.20 -1.05 27.35
N TYR E 673 -6.73 0.12 27.01
CA TYR E 673 -6.03 1.38 27.26
C TYR E 673 -7.07 2.48 27.46
N SER E 674 -6.65 3.73 27.34
CA SER E 674 -7.52 4.86 27.62
C SER E 674 -7.03 6.08 26.86
N ILE E 675 -7.92 6.72 26.13
CA ILE E 675 -7.58 7.91 25.35
C ILE E 675 -8.25 9.13 25.98
N LEU E 676 -7.62 10.27 25.77
CA LEU E 676 -8.19 11.57 26.09
C LEU E 676 -8.73 12.19 24.81
N THR E 677 -9.67 13.12 24.96
CA THR E 677 -10.30 13.75 23.80
C THR E 677 -10.87 15.09 24.26
N LEU E 678 -10.69 16.13 23.44
CA LEU E 678 -11.17 17.47 23.77
C LEU E 678 -12.50 17.69 23.04
N VAL E 679 -13.57 17.14 23.61
CA VAL E 679 -14.89 17.22 23.00
C VAL E 679 -15.48 18.60 23.29
N ALA E 680 -16.01 19.25 22.26
CA ALA E 680 -16.55 20.60 22.41
C ALA E 680 -17.88 20.59 23.14
N ARG E 681 -18.13 21.65 23.90
CA ARG E 681 -19.36 21.79 24.66
C ARG E 681 -20.44 22.47 23.83
N GLN E 682 -21.70 22.20 24.20
CA GLN E 682 -22.82 22.85 23.53
C GLN E 682 -22.99 24.28 23.99
N HIS E 683 -22.88 24.54 25.29
CA HIS E 683 -23.10 25.86 25.86
C HIS E 683 -21.89 26.26 26.71
N GLY E 684 -21.42 27.49 26.51
CA GLY E 684 -20.35 28.04 27.30
C GLY E 684 -20.84 28.56 28.65
N ASP E 685 -19.92 29.18 29.38
CA ASP E 685 -20.26 29.73 30.68
C ASP E 685 -19.80 31.17 30.84
N PHE E 686 -18.77 31.57 30.09
CA PHE E 686 -18.27 32.94 30.16
C PHE E 686 -18.58 33.69 28.87
N GLN F 9 5.68 -21.35 83.05
CA GLN F 9 6.26 -21.55 81.72
C GLN F 9 6.51 -20.20 81.04
N GLN F 10 7.78 -19.87 80.84
CA GLN F 10 8.15 -18.57 80.30
C GLN F 10 7.81 -18.45 78.83
N LEU F 11 7.39 -17.26 78.42
CA LEU F 11 7.19 -16.92 77.02
C LEU F 11 8.22 -15.84 76.71
N ALA F 12 9.20 -16.19 75.88
CA ALA F 12 10.44 -15.41 75.78
C ALA F 12 10.24 -14.15 74.94
N SER F 13 11.32 -13.37 74.82
CA SER F 13 11.28 -12.08 74.14
C SER F 13 12.54 -11.97 73.29
N PHE F 14 12.38 -11.91 71.97
CA PHE F 14 13.52 -11.91 71.05
C PHE F 14 14.09 -10.51 70.99
N LEU F 15 15.05 -10.23 71.86
CA LEU F 15 15.73 -8.94 71.92
C LEU F 15 17.22 -9.12 71.69
N SER F 16 17.79 -8.20 70.89
CA SER F 16 19.22 -8.14 70.58
C SER F 16 19.75 -9.44 69.96
N GLY F 17 18.92 -10.11 69.18
CA GLY F 17 19.30 -11.33 68.51
C GLY F 17 19.16 -12.59 69.34
N THR F 18 18.92 -12.48 70.64
CA THR F 18 18.85 -13.64 71.53
C THR F 18 17.47 -13.72 72.16
N TRP F 19 17.03 -14.95 72.43
CA TRP F 19 15.71 -15.20 73.01
C TRP F 19 15.78 -14.97 74.52
N GLN F 20 15.74 -13.70 74.91
CA GLN F 20 15.84 -13.33 76.31
C GLN F 20 14.49 -13.51 77.01
N SER F 21 14.49 -13.28 78.32
CA SER F 21 13.27 -13.34 79.12
C SER F 21 13.43 -12.44 80.33
N GLY F 22 12.29 -12.07 80.93
CA GLY F 22 12.30 -11.13 82.03
C GLY F 22 12.43 -11.79 83.39
N ARG F 23 12.73 -10.95 84.38
CA ARG F 23 12.88 -11.39 85.78
C ARG F 23 12.15 -10.37 86.66
N GLY F 24 10.89 -10.66 86.98
CA GLY F 24 10.14 -9.76 87.84
C GLY F 24 8.68 -10.15 87.93
N ARG F 25 7.83 -9.14 88.08
CA ARG F 25 6.39 -9.37 88.18
C ARG F 25 5.84 -9.78 86.82
N SER F 26 5.06 -10.85 86.82
CA SER F 26 4.68 -11.53 85.60
C SER F 26 3.17 -11.57 85.44
N ARG F 27 2.69 -11.19 84.26
CA ARG F 27 1.32 -11.48 83.85
C ARG F 27 1.28 -12.86 83.22
N LEU F 28 0.09 -13.46 83.21
CA LEU F 28 -0.05 -14.84 82.79
C LEU F 28 -1.21 -14.99 81.81
N ILE F 29 -1.03 -15.92 80.86
CA ILE F 29 -1.95 -16.11 79.74
C ILE F 29 -2.86 -17.27 80.07
N HIS F 30 -4.17 -17.03 80.04
CA HIS F 30 -5.16 -18.07 80.28
C HIS F 30 -5.53 -18.77 78.99
N HIS F 31 -5.75 -20.07 79.07
CA HIS F 31 -6.38 -20.79 77.97
C HIS F 31 -7.84 -20.37 77.89
N ALA F 32 -8.30 -20.04 76.69
CA ALA F 32 -9.59 -19.37 76.57
C ALA F 32 -10.77 -20.32 76.75
N ILE F 33 -10.71 -21.51 76.15
CA ILE F 33 -11.89 -22.37 76.11
C ILE F 33 -12.00 -23.25 77.36
N SER F 34 -10.93 -23.39 78.13
CA SER F 34 -10.94 -24.23 79.32
C SER F 34 -10.69 -23.43 80.59
N GLY F 35 -9.61 -22.66 80.67
CA GLY F 35 -9.44 -21.77 81.79
C GLY F 35 -8.09 -21.80 82.48
N GLU F 36 -7.25 -22.77 82.16
CA GLU F 36 -5.97 -22.87 82.85
C GLU F 36 -4.97 -21.87 82.28
N ALA F 37 -3.95 -21.57 83.08
CA ALA F 37 -2.88 -20.67 82.69
C ALA F 37 -1.70 -21.51 82.23
N LEU F 38 -1.43 -21.50 80.93
CA LEU F 38 -0.38 -22.33 80.35
C LEU F 38 0.77 -21.55 79.73
N TRP F 39 0.68 -20.21 79.69
CA TRP F 39 1.84 -19.37 79.47
C TRP F 39 1.83 -18.26 80.51
N GLU F 40 2.99 -17.64 80.70
CA GLU F 40 3.09 -16.47 81.56
C GLU F 40 4.22 -15.59 81.05
N VAL F 41 3.97 -14.29 80.99
CA VAL F 41 4.85 -13.34 80.31
C VAL F 41 5.46 -12.39 81.32
N THR F 42 6.68 -11.95 81.00
CA THR F 42 7.38 -10.91 81.75
C THR F 42 8.45 -10.31 80.86
N SER F 43 8.73 -9.02 81.10
CA SER F 43 9.80 -8.34 80.38
C SER F 43 10.58 -7.40 81.28
N GLU F 44 10.56 -7.63 82.59
CA GLU F 44 11.29 -6.77 83.52
C GLU F 44 12.77 -7.10 83.49
N GLY F 45 13.60 -6.06 83.47
CA GLY F 45 15.03 -6.22 83.42
C GLY F 45 15.62 -6.29 82.03
N LEU F 46 14.79 -6.40 80.99
CA LEU F 46 15.29 -6.43 79.63
C LEU F 46 15.72 -5.03 79.20
N ASP F 47 16.95 -4.91 78.70
CA ASP F 47 17.49 -3.63 78.30
C ASP F 47 16.88 -3.25 76.96
N MET F 48 15.99 -2.24 76.99
CA MET F 48 15.32 -1.82 75.76
C MET F 48 16.17 -0.88 74.94
N ALA F 49 17.02 -0.08 75.59
CA ALA F 49 17.94 0.80 74.88
C ALA F 49 18.95 0.00 74.06
N ALA F 50 19.47 -1.10 74.62
CA ALA F 50 20.39 -1.95 73.88
C ALA F 50 19.69 -2.69 72.75
N ALA F 51 18.39 -3.00 72.93
CA ALA F 51 17.62 -3.65 71.86
C ALA F 51 17.41 -2.70 70.69
N ARG F 52 17.02 -1.45 70.99
CA ARG F 52 16.87 -0.45 69.93
C ARG F 52 18.21 -0.12 69.29
N GLN F 53 19.29 -0.12 70.07
CA GLN F 53 20.62 0.14 69.54
C GLN F 53 21.06 -0.97 68.60
N PHE F 54 20.78 -2.23 68.96
CA PHE F 54 21.10 -3.35 68.08
C PHE F 54 20.26 -3.31 66.81
N ALA F 55 18.98 -2.96 66.93
CA ALA F 55 18.13 -2.92 65.75
C ALA F 55 18.44 -1.75 64.83
N ILE F 56 19.01 -0.66 65.36
CA ILE F 56 19.37 0.46 64.51
C ILE F 56 20.73 0.27 63.87
N GLU F 57 21.75 -0.13 64.64
CA GLU F 57 23.08 -0.28 64.09
C GLU F 57 23.42 -1.71 63.67
N LYS F 58 22.44 -2.58 63.59
CA LYS F 58 22.72 -3.89 63.01
C LYS F 58 21.71 -4.30 61.94
N GLY F 59 20.43 -3.99 62.15
CA GLY F 59 19.39 -4.47 61.26
C GLY F 59 18.91 -3.43 60.27
N ALA F 60 19.05 -2.16 60.61
CA ALA F 60 18.64 -1.10 59.69
C ALA F 60 19.58 -0.92 58.50
N PRO F 61 20.93 -0.92 58.62
CA PRO F 61 21.74 -0.89 57.39
C PRO F 61 21.70 -2.19 56.62
N ALA F 62 21.36 -3.30 57.25
CA ALA F 62 21.24 -4.56 56.53
C ALA F 62 19.98 -4.60 55.67
N LEU F 63 18.95 -3.85 56.06
CA LEU F 63 17.75 -3.71 55.24
C LEU F 63 17.87 -2.59 54.23
N ARG F 64 18.43 -1.45 54.64
CA ARG F 64 18.53 -0.31 53.74
C ARG F 64 19.59 -0.49 52.65
N ALA F 65 20.49 -1.46 52.77
CA ALA F 65 21.42 -1.74 51.69
C ALA F 65 20.80 -2.59 50.60
N MET F 66 19.66 -3.22 50.86
CA MET F 66 18.95 -3.95 49.83
C MET F 66 18.23 -2.98 48.89
N THR F 67 17.75 -3.52 47.78
CA THR F 67 16.84 -2.79 46.92
C THR F 67 15.41 -3.14 47.29
N PHE F 68 14.45 -2.46 46.66
CA PHE F 68 13.06 -2.77 46.95
C PHE F 68 12.65 -4.10 46.33
N ILE F 69 13.30 -4.50 45.24
CA ILE F 69 13.02 -5.79 44.62
C ILE F 69 13.50 -6.92 45.51
N GLU F 70 14.68 -6.77 46.12
CA GLU F 70 15.17 -7.78 47.06
C GLU F 70 14.38 -7.78 48.35
N ARG F 71 13.91 -6.62 48.80
CA ARG F 71 13.07 -6.58 49.99
C ARG F 71 11.65 -7.08 49.72
N ALA F 72 11.24 -7.16 48.44
CA ALA F 72 9.98 -7.83 48.12
C ALA F 72 10.19 -9.33 48.01
N ALA F 73 11.34 -9.75 47.48
CA ALA F 73 11.67 -11.18 47.43
C ALA F 73 11.86 -11.76 48.82
N MET F 74 12.34 -10.95 49.77
CA MET F 74 12.43 -11.40 51.16
C MET F 74 11.06 -11.64 51.76
N LEU F 75 10.09 -10.76 51.46
CA LEU F 75 8.73 -10.96 51.94
C LEU F 75 8.09 -12.19 51.29
N LYS F 76 8.37 -12.43 50.01
CA LYS F 76 7.85 -13.62 49.36
C LYS F 76 8.46 -14.90 49.95
N ALA F 77 9.76 -14.84 50.29
CA ALA F 77 10.41 -16.00 50.90
C ALA F 77 9.89 -16.27 52.31
N VAL F 78 9.66 -15.22 53.10
CA VAL F 78 9.08 -15.40 54.42
C VAL F 78 7.64 -15.90 54.33
N ALA F 79 6.89 -15.45 53.30
CA ALA F 79 5.53 -15.94 53.09
C ALA F 79 5.52 -17.42 52.75
N LYS F 80 6.41 -17.86 51.86
CA LYS F 80 6.46 -19.27 51.51
C LYS F 80 7.01 -20.13 52.65
N HIS F 81 7.89 -19.56 53.48
CA HIS F 81 8.40 -20.31 54.63
C HIS F 81 7.38 -20.41 55.76
N LEU F 82 6.50 -19.43 55.89
CA LEU F 82 5.49 -19.43 56.94
C LEU F 82 4.19 -20.06 56.52
N LEU F 83 3.96 -20.24 55.21
CA LEU F 83 2.76 -20.92 54.75
C LEU F 83 2.91 -22.44 54.90
N SER F 84 4.13 -22.96 54.81
CA SER F 84 4.36 -24.39 54.91
C SER F 84 4.10 -24.89 56.33
N GLU F 85 4.72 -24.26 57.32
CA GLU F 85 4.51 -24.64 58.72
C GLU F 85 3.39 -23.85 59.37
N LYS F 86 2.22 -23.87 58.73
CA LYS F 86 1.06 -23.17 59.27
C LYS F 86 0.26 -24.02 60.25
N GLU F 87 0.46 -25.34 60.25
CA GLU F 87 -0.32 -26.21 61.12
C GLU F 87 0.14 -26.17 62.57
N ARG F 88 1.36 -25.69 62.83
CA ARG F 88 1.79 -25.41 64.19
C ARG F 88 1.28 -24.06 64.70
N PHE F 89 0.59 -23.31 63.85
CA PHE F 89 0.00 -22.03 64.24
C PHE F 89 -1.47 -22.16 64.61
N TYR F 90 -2.19 -23.10 64.00
CA TYR F 90 -3.58 -23.33 64.39
C TYR F 90 -3.69 -23.94 65.79
N ALA F 91 -2.70 -24.75 66.19
CA ALA F 91 -2.70 -25.30 67.54
C ALA F 91 -2.46 -24.21 68.59
N LEU F 92 -1.62 -23.23 68.26
CA LEU F 92 -1.41 -22.10 69.16
C LEU F 92 -2.59 -21.13 69.12
N SER F 93 -3.28 -21.03 67.98
CA SER F 93 -4.40 -20.12 67.84
C SER F 93 -5.70 -20.69 68.40
N ALA F 94 -5.77 -22.01 68.58
CA ALA F 94 -6.93 -22.60 69.24
C ALA F 94 -6.96 -22.31 70.74
N GLN F 95 -5.83 -21.88 71.30
CA GLN F 95 -5.79 -21.44 72.69
C GLN F 95 -6.47 -20.09 72.88
N THR F 96 -6.72 -19.36 71.80
CA THR F 96 -7.38 -18.06 71.84
C THR F 96 -8.90 -18.18 71.80
N GLY F 97 -9.43 -19.39 71.73
CA GLY F 97 -10.86 -19.59 71.61
C GLY F 97 -11.40 -19.46 70.20
N ALA F 98 -10.55 -19.19 69.22
CA ALA F 98 -11.01 -19.08 67.84
C ALA F 98 -11.28 -20.46 67.26
N THR F 99 -12.14 -20.49 66.24
CA THR F 99 -12.48 -21.73 65.57
C THR F 99 -11.47 -21.98 64.44
N ARG F 100 -11.74 -22.98 63.61
CA ARG F 100 -10.87 -23.21 62.46
C ARG F 100 -11.13 -22.17 61.38
N ALA F 101 -12.39 -21.84 61.14
CA ALA F 101 -12.70 -20.82 60.15
C ALA F 101 -12.40 -19.40 60.63
N ASP F 102 -12.29 -19.21 61.95
CA ASP F 102 -11.96 -17.90 62.48
C ASP F 102 -10.46 -17.71 62.68
N SER F 103 -9.69 -18.79 62.76
CA SER F 103 -8.24 -18.70 62.74
C SER F 103 -7.68 -18.82 61.34
N TRP F 104 -8.45 -19.36 60.40
CA TRP F 104 -8.05 -19.37 59.00
C TRP F 104 -7.90 -17.96 58.47
N VAL F 105 -8.79 -17.05 58.87
CA VAL F 105 -8.66 -15.65 58.52
C VAL F 105 -7.39 -15.07 59.12
N ASP F 106 -7.15 -15.35 60.42
CA ASP F 106 -6.01 -14.79 61.14
C ASP F 106 -4.67 -15.24 60.57
N ILE F 107 -4.57 -16.49 60.13
CA ILE F 107 -3.31 -16.98 59.58
C ILE F 107 -3.17 -16.59 58.11
N GLU F 108 -4.17 -16.96 57.30
CA GLU F 108 -4.04 -16.80 55.86
C GLU F 108 -4.19 -15.36 55.39
N GLY F 109 -4.84 -14.48 56.17
CA GLY F 109 -4.86 -13.09 55.79
C GLY F 109 -3.51 -12.43 55.96
N GLY F 110 -2.79 -12.80 57.03
CA GLY F 110 -1.43 -12.31 57.18
C GLY F 110 -0.49 -12.86 56.14
N ILE F 111 -0.61 -14.15 55.82
CA ILE F 111 0.28 -14.72 54.82
C ILE F 111 -0.05 -14.20 53.42
N GLY F 112 -1.35 -13.97 53.13
CA GLY F 112 -1.72 -13.35 51.88
C GLY F 112 -1.37 -11.89 51.81
N THR F 113 -1.31 -11.21 52.96
CA THR F 113 -0.77 -9.84 53.01
C THR F 113 0.71 -9.83 52.66
N LEU F 114 1.45 -10.85 53.12
CA LEU F 114 2.85 -10.99 52.73
C LEU F 114 3.02 -11.25 51.24
N PHE F 115 2.20 -12.14 50.67
CA PHE F 115 2.25 -12.36 49.22
C PHE F 115 1.81 -11.13 48.43
N THR F 116 0.85 -10.37 48.96
CA THR F 116 0.37 -9.19 48.28
C THR F 116 1.42 -8.09 48.27
N TYR F 117 2.07 -7.84 49.41
CA TYR F 117 3.13 -6.85 49.43
C TYR F 117 4.37 -7.31 48.68
N ALA F 118 4.60 -8.63 48.59
CA ALA F 118 5.66 -9.12 47.71
C ALA F 118 5.35 -8.83 46.25
N SER F 119 4.09 -9.02 45.84
CA SER F 119 3.72 -8.75 44.46
C SER F 119 3.76 -7.25 44.15
N LEU F 120 3.31 -6.41 45.09
CA LEU F 120 3.35 -4.97 44.89
C LEU F 120 4.78 -4.44 44.86
N GLY F 121 5.66 -4.99 45.70
CA GLY F 121 7.06 -4.60 45.65
C GLY F 121 7.78 -5.09 44.42
N SER F 122 7.37 -6.24 43.89
CA SER F 122 7.98 -6.74 42.67
C SER F 122 7.44 -6.05 41.42
N ARG F 123 6.23 -5.49 41.48
CA ARG F 123 5.67 -4.86 40.28
C ARG F 123 5.91 -3.36 40.23
N GLU F 124 5.72 -2.64 41.33
CA GLU F 124 5.63 -1.18 41.27
C GLU F 124 6.73 -0.46 42.05
N LEU F 125 7.82 -1.14 42.39
CA LEU F 125 8.91 -0.55 43.16
C LEU F 125 10.22 -0.75 42.39
N PRO F 126 11.16 0.18 42.50
CA PRO F 126 12.34 0.15 41.63
C PRO F 126 13.45 -0.75 42.17
N ASP F 127 14.45 -0.97 41.31
CA ASP F 127 15.66 -1.69 41.69
C ASP F 127 16.68 -0.69 42.22
N ASP F 128 16.38 -0.16 43.39
CA ASP F 128 17.14 0.96 43.93
C ASP F 128 16.89 1.02 45.44
N THR F 129 17.74 1.78 46.12
CA THR F 129 17.52 2.06 47.53
C THR F 129 16.50 3.19 47.71
N LEU F 130 16.60 4.23 46.88
CA LEU F 130 15.67 5.33 46.86
C LEU F 130 14.47 4.99 45.98
N TRP F 131 13.44 5.84 46.05
CA TRP F 131 12.21 5.61 45.28
C TRP F 131 11.60 6.93 44.86
N PRO F 132 11.79 7.33 43.60
CA PRO F 132 11.16 8.55 43.08
C PRO F 132 9.70 8.28 42.76
N GLU F 133 8.79 8.92 43.48
CA GLU F 133 7.38 8.65 43.26
C GLU F 133 6.77 9.53 42.17
N ASP F 134 7.31 10.71 41.94
CA ASP F 134 6.77 11.57 40.88
C ASP F 134 7.43 11.24 39.55
N GLU F 135 6.90 11.85 38.49
CA GLU F 135 7.55 11.78 37.20
C GLU F 135 8.69 12.80 37.12
N LEU F 136 8.33 14.09 37.14
CA LEU F 136 9.23 15.24 37.19
C LEU F 136 8.38 16.48 37.35
N ILE F 137 8.93 17.46 38.06
CA ILE F 137 8.31 18.77 38.23
C ILE F 137 9.26 19.82 37.66
N PRO F 138 9.00 20.30 36.44
CA PRO F 138 9.88 21.33 35.86
C PRO F 138 9.63 22.69 36.51
N LEU F 139 10.71 23.33 36.93
CA LEU F 139 10.62 24.60 37.66
C LEU F 139 11.38 25.71 36.95
N SER F 140 11.55 25.62 35.64
CA SER F 140 12.31 26.62 34.90
C SER F 140 11.83 26.66 33.46
N LYS F 141 11.95 27.84 32.85
CA LYS F 141 11.52 28.01 31.47
C LYS F 141 12.53 27.41 30.51
N GLU F 142 13.83 27.58 30.79
CA GLU F 142 14.86 27.05 29.92
C GLU F 142 14.98 25.54 30.06
N GLY F 143 15.07 25.04 31.30
CA GLY F 143 15.17 23.61 31.52
C GLY F 143 16.41 23.21 32.30
N GLY F 144 16.95 24.14 33.08
CA GLY F 144 18.12 23.87 33.90
C GLY F 144 17.85 23.74 35.37
N PHE F 145 16.60 23.81 35.82
CA PHE F 145 16.27 23.67 37.24
C PHE F 145 14.96 22.91 37.34
N ALA F 146 15.02 21.70 37.87
CA ALA F 146 13.86 20.85 38.06
C ALA F 146 13.86 20.34 39.49
N ALA F 147 12.87 19.50 39.80
CA ALA F 147 12.78 18.88 41.11
C ALA F 147 11.91 17.65 41.01
N ARG F 148 12.21 16.65 41.82
CA ARG F 148 11.37 15.47 41.88
C ARG F 148 11.39 14.97 43.31
N HIS F 149 10.33 14.27 43.70
CA HIS F 149 10.16 13.83 45.08
C HIS F 149 10.78 12.45 45.27
N LEU F 150 11.75 12.37 46.16
CA LEU F 150 12.35 11.09 46.51
C LEU F 150 11.69 10.55 47.77
N LEU F 151 11.92 9.26 48.03
CA LEU F 151 11.41 8.60 49.23
C LEU F 151 12.51 7.71 49.79
N THR F 152 13.32 8.29 50.67
CA THR F 152 14.37 7.56 51.34
C THR F 152 13.80 6.90 52.59
N SER F 153 14.17 5.64 52.79
CA SER F 153 13.69 4.88 53.94
C SER F 153 14.32 5.42 55.22
N LYS F 154 13.52 5.50 56.28
CA LYS F 154 13.99 6.04 57.55
C LYS F 154 15.02 5.12 58.20
N SER F 155 15.77 5.68 59.15
CA SER F 155 16.94 5.04 59.72
C SER F 155 16.73 4.71 61.19
N GLY F 156 15.57 4.16 61.52
CA GLY F 156 15.29 3.80 62.89
C GLY F 156 14.40 2.59 63.02
N VAL F 157 13.83 2.38 64.20
CA VAL F 157 12.98 1.24 64.46
C VAL F 157 11.52 1.63 64.29
N ALA F 158 10.66 0.63 64.14
CA ALA F 158 9.23 0.82 63.98
C ALA F 158 8.53 0.07 65.11
N VAL F 159 8.19 0.77 66.18
CA VAL F 159 7.57 0.15 67.34
C VAL F 159 6.11 -0.14 67.02
N HIS F 160 5.79 -1.40 66.77
CA HIS F 160 4.42 -1.83 66.50
C HIS F 160 3.81 -2.38 67.78
N ILE F 161 2.78 -1.71 68.28
CA ILE F 161 2.10 -2.13 69.50
C ILE F 161 0.75 -2.68 69.07
N ASN F 162 0.62 -4.00 69.08
CA ASN F 162 -0.55 -4.69 68.57
C ASN F 162 -1.59 -4.86 69.67
N ALA F 163 -2.59 -5.69 69.41
CA ALA F 163 -3.61 -6.02 70.39
C ALA F 163 -3.92 -7.50 70.28
N PHE F 164 -5.01 -7.92 70.92
CA PHE F 164 -5.26 -9.34 71.13
C PHE F 164 -6.17 -9.97 70.08
N ASN F 165 -6.62 -9.22 69.07
CA ASN F 165 -7.51 -9.80 68.07
C ASN F 165 -6.76 -10.73 67.15
N PHE F 166 -5.80 -10.18 66.42
CA PHE F 166 -5.07 -10.90 65.39
C PHE F 166 -3.60 -10.90 65.77
N PRO F 167 -3.13 -11.94 66.48
CA PRO F 167 -1.70 -12.02 66.78
C PRO F 167 -0.88 -12.31 65.55
N CYS F 168 -1.37 -13.21 64.69
CA CYS F 168 -0.71 -13.47 63.42
C CYS F 168 -0.85 -12.28 62.49
N TRP F 169 -2.10 -11.92 62.14
CA TRP F 169 -2.34 -10.93 61.08
C TRP F 169 -1.92 -9.53 61.52
N GLY F 170 -2.36 -9.09 62.70
CA GLY F 170 -2.14 -7.72 63.12
C GLY F 170 -0.68 -7.38 63.36
N MET F 171 0.13 -8.38 63.68
CA MET F 171 1.58 -8.19 63.61
C MET F 171 2.03 -8.06 62.16
N LEU F 172 1.49 -8.91 61.30
CA LEU F 172 2.10 -9.19 60.01
C LEU F 172 1.52 -8.32 58.89
N GLU F 173 0.44 -7.58 59.16
CA GLU F 173 0.01 -6.53 58.25
C GLU F 173 0.70 -5.20 58.54
N LYS F 174 1.43 -5.11 59.65
CA LYS F 174 2.28 -3.98 59.95
C LYS F 174 3.73 -4.25 59.64
N LEU F 175 4.09 -5.51 59.39
CA LEU F 175 5.46 -5.94 59.23
C LEU F 175 5.91 -5.96 57.79
N ALA F 176 5.02 -6.34 56.87
CA ALA F 176 5.33 -6.26 55.44
C ALA F 176 5.53 -4.83 54.94
N PRO F 177 4.71 -3.81 55.28
CA PRO F 177 5.08 -2.46 54.84
C PRO F 177 6.31 -1.92 55.52
N THR F 178 6.56 -2.31 56.77
CA THR F 178 7.78 -1.88 57.47
C THR F 178 9.03 -2.45 56.81
N TRP F 179 9.00 -3.74 56.50
CA TRP F 179 10.15 -4.37 55.86
C TRP F 179 10.29 -3.97 54.40
N LEU F 180 9.18 -3.68 53.72
CA LEU F 180 9.29 -3.20 52.35
C LEU F 180 9.71 -1.75 52.30
N GLY F 181 9.52 -1.01 53.38
CA GLY F 181 9.98 0.37 53.46
C GLY F 181 11.29 0.50 54.21
N GLY F 182 12.04 -0.59 54.31
CA GLY F 182 13.42 -0.54 54.78
C GLY F 182 13.64 -0.19 56.23
N MET F 183 12.78 -0.65 57.14
CA MET F 183 12.98 -0.40 58.55
C MET F 183 12.86 -1.69 59.34
N PRO F 184 13.62 -1.82 60.43
CA PRO F 184 13.43 -2.95 61.33
C PRO F 184 12.33 -2.67 62.32
N ALA F 185 11.60 -3.71 62.69
CA ALA F 185 10.45 -3.56 63.58
C ALA F 185 10.75 -4.13 64.95
N ILE F 186 10.06 -3.58 65.95
CA ILE F 186 10.08 -4.09 67.31
C ILE F 186 8.61 -4.31 67.67
N ILE F 187 8.13 -5.53 67.55
CA ILE F 187 6.72 -5.85 67.73
C ILE F 187 6.45 -6.07 69.22
N LYS F 188 5.54 -5.29 69.78
CA LYS F 188 5.02 -5.54 71.12
C LYS F 188 3.61 -6.07 70.99
N PRO F 189 3.39 -7.37 71.07
CA PRO F 189 2.02 -7.90 71.02
C PRO F 189 1.34 -7.74 72.36
N ALA F 190 0.03 -7.99 72.37
CA ALA F 190 -0.70 -7.99 73.61
C ALA F 190 -0.31 -9.20 74.45
N THR F 191 -0.31 -9.00 75.77
CA THR F 191 0.06 -10.08 76.69
C THR F 191 -1.10 -11.03 76.97
N ALA F 192 -2.20 -10.93 76.23
CA ALA F 192 -3.28 -11.90 76.34
C ALA F 192 -3.08 -13.08 75.40
N THR F 193 -2.49 -12.86 74.22
CA THR F 193 -2.28 -13.92 73.26
C THR F 193 -0.93 -13.77 72.53
N ALA F 194 0.12 -13.51 73.30
CA ALA F 194 1.45 -13.33 72.71
C ALA F 194 2.11 -14.62 72.26
N GLN F 195 1.51 -15.79 72.56
CA GLN F 195 2.15 -17.05 72.24
C GLN F 195 2.13 -17.34 70.74
N LEU F 196 1.04 -16.98 70.06
CA LEU F 196 0.99 -17.12 68.60
C LEU F 196 1.93 -16.13 67.94
N THR F 197 2.10 -14.95 68.53
CA THR F 197 3.04 -13.97 67.99
C THR F 197 4.48 -14.45 68.14
N GLN F 198 4.82 -15.10 69.26
CA GLN F 198 6.18 -15.63 69.37
C GLN F 198 6.37 -16.84 68.47
N ALA F 199 5.32 -17.63 68.21
CA ALA F 199 5.42 -18.68 67.20
C ALA F 199 5.70 -18.11 65.83
N MET F 200 5.05 -17.00 65.48
CA MET F 200 5.31 -16.30 64.22
C MET F 200 6.74 -15.78 64.14
N VAL F 201 7.19 -15.09 65.20
CA VAL F 201 8.52 -14.48 65.21
C VAL F 201 9.61 -15.54 65.20
N LYS F 202 9.38 -16.67 65.88
CA LYS F 202 10.33 -17.77 65.87
C LYS F 202 10.40 -18.43 64.50
N SER F 203 9.25 -18.59 63.83
CA SER F 203 9.27 -19.14 62.48
C SER F 203 9.92 -18.20 61.48
N ILE F 204 9.86 -16.89 61.73
CA ILE F 204 10.55 -15.93 60.87
C ILE F 204 12.06 -15.98 61.11
N VAL F 205 12.46 -15.94 62.39
CA VAL F 205 13.88 -15.83 62.74
C VAL F 205 14.64 -17.10 62.40
N ASP F 206 14.08 -18.27 62.74
CA ASP F 206 14.78 -19.52 62.49
C ASP F 206 14.61 -19.99 61.04
N SER F 207 14.91 -19.12 60.08
CA SER F 207 14.92 -19.47 58.66
C SER F 207 16.12 -18.94 57.91
N GLY F 208 16.79 -17.89 58.41
CA GLY F 208 17.89 -17.28 57.69
C GLY F 208 17.48 -16.34 56.59
N LEU F 209 16.19 -16.02 56.48
CA LEU F 209 15.70 -15.19 55.39
C LEU F 209 15.91 -13.70 55.69
N VAL F 210 15.48 -13.26 56.86
CA VAL F 210 15.60 -11.86 57.25
C VAL F 210 16.96 -11.64 57.90
N PRO F 211 17.53 -10.43 57.82
CA PRO F 211 18.79 -10.17 58.52
C PRO F 211 18.61 -10.14 60.02
N GLU F 212 19.73 -10.18 60.73
CA GLU F 212 19.70 -10.09 62.17
C GLU F 212 19.37 -8.67 62.60
N GLY F 213 18.55 -8.54 63.63
CA GLY F 213 18.11 -7.24 64.09
C GLY F 213 16.99 -6.61 63.28
N ALA F 214 16.53 -7.26 62.21
CA ALA F 214 15.44 -6.74 61.40
C ALA F 214 14.07 -6.99 62.02
N ILE F 215 14.01 -7.71 63.12
CA ILE F 215 12.76 -7.94 63.84
C ILE F 215 13.10 -8.18 65.31
N SER F 216 12.28 -7.64 66.19
CA SER F 216 12.40 -7.87 67.62
C SER F 216 11.03 -8.24 68.16
N LEU F 217 10.97 -8.55 69.45
CA LEU F 217 9.73 -9.01 70.08
C LEU F 217 9.83 -8.81 71.58
N ILE F 218 8.87 -8.13 72.16
CA ILE F 218 8.78 -7.98 73.61
C ILE F 218 7.44 -8.53 74.07
N CYS F 219 7.44 -9.81 74.43
CA CYS F 219 6.28 -10.42 75.07
C CYS F 219 6.24 -9.94 76.51
N GLY F 220 5.50 -8.85 76.74
CA GLY F 220 5.49 -8.23 78.04
C GLY F 220 5.40 -6.71 77.93
N SER F 221 5.47 -6.02 79.06
CA SER F 221 5.37 -4.57 79.05
C SER F 221 6.66 -3.95 78.51
N ALA F 222 6.50 -2.94 77.64
CA ALA F 222 7.66 -2.23 77.10
C ALA F 222 8.32 -1.38 78.16
N GLY F 223 7.58 -0.42 78.71
CA GLY F 223 8.05 0.36 79.83
C GLY F 223 9.10 1.41 79.50
N ASP F 224 10.25 0.98 79.01
CA ASP F 224 11.40 1.86 78.79
C ASP F 224 11.69 2.05 77.30
N LEU F 225 10.85 1.49 76.43
CA LEU F 225 11.12 1.58 74.99
C LEU F 225 10.71 2.94 74.44
N LEU F 226 9.51 3.42 74.80
CA LEU F 226 8.99 4.65 74.23
C LEU F 226 9.73 5.88 74.74
N ASP F 227 10.44 5.77 75.86
CA ASP F 227 11.24 6.87 76.39
C ASP F 227 12.61 6.97 75.76
N HIS F 228 12.93 6.14 74.76
CA HIS F 228 14.26 6.12 74.17
C HIS F 228 14.26 6.38 72.67
N LEU F 229 13.10 6.63 72.07
CA LEU F 229 12.99 6.62 70.62
C LEU F 229 13.54 7.90 70.00
N ASP F 230 14.33 7.74 68.94
CA ASP F 230 14.88 8.83 68.15
C ASP F 230 13.80 9.42 67.26
N SER F 231 14.10 10.58 66.66
CA SER F 231 13.15 11.26 65.79
C SER F 231 12.92 10.54 64.48
N GLN F 232 13.81 9.61 64.09
CA GLN F 232 13.62 8.80 62.90
C GLN F 232 12.91 7.48 63.19
N ASP F 233 12.08 7.44 64.23
CA ASP F 233 11.32 6.26 64.59
C ASP F 233 9.84 6.50 64.34
N VAL F 234 9.12 5.42 64.11
CA VAL F 234 7.67 5.49 63.98
C VAL F 234 7.06 4.53 64.99
N VAL F 235 5.88 4.90 65.50
CA VAL F 235 5.12 4.07 66.43
C VAL F 235 3.76 3.82 65.82
N THR F 236 3.37 2.56 65.71
CA THR F 236 2.08 2.17 65.19
C THR F 236 1.31 1.47 66.31
N PHE F 237 0.15 2.01 66.65
CA PHE F 237 -0.66 1.48 67.74
C PHE F 237 -1.95 0.88 67.19
N THR F 238 -2.40 -0.18 67.84
CA THR F 238 -3.71 -0.76 67.56
C THR F 238 -4.26 -1.33 68.85
N GLY F 239 -5.43 -0.85 69.27
CA GLY F 239 -5.99 -1.30 70.52
C GLY F 239 -7.09 -0.39 71.03
N SER F 240 -7.17 -0.22 72.35
CA SER F 240 -8.20 0.62 72.93
C SER F 240 -7.88 2.09 72.69
N ALA F 241 -8.92 2.92 72.78
CA ALA F 241 -8.73 4.35 72.61
C ALA F 241 -8.15 4.98 73.86
N ALA F 242 -8.55 4.51 75.05
CA ALA F 242 -8.12 5.11 76.30
C ALA F 242 -6.64 4.89 76.57
N THR F 243 -6.03 3.86 75.99
CA THR F 243 -4.59 3.66 76.10
C THR F 243 -3.83 4.43 75.02
N GLY F 244 -4.31 4.37 73.79
CA GLY F 244 -3.66 5.08 72.69
C GLY F 244 -3.71 6.58 72.81
N GLN F 245 -4.69 7.12 73.52
CA GLN F 245 -4.71 8.53 73.84
C GLN F 245 -3.82 8.89 75.02
N MET F 246 -3.35 7.90 75.78
CA MET F 246 -2.31 8.13 76.77
C MET F 246 -0.92 7.96 76.18
N LEU F 247 -0.78 7.17 75.12
CA LEU F 247 0.50 7.04 74.45
C LEU F 247 0.75 8.14 73.43
N ARG F 248 -0.28 8.88 73.01
CA ARG F 248 -0.03 10.00 72.13
C ARG F 248 0.52 11.20 72.88
N VAL F 249 0.17 11.34 74.16
CA VAL F 249 0.65 12.44 74.99
C VAL F 249 1.89 12.02 75.76
N GLN F 250 2.50 10.91 75.34
CA GLN F 250 3.72 10.44 75.97
C GLN F 250 4.85 11.41 75.68
N PRO F 251 5.59 11.87 76.69
CA PRO F 251 6.43 13.07 76.52
C PRO F 251 7.66 12.91 75.64
N ASN F 252 7.98 11.71 75.18
CA ASN F 252 9.05 11.58 74.19
C ASN F 252 8.50 11.68 72.77
N ILE F 253 7.31 11.13 72.55
CA ILE F 253 6.69 11.11 71.23
C ILE F 253 6.34 12.53 70.78
N VAL F 254 5.94 13.40 71.71
CA VAL F 254 5.65 14.77 71.32
C VAL F 254 6.92 15.61 71.26
N ALA F 255 7.96 15.25 72.01
CA ALA F 255 9.17 16.07 72.02
C ALA F 255 10.03 15.81 70.79
N LYS F 256 10.23 14.54 70.44
CA LYS F 256 10.98 14.21 69.24
C LYS F 256 10.14 14.31 67.97
N SER F 257 8.82 14.47 68.12
CA SER F 257 7.86 14.60 67.02
C SER F 257 7.93 13.41 66.06
N ILE F 258 7.71 12.22 66.62
CA ILE F 258 7.76 10.99 65.85
C ILE F 258 6.34 10.64 65.42
N PRO F 259 6.15 9.99 64.27
CA PRO F 259 4.79 9.68 63.81
C PRO F 259 4.15 8.60 64.67
N PHE F 260 2.94 8.88 65.15
CA PHE F 260 2.17 7.96 65.99
C PHE F 260 0.89 7.62 65.25
N THR F 261 0.94 6.57 64.45
CA THR F 261 -0.25 6.05 63.78
C THR F 261 -1.05 5.22 64.76
N MET F 262 -2.31 5.60 64.98
CA MET F 262 -3.16 4.94 65.97
C MET F 262 -4.39 4.37 65.28
N GLU F 263 -4.70 3.12 65.59
CA GLU F 263 -5.97 2.50 65.21
C GLU F 263 -6.72 2.13 66.48
N ALA F 264 -7.97 2.54 66.57
CA ALA F 264 -8.79 2.22 67.73
C ALA F 264 -10.08 1.55 67.27
N ASP F 265 -10.94 1.26 68.23
CA ASP F 265 -12.22 0.62 67.96
C ASP F 265 -13.30 1.66 67.70
N SER F 266 -14.33 1.24 66.96
CA SER F 266 -15.37 2.18 66.56
C SER F 266 -16.67 1.42 66.35
N LEU F 267 -17.72 2.18 66.08
CA LEU F 267 -19.06 1.66 65.86
C LEU F 267 -19.31 1.62 64.36
N ASN F 268 -19.39 0.42 63.81
CA ASN F 268 -19.46 0.23 62.37
C ASN F 268 -20.90 0.02 61.96
N CYS F 269 -21.42 0.93 61.13
CA CYS F 269 -22.82 0.89 60.77
C CYS F 269 -23.07 -0.16 59.69
N CYS F 270 -24.35 -0.48 59.48
CA CYS F 270 -24.77 -1.30 58.35
C CYS F 270 -26.17 -0.85 57.97
N VAL F 271 -26.24 0.10 57.04
CA VAL F 271 -27.49 0.74 56.70
C VAL F 271 -28.20 -0.08 55.63
N LEU F 272 -29.48 -0.37 55.86
CA LEU F 272 -30.34 -0.99 54.87
C LEU F 272 -31.16 0.11 54.19
N GLY F 273 -31.16 0.13 52.87
CA GLY F 273 -31.83 1.17 52.13
C GLY F 273 -33.33 1.00 52.08
N GLU F 274 -34.00 2.05 51.60
CA GLU F 274 -35.45 2.02 51.49
C GLU F 274 -35.92 1.14 50.34
N ASP F 275 -35.07 0.94 49.33
CA ASP F 275 -35.46 0.14 48.17
C ASP F 275 -35.57 -1.34 48.49
N VAL F 276 -34.95 -1.80 49.57
CA VAL F 276 -34.94 -3.22 49.89
C VAL F 276 -36.25 -3.58 50.59
N THR F 277 -36.92 -4.60 50.08
CA THR F 277 -38.12 -5.20 50.64
C THR F 277 -37.79 -6.63 51.04
N PRO F 278 -38.54 -7.22 51.99
CA PRO F 278 -38.19 -8.58 52.47
C PRO F 278 -38.36 -9.71 51.44
N ASP F 279 -38.93 -9.45 50.27
CA ASP F 279 -39.00 -10.48 49.24
C ASP F 279 -37.75 -10.53 48.36
N GLN F 280 -36.93 -9.49 48.37
CA GLN F 280 -35.74 -9.40 47.56
C GLN F 280 -34.61 -10.24 48.15
N PRO F 281 -33.65 -10.67 47.33
CA PRO F 281 -32.46 -11.32 47.88
C PRO F 281 -31.54 -10.37 48.64
N GLU F 282 -31.73 -9.06 48.47
CA GLU F 282 -30.97 -8.05 49.21
C GLU F 282 -31.17 -8.20 50.70
N PHE F 283 -32.41 -8.47 51.12
CA PHE F 283 -32.72 -8.70 52.53
C PHE F 283 -32.01 -9.94 53.06
N ALA F 284 -31.96 -11.00 52.27
CA ALA F 284 -31.33 -12.24 52.69
C ALA F 284 -29.83 -12.07 52.84
N LEU F 285 -29.18 -11.41 51.88
CA LEU F 285 -27.74 -11.19 52.00
C LEU F 285 -27.43 -10.15 53.08
N PHE F 286 -28.35 -9.24 53.36
CA PHE F 286 -28.21 -8.32 54.49
C PHE F 286 -28.16 -9.06 55.81
N ILE F 287 -29.14 -9.95 56.04
CA ILE F 287 -29.18 -10.72 57.28
C ILE F 287 -27.98 -11.66 57.38
N ARG F 288 -27.60 -12.28 56.25
CA ARG F 288 -26.44 -13.17 56.23
C ARG F 288 -25.14 -12.43 56.53
N GLU F 289 -24.98 -11.22 55.98
CA GLU F 289 -23.76 -10.46 56.20
C GLU F 289 -23.69 -9.94 57.64
N VAL F 290 -24.82 -9.48 58.20
CA VAL F 290 -24.83 -9.02 59.58
C VAL F 290 -24.53 -10.15 60.54
N VAL F 291 -25.13 -11.33 60.32
CA VAL F 291 -24.91 -12.46 61.23
C VAL F 291 -23.50 -13.01 61.11
N ARG F 292 -23.00 -13.19 59.88
CA ARG F 292 -21.64 -13.69 59.70
C ARG F 292 -20.60 -12.71 60.23
N GLU F 293 -20.85 -11.41 60.06
CA GLU F 293 -19.92 -10.41 60.57
C GLU F 293 -19.94 -10.35 62.09
N MET F 294 -21.11 -10.51 62.69
CA MET F 294 -21.21 -10.41 64.14
C MET F 294 -20.73 -11.68 64.83
N THR F 295 -20.74 -12.82 64.14
CA THR F 295 -20.32 -14.07 64.75
C THR F 295 -18.92 -14.53 64.33
N THR F 296 -18.31 -13.91 63.32
CA THR F 296 -16.96 -14.29 62.92
C THR F 296 -15.97 -13.71 63.92
N LYS F 297 -15.06 -14.58 64.41
CA LYS F 297 -14.05 -14.27 65.43
C LYS F 297 -14.72 -13.77 66.70
N ALA F 298 -15.89 -14.37 67.01
CA ALA F 298 -16.69 -14.11 68.22
C ALA F 298 -17.08 -12.64 68.38
N GLY F 299 -17.17 -11.92 67.26
CA GLY F 299 -17.39 -10.49 67.31
C GLY F 299 -16.22 -9.68 67.80
N GLN F 300 -15.04 -10.29 67.95
CA GLN F 300 -13.85 -9.60 68.44
C GLN F 300 -12.96 -9.08 67.33
N LYS F 301 -13.52 -8.64 66.22
CA LYS F 301 -12.72 -7.94 65.23
C LYS F 301 -13.13 -6.47 65.18
N CYS F 302 -12.14 -5.62 64.89
CA CYS F 302 -12.32 -4.17 64.92
C CYS F 302 -13.27 -3.67 63.84
N THR F 303 -13.46 -4.43 62.77
CA THR F 303 -14.35 -4.04 61.69
C THR F 303 -15.68 -4.80 61.72
N ALA F 304 -16.22 -5.05 62.91
CA ALA F 304 -17.46 -5.80 63.04
C ALA F 304 -18.66 -4.85 63.13
N ILE F 305 -19.78 -5.29 62.56
CA ILE F 305 -21.00 -4.49 62.52
C ILE F 305 -21.59 -4.38 63.91
N ARG F 306 -21.76 -3.16 64.41
CA ARG F 306 -22.27 -2.94 65.75
C ARG F 306 -23.46 -1.99 65.82
N ARG F 307 -23.87 -1.39 64.70
CA ARG F 307 -25.07 -0.55 64.64
C ARG F 307 -25.81 -0.89 63.35
N ILE F 308 -26.87 -1.68 63.46
CA ILE F 308 -27.68 -2.03 62.30
C ILE F 308 -28.77 -0.98 62.15
N ILE F 309 -28.69 -0.18 61.10
CA ILE F 309 -29.68 0.86 60.83
C ILE F 309 -30.63 0.33 59.76
N VAL F 310 -31.90 0.21 60.12
CA VAL F 310 -32.92 -0.33 59.23
C VAL F 310 -33.94 0.77 58.98
N PRO F 311 -34.76 0.65 57.93
CA PRO F 311 -35.93 1.52 57.82
C PRO F 311 -36.93 1.25 58.93
N GLN F 312 -37.80 2.24 59.16
CA GLN F 312 -38.77 2.17 60.25
C GLN F 312 -39.81 1.08 60.01
N ALA F 313 -40.19 0.87 58.74
CA ALA F 313 -41.18 -0.14 58.40
C ALA F 313 -40.59 -1.53 58.30
N LEU F 314 -39.27 -1.69 58.47
CA LEU F 314 -38.63 -3.00 58.38
C LEU F 314 -37.96 -3.40 59.69
N VAL F 315 -38.38 -2.82 60.81
CA VAL F 315 -37.78 -3.17 62.09
C VAL F 315 -38.23 -4.55 62.52
N ASN F 316 -39.50 -4.89 62.30
CA ASN F 316 -40.03 -6.18 62.72
C ASN F 316 -39.47 -7.31 61.88
N ALA F 317 -39.32 -7.09 60.56
CA ALA F 317 -38.84 -8.14 59.68
C ALA F 317 -37.36 -8.44 59.93
N VAL F 318 -36.53 -7.39 60.09
CA VAL F 318 -35.13 -7.59 60.41
C VAL F 318 -34.97 -8.18 61.82
N SER F 319 -35.77 -7.70 62.77
CA SER F 319 -35.67 -8.19 64.14
C SER F 319 -36.21 -9.60 64.31
N ASP F 320 -37.01 -10.09 63.36
CA ASP F 320 -37.39 -11.50 63.36
C ASP F 320 -36.40 -12.36 62.60
N ALA F 321 -35.86 -11.85 61.48
CA ALA F 321 -34.94 -12.65 60.68
C ALA F 321 -33.60 -12.82 61.38
N LEU F 322 -33.14 -11.80 62.11
CA LEU F 322 -31.89 -11.94 62.86
C LEU F 322 -32.04 -12.91 64.02
N VAL F 323 -33.21 -12.93 64.66
CA VAL F 323 -33.43 -13.91 65.72
C VAL F 323 -33.52 -15.32 65.14
N ALA F 324 -34.22 -15.48 64.01
CA ALA F 324 -34.36 -16.80 63.39
C ALA F 324 -33.06 -17.29 62.75
N ARG F 325 -32.11 -16.39 62.47
CA ARG F 325 -30.82 -16.81 61.95
C ARG F 325 -29.78 -17.01 63.06
N LEU F 326 -29.84 -16.21 64.12
CA LEU F 326 -28.82 -16.23 65.16
C LEU F 326 -29.05 -17.29 66.24
N GLN F 327 -30.26 -17.83 66.36
CA GLN F 327 -30.47 -18.92 67.30
C GLN F 327 -29.84 -20.24 66.84
N LYS F 328 -29.46 -20.34 65.57
CA LYS F 328 -28.72 -21.48 65.07
C LYS F 328 -27.24 -21.41 65.40
N VAL F 329 -26.75 -20.26 65.86
CA VAL F 329 -25.35 -20.09 66.20
C VAL F 329 -25.08 -20.76 67.54
N VAL F 330 -24.14 -21.70 67.55
CA VAL F 330 -23.85 -22.51 68.73
C VAL F 330 -22.55 -22.00 69.35
N VAL F 331 -22.62 -21.62 70.63
CA VAL F 331 -21.46 -21.15 71.37
C VAL F 331 -20.91 -22.33 72.17
N GLY F 332 -19.63 -22.64 71.95
CA GLY F 332 -19.04 -23.76 72.66
C GLY F 332 -17.58 -23.94 72.31
N ASP F 333 -17.12 -25.16 72.51
CA ASP F 333 -15.74 -25.50 72.16
C ASP F 333 -15.59 -25.57 70.65
N PRO F 334 -14.50 -25.03 70.10
CA PRO F 334 -14.34 -25.03 68.63
C PRO F 334 -13.99 -26.39 68.07
N ALA F 335 -13.32 -27.25 68.83
CA ALA F 335 -12.86 -28.52 68.30
C ALA F 335 -14.00 -29.53 68.13
N GLN F 336 -15.03 -29.45 68.98
CA GLN F 336 -16.16 -30.35 68.83
C GLN F 336 -17.06 -29.89 67.69
N GLU F 337 -17.81 -30.83 67.14
CA GLU F 337 -18.60 -30.56 65.95
C GLU F 337 -19.89 -29.81 66.30
N GLY F 338 -20.45 -29.14 65.29
CA GLY F 338 -21.70 -28.44 65.46
C GLY F 338 -21.60 -27.12 66.19
N VAL F 339 -20.42 -26.52 66.26
CA VAL F 339 -20.20 -25.27 66.98
C VAL F 339 -19.63 -24.26 66.00
N LYS F 340 -20.37 -23.16 65.79
CA LYS F 340 -19.97 -22.13 64.83
C LYS F 340 -19.14 -21.04 65.51
N MET F 341 -19.72 -20.35 66.50
CA MET F 341 -18.99 -19.33 67.24
C MET F 341 -18.09 -19.96 68.28
N GLY F 342 -16.86 -19.48 68.37
CA GLY F 342 -15.98 -19.87 69.45
C GLY F 342 -16.25 -19.10 70.72
N ALA F 343 -15.20 -18.65 71.39
CA ALA F 343 -15.35 -17.94 72.65
C ALA F 343 -14.52 -16.67 72.61
N LEU F 344 -14.50 -15.95 73.73
CA LEU F 344 -13.67 -14.78 73.88
C LEU F 344 -12.25 -15.23 74.26
N VAL F 345 -11.39 -14.30 74.67
CA VAL F 345 -10.02 -14.66 75.00
C VAL F 345 -9.76 -14.67 76.50
N ASN F 346 -10.50 -13.89 77.29
CA ASN F 346 -10.22 -13.78 78.72
C ASN F 346 -11.53 -13.60 79.48
N ALA F 347 -11.50 -13.97 80.75
CA ALA F 347 -12.63 -13.67 81.63
C ALA F 347 -12.75 -12.17 81.89
N GLU F 348 -11.63 -11.45 81.84
CA GLU F 348 -11.66 -10.00 81.94
C GLU F 348 -12.34 -9.39 80.72
N GLN F 349 -12.16 -10.00 79.55
CA GLN F 349 -12.87 -9.53 78.36
C GLN F 349 -14.36 -9.83 78.46
N ARG F 350 -14.74 -10.95 79.07
CA ARG F 350 -16.15 -11.25 79.30
C ARG F 350 -16.77 -10.24 80.26
N ALA F 351 -16.04 -9.89 81.32
CA ALA F 351 -16.52 -8.88 82.26
C ALA F 351 -16.63 -7.52 81.60
N ASP F 352 -15.68 -7.18 80.72
CA ASP F 352 -15.73 -5.90 80.02
C ASP F 352 -16.89 -5.83 79.04
N VAL F 353 -17.14 -6.92 78.30
CA VAL F 353 -18.26 -6.95 77.37
C VAL F 353 -19.58 -6.85 78.12
N GLN F 354 -19.72 -7.56 79.25
CA GLN F 354 -20.96 -7.48 79.99
C GLN F 354 -21.15 -6.12 80.67
N GLU F 355 -20.07 -5.48 81.11
CA GLU F 355 -20.25 -4.16 81.70
C GLU F 355 -20.40 -3.06 80.65
N LYS F 356 -20.09 -3.32 79.39
CA LYS F 356 -20.52 -2.40 78.34
C LYS F 356 -21.97 -2.66 77.94
N VAL F 357 -22.41 -3.91 77.98
CA VAL F 357 -23.81 -4.25 77.71
C VAL F 357 -24.72 -3.65 78.78
N ASN F 358 -24.26 -3.60 80.03
CA ASN F 358 -25.05 -2.97 81.08
C ASN F 358 -25.19 -1.46 80.87
N ILE F 359 -24.15 -0.82 80.33
CA ILE F 359 -24.23 0.60 79.99
C ILE F 359 -25.19 0.81 78.81
N LEU F 360 -25.15 -0.08 77.82
CA LEU F 360 -26.09 0.02 76.71
C LEU F 360 -27.53 -0.29 77.14
N LEU F 361 -27.71 -1.11 78.17
CA LEU F 361 -29.02 -1.39 78.73
C LEU F 361 -29.47 -0.34 79.73
N ALA F 362 -28.59 0.58 80.13
CA ALA F 362 -29.03 1.72 80.94
C ALA F 362 -29.88 2.70 80.14
N ALA F 363 -29.87 2.63 78.81
CA ALA F 363 -30.70 3.49 77.99
C ALA F 363 -31.31 2.79 76.77
N GLY F 364 -31.13 1.47 76.62
CA GLY F 364 -31.61 0.79 75.43
C GLY F 364 -32.76 -0.17 75.67
N CYS F 365 -32.72 -1.33 75.01
CA CYS F 365 -33.77 -2.33 75.11
C CYS F 365 -33.11 -3.70 74.94
N GLU F 366 -33.91 -4.73 74.68
CA GLU F 366 -33.37 -6.08 74.57
C GLU F 366 -34.24 -6.90 73.63
N ILE F 367 -33.60 -7.72 72.79
CA ILE F 367 -34.31 -8.60 71.86
C ILE F 367 -33.93 -10.05 72.13
N ARG F 368 -32.71 -10.28 72.59
CA ARG F 368 -32.18 -11.64 72.70
C ARG F 368 -31.44 -11.80 74.02
N LEU F 369 -30.59 -12.83 74.09
CA LEU F 369 -29.76 -13.09 75.25
C LEU F 369 -28.72 -11.99 75.40
N GLY F 370 -28.90 -11.13 76.39
CA GLY F 370 -28.01 -10.03 76.61
C GLY F 370 -27.04 -10.25 77.75
N GLY F 371 -27.36 -9.69 78.92
CA GLY F 371 -26.53 -9.82 80.11
C GLY F 371 -26.45 -11.20 80.71
N GLN F 372 -27.15 -12.19 80.17
CA GLN F 372 -27.02 -13.57 80.60
C GLN F 372 -25.65 -14.09 80.18
N ALA F 373 -24.73 -14.14 81.14
CA ALA F 373 -23.39 -14.67 80.89
C ALA F 373 -22.87 -15.23 82.20
N ASP F 374 -22.60 -16.53 82.22
CA ASP F 374 -22.15 -17.20 83.45
C ASP F 374 -20.71 -16.79 83.73
N LEU F 375 -20.53 -15.92 84.72
CA LEU F 375 -19.23 -15.33 85.04
C LEU F 375 -18.31 -16.29 85.79
N SER F 376 -18.77 -17.49 86.14
CA SER F 376 -17.92 -18.50 86.77
C SER F 376 -17.73 -19.70 85.86
N ALA F 377 -18.05 -19.57 84.58
CA ALA F 377 -17.90 -20.68 83.65
C ALA F 377 -16.44 -20.91 83.31
N ALA F 378 -16.10 -22.19 83.13
CA ALA F 378 -14.75 -22.58 82.70
C ALA F 378 -14.61 -22.27 81.22
N GLY F 379 -14.29 -21.02 80.93
CA GLY F 379 -14.22 -20.55 79.56
C GLY F 379 -14.85 -19.19 79.38
N ALA F 380 -14.30 -18.38 78.47
CA ALA F 380 -14.78 -17.02 78.26
C ALA F 380 -15.87 -17.02 77.19
N PHE F 381 -17.03 -17.54 77.56
CA PHE F 381 -18.16 -17.66 76.66
C PHE F 381 -19.04 -16.42 76.74
N PHE F 382 -19.68 -16.09 75.62
CA PHE F 382 -20.62 -15.00 75.62
C PHE F 382 -21.62 -15.26 74.50
N PRO F 383 -22.92 -15.17 74.76
CA PRO F 383 -23.91 -15.50 73.73
C PRO F 383 -24.04 -14.37 72.72
N PRO F 384 -24.49 -14.67 71.50
CA PRO F 384 -24.70 -13.62 70.50
C PRO F 384 -25.85 -12.71 70.92
N THR F 385 -25.56 -11.43 71.09
CA THR F 385 -26.49 -10.47 71.64
C THR F 385 -26.95 -9.50 70.56
N LEU F 386 -28.25 -9.35 70.40
CA LEU F 386 -28.84 -8.36 69.49
C LEU F 386 -29.67 -7.38 70.33
N LEU F 387 -29.21 -6.15 70.43
CA LEU F 387 -29.89 -5.15 71.24
C LEU F 387 -30.95 -4.44 70.41
N TYR F 388 -31.50 -3.36 70.97
CA TYR F 388 -32.48 -2.53 70.28
C TYR F 388 -32.47 -1.15 70.93
N CYS F 389 -32.71 -0.13 70.11
CA CYS F 389 -32.83 1.23 70.61
C CYS F 389 -34.02 1.92 69.95
N PRO F 390 -35.11 2.14 70.68
CA PRO F 390 -36.30 2.75 70.05
C PRO F 390 -36.15 4.22 69.75
N GLN F 391 -35.31 4.94 70.51
CA GLN F 391 -35.05 6.36 70.28
C GLN F 391 -33.58 6.50 69.89
N PRO F 392 -33.25 6.37 68.60
CA PRO F 392 -31.82 6.32 68.23
C PRO F 392 -31.12 7.66 68.31
N ASP F 393 -31.79 8.77 67.96
CA ASP F 393 -31.12 10.06 67.99
C ASP F 393 -31.11 10.68 69.38
N GLU F 394 -32.07 10.32 70.23
CA GLU F 394 -32.19 10.86 71.57
C GLU F 394 -31.41 10.05 72.61
N THR F 395 -30.55 9.14 72.18
CA THR F 395 -29.76 8.30 73.08
C THR F 395 -28.30 8.45 72.74
N PRO F 396 -27.55 9.26 73.50
CA PRO F 396 -26.11 9.42 73.23
C PRO F 396 -25.22 8.33 73.80
N ALA F 397 -25.78 7.23 74.28
CA ALA F 397 -24.98 6.10 74.75
C ALA F 397 -24.83 5.00 73.71
N VAL F 398 -25.75 4.93 72.74
CA VAL F 398 -25.61 3.96 71.65
C VAL F 398 -24.45 4.36 70.74
N HIS F 399 -24.34 5.65 70.45
CA HIS F 399 -23.31 6.16 69.54
C HIS F 399 -22.00 6.46 70.24
N ALA F 400 -21.83 6.05 71.50
CA ALA F 400 -20.59 6.33 72.21
C ALA F 400 -20.00 5.09 72.85
N THR F 401 -20.84 4.15 73.27
CA THR F 401 -20.39 2.99 74.02
C THR F 401 -20.38 1.78 73.10
N GLU F 402 -19.19 1.26 72.83
CA GLU F 402 -19.04 0.03 72.08
C GLU F 402 -18.98 -1.16 73.04
N ALA F 403 -19.45 -2.31 72.57
CA ALA F 403 -19.38 -3.56 73.31
C ALA F 403 -18.61 -4.54 72.45
N PHE F 404 -17.36 -4.84 72.83
CA PHE F 404 -16.42 -5.49 71.92
C PHE F 404 -16.59 -7.01 72.01
N GLY F 405 -17.73 -7.46 71.50
CA GLY F 405 -18.04 -8.87 71.45
C GLY F 405 -19.06 -9.15 70.37
N PRO F 406 -19.97 -10.10 70.64
CA PRO F 406 -21.03 -10.41 69.66
C PRO F 406 -22.22 -9.46 69.75
N VAL F 407 -22.05 -8.31 70.38
CA VAL F 407 -23.14 -7.40 70.69
C VAL F 407 -23.28 -6.38 69.57
N ALA F 408 -24.51 -6.18 69.11
CA ALA F 408 -24.78 -5.17 68.09
C ALA F 408 -26.19 -4.65 68.28
N THR F 409 -26.33 -3.34 68.27
CA THR F 409 -27.62 -2.71 68.47
C THR F 409 -28.40 -2.67 67.17
N LEU F 410 -29.67 -2.30 67.27
CA LEU F 410 -30.55 -2.16 66.11
C LEU F 410 -31.45 -0.96 66.34
N MET F 411 -31.66 -0.16 65.28
CA MET F 411 -32.36 1.10 65.45
C MET F 411 -32.93 1.56 64.12
N PRO F 412 -34.11 2.19 64.11
CA PRO F 412 -34.75 2.56 62.84
C PRO F 412 -34.27 3.90 62.31
N ALA F 413 -34.71 4.21 61.10
CA ALA F 413 -34.38 5.46 60.43
C ALA F 413 -35.62 5.98 59.70
N GLN F 414 -35.47 7.13 59.03
CA GLN F 414 -36.57 7.78 58.32
C GLN F 414 -36.14 8.18 56.90
N ASN F 415 -36.25 7.21 55.98
CA ASN F 415 -36.23 7.43 54.52
C ASN F 415 -34.91 8.03 54.04
N GLN F 416 -33.80 7.36 54.38
CA GLN F 416 -32.45 7.59 53.84
C GLN F 416 -31.92 9.00 54.03
N ARG F 417 -32.45 9.75 54.99
CA ARG F 417 -31.86 10.99 55.44
C ARG F 417 -31.60 11.01 56.93
N HIS F 418 -32.37 10.24 57.71
CA HIS F 418 -32.03 9.98 59.08
C HIS F 418 -31.02 8.85 59.18
N ALA F 419 -31.02 7.94 58.20
CA ALA F 419 -30.05 6.86 58.16
C ALA F 419 -28.63 7.39 57.94
N LEU F 420 -28.50 8.44 57.12
CA LEU F 420 -27.21 9.07 56.91
C LEU F 420 -26.71 9.75 58.18
N GLN F 421 -27.61 10.39 58.91
CA GLN F 421 -27.23 11.05 60.15
C GLN F 421 -26.87 10.04 61.23
N LEU F 422 -27.57 8.91 61.27
CA LEU F 422 -27.23 7.87 62.24
C LEU F 422 -25.94 7.14 61.87
N ALA F 423 -25.62 7.06 60.58
CA ALA F 423 -24.34 6.50 60.17
C ALA F 423 -23.19 7.45 60.42
N CYS F 424 -23.42 8.76 60.32
CA CYS F 424 -22.38 9.73 60.61
C CYS F 424 -22.24 10.06 62.09
N ALA F 425 -23.25 9.74 62.90
CA ALA F 425 -23.24 10.11 64.31
C ALA F 425 -22.39 9.19 65.18
N GLY F 426 -21.68 8.23 64.60
CA GLY F 426 -20.79 7.37 65.37
C GLY F 426 -19.50 8.03 65.81
N GLY F 427 -19.23 9.25 65.35
CA GLY F 427 -17.99 9.92 65.69
C GLY F 427 -16.79 9.40 64.94
N GLY F 428 -16.99 8.94 63.71
CA GLY F 428 -15.92 8.31 62.96
C GLY F 428 -15.95 6.81 63.13
N SER F 429 -15.86 6.07 62.03
CA SER F 429 -16.02 4.63 62.08
C SER F 429 -14.93 3.98 61.24
N LEU F 430 -14.70 2.70 61.50
CA LEU F 430 -13.60 2.00 60.84
C LEU F 430 -14.06 1.37 59.53
N ALA F 431 -15.35 1.02 59.45
CA ALA F 431 -15.93 0.43 58.25
C ALA F 431 -17.43 0.63 58.28
N GLY F 432 -18.08 0.37 57.14
CA GLY F 432 -19.52 0.49 57.01
C GLY F 432 -20.04 -0.40 55.91
N THR F 433 -21.37 -0.42 55.77
CA THR F 433 -22.03 -1.21 54.73
C THR F 433 -23.35 -0.56 54.37
N LEU F 434 -23.61 -0.41 53.08
CA LEU F 434 -24.92 -0.09 52.58
C LEU F 434 -25.42 -1.24 51.71
N VAL F 435 -26.63 -1.70 51.97
CA VAL F 435 -27.23 -2.79 51.22
C VAL F 435 -28.39 -2.19 50.42
N THR F 436 -28.12 -1.87 49.16
CA THR F 436 -29.13 -1.36 48.24
C THR F 436 -28.95 -2.01 46.88
N ALA F 437 -29.99 -1.88 46.05
CA ALA F 437 -29.90 -2.20 44.63
C ALA F 437 -29.98 -0.96 43.75
N ASP F 438 -30.46 0.16 44.28
CA ASP F 438 -30.53 1.41 43.53
C ASP F 438 -29.16 2.06 43.53
N PRO F 439 -28.56 2.33 42.36
CA PRO F 439 -27.24 2.96 42.34
C PRO F 439 -27.23 4.45 42.66
N GLN F 440 -28.38 5.08 42.87
CA GLN F 440 -28.43 6.49 43.26
C GLN F 440 -28.50 6.69 44.76
N ILE F 441 -28.96 5.68 45.51
CA ILE F 441 -28.91 5.75 46.97
C ILE F 441 -27.46 5.67 47.44
N ALA F 442 -26.65 4.83 46.78
CA ALA F 442 -25.25 4.68 47.14
C ALA F 442 -24.45 5.94 46.85
N ARG F 443 -24.85 6.71 45.84
CA ARG F 443 -24.18 7.97 45.53
C ARG F 443 -24.31 8.96 46.69
N GLN F 444 -25.53 9.10 47.22
CA GLN F 444 -25.77 9.97 48.36
C GLN F 444 -25.10 9.43 49.62
N PHE F 445 -25.10 8.11 49.79
CA PHE F 445 -24.52 7.52 51.00
C PHE F 445 -23.00 7.67 51.03
N ILE F 446 -22.33 7.53 49.89
CA ILE F 446 -20.89 7.78 49.87
C ILE F 446 -20.61 9.27 49.94
N ALA F 447 -21.46 10.10 49.31
CA ALA F 447 -21.23 11.53 49.29
C ALA F 447 -21.45 12.19 50.65
N ASP F 448 -22.19 11.54 51.56
CA ASP F 448 -22.41 12.12 52.87
C ASP F 448 -21.82 11.34 54.04
N ALA F 449 -21.59 10.03 53.91
CA ALA F 449 -21.14 9.22 55.03
C ALA F 449 -19.83 8.49 54.74
N ALA F 450 -18.97 9.08 53.93
CA ALA F 450 -17.59 8.64 53.83
C ALA F 450 -16.63 9.60 54.51
N ARG F 451 -17.16 10.66 55.12
CA ARG F 451 -16.35 11.57 55.91
C ARG F 451 -15.96 10.94 57.23
N THR F 452 -16.78 10.01 57.72
CA THR F 452 -16.58 9.37 58.99
C THR F 452 -16.13 7.92 58.87
N HIS F 453 -16.33 7.29 57.71
CA HIS F 453 -15.94 5.91 57.50
C HIS F 453 -14.65 5.83 56.72
N GLY F 454 -14.02 4.66 56.79
CA GLY F 454 -12.74 4.47 56.14
C GLY F 454 -12.78 3.40 55.07
N ARG F 455 -13.81 2.55 55.11
CA ARG F 455 -13.96 1.49 54.12
C ARG F 455 -15.43 1.11 54.07
N ILE F 456 -16.13 1.57 53.04
CA ILE F 456 -17.55 1.32 52.89
C ILE F 456 -17.76 0.24 51.84
N GLN F 457 -18.49 -0.80 52.20
CA GLN F 457 -18.82 -1.88 51.28
C GLN F 457 -20.27 -1.75 50.85
N ILE F 458 -20.49 -1.32 49.62
CA ILE F 458 -21.85 -1.29 49.07
C ILE F 458 -22.16 -2.70 48.60
N LEU F 459 -23.18 -3.31 49.17
CA LEU F 459 -23.43 -4.73 49.01
C LEU F 459 -24.75 -4.95 48.28
N ASN F 460 -24.73 -5.82 47.28
CA ASN F 460 -25.95 -6.21 46.57
C ASN F 460 -25.80 -7.66 46.10
N GLU F 461 -26.67 -8.07 45.19
CA GLU F 461 -26.69 -9.45 44.73
C GLU F 461 -25.49 -9.77 43.85
N GLU F 462 -25.00 -8.79 43.09
CA GLU F 462 -23.84 -9.01 42.25
C GLU F 462 -22.53 -8.98 43.05
N SER F 463 -22.50 -8.21 44.13
CA SER F 463 -21.27 -8.10 44.92
C SER F 463 -21.09 -9.28 45.88
N ALA F 464 -22.20 -9.77 46.44
CA ALA F 464 -22.12 -10.77 47.51
C ALA F 464 -21.77 -12.17 47.03
N LYS F 465 -21.57 -12.38 45.73
CA LYS F 465 -21.15 -13.69 45.25
C LYS F 465 -19.70 -13.97 45.63
N GLU F 466 -18.78 -13.11 45.19
CA GLU F 466 -17.36 -13.27 45.47
C GLU F 466 -16.83 -12.17 46.38
N SER F 467 -17.66 -11.67 47.28
CA SER F 467 -17.22 -10.67 48.24
C SER F 467 -16.31 -11.29 49.29
N THR F 468 -15.34 -10.49 49.76
CA THR F 468 -14.49 -10.91 50.85
C THR F 468 -15.12 -10.65 52.22
N GLY F 469 -16.16 -9.83 52.27
CA GLY F 469 -16.88 -9.57 53.50
C GLY F 469 -16.59 -8.19 54.05
N HIS F 470 -17.23 -7.91 55.18
CA HIS F 470 -17.08 -6.65 55.88
C HIS F 470 -15.98 -6.68 56.93
N GLY F 471 -15.63 -7.87 57.42
CA GLY F 471 -14.59 -7.98 58.41
C GLY F 471 -13.30 -8.58 57.91
N SER F 472 -13.03 -8.40 56.62
CA SER F 472 -11.77 -8.81 56.00
C SER F 472 -11.06 -7.55 55.53
N PRO F 473 -10.16 -6.98 56.33
CA PRO F 473 -9.36 -5.85 55.85
C PRO F 473 -8.39 -6.30 54.78
N LEU F 474 -8.59 -5.80 53.56
CA LEU F 474 -7.78 -6.21 52.43
C LEU F 474 -6.36 -5.65 52.58
N PRO F 475 -5.35 -6.36 52.08
CA PRO F 475 -3.98 -5.86 52.14
C PRO F 475 -3.66 -4.76 51.14
N GLN F 476 -4.64 -4.30 50.37
CA GLN F 476 -4.46 -3.25 49.37
C GLN F 476 -5.62 -2.27 49.40
N LEU F 477 -6.25 -2.11 50.57
CA LEU F 477 -7.26 -1.10 50.80
C LEU F 477 -6.96 -0.42 52.12
N VAL F 478 -7.35 0.85 52.23
CA VAL F 478 -7.04 1.66 53.41
C VAL F 478 -7.84 1.16 54.60
N HIS F 479 -7.14 0.70 55.62
CA HIS F 479 -7.72 0.20 56.86
C HIS F 479 -7.45 1.22 57.95
N GLY F 480 -8.45 2.06 58.20
CA GLY F 480 -8.30 3.12 59.18
C GLY F 480 -9.25 4.25 58.91
N GLY F 481 -9.91 4.74 59.95
CA GLY F 481 -10.88 5.79 59.80
C GLY F 481 -10.61 6.95 60.73
N PRO F 482 -11.37 8.03 60.60
CA PRO F 482 -11.13 9.22 61.41
C PRO F 482 -11.85 9.15 62.75
N GLY F 483 -11.58 10.15 63.59
CA GLY F 483 -12.29 10.32 64.83
C GLY F 483 -12.03 9.26 65.88
N ARG F 484 -13.05 8.44 66.15
CA ARG F 484 -12.91 7.41 67.16
C ARG F 484 -12.06 6.25 66.67
N ALA F 485 -12.02 6.03 65.35
CA ALA F 485 -11.21 4.96 64.79
C ALA F 485 -9.71 5.25 64.86
N GLY F 486 -9.32 6.49 65.11
CA GLY F 486 -7.92 6.80 65.35
C GLY F 486 -7.32 7.85 64.45
N GLY F 487 -7.68 7.83 63.17
CA GLY F 487 -7.12 8.77 62.23
C GLY F 487 -6.01 8.16 61.40
N GLY F 488 -5.20 7.32 62.02
CA GLY F 488 -4.07 6.72 61.33
C GLY F 488 -4.50 5.60 60.41
N GLU F 489 -4.08 5.69 59.15
CA GLU F 489 -4.49 4.75 58.11
C GLU F 489 -3.41 3.69 57.90
N GLU F 490 -3.84 2.50 57.51
CA GLU F 490 -2.95 1.38 57.27
C GLU F 490 -3.34 0.69 55.97
N LEU F 491 -2.42 -0.14 55.47
CA LEU F 491 -2.66 -1.11 54.39
C LEU F 491 -3.06 -0.48 53.07
N GLY F 492 -2.67 0.76 52.82
CA GLY F 492 -3.20 1.47 51.67
C GLY F 492 -2.61 1.11 50.32
N GLY F 493 -2.19 -0.13 50.13
CA GLY F 493 -1.45 -0.51 48.94
C GLY F 493 0.00 -0.16 49.14
N LEU F 494 0.51 0.78 48.35
CA LEU F 494 1.83 1.34 48.59
C LEU F 494 1.77 2.59 49.44
N ARG F 495 0.59 2.97 49.92
CA ARG F 495 0.49 4.04 50.89
C ARG F 495 0.96 3.61 52.26
N ALA F 496 1.04 2.30 52.52
CA ALA F 496 1.49 1.83 53.81
C ALA F 496 3.01 1.88 53.93
N VAL F 497 3.74 1.66 52.83
CA VAL F 497 5.20 1.77 52.89
C VAL F 497 5.67 3.21 52.88
N LYS F 498 4.78 4.17 52.62
CA LYS F 498 5.15 5.58 52.63
C LYS F 498 5.07 6.20 54.02
N HIS F 499 4.54 5.49 55.00
CA HIS F 499 4.62 5.94 56.38
C HIS F 499 5.96 5.63 57.01
N TYR F 500 6.76 4.76 56.39
CA TYR F 500 8.05 4.37 56.90
C TYR F 500 9.19 4.97 56.10
N MET F 501 8.89 6.00 55.30
CA MET F 501 9.87 6.66 54.46
C MET F 501 9.78 8.16 54.68
N GLN F 502 10.83 8.85 54.26
CA GLN F 502 10.89 10.30 54.35
C GLN F 502 10.82 10.89 52.94
N ARG F 503 9.82 11.71 52.69
CA ARG F 503 9.57 12.27 51.37
C ARG F 503 10.38 13.56 51.22
N THR F 504 11.36 13.54 50.32
CA THR F 504 12.28 14.64 50.12
C THR F 504 12.12 15.18 48.71
N ALA F 505 11.85 16.48 48.59
CA ALA F 505 11.75 17.13 47.29
C ALA F 505 13.15 17.57 46.88
N VAL F 506 13.84 16.72 46.12
CA VAL F 506 15.22 16.99 45.74
C VAL F 506 15.22 17.91 44.52
N GLN F 507 15.73 19.12 44.69
CA GLN F 507 15.84 20.07 43.60
C GLN F 507 17.17 19.86 42.86
N GLY F 508 17.44 20.71 41.88
CA GLY F 508 18.69 20.66 41.15
C GLY F 508 18.47 20.50 39.66
N SER F 509 19.59 20.42 38.94
CA SER F 509 19.55 20.27 37.50
C SER F 509 19.07 18.86 37.13
N PRO F 510 18.46 18.69 35.95
CA PRO F 510 18.00 17.34 35.56
C PRO F 510 19.13 16.35 35.35
N THR F 511 20.31 16.80 34.92
CA THR F 511 21.46 15.92 34.82
C THR F 511 22.03 15.53 36.18
N MET F 512 21.60 16.19 37.25
CA MET F 512 21.95 15.80 38.60
C MET F 512 20.89 14.90 39.21
N LEU F 513 19.61 15.19 38.94
CA LEU F 513 18.53 14.32 39.39
C LEU F 513 18.59 12.96 38.71
N ALA F 514 19.15 12.89 37.50
CA ALA F 514 19.33 11.62 36.82
C ALA F 514 20.32 10.73 37.53
N ALA F 515 21.37 11.32 38.12
CA ALA F 515 22.33 10.51 38.85
C ALA F 515 21.88 10.25 40.28
N ILE F 516 21.07 11.14 40.85
CA ILE F 516 20.53 10.90 42.19
C ILE F 516 19.51 9.78 42.16
N SER F 517 18.57 9.83 41.22
CA SER F 517 17.49 8.85 41.18
C SER F 517 17.86 7.58 40.44
N LYS F 518 19.07 7.53 39.85
CA LYS F 518 19.51 6.44 38.96
C LYS F 518 18.51 6.20 37.82
N GLN F 519 17.98 7.28 37.28
CA GLN F 519 17.04 7.23 36.17
C GLN F 519 17.46 8.29 35.15
N TRP F 520 16.56 8.60 34.22
CA TRP F 520 16.74 9.69 33.30
C TRP F 520 15.61 10.68 33.53
N VAL F 521 15.86 11.97 33.32
CA VAL F 521 14.87 12.93 33.81
C VAL F 521 14.15 13.66 32.68
N ARG F 522 14.78 14.66 32.04
CA ARG F 522 14.23 15.21 30.80
C ARG F 522 15.34 15.72 29.90
N GLY F 523 16.42 16.21 30.53
CA GLY F 523 17.45 16.93 29.81
C GLY F 523 18.82 16.58 30.34
N ALA F 524 18.96 15.35 30.82
CA ALA F 524 20.22 14.91 31.39
C ALA F 524 21.27 14.69 30.30
N LYS F 525 22.51 14.59 30.73
CA LYS F 525 23.56 14.21 29.80
C LYS F 525 23.38 12.76 29.38
N VAL F 526 23.75 12.48 28.14
CA VAL F 526 23.43 11.20 27.51
C VAL F 526 24.73 10.48 27.18
N GLU F 527 24.61 9.18 26.93
CA GLU F 527 25.75 8.32 26.64
C GLU F 527 25.48 7.67 25.29
N GLU F 528 25.80 8.37 24.22
CA GLU F 528 25.65 7.86 22.86
C GLU F 528 26.95 7.18 22.46
N ASP F 529 26.91 5.86 22.30
CA ASP F 529 28.12 5.07 22.17
C ASP F 529 28.10 4.16 20.95
N ARG F 530 27.63 4.69 19.80
CA ARG F 530 27.92 4.21 18.45
C ARG F 530 27.22 2.87 18.12
N ILE F 531 26.61 2.21 19.11
CA ILE F 531 25.85 1.00 18.85
C ILE F 531 24.41 1.23 19.30
N HIS F 532 23.57 0.27 19.08
CA HIS F 532 22.13 0.43 19.31
C HIS F 532 21.78 -0.03 20.72
N PRO F 533 21.07 0.78 21.51
CA PRO F 533 20.68 0.34 22.86
C PRO F 533 19.77 -0.86 22.93
N PHE F 534 19.08 -1.22 21.84
CA PHE F 534 18.34 -2.48 21.86
C PHE F 534 19.24 -3.70 21.69
N ARG F 535 20.50 -3.50 21.31
CA ARG F 535 21.45 -4.60 21.22
C ARG F 535 22.14 -4.90 22.54
N LYS F 536 22.18 -3.94 23.46
CA LYS F 536 22.76 -4.18 24.77
C LYS F 536 21.86 -5.11 25.58
N TYR F 537 22.49 -5.91 26.44
CA TYR F 537 21.75 -6.74 27.38
C TYR F 537 21.31 -5.89 28.56
N PHE F 538 20.75 -6.53 29.59
CA PHE F 538 20.21 -5.77 30.72
C PHE F 538 21.32 -5.20 31.58
N GLU F 539 22.31 -6.01 31.94
CA GLU F 539 23.34 -5.59 32.88
C GLU F 539 24.32 -4.58 32.30
N GLU F 540 24.27 -4.32 30.99
CA GLU F 540 25.12 -3.32 30.37
C GLU F 540 24.35 -2.11 29.85
N LEU F 541 23.06 -2.02 30.15
CA LEU F 541 22.30 -0.79 29.95
C LEU F 541 22.44 0.10 31.16
N GLN F 542 22.60 1.39 30.92
CA GLN F 542 22.52 2.38 31.96
C GLN F 542 21.42 3.38 31.63
N PRO F 543 20.76 3.96 32.63
CA PRO F 543 19.78 5.01 32.34
C PRO F 543 20.44 6.25 31.79
N GLY F 544 20.21 6.52 30.50
CA GLY F 544 20.87 7.61 29.83
C GLY F 544 21.52 7.17 28.53
N ASP F 545 21.42 5.87 28.23
CA ASP F 545 21.99 5.31 27.00
C ASP F 545 21.09 5.73 25.85
N SER F 546 21.39 6.87 25.26
CA SER F 546 20.51 7.49 24.30
C SER F 546 20.67 6.88 22.90
N LEU F 547 19.92 7.45 21.97
CA LEU F 547 19.94 7.04 20.57
C LEU F 547 19.32 8.16 19.75
N LEU F 548 20.03 8.62 18.74
CA LEU F 548 19.52 9.66 17.85
C LEU F 548 19.25 9.00 16.50
N THR F 549 17.99 8.72 16.23
CA THR F 549 17.55 7.97 15.06
C THR F 549 17.64 8.84 13.81
N PRO F 550 17.70 8.21 12.63
CA PRO F 550 17.60 9.00 11.39
C PRO F 550 16.21 9.61 11.22
N ARG F 551 16.17 10.61 10.35
CA ARG F 551 14.94 11.37 10.16
C ARG F 551 14.00 10.64 9.19
N ARG F 552 12.73 11.03 9.25
CA ARG F 552 11.74 10.59 8.28
C ARG F 552 10.80 11.75 8.02
N THR F 553 10.57 12.07 6.75
CA THR F 553 9.76 13.22 6.38
C THR F 553 8.30 12.82 6.31
N MET F 554 7.46 13.49 7.07
CA MET F 554 6.02 13.27 7.00
C MET F 554 5.45 13.98 5.79
N THR F 555 4.79 13.23 4.93
CA THR F 555 4.23 13.76 3.70
C THR F 555 2.75 13.45 3.64
N GLU F 556 2.12 13.91 2.55
CA GLU F 556 0.69 13.68 2.36
C GLU F 556 0.42 12.21 2.03
N ALA F 557 1.35 11.55 1.34
CA ALA F 557 1.22 10.13 1.05
C ALA F 557 1.27 9.29 2.31
N ASP F 558 2.02 9.74 3.33
CA ASP F 558 2.04 9.05 4.61
C ASP F 558 0.69 9.13 5.31
N ILE F 559 0.07 10.32 5.30
CA ILE F 559 -1.26 10.50 5.87
C ILE F 559 -2.28 9.63 5.15
N VAL F 560 -2.19 9.58 3.83
CA VAL F 560 -3.14 8.82 3.02
C VAL F 560 -2.99 7.32 3.27
N ASN F 561 -1.75 6.81 3.23
CA ASN F 561 -1.53 5.39 3.44
C ASN F 561 -1.86 4.96 4.86
N PHE F 562 -1.63 5.83 5.86
CA PHE F 562 -1.97 5.41 7.21
C PHE F 562 -3.48 5.48 7.47
N ALA F 563 -4.17 6.48 6.92
CA ALA F 563 -5.60 6.56 7.10
C ALA F 563 -6.31 5.47 6.30
N CYS F 564 -5.69 5.00 5.21
CA CYS F 564 -6.21 3.83 4.53
C CYS F 564 -5.98 2.58 5.36
N LEU F 565 -4.76 2.39 5.86
CA LEU F 565 -4.39 1.13 6.49
C LEU F 565 -5.09 0.92 7.82
N SER F 566 -5.10 1.94 8.68
CA SER F 566 -5.82 1.82 9.95
C SER F 566 -7.32 1.89 9.72
N GLY F 567 -7.78 2.90 8.99
CA GLY F 567 -9.19 3.18 8.84
C GLY F 567 -9.63 4.45 9.51
N ASP F 568 -8.71 5.17 10.15
CA ASP F 568 -8.99 6.42 10.83
C ASP F 568 -9.12 7.51 9.78
N HIS F 569 -10.36 7.77 9.35
CA HIS F 569 -10.65 8.78 8.35
C HIS F 569 -11.15 10.07 8.97
N PHE F 570 -10.57 10.46 10.11
CA PHE F 570 -10.97 11.64 10.86
C PHE F 570 -10.75 12.89 10.03
N TYR F 571 -11.63 13.89 10.21
CA TYR F 571 -11.72 15.01 9.28
C TYR F 571 -10.50 15.93 9.33
N ALA F 572 -9.77 15.94 10.43
CA ALA F 572 -8.54 16.72 10.52
C ALA F 572 -7.37 16.08 9.78
N HIS F 573 -7.57 14.89 9.22
CA HIS F 573 -6.51 14.18 8.51
C HIS F 573 -6.85 13.94 7.05
N MET F 574 -8.08 13.55 6.73
CA MET F 574 -8.51 13.29 5.37
C MET F 574 -9.16 14.49 4.69
N ASP F 575 -10.08 15.17 5.35
CA ASP F 575 -10.79 16.27 4.73
C ASP F 575 -9.90 17.51 4.64
N LYS F 576 -9.96 18.18 3.49
CA LYS F 576 -9.22 19.41 3.27
C LYS F 576 -10.00 20.65 3.68
N ILE F 577 -11.32 20.63 3.53
CA ILE F 577 -12.14 21.79 3.87
C ILE F 577 -12.25 21.96 5.38
N ALA F 578 -12.65 20.89 6.08
CA ALA F 578 -12.87 20.96 7.51
C ALA F 578 -11.58 21.11 8.30
N ALA F 579 -10.45 20.66 7.75
CA ALA F 579 -9.18 20.91 8.40
C ALA F 579 -8.75 22.37 8.25
N ALA F 580 -9.24 23.06 7.23
CA ALA F 580 -9.00 24.48 7.09
C ALA F 580 -9.90 25.33 7.99
N GLU F 581 -10.86 24.71 8.67
CA GLU F 581 -11.73 25.40 9.60
C GLU F 581 -11.58 24.92 11.03
N SER F 582 -10.70 23.95 11.28
CA SER F 582 -10.51 23.40 12.61
C SER F 582 -9.41 24.18 13.34
N ILE F 583 -8.96 23.65 14.48
CA ILE F 583 -7.99 24.35 15.30
C ILE F 583 -6.57 24.24 14.72
N PHE F 584 -6.33 23.26 13.84
CA PHE F 584 -4.97 23.02 13.37
C PHE F 584 -4.59 23.99 12.26
N GLY F 585 -5.49 24.20 11.30
CA GLY F 585 -5.20 25.08 10.18
C GLY F 585 -5.21 24.36 8.85
N GLU F 586 -4.66 23.14 8.82
CA GLU F 586 -4.68 22.31 7.63
C GLU F 586 -4.70 20.85 8.07
N ARG F 587 -4.57 19.95 7.10
CA ARG F 587 -4.49 18.53 7.40
C ARG F 587 -3.19 18.22 8.13
N VAL F 588 -3.30 17.42 9.20
CA VAL F 588 -2.15 17.04 9.99
C VAL F 588 -1.95 15.55 9.90
N VAL F 589 -0.72 15.11 10.20
CA VAL F 589 -0.41 13.69 10.26
C VAL F 589 -1.09 13.11 11.49
N HIS F 590 -1.55 11.86 11.39
CA HIS F 590 -2.10 11.13 12.52
C HIS F 590 -1.09 11.06 13.65
N GLY F 591 -1.58 11.20 14.88
CA GLY F 591 -0.71 11.03 16.03
C GLY F 591 -0.22 9.59 16.16
N TYR F 592 -1.09 8.63 15.85
CA TYR F 592 -0.69 7.24 15.89
C TYR F 592 0.30 6.91 14.79
N PHE F 593 0.30 7.65 13.68
CA PHE F 593 1.34 7.42 12.69
C PHE F 593 2.67 8.05 13.11
N VAL F 594 2.64 9.14 13.87
CA VAL F 594 3.87 9.66 14.47
C VAL F 594 4.44 8.64 15.44
N LEU F 595 3.57 8.02 16.25
CA LEU F 595 3.97 6.94 17.15
C LEU F 595 4.54 5.74 16.40
N SER F 596 3.86 5.34 15.32
CA SER F 596 4.26 4.14 14.59
C SER F 596 5.53 4.36 13.79
N ALA F 597 5.71 5.54 13.19
CA ALA F 597 6.94 5.83 12.47
C ALA F 597 8.09 6.06 13.42
N ALA F 598 7.82 6.57 14.63
CA ALA F 598 8.85 6.62 15.67
C ALA F 598 9.35 5.21 16.00
N ALA F 599 8.42 4.30 16.28
CA ALA F 599 8.78 2.90 16.54
C ALA F 599 9.41 2.24 15.33
N GLY F 600 9.10 2.72 14.12
CA GLY F 600 9.83 2.25 12.96
C GLY F 600 11.27 2.75 12.93
N LEU F 601 11.50 3.93 13.52
CA LEU F 601 12.86 4.48 13.51
C LEU F 601 13.75 3.85 14.58
N PHE F 602 13.28 3.68 15.82
CA PHE F 602 14.24 3.29 16.85
C PHE F 602 14.34 1.78 17.09
N VAL F 603 13.57 0.94 16.42
CA VAL F 603 13.55 -0.49 16.73
C VAL F 603 14.55 -1.23 15.83
N ASP F 604 15.42 -2.02 16.46
CA ASP F 604 16.30 -2.92 15.73
C ASP F 604 15.47 -4.04 15.09
N ALA F 605 15.70 -4.28 13.81
CA ALA F 605 14.97 -5.33 13.12
C ALA F 605 15.48 -6.72 13.46
N GLY F 606 16.68 -6.82 14.04
CA GLY F 606 17.31 -8.10 14.28
C GLY F 606 16.84 -8.77 15.56
N VAL F 607 17.42 -9.93 15.83
CA VAL F 607 17.17 -10.67 17.05
C VAL F 607 18.14 -10.16 18.12
N GLY F 608 17.60 -9.77 19.27
CA GLY F 608 18.41 -9.21 20.32
C GLY F 608 17.89 -9.51 21.71
N PRO F 609 18.38 -8.77 22.70
CA PRO F 609 17.89 -8.96 24.07
C PRO F 609 16.48 -8.48 24.28
N VAL F 610 15.97 -7.58 23.45
CA VAL F 610 14.60 -7.08 23.57
C VAL F 610 13.64 -8.20 23.15
N ILE F 611 12.71 -8.54 24.03
CA ILE F 611 11.77 -9.63 23.79
C ILE F 611 10.44 -9.08 23.31
N ALA F 612 9.79 -8.26 24.14
CA ALA F 612 8.47 -7.75 23.85
C ALA F 612 8.39 -6.29 24.25
N ASN F 613 7.31 -5.64 23.83
CA ASN F 613 7.09 -4.23 24.13
C ASN F 613 6.01 -4.05 25.19
N TYR F 614 4.79 -4.50 24.89
CA TYR F 614 3.63 -4.62 25.79
C TYR F 614 3.21 -3.39 26.58
N GLY F 615 3.80 -2.22 26.32
CA GLY F 615 3.60 -1.10 27.22
C GLY F 615 3.79 0.23 26.54
N LEU F 616 3.14 1.24 27.10
CA LEU F 616 3.30 2.62 26.67
C LEU F 616 2.80 3.47 27.83
N GLU F 617 3.71 4.21 28.48
CA GLU F 617 3.42 4.76 29.80
C GLU F 617 2.49 5.96 29.74
N SER F 618 2.89 7.02 29.06
CA SER F 618 2.10 8.26 29.07
C SER F 618 2.40 9.05 27.81
N LEU F 619 1.46 9.07 26.87
CA LEU F 619 1.62 9.75 25.59
C LEU F 619 0.80 11.02 25.56
N ARG F 620 1.43 12.12 25.17
CA ARG F 620 0.74 13.39 24.97
C ARG F 620 1.23 13.99 23.66
N PHE F 621 0.32 14.19 22.72
CA PHE F 621 0.65 14.83 21.46
C PHE F 621 0.61 16.35 21.68
N ILE F 622 1.79 16.99 21.68
CA ILE F 622 1.86 18.38 22.08
C ILE F 622 1.48 19.30 20.92
N GLU F 623 2.27 19.27 19.85
CA GLU F 623 2.05 20.12 18.69
C GLU F 623 1.74 19.24 17.48
N PRO F 624 0.97 19.75 16.51
CA PRO F 624 0.63 18.93 15.35
C PRO F 624 1.80 18.74 14.40
N VAL F 625 1.77 17.61 13.70
CA VAL F 625 2.75 17.28 12.67
C VAL F 625 2.06 17.39 11.32
N LYS F 626 2.64 18.16 10.42
CA LYS F 626 2.06 18.52 9.14
C LYS F 626 2.74 17.74 8.01
N PRO F 627 2.24 17.82 6.78
CA PRO F 627 3.04 17.35 5.65
C PRO F 627 4.25 18.23 5.40
N GLY F 628 5.33 17.60 4.97
CA GLY F 628 6.59 18.30 4.78
C GLY F 628 7.18 18.75 6.10
N ASP F 629 7.34 17.80 7.02
CA ASP F 629 7.68 18.12 8.40
C ASP F 629 8.40 16.88 8.95
N THR F 630 9.73 16.94 9.02
CA THR F 630 10.53 15.78 9.36
C THR F 630 10.34 15.38 10.82
N ILE F 631 10.74 14.16 11.13
CA ILE F 631 10.54 13.54 12.43
C ILE F 631 11.83 12.84 12.85
N GLN F 632 12.35 13.18 14.01
CA GLN F 632 13.58 12.59 14.52
C GLN F 632 13.35 12.18 15.97
N VAL F 633 13.70 10.94 16.28
CA VAL F 633 13.27 10.29 17.52
C VAL F 633 14.49 10.10 18.42
N ARG F 634 14.33 10.38 19.71
CA ARG F 634 15.43 10.32 20.67
C ARG F 634 15.09 9.25 21.71
N LEU F 635 15.45 8.01 21.38
CA LEU F 635 15.26 6.89 22.30
C LEU F 635 16.32 6.94 23.39
N THR F 636 15.91 6.92 24.66
CA THR F 636 16.86 6.91 25.76
C THR F 636 16.30 6.14 26.95
N CYS F 637 17.18 5.45 27.65
CA CYS F 637 16.77 4.55 28.73
C CYS F 637 16.44 5.32 30.00
N LYS F 638 15.42 4.84 30.72
CA LYS F 638 14.97 5.54 31.91
C LYS F 638 15.03 4.68 33.17
N ARG F 639 14.52 3.45 33.11
CA ARG F 639 14.49 2.57 34.27
C ARG F 639 15.01 1.19 33.89
N LYS F 640 15.49 0.43 34.88
CA LYS F 640 15.94 -0.93 34.62
C LYS F 640 15.11 -1.99 35.34
N THR F 641 15.04 -1.96 36.67
CA THR F 641 14.04 -2.65 37.52
C THR F 641 13.86 -4.14 37.19
N LEU F 642 14.91 -4.92 37.49
CA LEU F 642 14.95 -6.32 37.11
C LEU F 642 13.88 -7.16 37.82
N LYS F 643 13.68 -8.36 37.30
CA LYS F 643 12.75 -9.33 37.84
C LYS F 643 13.53 -10.47 38.48
N LYS F 644 12.86 -11.23 39.34
CA LYS F 644 13.55 -12.14 40.25
C LYS F 644 13.58 -13.58 39.77
N GLN F 645 13.11 -13.87 38.55
CA GLN F 645 13.20 -15.19 37.91
C GLN F 645 12.52 -16.27 38.76
N ARG F 646 11.18 -16.21 38.77
CA ARG F 646 10.34 -17.00 39.67
C ARG F 646 10.54 -18.51 39.57
N SER F 647 11.08 -19.02 38.47
CA SER F 647 11.44 -20.43 38.34
C SER F 647 12.94 -20.53 38.08
N ALA F 648 13.40 -21.76 37.79
CA ALA F 648 14.77 -21.97 37.35
C ALA F 648 14.87 -22.20 35.85
N GLU F 649 13.78 -22.56 35.19
CA GLU F 649 13.76 -22.79 33.75
C GLU F 649 13.47 -21.50 32.97
N GLU F 650 12.79 -20.54 33.60
CA GLU F 650 12.42 -19.31 32.92
C GLU F 650 13.63 -18.44 32.61
N LYS F 651 13.54 -17.70 31.52
CA LYS F 651 14.64 -16.85 31.07
C LYS F 651 14.74 -15.64 31.97
N PRO F 652 15.95 -15.24 32.40
CA PRO F 652 16.08 -14.03 33.20
C PRO F 652 15.88 -12.80 32.33
N THR F 653 15.23 -11.79 32.91
CA THR F 653 14.80 -10.62 32.14
C THR F 653 14.60 -9.45 33.10
N GLY F 654 14.27 -8.29 32.53
CA GLY F 654 14.02 -7.10 33.32
C GLY F 654 13.23 -6.05 32.56
N VAL F 655 12.29 -5.39 33.23
CA VAL F 655 11.38 -4.45 32.57
C VAL F 655 12.11 -3.10 32.44
N VAL F 656 12.72 -2.90 31.28
CA VAL F 656 13.41 -1.65 31.00
C VAL F 656 12.41 -0.66 30.39
N GLU F 657 12.36 0.54 30.93
CA GLU F 657 11.50 1.59 30.41
C GLU F 657 12.33 2.59 29.64
N TRP F 658 12.05 2.75 28.35
CA TRP F 658 12.68 3.76 27.52
C TRP F 658 11.79 5.00 27.40
N ALA F 659 12.40 6.17 27.53
CA ALA F 659 11.71 7.44 27.35
C ALA F 659 11.94 7.93 25.94
N VAL F 660 10.88 7.99 25.14
CA VAL F 660 10.97 8.31 23.73
C VAL F 660 10.57 9.76 23.53
N GLU F 661 11.45 10.54 22.89
CA GLU F 661 11.23 11.97 22.68
C GLU F 661 11.33 12.24 21.19
N VAL F 662 10.19 12.46 20.55
CA VAL F 662 10.13 12.75 19.12
C VAL F 662 10.17 14.26 18.93
N PHE F 663 10.86 14.73 17.89
CA PHE F 663 10.84 16.14 17.56
C PHE F 663 11.00 16.32 16.05
N ASN F 664 10.90 17.56 15.60
CA ASN F 664 10.89 17.93 14.20
C ASN F 664 12.09 18.82 13.87
N GLN F 665 12.08 19.41 12.67
CA GLN F 665 13.20 20.22 12.20
C GLN F 665 13.41 21.50 13.02
N HIS F 666 12.39 21.98 13.71
CA HIS F 666 12.55 23.12 14.60
C HIS F 666 12.98 22.70 16.00
N GLN F 667 13.20 21.40 16.21
CA GLN F 667 13.54 20.79 17.50
C GLN F 667 12.52 21.10 18.59
N THR F 668 11.26 21.27 18.20
CA THR F 668 10.31 21.31 19.31
C THR F 668 9.70 19.92 19.54
N PRO F 669 9.53 19.49 20.79
CA PRO F 669 9.11 18.11 21.04
C PRO F 669 7.63 17.90 20.75
N VAL F 670 7.34 17.09 19.75
CA VAL F 670 5.99 16.60 19.50
C VAL F 670 5.93 15.14 19.95
N ALA F 671 4.85 14.77 20.63
CA ALA F 671 4.53 13.38 20.99
C ALA F 671 5.62 12.71 21.83
N LEU F 672 5.86 13.25 23.01
CA LEU F 672 6.79 12.62 23.95
C LEU F 672 6.03 11.60 24.77
N TYR F 673 6.56 10.38 24.81
CA TYR F 673 5.91 9.27 25.51
C TYR F 673 7.00 8.41 26.14
N SER F 674 6.63 7.21 26.55
CA SER F 674 7.54 6.33 27.29
C SER F 674 7.05 4.91 27.14
N ILE F 675 7.91 4.02 26.65
CA ILE F 675 7.54 2.63 26.42
C ILE F 675 8.19 1.75 27.48
N LEU F 676 7.49 0.69 27.87
CA LEU F 676 8.07 -0.37 28.66
C LEU F 676 8.64 -1.43 27.73
N THR F 677 9.58 -2.22 28.22
CA THR F 677 10.26 -3.20 27.38
C THR F 677 10.79 -4.32 28.26
N LEU F 678 10.61 -5.57 27.85
CA LEU F 678 11.07 -6.72 28.62
C LEU F 678 12.40 -7.18 28.03
N VAL F 679 13.48 -6.55 28.46
CA VAL F 679 14.82 -6.86 27.97
C VAL F 679 15.37 -8.05 28.74
N ALA F 680 15.88 -9.03 28.01
CA ALA F 680 16.40 -10.24 28.64
C ALA F 680 17.75 -9.99 29.29
N ARG F 681 17.93 -10.53 30.49
CA ARG F 681 19.19 -10.39 31.21
C ARG F 681 20.25 -11.32 30.66
N GLN F 682 21.48 -11.10 31.11
CA GLN F 682 22.61 -11.93 30.72
C GLN F 682 22.87 -13.06 31.71
N HIS F 683 22.90 -12.73 33.01
CA HIS F 683 23.17 -13.70 34.06
C HIS F 683 21.99 -13.73 35.03
N GLY F 684 21.34 -14.88 35.14
CA GLY F 684 20.27 -15.06 36.09
C GLY F 684 20.78 -15.23 37.51
N ASP F 685 19.83 -15.37 38.44
CA ASP F 685 20.17 -15.53 39.85
C ASP F 685 19.85 -16.90 40.41
N PHE F 686 19.07 -17.72 39.70
CA PHE F 686 18.83 -19.10 40.13
C PHE F 686 19.54 -20.08 39.19
#